data_9MRQ
#
_entry.id   9MRQ
#
_cell.length_a   1.00
_cell.length_b   1.00
_cell.length_c   1.00
_cell.angle_alpha   90.00
_cell.angle_beta   90.00
_cell.angle_gamma   90.00
#
_symmetry.space_group_name_H-M   'P 1'
#
loop_
_entity.id
_entity.type
_entity.pdbx_description
1 polymer 'DNA-directed RNA polymerase subunit alpha'
2 polymer 'DNA-directed RNA polymerase subunit beta'
3 polymer "DNA-directed RNA polymerase subunit beta'"
4 polymer 'DNA-directed RNA polymerase subunit omega'
5 polymer 'DNA (29-MER)'
6 polymer "DNA (5'-D(P*GP*CP*TP*AP*GP*TP*GP*GP*CP*GP*GP*CP*GP*AP*AP*TP*AP*CP*CP*CP*TP*C)-3')"
7 polymer "RNA (5'-R(P*CP*GP*GP*AP*GP*AP*GP*GP*UP*A)-3')"
8 non-polymer N-[2-(1,1-dioxo-1lambda~6~-thiomorpholin-4-yl)phenyl]-Nalpha-(2-fluorobenzoyl)-D-phenylalaninamide
9 non-polymer 'ZINC ION'
10 non-polymer 'MAGNESIUM ION'
11 water water
#
loop_
_entity_poly.entity_id
_entity_poly.type
_entity_poly.pdbx_seq_one_letter_code
_entity_poly.pdbx_strand_id
1 'polypeptide(L)'
;MLISQRPTLSEDVLTDNRSQFVIEPLEPGFGYTLGNSLRRTLLSSIPGAAVTSIRIDGVLHEFTTVPGVKEDVTEIILNL
KSLVVSSEEDEPVTMYLRKQGPGEVTAGDIVPPAGVTVHNPGMHIATLNDKGKLEVELVVERGRGYVPAVQNRASGAEIG
RIPVDSIYSPVLKVTYKVDATRVEQRTDFDKLILDVETKNSISPRDALASAGKTLVELFGLARELNVEAEGIEIGPSPAE
ADHIASFALPIDDLDLTVRSYNCLKREGVHTVGELVARTESDLLDIRNFGQKSIDEVKIKLHQLGLSLKDSPPSFDPSEV
AGYDVATGTWSTEGAYDEQDYAETEQL
;
A,B
2 'polypeptide(L)'
;MLEGCILADSRQSKTAASPSPSRPQSSSNNSVPGAPNRVSFAKLREPLEVPGLLDVQTDSFEWLIGSPRWRESAAERGDV
NPVGGLEEVLYELSPIEDFSGSMSLSFSDPRFDDVKAPVDECKDKDMTYAAPLFVTAEFINNNTGEIKSQTVFMGDFPMM
TEKGTFIINGTERVVVSQLVRSPGVYFDETIDKSTDKTLHSVKVIPSRGAWLEFDVDKRDTVGVRIDRKRRQPVTVLLKA
LGWTSEQIVERFGFSEIMRSTLEKDNTVGTDEALLDIYRKLRPGEPPTKESAQTLLENLFFKEKRYDLARVGRYKVNKKL
GLHVGEPITSSTLTEEDVVATIEYLVRLHEGQTTMTVPGGVEVPVETDDIDHFGNRRLRTVGELIQNQIRVGMSRMERVV
RERMTTQDVEAITPQTLINIRPVVAAIKEFFGTSQLSQFMDQNNPLSGLTHKRRLSALGPGGLSRERAGLEVRDVHPSHY
GRMCPIETPEGPNIGLIGSLSVYARVNPFGFIETPYRKVVDGVVSDEIVYLTADEEDRHVVAQANSPIDADGRFVEPRVL
VRRKAGEVEYVPSSEVDYMDVSPRQMVSVATAMIPFLEHDDANRALMGANMQRQAVPLVRSEAPLVGTGMELRAAIDAGD
VVVAEESGVIEEVSADYITVMHDNGTRRTYRMRKFARSNHGTCANQCPIVDAGDRVEAGQVIADGPCTDDGEMALGKNLL
VAIMPWEGHNYEDAIILSNRLVEEDVLTSIHIEEHEIDARDTKLGAEEITRDIPNISDEVLADLDERGIVRIGAEVRDGD
ILVGKVTPKGETELTPEERLLRAIFGEKAREVRDTSLKVPHGESGKVIGIRVFSREDEDELPAGVNELVRVYVAQKRKIS
DGDKLAGRHGNKGVIGKILPVEDMPFLADGTPVDIILNTHGVPRRMNIGQILETHLGWCAHSGWKVDAAKGVPDWAARLP
DELLEAQPNAIVSTPVFDGAQEAELQGLLSCTLPNRDGDVLVDADGKAMLFDGRSGEPFPYPVTVGYMYIMKLHHLVDDK
IHARSTGPYSMITQQPLGGKAQFGGQRFGEMECWAMQAYGAAYTLQELLTIKSDDTVGRVKVYEAIVKGENIPEPGIPES
FKVLLKELQSLCLNVEVLSSDGAAIELREGEDEDLERAAANLGINLSRNESASVEDLA
;
C
3 'polypeptide(L)'
;GAMLDVNFFDELRIGLATAEDIRQWSYGEVKKPETINYRTLKPEKDGLFCEKIFGPTRDWECYCGKYKRVRFKGIICERC
GVEVTRAKVRRERMGHIELAAPVTHIWYFKGVPSRLGYLLDLAPKDLEKIIYFAAYVITSVDEEMRHNELSTLEAEMAVE
RKAVEDQRDGELEARAQKLEADLAELEAEGAKADARRKVRDGGEREMRQIRDRAQRELDRLEDIWSTFTKLAPKQLIVDE
NLYRELVDRYGEYFTGAMGAESIQKLIENFDIDAEAESLRDVIRNGKGQKKLRALKRLKVVAAFQQSGNSPMGMVLDAVP
VIPPELRPMVQLDGGRFATSDLNDLYRRVINRNNRLKRLIDLGAPEIIVNNEKRMLQESVDALFDNGRRGRPVTGPGNRP
LKSLSDLLKGKQGRFRQNLLGKRVDYSGRSVIVVGPQLKLHQCGLPKLMALELFKPFVMKRLVDLNHAQNIKSAKRMVER
QRPQVWDVLEEVIAEHPVLLNRAPTLHRLGIQAFEPMLVEGKAIQLHPLVCEAFNADFDGDQMAVHLPLSAEAQAEARIL
MLSSNNILSPASGRPLAMPRLDMVTGLYYLTTEVPGDTGEYQPASGDHPETGVYSSPAEAIMAADRGVLSVRAKIKVRLT
QLRPPVEIEAELFGHSGWQPGDAWMAETTLGRVMFNELLPLGYPFVNKQMHKKVQAAIINDLAERYPMIVVAQTVDKLKD
AGFYWATRSGVTVSMADVLVPPRKKEILDHYEERADKVEKQFQRGALNHDERNEALVEIWKEATDEVGQALREHYPDDNP
IITIVDSGATGNFTQTRTLAGMKGLVTNPKGEFIPRPVKSSFREGLTVLEYFINTHGARKGLADTALRTADSGYLTRRLV
DVSQDVIVREHDCQTERGIVVELAERAPDGTLIRDPYIETSAYARTLGTDAVDEAGNVIVERGQDLGDPEIDALLAAGIT
QVKVRSVLTCATSTGVCATCYGRSMATGKLVDIGEAVGIVAAQSIGEPGTQLTMRTFHQGGVGEDITGGLPRVQELFEAR
VPRGKAPIADVTGRVRLEDGERFYKITIVPDDGGEEVVYDKISKRQRLRVFKHEDGSERVLSDGDHVEVGQQLMEGSADP
HEVLRVQGPREVQIHLVREVQEVYRAQGVSIHDKHIEVIVRQMLRRVTIIDSGSTEFLPGSLIDRAEFEAENRRVVAEGG
EPAAGRPVLMGITKASLATDSWLSAASFQETTRVLTDAAINCRSDKLNGLKENVIIGKLIPAGTGINRYRNIAVQPTEEA
RAAAYTIPSYEDQYYSPDFGAATGAAVPLDDYGYSDYR
;
D
4 'polypeptide(L)'
;MSISQSDASLAAVPAVDQFDPSSGASGGYDTPLGITNPPIDELLDRVSSKYALVIYAAKRARQINDYYNQLGEGILEYVG
PLVEPGLQEKPLSIALREIHADLLEHTEGE
;
E
5 'polydeoxyribonucleotide'
;(DC)(DC)(DG)(DG)(DC)(DA)(DT)(DG)(DA)(DG)(DA)(DG)(DG)(DG)(DT)(DA)(DT)(DT)(DC)(DG)
(DC)(DC)(DG)(DC)(DC)(DT)(DA)(DC)(DC)(DT)(DC)(DT)(DC)(DC)(DT)(DA)(DG)(DC)(DC)(DC)
(DG)(DC)(DA)(DA)(DG)(DT)(DA)(DT)(DC)(DC)(DG)(DA)(DC)(DG)
;
P
6 'polydeoxyribonucleotide'
;(DC)(DG)(DT)(DC)(DG)(DG)(DA)(DT)(DA)(DC)(DT)(DT)(DG)(DC)(DG)(DG)(DG)(DC)(DT)(DA)
(DG)(DC)(DC)(DT)(DC)(DT)(DT)(DT)(DT)(DG)(DG)(DC)(DG)(DG)(DC)(DG)(DA)(DA)(DT)(DA)
(DC)(DC)(DC)(DT)(DC)(DT)(DC)(DA)(DT)(DG)(DC)(DC)(DG)(DG)
;
O
7 'polyribonucleotide' GCAUUCAAAGCGGAGAGGUA R
#
loop_
_chem_comp.id
_chem_comp.type
_chem_comp.name
_chem_comp.formula
A RNA linking ADENOSINE-5'-MONOPHOSPHATE 'C10 H14 N5 O7 P'
A1BNV non-polymer N-[2-(1,1-dioxo-1lambda~6~-thiomorpholin-4-yl)phenyl]-Nalpha-(2-fluorobenzoyl)-D-phenylalaninamide 'C26 H26 F N3 O4 S'
C RNA linking CYTIDINE-5'-MONOPHOSPHATE 'C9 H14 N3 O8 P'
DA DNA linking 2'-DEOXYADENOSINE-5'-MONOPHOSPHATE 'C10 H14 N5 O6 P'
DC DNA linking 2'-DEOXYCYTIDINE-5'-MONOPHOSPHATE 'C9 H14 N3 O7 P'
DG DNA linking 2'-DEOXYGUANOSINE-5'-MONOPHOSPHATE 'C10 H14 N5 O7 P'
DT DNA linking THYMIDINE-5'-MONOPHOSPHATE 'C10 H15 N2 O8 P'
G RNA linking GUANOSINE-5'-MONOPHOSPHATE 'C10 H14 N5 O8 P'
MG non-polymer 'MAGNESIUM ION' 'Mg 2'
U RNA linking URIDINE-5'-MONOPHOSPHATE 'C9 H13 N2 O9 P'
ZN non-polymer 'ZINC ION' 'Zn 2'
#
# COMPACT_ATOMS: atom_id res chain seq x y z
N MET A 1 41.20 -40.35 36.86
CA MET A 1 39.94 -40.23 36.07
C MET A 1 40.26 -40.18 34.58
N LEU A 2 40.87 -41.25 34.08
CA LEU A 2 41.27 -41.37 32.68
C LEU A 2 40.85 -42.73 32.18
N ILE A 3 39.76 -42.78 31.42
CA ILE A 3 39.25 -44.04 30.87
C ILE A 3 40.08 -44.42 29.65
N SER A 4 40.58 -45.64 29.64
CA SER A 4 41.46 -46.14 28.58
C SER A 4 40.79 -47.23 27.75
N GLN A 5 39.48 -47.10 27.53
CA GLN A 5 38.72 -48.01 26.69
C GLN A 5 38.35 -47.31 25.39
N ARG A 6 38.66 -47.95 24.26
CA ARG A 6 38.34 -47.32 22.99
C ARG A 6 36.94 -47.71 22.53
N PRO A 7 36.27 -46.83 21.77
CA PRO A 7 34.92 -47.17 21.29
C PRO A 7 34.95 -48.33 20.30
N THR A 8 33.83 -49.06 20.26
CA THR A 8 33.64 -50.15 19.31
C THR A 8 32.26 -50.04 18.70
N LEU A 9 32.15 -50.34 17.41
CA LEU A 9 30.91 -50.22 16.66
C LEU A 9 30.35 -51.61 16.38
N SER A 10 29.05 -51.78 16.63
CA SER A 10 28.36 -53.04 16.40
C SER A 10 27.03 -52.76 15.71
N GLU A 11 26.52 -53.74 14.98
CA GLU A 11 25.33 -53.58 14.17
C GLU A 11 24.23 -54.52 14.62
N ASP A 12 22.98 -54.06 14.48
CA ASP A 12 21.80 -54.88 14.67
C ASP A 12 20.92 -54.72 13.43
N VAL A 13 20.54 -55.83 12.80
CA VAL A 13 19.84 -55.82 11.53
C VAL A 13 18.35 -55.95 11.82
N LEU A 14 17.62 -54.84 11.73
CA LEU A 14 16.19 -54.88 11.93
C LEU A 14 15.47 -55.50 10.74
N THR A 15 15.87 -55.13 9.53
CA THR A 15 15.28 -55.67 8.31
C THR A 15 16.29 -55.52 7.17
N ASP A 16 15.83 -55.74 5.95
CA ASP A 16 16.75 -55.76 4.80
C ASP A 16 17.39 -54.40 4.59
N ASN A 17 16.63 -53.32 4.71
CA ASN A 17 17.12 -51.97 4.40
C ASN A 17 17.05 -51.06 5.61
N ARG A 18 17.12 -51.62 6.81
CA ARG A 18 17.17 -50.82 8.03
C ARG A 18 18.01 -51.55 9.06
N SER A 19 18.89 -50.82 9.73
CA SER A 19 19.78 -51.39 10.71
C SER A 19 20.12 -50.34 11.76
N GLN A 20 20.58 -50.81 12.92
CA GLN A 20 21.01 -49.96 14.02
C GLN A 20 22.47 -50.23 14.33
N PHE A 21 23.24 -49.16 14.51
CA PHE A 21 24.66 -49.24 14.85
C PHE A 21 24.87 -48.58 16.21
N VAL A 22 25.55 -49.30 17.10
CA VAL A 22 25.76 -48.86 18.48
C VAL A 22 27.24 -48.60 18.69
N ILE A 23 27.57 -47.42 19.21
CA ILE A 23 28.95 -46.98 19.42
C ILE A 23 29.10 -46.58 20.87
N GLU A 24 30.00 -47.23 21.59
CA GLU A 24 30.24 -46.94 22.99
C GLU A 24 31.56 -47.55 23.41
N PRO A 25 32.19 -47.02 24.47
CA PRO A 25 31.83 -45.83 25.25
C PRO A 25 32.32 -44.55 24.60
N LEU A 26 31.70 -43.41 24.91
CA LEU A 26 32.11 -42.11 24.38
C LEU A 26 32.26 -41.13 25.53
N GLU A 27 32.99 -40.06 25.28
CA GLU A 27 33.13 -39.01 26.28
C GLU A 27 31.75 -38.40 26.54
N PRO A 28 31.45 -38.02 27.78
CA PRO A 28 30.14 -37.40 28.05
C PRO A 28 29.94 -36.14 27.21
N GLY A 29 28.78 -36.07 26.57
CA GLY A 29 28.43 -34.94 25.73
C GLY A 29 28.81 -35.11 24.27
N PHE A 30 29.51 -36.17 23.91
CA PHE A 30 30.01 -36.36 22.56
C PHE A 30 29.08 -37.21 21.69
N GLY A 31 28.05 -37.83 22.27
CA GLY A 31 27.18 -38.67 21.48
C GLY A 31 26.41 -37.91 20.42
N TYR A 32 25.80 -36.79 20.82
CA TYR A 32 24.97 -36.03 19.88
C TYR A 32 25.79 -35.48 18.73
N THR A 33 26.99 -34.97 19.01
CA THR A 33 27.81 -34.36 17.96
C THR A 33 28.23 -35.40 16.93
N LEU A 34 28.75 -36.54 17.38
CA LEU A 34 29.13 -37.60 16.46
C LEU A 34 27.92 -38.11 15.67
N GLY A 35 26.80 -38.33 16.36
CA GLY A 35 25.61 -38.81 15.68
C GLY A 35 25.15 -37.86 14.60
N ASN A 36 25.17 -36.56 14.88
CA ASN A 36 24.68 -35.60 13.90
C ASN A 36 25.67 -35.41 12.76
N SER A 37 26.97 -35.50 13.03
CA SER A 37 27.94 -35.48 11.94
C SER A 37 27.71 -36.64 10.98
N LEU A 38 27.55 -37.84 11.53
CA LEU A 38 27.26 -39.01 10.70
C LEU A 38 25.94 -38.82 9.94
N ARG A 39 24.92 -38.29 10.61
CA ARG A 39 23.62 -38.12 9.97
C ARG A 39 23.70 -37.12 8.81
N ARG A 40 24.39 -36.00 9.01
CA ARG A 40 24.53 -35.02 7.94
C ARG A 40 25.28 -35.60 6.75
N THR A 41 26.38 -36.32 7.02
CA THR A 41 27.11 -36.93 5.92
C THR A 41 26.24 -37.95 5.18
N LEU A 42 25.49 -38.76 5.91
CA LEU A 42 24.64 -39.76 5.26
C LEU A 42 23.56 -39.09 4.42
N LEU A 43 22.95 -38.03 4.93
CA LEU A 43 21.83 -37.40 4.25
C LEU A 43 22.26 -36.50 3.09
N SER A 44 23.54 -36.09 3.03
CA SER A 44 23.95 -35.12 2.03
C SER A 44 24.91 -35.66 0.99
N SER A 45 25.82 -36.57 1.34
CA SER A 45 27.02 -36.82 0.53
C SER A 45 27.27 -38.31 0.33
N ILE A 46 26.27 -39.04 -0.13
CA ILE A 46 26.41 -40.45 -0.48
C ILE A 46 26.17 -40.60 -1.97
N PRO A 47 27.11 -41.14 -2.74
CA PRO A 47 26.90 -41.26 -4.20
C PRO A 47 25.89 -42.34 -4.54
N GLY A 48 25.25 -42.17 -5.68
CA GLY A 48 24.25 -43.10 -6.18
C GLY A 48 24.09 -42.96 -7.67
N ALA A 49 22.91 -43.35 -8.17
CA ALA A 49 22.60 -43.26 -9.59
C ALA A 49 21.15 -42.82 -9.76
N ALA A 50 20.87 -42.18 -10.89
CA ALA A 50 19.52 -41.69 -11.16
C ALA A 50 19.36 -41.48 -12.65
N VAL A 51 18.10 -41.34 -13.08
CA VAL A 51 17.79 -41.09 -14.48
C VAL A 51 17.95 -39.59 -14.76
N THR A 52 18.71 -39.28 -15.81
CA THR A 52 19.01 -37.89 -16.15
C THR A 52 18.03 -37.30 -17.15
N SER A 53 17.60 -38.09 -18.14
CA SER A 53 16.66 -37.60 -19.14
C SER A 53 16.02 -38.80 -19.81
N ILE A 54 14.93 -38.54 -20.55
CA ILE A 54 14.21 -39.56 -21.29
C ILE A 54 13.87 -39.03 -22.67
N ARG A 55 13.39 -39.93 -23.52
CA ARG A 55 12.96 -39.58 -24.87
C ARG A 55 11.83 -40.52 -25.26
N ILE A 56 10.61 -40.01 -25.27
CA ILE A 56 9.44 -40.78 -25.67
C ILE A 56 9.31 -40.69 -27.18
N ASP A 57 8.67 -41.70 -27.78
CA ASP A 57 8.71 -41.85 -29.23
C ASP A 57 8.08 -40.66 -29.94
N GLY A 58 6.79 -40.44 -29.72
CA GLY A 58 6.02 -39.49 -30.51
C GLY A 58 5.77 -38.14 -29.86
N VAL A 59 6.54 -37.75 -28.85
CA VAL A 59 6.34 -36.48 -28.16
C VAL A 59 7.57 -35.61 -28.37
N LEU A 60 7.35 -34.29 -28.31
CA LEU A 60 8.42 -33.31 -28.46
C LEU A 60 8.74 -32.56 -27.18
N HIS A 61 7.81 -32.52 -26.22
CA HIS A 61 8.02 -31.83 -24.96
C HIS A 61 7.15 -32.51 -23.90
N GLU A 62 7.24 -32.01 -22.67
CA GLU A 62 6.52 -32.60 -21.55
C GLU A 62 5.14 -32.03 -21.34
N PHE A 63 4.75 -31.02 -22.11
CA PHE A 63 3.40 -30.46 -22.05
C PHE A 63 2.55 -31.00 -23.21
N THR A 64 2.33 -32.31 -23.19
CA THR A 64 1.59 -32.98 -24.25
C THR A 64 1.10 -34.32 -23.72
N THR A 65 0.34 -35.04 -24.54
CA THR A 65 -0.24 -36.32 -24.16
C THR A 65 0.05 -37.36 -25.24
N VAL A 66 0.22 -38.60 -24.83
CA VAL A 66 0.41 -39.72 -25.74
C VAL A 66 -0.95 -40.31 -26.07
N PRO A 67 -1.24 -40.64 -27.33
CA PRO A 67 -2.56 -41.20 -27.65
C PRO A 67 -2.67 -42.64 -27.19
N GLY A 68 -3.65 -42.91 -26.32
CA GLY A 68 -3.92 -44.25 -25.83
C GLY A 68 -3.59 -44.46 -24.36
N VAL A 69 -2.77 -43.61 -23.76
CA VAL A 69 -2.42 -43.72 -22.36
C VAL A 69 -3.22 -42.70 -21.57
N LYS A 70 -3.57 -43.05 -20.33
CA LYS A 70 -4.43 -42.21 -19.52
C LYS A 70 -3.68 -41.12 -18.77
N GLU A 71 -2.34 -41.15 -18.75
CA GLU A 71 -1.55 -40.14 -18.08
C GLU A 71 -0.93 -39.18 -19.09
N ASP A 72 -1.02 -37.88 -18.81
CA ASP A 72 -0.23 -36.92 -19.56
C ASP A 72 1.24 -37.12 -19.25
N VAL A 73 2.09 -36.74 -20.21
CA VAL A 73 3.51 -37.07 -20.10
C VAL A 73 4.12 -36.46 -18.84
N THR A 74 3.56 -35.35 -18.35
CA THR A 74 4.05 -34.78 -17.09
C THR A 74 3.82 -35.74 -15.93
N GLU A 75 2.64 -36.37 -15.89
CA GLU A 75 2.38 -37.36 -14.85
C GLU A 75 3.30 -38.56 -15.01
N ILE A 76 3.65 -38.93 -16.25
CA ILE A 76 4.60 -40.02 -16.45
C ILE A 76 5.97 -39.65 -15.90
N ILE A 77 6.39 -38.39 -16.10
CA ILE A 77 7.65 -37.94 -15.53
C ILE A 77 7.61 -38.03 -14.01
N LEU A 78 6.51 -37.56 -13.41
CA LEU A 78 6.39 -37.62 -11.96
C LEU A 78 6.44 -39.05 -11.45
N ASN A 79 5.77 -39.97 -12.15
CA ASN A 79 5.81 -41.37 -11.75
C ASN A 79 7.22 -41.94 -11.87
N LEU A 80 7.91 -41.64 -12.97
CA LEU A 80 9.27 -42.12 -13.15
C LEU A 80 10.23 -41.53 -12.12
N LYS A 81 9.88 -40.40 -11.52
CA LYS A 81 10.73 -39.81 -10.50
C LYS A 81 10.93 -40.72 -9.30
N SER A 82 10.19 -41.82 -9.20
CA SER A 82 10.26 -42.71 -8.04
C SER A 82 11.08 -43.98 -8.32
N LEU A 83 11.79 -44.04 -9.43
CA LEU A 83 12.60 -45.21 -9.75
C LEU A 83 13.84 -45.26 -8.89
N VAL A 84 14.22 -46.47 -8.48
CA VAL A 84 15.48 -46.73 -7.79
C VAL A 84 16.31 -47.65 -8.68
N VAL A 85 17.47 -47.18 -9.10
CA VAL A 85 18.33 -47.91 -10.01
C VAL A 85 19.76 -47.88 -9.47
N SER A 86 20.47 -48.99 -9.60
CA SER A 86 21.86 -49.10 -9.20
C SER A 86 22.70 -49.30 -10.46
N SER A 87 23.67 -48.43 -10.68
CA SER A 87 24.50 -48.44 -11.87
C SER A 87 25.95 -48.72 -11.48
N GLU A 88 26.57 -49.68 -12.17
CA GLU A 88 27.98 -50.00 -11.96
C GLU A 88 28.91 -49.33 -12.96
N GLU A 89 28.36 -48.71 -14.02
CA GLU A 89 29.18 -48.04 -15.00
C GLU A 89 29.58 -46.65 -14.51
N ASP A 90 30.55 -46.05 -15.18
CA ASP A 90 31.02 -44.70 -14.89
C ASP A 90 30.62 -43.69 -15.94
N GLU A 91 29.83 -44.09 -16.94
CA GLU A 91 29.38 -43.22 -18.02
C GLU A 91 27.91 -43.46 -18.26
N PRO A 92 27.23 -42.52 -18.93
CA PRO A 92 25.79 -42.70 -19.17
C PRO A 92 25.49 -43.97 -19.94
N VAL A 93 24.39 -44.62 -19.57
CA VAL A 93 23.90 -45.81 -20.25
C VAL A 93 22.41 -45.64 -20.49
N THR A 94 21.91 -46.29 -21.54
CA THR A 94 20.53 -46.10 -21.99
C THR A 94 19.73 -47.37 -21.77
N MET A 95 18.57 -47.22 -21.13
CA MET A 95 17.60 -48.29 -20.97
C MET A 95 16.42 -48.09 -21.91
N TYR A 96 15.73 -49.18 -22.21
CA TYR A 96 14.64 -49.17 -23.18
C TYR A 96 13.39 -49.79 -22.58
N LEU A 97 12.25 -49.16 -22.83
CA LEU A 97 10.95 -49.65 -22.40
C LEU A 97 10.02 -49.69 -23.60
N ARG A 98 9.24 -50.76 -23.71
CA ARG A 98 8.35 -50.94 -24.84
C ARG A 98 7.12 -51.73 -24.41
N LYS A 99 5.94 -51.27 -24.82
CA LYS A 99 4.69 -51.90 -24.44
C LYS A 99 3.66 -51.63 -25.53
N GLN A 100 2.72 -52.57 -25.68
CA GLN A 100 1.70 -52.46 -26.70
C GLN A 100 0.41 -53.11 -26.20
N GLY A 101 -0.71 -52.51 -26.56
CA GLY A 101 -2.00 -53.11 -26.31
C GLY A 101 -2.51 -52.88 -24.90
N PRO A 102 -3.67 -53.46 -24.58
CA PRO A 102 -4.23 -53.28 -23.23
C PRO A 102 -3.29 -53.79 -22.16
N GLY A 103 -3.26 -53.08 -21.04
CA GLY A 103 -2.44 -53.49 -19.92
C GLY A 103 -1.88 -52.32 -19.13
N GLU A 104 -1.03 -52.62 -18.15
CA GLU A 104 -0.40 -51.61 -17.31
C GLU A 104 1.11 -51.64 -17.53
N VAL A 105 1.69 -50.45 -17.69
CA VAL A 105 3.14 -50.32 -17.84
C VAL A 105 3.74 -50.10 -16.45
N THR A 106 4.63 -50.99 -16.04
CA THR A 106 5.24 -50.94 -14.73
C THR A 106 6.76 -50.93 -14.88
N ALA A 107 7.45 -50.66 -13.77
CA ALA A 107 8.90 -50.56 -13.80
C ALA A 107 9.58 -51.88 -14.10
N GLY A 108 8.85 -53.00 -14.01
CA GLY A 108 9.42 -54.28 -14.38
C GLY A 108 9.48 -54.55 -15.87
N ASP A 109 8.90 -53.66 -16.68
CA ASP A 109 8.95 -53.78 -18.13
C ASP A 109 10.20 -53.15 -18.73
N ILE A 110 10.99 -52.42 -17.95
CA ILE A 110 12.21 -51.83 -18.46
C ILE A 110 13.25 -52.92 -18.69
N VAL A 111 14.05 -52.75 -19.73
CA VAL A 111 15.09 -53.72 -20.08
C VAL A 111 16.44 -53.06 -19.86
N PRO A 112 17.08 -53.25 -18.71
CA PRO A 112 18.35 -52.59 -18.45
C PRO A 112 19.51 -53.38 -19.02
N PRO A 113 20.55 -52.71 -19.52
CA PRO A 113 21.73 -53.44 -19.99
C PRO A 113 22.53 -54.02 -18.83
N ALA A 114 23.70 -54.60 -19.13
CA ALA A 114 24.56 -55.13 -18.08
C ALA A 114 24.99 -53.99 -17.15
N GLY A 115 25.14 -54.32 -15.87
CA GLY A 115 25.49 -53.33 -14.87
C GLY A 115 24.30 -52.71 -14.18
N VAL A 116 23.51 -51.90 -14.90
CA VAL A 116 22.38 -51.24 -14.28
C VAL A 116 21.29 -52.25 -13.96
N THR A 117 20.54 -51.99 -12.90
CA THR A 117 19.46 -52.86 -12.47
C THR A 117 18.38 -52.03 -11.78
N VAL A 118 17.13 -52.40 -12.02
CA VAL A 118 15.98 -51.73 -11.41
C VAL A 118 15.58 -52.51 -10.17
N HIS A 119 15.39 -51.81 -9.05
CA HIS A 119 15.23 -52.46 -7.75
C HIS A 119 13.79 -52.51 -7.27
N ASN A 120 12.85 -51.85 -7.92
CA ASN A 120 11.45 -51.84 -7.50
C ASN A 120 10.54 -52.13 -8.68
N PRO A 121 10.56 -53.36 -9.21
CA PRO A 121 9.55 -53.74 -10.18
C PRO A 121 8.15 -53.66 -9.58
N GLY A 122 7.18 -53.28 -10.40
CA GLY A 122 5.83 -53.06 -9.92
C GLY A 122 5.54 -51.64 -9.48
N MET A 123 6.41 -50.68 -9.82
CA MET A 123 6.21 -49.31 -9.37
C MET A 123 4.93 -48.72 -9.94
N HIS A 124 4.74 -48.82 -11.26
CA HIS A 124 3.62 -48.24 -12.02
C HIS A 124 4.07 -46.98 -12.75
N ILE A 125 3.81 -46.91 -14.05
CA ILE A 125 4.18 -45.76 -14.85
C ILE A 125 2.96 -45.21 -15.59
N ALA A 126 2.26 -46.07 -16.32
CA ALA A 126 1.12 -45.62 -17.11
C ALA A 126 0.22 -46.82 -17.42
N THR A 127 -0.94 -46.52 -18.01
CA THR A 127 -1.91 -47.53 -18.41
C THR A 127 -2.31 -47.30 -19.86
N LEU A 128 -2.30 -48.36 -20.66
CA LEU A 128 -2.66 -48.32 -22.07
C LEU A 128 -3.98 -49.07 -22.26
N ASN A 129 -4.95 -48.44 -22.93
CA ASN A 129 -6.29 -49.02 -22.95
C ASN A 129 -6.44 -50.08 -24.03
N ASP A 130 -6.43 -49.68 -25.30
CA ASP A 130 -6.52 -50.65 -26.40
C ASP A 130 -5.54 -50.31 -27.51
N LYS A 131 -5.39 -49.01 -27.79
CA LYS A 131 -4.66 -48.52 -28.95
C LYS A 131 -3.47 -47.67 -28.55
N GLY A 132 -3.01 -47.78 -27.30
CA GLY A 132 -1.88 -47.01 -26.82
C GLY A 132 -0.61 -47.83 -26.85
N LYS A 133 0.45 -47.24 -27.40
CA LYS A 133 1.77 -47.82 -27.39
C LYS A 133 2.73 -46.85 -26.74
N LEU A 134 3.57 -47.36 -25.85
CA LEU A 134 4.53 -46.54 -25.11
C LEU A 134 5.93 -47.05 -25.41
N GLU A 135 6.80 -46.14 -25.84
CA GLU A 135 8.20 -46.47 -26.15
C GLU A 135 9.06 -45.32 -25.65
N VAL A 136 9.59 -45.46 -24.44
CA VAL A 136 10.36 -44.43 -23.78
C VAL A 136 11.79 -44.91 -23.59
N GLU A 137 12.75 -44.05 -23.91
CA GLU A 137 14.17 -44.32 -23.75
C GLU A 137 14.68 -43.54 -22.55
N LEU A 138 15.38 -44.22 -21.65
CA LEU A 138 15.85 -43.62 -20.41
C LEU A 138 17.36 -43.68 -20.35
N VAL A 139 17.96 -42.64 -19.74
CA VAL A 139 19.40 -42.52 -19.61
C VAL A 139 19.72 -42.48 -18.11
N VAL A 140 20.57 -43.41 -17.67
CA VAL A 140 20.96 -43.53 -16.27
C VAL A 140 22.39 -43.02 -16.13
N GLU A 141 22.67 -42.38 -15.00
CA GLU A 141 23.97 -41.77 -14.76
C GLU A 141 24.23 -41.75 -13.26
N ARG A 142 25.50 -41.58 -12.90
CA ARG A 142 25.94 -41.62 -11.52
C ARG A 142 26.28 -40.22 -11.02
N GLY A 143 26.16 -40.03 -9.71
CA GLY A 143 26.43 -38.73 -9.13
C GLY A 143 26.05 -38.73 -7.65
N ARG A 144 25.91 -37.53 -7.10
CA ARG A 144 25.53 -37.37 -5.70
C ARG A 144 24.73 -36.08 -5.54
N GLY A 145 23.92 -36.04 -4.50
CA GLY A 145 23.12 -34.87 -4.22
C GLY A 145 21.93 -34.76 -5.14
N TYR A 146 21.42 -33.53 -5.24
CA TYR A 146 20.28 -33.21 -6.10
C TYR A 146 20.75 -32.27 -7.19
N VAL A 147 20.48 -32.63 -8.44
CA VAL A 147 20.89 -31.87 -9.61
C VAL A 147 19.64 -31.54 -10.42
N PRO A 148 19.28 -30.27 -10.59
CA PRO A 148 18.10 -29.95 -11.41
C PRO A 148 18.34 -30.29 -12.87
N ALA A 149 17.26 -30.21 -13.64
CA ALA A 149 17.30 -30.63 -15.04
C ALA A 149 18.27 -29.76 -15.82
N VAL A 150 19.06 -30.39 -16.68
CA VAL A 150 20.01 -29.70 -17.54
C VAL A 150 19.33 -29.42 -18.87
N GLN A 151 19.15 -28.14 -19.19
CA GLN A 151 18.40 -27.75 -20.37
C GLN A 151 19.14 -28.14 -21.65
N ASN A 152 18.37 -28.29 -22.73
CA ASN A 152 18.94 -28.72 -24.00
C ASN A 152 19.93 -27.70 -24.55
N ARG A 153 19.73 -26.42 -24.26
CA ARG A 153 20.64 -25.39 -24.76
C ARG A 153 22.06 -25.63 -24.25
N ALA A 154 22.20 -25.97 -22.97
CA ALA A 154 23.53 -26.19 -22.40
C ALA A 154 24.13 -27.50 -22.88
N SER A 155 23.29 -28.52 -23.13
CA SER A 155 23.78 -29.82 -23.54
C SER A 155 23.89 -29.97 -25.05
N GLY A 156 23.39 -29.01 -25.82
CA GLY A 156 23.43 -29.14 -27.27
C GLY A 156 22.65 -30.33 -27.79
N ALA A 157 21.47 -30.57 -27.23
CA ALA A 157 20.64 -31.72 -27.59
C ALA A 157 19.57 -31.32 -28.60
N GLU A 158 18.83 -32.33 -29.05
CA GLU A 158 17.81 -32.14 -30.06
C GLU A 158 16.49 -31.71 -29.40
N ILE A 159 15.41 -31.71 -30.17
CA ILE A 159 14.13 -31.23 -29.66
C ILE A 159 13.36 -32.32 -28.90
N GLY A 160 13.59 -33.59 -29.23
CA GLY A 160 12.85 -34.66 -28.59
C GLY A 160 13.31 -34.99 -27.19
N ARG A 161 14.53 -34.61 -26.83
CA ARG A 161 15.07 -34.91 -25.51
C ARG A 161 14.34 -34.12 -24.43
N ILE A 162 14.07 -34.77 -23.32
CA ILE A 162 13.37 -34.14 -22.19
C ILE A 162 14.22 -34.29 -20.93
N PRO A 163 15.00 -33.28 -20.56
CA PRO A 163 15.79 -33.37 -19.33
C PRO A 163 14.90 -33.53 -18.10
N VAL A 164 15.43 -34.25 -17.11
CA VAL A 164 14.68 -34.59 -15.90
C VAL A 164 15.57 -34.35 -14.69
N ASP A 165 14.96 -33.94 -13.59
CA ASP A 165 15.70 -33.74 -12.34
C ASP A 165 16.19 -35.08 -11.80
N SER A 166 17.41 -35.08 -11.26
CA SER A 166 18.04 -36.28 -10.77
C SER A 166 18.25 -36.19 -9.27
N ILE A 167 18.06 -37.32 -8.57
CA ILE A 167 18.21 -37.41 -7.12
C ILE A 167 19.07 -38.63 -6.85
N TYR A 168 20.37 -38.42 -6.66
CA TYR A 168 21.31 -39.52 -6.45
C TYR A 168 21.52 -39.82 -4.97
N SER A 169 20.45 -40.03 -4.22
CA SER A 169 20.55 -40.24 -2.77
C SER A 169 20.02 -41.62 -2.41
N PRO A 170 20.88 -42.60 -2.09
CA PRO A 170 20.39 -43.93 -1.71
C PRO A 170 19.81 -44.01 -0.31
N VAL A 171 19.99 -43.00 0.53
CA VAL A 171 19.55 -43.05 1.91
C VAL A 171 18.14 -42.48 2.01
N LEU A 172 17.38 -42.97 2.98
CA LEU A 172 15.96 -42.62 3.12
C LEU A 172 15.68 -41.85 4.40
N LYS A 173 16.07 -42.37 5.56
CA LYS A 173 15.78 -41.72 6.83
C LYS A 173 16.86 -42.11 7.84
N VAL A 174 17.28 -41.16 8.66
CA VAL A 174 18.35 -41.36 9.63
C VAL A 174 17.97 -40.67 10.94
N THR A 175 18.23 -41.34 12.05
CA THR A 175 17.99 -40.76 13.37
C THR A 175 18.92 -41.44 14.37
N TYR A 176 19.08 -40.79 15.53
CA TYR A 176 19.95 -41.31 16.58
C TYR A 176 19.35 -41.02 17.94
N LYS A 177 19.75 -41.82 18.92
CA LYS A 177 19.40 -41.61 20.31
C LYS A 177 20.61 -41.94 21.18
N VAL A 178 20.77 -41.18 22.26
CA VAL A 178 21.95 -41.28 23.12
C VAL A 178 21.51 -41.68 24.51
N ASP A 179 22.15 -42.72 25.05
CA ASP A 179 21.93 -43.17 26.43
C ASP A 179 23.12 -42.72 27.27
N ALA A 180 22.87 -41.83 28.23
CA ALA A 180 23.92 -41.29 29.08
C ALA A 180 23.97 -42.05 30.40
N THR A 181 25.16 -42.12 30.98
CA THR A 181 25.40 -42.77 32.27
C THR A 181 26.06 -41.76 33.19
N ARG A 182 25.26 -41.13 34.05
CA ARG A 182 25.73 -40.09 34.96
C ARG A 182 25.68 -40.64 36.38
N VAL A 183 26.77 -41.26 36.81
CA VAL A 183 26.91 -41.76 38.17
C VAL A 183 27.61 -40.71 39.00
N GLU A 184 27.46 -40.79 40.32
CA GLU A 184 27.99 -39.80 41.24
C GLU A 184 29.49 -39.90 41.44
N GLN A 185 30.15 -40.91 40.86
CA GLN A 185 31.60 -41.04 40.93
C GLN A 185 32.30 -40.42 39.72
N ARG A 186 31.54 -39.78 38.82
CA ARG A 186 32.08 -39.08 37.66
C ARG A 186 32.68 -40.04 36.63
N THR A 187 32.39 -41.33 36.74
CA THR A 187 32.82 -42.30 35.73
C THR A 187 31.76 -42.40 34.63
N ASP A 188 31.53 -41.25 33.98
CA ASP A 188 30.45 -41.11 33.01
C ASP A 188 30.93 -41.45 31.61
N PHE A 189 29.97 -41.81 30.75
CA PHE A 189 30.23 -42.10 29.35
C PHE A 189 28.89 -42.07 28.62
N ASP A 190 28.96 -42.04 27.30
CA ASP A 190 27.78 -41.98 26.46
C ASP A 190 27.68 -43.25 25.61
N LYS A 191 26.47 -43.49 25.11
CA LYS A 191 26.18 -44.61 24.22
C LYS A 191 25.33 -44.10 23.06
N LEU A 192 25.82 -44.28 21.84
CA LEU A 192 25.17 -43.76 20.65
C LEU A 192 24.52 -44.90 19.89
N ILE A 193 23.28 -44.71 19.47
CA ILE A 193 22.55 -45.68 18.66
C ILE A 193 22.03 -44.95 17.42
N LEU A 194 22.52 -45.35 16.25
CA LEU A 194 22.21 -44.69 15.00
C LEU A 194 21.39 -45.63 14.13
N ASP A 195 20.28 -45.14 13.58
CA ASP A 195 19.43 -45.90 12.69
C ASP A 195 19.54 -45.36 11.28
N VAL A 196 19.86 -46.22 10.33
CA VAL A 196 20.01 -45.85 8.92
C VAL A 196 19.03 -46.69 8.11
N GLU A 197 18.26 -46.02 7.26
CA GLU A 197 17.31 -46.69 6.37
C GLU A 197 17.56 -46.24 4.94
N THR A 198 17.90 -47.19 4.08
CA THR A 198 18.18 -46.91 2.67
C THR A 198 17.01 -47.39 1.81
N LYS A 199 16.95 -46.85 0.60
CA LYS A 199 15.87 -47.19 -0.33
C LYS A 199 16.25 -48.34 -1.25
N ASN A 200 16.80 -49.41 -0.67
CA ASN A 200 16.95 -50.69 -1.35
C ASN A 200 18.03 -50.66 -2.43
N SER A 201 18.61 -49.49 -2.69
CA SER A 201 19.69 -49.41 -3.67
C SER A 201 21.01 -49.91 -3.11
N ILE A 202 21.25 -49.68 -1.81
CA ILE A 202 22.43 -50.18 -1.12
C ILE A 202 22.02 -50.59 0.28
N SER A 203 22.98 -51.13 1.04
CA SER A 203 22.73 -51.51 2.42
C SER A 203 23.21 -50.41 3.36
N PRO A 204 22.61 -50.31 4.56
CA PRO A 204 23.07 -49.27 5.49
C PRO A 204 24.54 -49.38 5.85
N ARG A 205 25.10 -50.59 5.84
CA ARG A 205 26.54 -50.74 6.11
C ARG A 205 27.37 -50.00 5.06
N ASP A 206 26.99 -50.13 3.79
CA ASP A 206 27.74 -49.44 2.73
C ASP A 206 27.61 -47.93 2.86
N ALA A 207 26.42 -47.43 3.19
CA ALA A 207 26.25 -46.00 3.39
C ALA A 207 27.10 -45.51 4.54
N LEU A 208 27.13 -46.25 5.65
CA LEU A 208 27.95 -45.85 6.79
C LEU A 208 29.43 -45.89 6.43
N ALA A 209 29.86 -46.88 5.64
CA ALA A 209 31.26 -46.94 5.22
C ALA A 209 31.61 -45.76 4.33
N SER A 210 30.72 -45.38 3.42
CA SER A 210 30.97 -44.22 2.57
C SER A 210 31.10 -42.96 3.41
N ALA A 211 30.20 -42.78 4.38
CA ALA A 211 30.27 -41.62 5.25
C ALA A 211 31.56 -41.61 6.04
N GLY A 212 31.98 -42.78 6.54
CA GLY A 212 33.22 -42.86 7.28
C GLY A 212 34.42 -42.49 6.43
N LYS A 213 34.46 -42.99 5.19
CA LYS A 213 35.55 -42.63 4.29
C LYS A 213 35.59 -41.12 4.04
N THR A 214 34.43 -40.53 3.77
CA THR A 214 34.38 -39.09 3.52
C THR A 214 34.88 -38.31 4.73
N LEU A 215 34.41 -38.68 5.93
CA LEU A 215 34.77 -37.95 7.13
C LEU A 215 36.24 -38.13 7.47
N VAL A 216 36.79 -39.33 7.26
CA VAL A 216 38.21 -39.54 7.50
C VAL A 216 39.04 -38.71 6.52
N GLU A 217 38.65 -38.67 5.25
CA GLU A 217 39.36 -37.83 4.29
C GLU A 217 39.32 -36.37 4.72
N LEU A 218 38.17 -35.88 5.17
CA LEU A 218 38.07 -34.48 5.55
C LEU A 218 38.89 -34.17 6.80
N PHE A 219 38.82 -35.03 7.81
CA PHE A 219 39.52 -34.78 9.06
C PHE A 219 40.99 -35.14 9.02
N GLY A 220 41.47 -35.75 7.93
CA GLY A 220 42.89 -35.98 7.80
C GLY A 220 43.70 -34.73 7.56
N LEU A 221 43.07 -33.65 7.08
CA LEU A 221 43.81 -32.42 6.84
C LEU A 221 44.16 -31.70 8.14
N ALA A 222 43.22 -31.67 9.10
CA ALA A 222 43.49 -31.00 10.37
C ALA A 222 44.61 -31.69 11.15
N ARG A 223 44.87 -32.96 10.88
CA ARG A 223 45.95 -33.69 11.54
C ARG A 223 47.29 -33.52 10.83
N GLU A 224 47.31 -32.86 9.68
CA GLU A 224 48.56 -32.63 8.94
C GLU A 224 49.50 -31.67 9.66
N LEU A 225 49.02 -30.98 10.70
CA LEU A 225 49.84 -29.97 11.37
C LEU A 225 51.08 -30.61 11.97
N ASN A 226 50.93 -31.77 12.62
CA ASN A 226 52.05 -32.44 13.27
C ASN A 226 53.13 -32.78 12.26
N MET B 1 33.86 -40.61 -5.49
CA MET B 1 33.99 -39.48 -6.47
C MET B 1 35.14 -38.57 -6.06
N LEU B 2 35.34 -37.50 -6.83
CA LEU B 2 36.41 -36.55 -6.61
C LEU B 2 35.83 -35.18 -6.32
N ILE B 3 36.35 -34.52 -5.30
CA ILE B 3 35.92 -33.17 -4.94
C ILE B 3 36.73 -32.18 -5.76
N SER B 4 36.26 -30.93 -5.81
CA SER B 4 36.90 -29.88 -6.59
C SER B 4 37.17 -28.65 -5.74
N GLN B 5 37.51 -28.84 -4.48
CA GLN B 5 37.84 -27.71 -3.62
C GLN B 5 39.17 -27.87 -2.89
N ARG B 6 39.50 -29.07 -2.42
CA ARG B 6 40.73 -29.30 -1.69
C ARG B 6 40.91 -28.25 -0.61
N PRO B 7 40.19 -28.35 0.51
CA PRO B 7 40.27 -27.29 1.52
C PRO B 7 41.69 -27.14 2.07
N THR B 8 42.04 -25.90 2.40
CA THR B 8 43.36 -25.56 2.92
C THR B 8 43.21 -24.90 4.29
N LEU B 9 44.11 -25.28 5.21
CA LEU B 9 44.09 -24.79 6.57
C LEU B 9 45.11 -23.67 6.75
N SER B 10 44.69 -22.60 7.42
CA SER B 10 45.53 -21.44 7.66
C SER B 10 45.40 -21.02 9.12
N GLU B 11 46.42 -20.36 9.64
CA GLU B 11 46.48 -19.98 11.04
C GLU B 11 46.85 -18.50 11.18
N ASP B 12 46.20 -17.83 12.14
CA ASP B 12 46.54 -16.46 12.51
C ASP B 12 46.82 -16.44 14.01
N VAL B 13 47.98 -15.95 14.39
CA VAL B 13 48.40 -15.97 15.78
C VAL B 13 48.04 -14.62 16.41
N LEU B 14 47.19 -14.67 17.44
CA LEU B 14 46.80 -13.48 18.18
C LEU B 14 47.53 -13.34 19.51
N THR B 15 48.23 -14.38 19.95
CA THR B 15 48.94 -14.40 21.22
C THR B 15 49.67 -15.73 21.29
N ASP B 16 50.57 -15.86 22.26
CA ASP B 16 51.28 -17.12 22.45
C ASP B 16 50.37 -18.24 22.94
N ASN B 17 49.15 -17.93 23.37
CA ASN B 17 48.19 -18.92 23.85
C ASN B 17 46.81 -18.66 23.25
N ARG B 18 46.78 -18.22 21.99
CA ARG B 18 45.52 -17.97 21.31
C ARG B 18 45.75 -17.81 19.82
N SER B 19 44.99 -18.55 19.02
CA SER B 19 45.13 -18.53 17.57
C SER B 19 43.75 -18.50 16.94
N GLN B 20 43.72 -18.31 15.62
CA GLN B 20 42.48 -18.29 14.85
C GLN B 20 42.73 -19.02 13.53
N PHE B 21 42.17 -20.20 13.39
CA PHE B 21 42.35 -21.03 12.22
C PHE B 21 41.20 -20.82 11.23
N VAL B 22 41.47 -21.12 9.97
CA VAL B 22 40.47 -20.97 8.91
C VAL B 22 40.59 -22.16 7.96
N ILE B 23 39.44 -22.71 7.57
CA ILE B 23 39.36 -23.74 6.53
C ILE B 23 38.39 -23.20 5.49
N GLU B 24 38.92 -22.52 4.46
CA GLU B 24 38.08 -21.74 3.57
C GLU B 24 37.24 -22.59 2.63
N PRO B 25 37.85 -23.34 1.70
CA PRO B 25 37.03 -24.00 0.66
C PRO B 25 36.38 -25.31 1.12
N LEU B 26 35.25 -25.19 1.80
CA LEU B 26 34.46 -26.33 2.25
C LEU B 26 33.16 -26.40 1.46
N GLU B 27 32.74 -27.61 1.13
CA GLU B 27 31.53 -27.78 0.35
C GLU B 27 30.32 -27.29 1.14
N PRO B 28 29.26 -26.89 0.47
CA PRO B 28 28.09 -26.34 1.19
C PRO B 28 27.53 -27.34 2.18
N GLY B 29 27.49 -26.95 3.44
CA GLY B 29 26.97 -27.76 4.51
C GLY B 29 28.01 -28.47 5.35
N PHE B 30 29.28 -28.45 4.94
CA PHE B 30 30.35 -29.09 5.69
C PHE B 30 31.03 -28.17 6.68
N GLY B 31 30.64 -26.89 6.73
CA GLY B 31 31.13 -26.04 7.80
C GLY B 31 30.58 -26.44 9.15
N TYR B 32 29.26 -26.68 9.23
CA TYR B 32 28.64 -27.08 10.48
C TYR B 32 28.91 -28.54 10.82
N THR B 33 29.11 -29.38 9.81
CA THR B 33 29.45 -30.78 10.07
C THR B 33 30.80 -30.88 10.77
N LEU B 34 31.76 -30.06 10.37
CA LEU B 34 33.11 -30.12 10.92
C LEU B 34 33.27 -29.26 12.17
N GLY B 35 32.65 -28.09 12.22
CA GLY B 35 32.94 -27.14 13.28
C GLY B 35 32.56 -27.66 14.65
N ASN B 36 31.35 -28.20 14.78
CA ASN B 36 30.88 -28.65 16.09
C ASN B 36 31.68 -29.85 16.57
N SER B 37 31.95 -30.81 15.68
CA SER B 37 32.75 -31.97 16.06
C SER B 37 34.16 -31.56 16.48
N LEU B 38 34.77 -30.65 15.72
CA LEU B 38 36.12 -30.20 16.05
C LEU B 38 36.14 -29.48 17.38
N ARG B 39 35.16 -28.61 17.64
CA ARG B 39 35.11 -27.91 18.90
C ARG B 39 34.94 -28.88 20.07
N ARG B 40 34.04 -29.85 19.92
CA ARG B 40 33.82 -30.80 21.01
C ARG B 40 35.07 -31.64 21.26
N THR B 41 35.74 -32.08 20.20
CA THR B 41 36.96 -32.86 20.39
C THR B 41 38.05 -32.03 21.05
N LEU B 42 38.17 -30.76 20.66
CA LEU B 42 39.14 -29.88 21.31
C LEU B 42 38.85 -29.74 22.80
N LEU B 43 37.59 -29.56 23.16
CA LEU B 43 37.23 -29.23 24.53
C LEU B 43 37.04 -30.43 25.44
N SER B 44 36.96 -31.65 24.90
CA SER B 44 36.63 -32.78 25.76
C SER B 44 37.41 -34.06 25.43
N SER B 45 38.53 -33.97 24.72
CA SER B 45 39.23 -35.18 24.29
C SER B 45 40.70 -35.18 24.69
N ILE B 46 41.33 -34.02 24.68
CA ILE B 46 42.77 -33.96 24.97
C ILE B 46 42.99 -34.23 26.46
N PRO B 47 43.92 -35.10 26.84
CA PRO B 47 44.13 -35.37 28.28
C PRO B 47 45.00 -34.30 28.93
N GLY B 48 44.90 -34.25 30.25
CA GLY B 48 45.67 -33.32 31.03
C GLY B 48 45.72 -33.73 32.48
N ALA B 49 46.12 -32.79 33.33
CA ALA B 49 46.20 -33.03 34.77
C ALA B 49 45.71 -31.79 35.50
N ALA B 50 45.18 -32.00 36.70
CA ALA B 50 44.65 -30.92 37.51
C ALA B 50 44.61 -31.37 38.97
N VAL B 51 44.45 -30.39 39.85
CA VAL B 51 44.31 -30.67 41.28
C VAL B 51 42.91 -31.19 41.54
N THR B 52 42.83 -32.37 42.15
CA THR B 52 41.54 -33.02 42.41
C THR B 52 41.02 -32.75 43.82
N SER B 53 41.89 -32.64 44.81
CA SER B 53 41.48 -32.41 46.18
C SER B 53 42.62 -31.77 46.94
N ILE B 54 42.28 -31.14 48.07
CA ILE B 54 43.27 -30.51 48.94
C ILE B 54 42.85 -30.71 50.39
N ARG B 55 43.81 -30.51 51.29
CA ARG B 55 43.57 -30.55 52.72
C ARG B 55 44.41 -29.47 53.38
N ILE B 56 43.76 -28.55 54.07
CA ILE B 56 44.40 -27.41 54.70
C ILE B 56 44.44 -27.64 56.20
N ASP B 57 45.63 -27.52 56.79
CA ASP B 57 45.76 -27.66 58.24
C ASP B 57 45.22 -26.41 58.94
N GLY B 58 44.42 -26.62 59.98
CA GLY B 58 43.81 -25.53 60.72
C GLY B 58 42.35 -25.31 60.42
N VAL B 59 41.82 -25.93 59.37
CA VAL B 59 40.41 -25.84 59.02
C VAL B 59 39.87 -27.26 58.87
N LEU B 60 38.97 -27.65 59.77
CA LEU B 60 38.36 -28.98 59.75
C LEU B 60 36.85 -28.93 59.61
N HIS B 61 36.18 -28.07 60.37
CA HIS B 61 34.72 -28.03 60.42
C HIS B 61 34.13 -26.85 59.64
N GLU B 62 34.60 -25.64 59.92
CA GLU B 62 34.08 -24.44 59.29
C GLU B 62 35.07 -23.96 58.22
N PHE B 63 34.61 -23.87 56.98
CA PHE B 63 35.45 -23.44 55.86
C PHE B 63 35.16 -21.97 55.60
N THR B 64 35.64 -21.12 56.51
CA THR B 64 35.44 -19.68 56.40
C THR B 64 36.74 -18.91 56.27
N THR B 65 37.71 -19.18 57.14
CA THR B 65 38.97 -18.45 57.13
C THR B 65 40.08 -19.33 57.68
N VAL B 66 41.31 -18.99 57.33
CA VAL B 66 42.51 -19.67 57.81
C VAL B 66 43.27 -18.71 58.70
N PRO B 67 43.64 -19.10 59.92
CA PRO B 67 44.33 -18.15 60.82
C PRO B 67 45.67 -17.74 60.24
N GLY B 68 45.95 -16.44 60.28
CA GLY B 68 47.20 -15.89 59.79
C GLY B 68 47.25 -15.62 58.31
N VAL B 69 46.16 -15.88 57.58
CA VAL B 69 46.11 -15.71 56.13
C VAL B 69 45.04 -14.68 55.81
N LYS B 70 45.39 -13.71 54.96
CA LYS B 70 44.44 -12.65 54.62
C LYS B 70 43.22 -13.21 53.90
N GLU B 71 43.41 -14.16 52.99
CA GLU B 71 42.36 -14.61 52.10
C GLU B 71 41.56 -15.75 52.72
N ASP B 72 40.26 -15.76 52.46
CA ASP B 72 39.39 -16.81 52.97
C ASP B 72 39.65 -18.11 52.21
N VAL B 73 38.89 -19.14 52.57
CA VAL B 73 39.14 -20.47 51.99
C VAL B 73 38.76 -20.50 50.52
N THR B 74 37.63 -19.87 50.15
CA THR B 74 37.17 -19.96 48.78
C THR B 74 38.17 -19.31 47.81
N GLU B 75 38.82 -18.22 48.24
CA GLU B 75 39.84 -17.62 47.40
C GLU B 75 41.01 -18.57 47.19
N ILE B 76 41.41 -19.28 48.25
CA ILE B 76 42.48 -20.27 48.10
C ILE B 76 42.05 -21.38 47.13
N ILE B 77 40.80 -21.81 47.22
CA ILE B 77 40.30 -22.84 46.31
C ILE B 77 40.37 -22.34 44.87
N LEU B 78 39.93 -21.11 44.63
CA LEU B 78 39.95 -20.58 43.28
C LEU B 78 41.38 -20.39 42.77
N ASN B 79 42.31 -20.03 43.65
CA ASN B 79 43.69 -19.84 43.23
C ASN B 79 44.35 -21.17 42.88
N LEU B 80 44.16 -22.19 43.72
CA LEU B 80 44.71 -23.50 43.41
C LEU B 80 44.04 -24.12 42.20
N LYS B 81 42.76 -23.80 41.95
CA LYS B 81 42.06 -24.31 40.79
C LYS B 81 42.62 -23.76 39.49
N SER B 82 43.36 -22.66 39.54
CA SER B 82 43.94 -22.03 38.36
C SER B 82 45.41 -22.43 38.16
N LEU B 83 45.89 -23.43 38.88
CA LEU B 83 47.27 -23.87 38.74
C LEU B 83 47.40 -24.79 37.53
N VAL B 84 48.40 -24.53 36.69
CA VAL B 84 48.65 -25.35 35.51
C VAL B 84 49.71 -26.38 35.88
N VAL B 85 49.34 -27.65 35.80
CA VAL B 85 50.23 -28.74 36.18
C VAL B 85 50.16 -29.83 35.13
N SER B 86 51.24 -30.59 34.99
CA SER B 86 51.32 -31.72 34.08
C SER B 86 51.86 -32.93 34.84
N SER B 87 51.18 -34.06 34.71
CA SER B 87 51.54 -35.27 35.43
C SER B 87 51.63 -36.45 34.47
N GLU B 88 52.50 -37.39 34.79
CA GLU B 88 52.71 -38.59 33.99
C GLU B 88 52.25 -39.86 34.69
N GLU B 89 52.46 -39.97 35.99
CA GLU B 89 52.02 -41.16 36.72
C GLU B 89 50.51 -41.29 36.67
N ASP B 90 50.03 -42.51 36.40
CA ASP B 90 48.59 -42.73 36.28
C ASP B 90 47.88 -42.49 37.61
N GLU B 91 48.43 -43.01 38.70
CA GLU B 91 47.78 -42.90 40.00
C GLU B 91 47.89 -41.49 40.55
N PRO B 92 47.01 -41.11 41.47
CA PRO B 92 47.12 -39.78 42.09
C PRO B 92 48.44 -39.61 42.82
N VAL B 93 48.97 -38.40 42.76
CA VAL B 93 50.16 -38.02 43.50
C VAL B 93 49.76 -37.02 44.59
N THR B 94 50.72 -36.69 45.45
CA THR B 94 50.47 -35.78 46.57
C THR B 94 51.61 -34.79 46.68
N MET B 95 51.28 -33.50 46.60
CA MET B 95 52.24 -32.43 46.77
C MET B 95 52.14 -31.88 48.20
N TYR B 96 52.96 -30.88 48.49
CA TYR B 96 52.91 -30.19 49.77
C TYR B 96 53.33 -28.74 49.58
N LEU B 97 52.62 -27.83 50.23
CA LEU B 97 52.93 -26.41 50.21
C LEU B 97 53.04 -25.93 51.64
N ARG B 98 54.12 -25.22 51.95
CA ARG B 98 54.34 -24.71 53.30
C ARG B 98 55.32 -23.55 53.25
N LYS B 99 54.85 -22.37 53.62
CA LYS B 99 55.71 -21.20 53.80
C LYS B 99 55.45 -20.61 55.17
N GLN B 100 56.54 -20.23 55.85
CA GLN B 100 56.48 -19.77 57.23
C GLN B 100 56.79 -18.28 57.29
N GLY B 101 56.06 -17.55 58.13
CA GLY B 101 56.33 -16.16 58.36
C GLY B 101 55.77 -15.26 57.29
N PRO B 102 56.00 -13.95 57.43
CA PRO B 102 55.48 -13.00 56.44
C PRO B 102 56.07 -13.25 55.07
N GLY B 103 55.28 -12.96 54.04
CA GLY B 103 55.72 -13.12 52.68
C GLY B 103 54.54 -13.41 51.77
N GLU B 104 54.85 -13.74 50.52
CA GLU B 104 53.87 -14.05 49.51
C GLU B 104 54.02 -15.51 49.10
N VAL B 105 52.93 -16.26 49.20
CA VAL B 105 52.92 -17.66 48.79
C VAL B 105 52.66 -17.72 47.30
N THR B 106 53.56 -18.38 46.56
CA THR B 106 53.49 -18.43 45.11
C THR B 106 53.50 -19.89 44.66
N ALA B 107 53.02 -20.12 43.44
CA ALA B 107 52.97 -21.47 42.89
C ALA B 107 54.36 -22.10 42.82
N GLY B 108 55.42 -21.30 42.81
CA GLY B 108 56.77 -21.82 42.78
C GLY B 108 57.32 -22.25 44.12
N ASP B 109 56.53 -22.11 45.19
CA ASP B 109 56.96 -22.49 46.53
C ASP B 109 56.52 -23.91 46.90
N ILE B 110 56.36 -24.78 45.91
CA ILE B 110 56.02 -26.18 46.16
C ILE B 110 57.05 -27.05 45.47
N VAL B 111 57.26 -28.24 46.02
CA VAL B 111 58.26 -29.18 45.53
C VAL B 111 57.53 -30.43 45.04
N PRO B 112 57.24 -30.52 43.75
CA PRO B 112 56.52 -31.70 43.23
C PRO B 112 57.47 -32.86 43.03
N PRO B 113 56.97 -34.10 43.07
CA PRO B 113 57.82 -35.24 42.74
C PRO B 113 58.37 -35.13 41.33
N ALA B 114 59.29 -36.03 41.00
CA ALA B 114 59.92 -36.02 39.68
C ALA B 114 58.92 -36.24 38.57
N GLY B 115 57.76 -36.82 38.87
CA GLY B 115 56.76 -37.10 37.85
C GLY B 115 55.78 -35.98 37.57
N VAL B 116 55.95 -34.81 38.20
CA VAL B 116 55.04 -33.69 38.01
C VAL B 116 55.84 -32.42 37.77
N THR B 117 55.19 -31.44 37.15
CA THR B 117 55.82 -30.17 36.86
C THR B 117 54.76 -29.07 36.92
N VAL B 118 55.22 -27.85 37.21
CA VAL B 118 54.36 -26.67 37.31
C VAL B 118 54.78 -25.69 36.23
N HIS B 119 53.80 -25.23 35.44
CA HIS B 119 54.09 -24.39 34.28
C HIS B 119 53.93 -22.90 34.53
N ASN B 120 53.39 -22.50 35.68
CA ASN B 120 53.25 -21.10 36.04
C ASN B 120 53.75 -20.89 37.46
N PRO B 121 55.07 -20.93 37.67
CA PRO B 121 55.59 -20.77 39.03
C PRO B 121 55.28 -19.43 39.65
N GLY B 122 54.98 -18.41 38.88
CA GLY B 122 54.71 -17.08 39.39
C GLY B 122 53.29 -16.83 39.83
N MET B 123 52.40 -17.81 39.74
CA MET B 123 51.01 -17.60 40.12
C MET B 123 50.90 -17.33 41.61
N HIS B 124 50.09 -16.35 41.97
CA HIS B 124 49.88 -15.98 43.35
C HIS B 124 48.80 -16.85 43.98
N ILE B 125 49.04 -17.28 45.23
CA ILE B 125 48.13 -18.15 45.96
C ILE B 125 47.58 -17.47 47.20
N ALA B 126 48.46 -16.96 48.06
CA ALA B 126 48.03 -16.36 49.31
C ALA B 126 49.13 -15.46 49.85
N THR B 127 48.75 -14.62 50.82
CA THR B 127 49.68 -13.75 51.53
C THR B 127 49.52 -13.96 53.02
N LEU B 128 50.63 -14.04 53.73
CA LEU B 128 50.65 -14.17 55.19
C LEU B 128 51.03 -12.83 55.78
N ASN B 129 50.06 -12.16 56.41
CA ASN B 129 50.27 -10.82 56.96
C ASN B 129 50.01 -10.77 58.46
N ASP B 130 50.09 -11.91 59.15
CA ASP B 130 49.87 -11.96 60.59
C ASP B 130 50.88 -12.88 61.27
N LYS B 131 52.08 -13.01 60.70
CA LYS B 131 53.11 -13.86 61.27
C LYS B 131 52.60 -15.29 61.45
N GLY B 132 51.81 -15.76 60.49
CA GLY B 132 51.20 -17.06 60.55
C GLY B 132 51.95 -18.11 59.75
N LYS B 133 51.32 -19.26 59.60
CA LYS B 133 51.89 -20.38 58.87
C LYS B 133 50.82 -20.98 57.96
N LEU B 134 51.26 -21.56 56.86
CA LEU B 134 50.38 -22.21 55.88
C LEU B 134 50.87 -23.63 55.63
N GLU B 135 49.92 -24.57 55.51
CA GLU B 135 50.26 -25.96 55.26
C GLU B 135 49.08 -26.60 54.55
N VAL B 136 49.23 -26.82 53.24
CA VAL B 136 48.19 -27.43 52.42
C VAL B 136 48.85 -28.46 51.51
N GLU B 137 48.21 -29.62 51.37
CA GLU B 137 48.67 -30.69 50.49
C GLU B 137 47.69 -30.88 49.35
N LEU B 138 48.21 -31.00 48.14
CA LEU B 138 47.41 -31.10 46.93
C LEU B 138 47.46 -32.52 46.37
N VAL B 139 46.38 -32.91 45.70
CA VAL B 139 46.29 -34.20 45.04
C VAL B 139 46.07 -33.95 43.55
N VAL B 140 46.96 -34.49 42.73
CA VAL B 140 46.95 -34.26 41.29
C VAL B 140 46.71 -35.59 40.58
N GLU B 141 45.88 -35.55 39.54
CA GLU B 141 45.54 -36.74 38.77
C GLU B 141 45.55 -36.39 37.28
N ARG B 142 45.23 -37.38 36.46
CA ARG B 142 45.13 -37.21 35.02
C ARG B 142 43.70 -37.47 34.57
N GLY B 143 43.29 -36.77 33.52
CA GLY B 143 41.93 -36.92 33.02
C GLY B 143 41.72 -36.08 31.78
N ARG B 144 40.48 -36.08 31.32
CA ARG B 144 40.10 -35.36 30.11
C ARG B 144 38.79 -34.63 30.35
N GLY B 145 38.69 -33.41 29.83
CA GLY B 145 37.48 -32.63 29.97
C GLY B 145 37.34 -32.01 31.34
N TYR B 146 36.13 -31.54 31.61
CA TYR B 146 35.79 -30.89 32.87
C TYR B 146 34.99 -31.87 33.74
N VAL B 147 35.44 -32.06 34.97
CA VAL B 147 34.80 -32.99 35.91
C VAL B 147 34.44 -32.24 37.18
N PRO B 148 33.17 -32.05 37.50
CA PRO B 148 32.81 -31.35 38.74
C PRO B 148 33.35 -32.07 39.96
N ALA B 149 33.21 -31.41 41.11
CA ALA B 149 33.70 -31.99 42.35
C ALA B 149 33.00 -33.31 42.64
N VAL B 150 33.79 -34.33 43.00
CA VAL B 150 33.27 -35.65 43.32
C VAL B 150 33.14 -35.72 44.83
N GLN B 151 31.91 -35.87 45.31
CA GLN B 151 31.66 -35.86 46.75
C GLN B 151 32.40 -37.02 47.42
N ASN B 152 32.94 -36.75 48.60
CA ASN B 152 33.70 -37.74 49.36
C ASN B 152 32.74 -38.53 50.23
N ARG B 153 32.19 -39.61 49.67
CA ARG B 153 31.32 -40.48 50.45
C ARG B 153 32.10 -41.26 51.48
N ALA B 154 33.35 -41.60 51.18
CA ALA B 154 34.23 -42.34 52.11
C ALA B 154 35.14 -41.32 52.78
N SER B 155 34.65 -40.73 53.86
CA SER B 155 35.41 -39.74 54.62
C SER B 155 36.34 -40.36 55.65
N GLY B 156 36.35 -41.68 55.77
CA GLY B 156 37.20 -42.32 56.77
C GLY B 156 38.67 -42.02 56.60
N ALA B 157 39.12 -41.91 55.35
CA ALA B 157 40.54 -41.63 55.11
C ALA B 157 40.94 -40.30 55.71
N GLU B 158 40.11 -39.28 55.55
CA GLU B 158 40.40 -37.96 56.10
C GLU B 158 39.09 -37.16 56.18
N ILE B 159 39.03 -36.25 57.15
CA ILE B 159 37.87 -35.40 57.31
C ILE B 159 38.11 -33.97 56.82
N GLY B 160 39.36 -33.58 56.60
CA GLY B 160 39.68 -32.27 56.08
C GLY B 160 39.71 -32.16 54.58
N ARG B 161 39.50 -33.26 53.86
CA ARG B 161 39.56 -33.23 52.41
C ARG B 161 38.50 -32.29 51.84
N ILE B 162 38.90 -31.51 50.84
CA ILE B 162 37.99 -30.58 50.17
C ILE B 162 38.05 -30.83 48.67
N PRO B 163 37.19 -31.68 48.11
CA PRO B 163 37.21 -31.89 46.66
C PRO B 163 36.89 -30.62 45.90
N VAL B 164 37.53 -30.47 44.74
CA VAL B 164 37.38 -29.29 43.90
C VAL B 164 37.14 -29.72 42.46
N ASP B 165 36.51 -28.84 41.69
CA ASP B 165 36.28 -29.10 40.29
C ASP B 165 37.61 -29.12 39.54
N SER B 166 37.78 -30.10 38.65
CA SER B 166 39.03 -30.31 37.94
C SER B 166 38.84 -29.90 36.49
N ILE B 167 39.65 -28.96 36.03
CA ILE B 167 39.73 -28.59 34.62
C ILE B 167 40.91 -29.37 34.06
N TYR B 168 40.65 -30.59 33.62
CA TYR B 168 41.72 -31.42 33.08
C TYR B 168 42.17 -30.93 31.71
N SER B 169 41.22 -30.51 30.87
CA SER B 169 41.55 -30.18 29.49
C SER B 169 42.50 -29.00 29.43
N PRO B 170 43.58 -29.07 28.64
CA PRO B 170 44.47 -27.91 28.50
C PRO B 170 43.94 -26.84 27.57
N VAL B 171 42.76 -27.02 26.97
CA VAL B 171 42.12 -26.01 26.15
C VAL B 171 41.04 -25.33 26.97
N LEU B 172 41.07 -24.01 27.04
CA LEU B 172 40.17 -23.26 27.90
C LEU B 172 38.87 -22.87 27.20
N LYS B 173 38.97 -22.29 26.00
CA LYS B 173 37.79 -21.78 25.32
C LYS B 173 37.93 -22.00 23.82
N VAL B 174 36.80 -22.27 23.16
CA VAL B 174 36.78 -22.47 21.72
C VAL B 174 35.46 -21.93 21.18
N THR B 175 35.51 -21.36 19.98
CA THR B 175 34.31 -20.92 19.27
C THR B 175 34.55 -21.05 17.78
N TYR B 176 33.46 -21.12 17.01
CA TYR B 176 33.56 -21.27 15.57
C TYR B 176 32.47 -20.46 14.88
N LYS B 177 32.69 -20.17 13.61
CA LYS B 177 31.75 -19.42 12.80
C LYS B 177 31.85 -19.91 11.35
N VAL B 178 30.79 -19.65 10.58
CA VAL B 178 30.70 -20.11 9.20
C VAL B 178 30.24 -18.94 8.32
N ASP B 179 30.82 -18.84 7.13
CA ASP B 179 30.56 -17.73 6.22
C ASP B 179 30.47 -18.28 4.79
N ALA B 180 30.51 -17.38 3.82
CA ALA B 180 30.46 -17.72 2.39
C ALA B 180 31.78 -17.38 1.73
N THR B 181 32.27 -18.26 0.87
CA THR B 181 33.64 -18.20 0.39
C THR B 181 33.76 -18.51 -1.11
N ARG B 182 32.91 -17.89 -1.94
CA ARG B 182 33.10 -18.06 -3.37
C ARG B 182 32.35 -16.97 -4.14
N VAL B 183 32.84 -16.74 -5.36
CA VAL B 183 32.19 -15.82 -6.30
C VAL B 183 32.03 -16.39 -7.69
N GLU B 184 32.69 -17.50 -8.04
CA GLU B 184 32.66 -18.04 -9.39
C GLU B 184 31.29 -18.70 -9.63
N GLN B 185 30.30 -17.85 -9.91
CA GLN B 185 28.92 -18.25 -10.16
C GLN B 185 28.32 -19.03 -8.99
N ARG B 186 28.97 -19.03 -7.84
CA ARG B 186 28.50 -19.78 -6.67
C ARG B 186 28.88 -19.01 -5.43
N THR B 187 27.89 -18.75 -4.57
CA THR B 187 28.10 -18.02 -3.33
C THR B 187 27.62 -18.84 -2.13
N ASP B 188 27.71 -20.17 -2.23
CA ASP B 188 27.19 -21.07 -1.21
C ASP B 188 28.25 -21.91 -0.52
N PHE B 189 29.51 -21.81 -0.94
CA PHE B 189 30.57 -22.55 -0.25
C PHE B 189 30.79 -21.99 1.15
N ASP B 190 31.10 -22.88 2.08
CA ASP B 190 31.20 -22.54 3.49
C ASP B 190 32.63 -22.16 3.87
N LYS B 191 32.75 -21.44 4.97
CA LYS B 191 34.01 -21.18 5.63
C LYS B 191 33.91 -21.67 7.07
N LEU B 192 35.06 -21.81 7.72
CA LEU B 192 35.11 -22.22 9.11
C LEU B 192 36.22 -21.44 9.80
N ILE B 193 35.87 -20.72 10.86
CA ILE B 193 36.79 -19.84 11.56
C ILE B 193 36.78 -20.25 13.03
N LEU B 194 37.74 -21.08 13.43
CA LEU B 194 37.90 -21.48 14.82
C LEU B 194 38.77 -20.47 15.55
N ASP B 195 38.47 -20.26 16.82
CA ASP B 195 39.20 -19.33 17.68
C ASP B 195 39.55 -20.08 18.96
N VAL B 196 40.69 -20.77 18.96
CA VAL B 196 41.08 -21.66 20.04
C VAL B 196 41.93 -20.88 21.04
N GLU B 197 41.62 -21.03 22.32
CA GLU B 197 42.39 -20.47 23.42
C GLU B 197 42.77 -21.59 24.35
N THR B 198 44.05 -21.66 24.72
CA THR B 198 44.60 -22.81 25.43
C THR B 198 45.35 -22.35 26.66
N LYS B 199 45.74 -23.32 27.49
CA LYS B 199 46.55 -23.06 28.66
C LYS B 199 48.01 -22.88 28.27
N ASN B 200 48.86 -22.71 29.28
CA ASN B 200 50.30 -22.60 29.06
C ASN B 200 50.97 -23.94 28.83
N SER B 201 50.23 -25.04 28.94
CA SER B 201 50.78 -26.39 28.84
C SER B 201 50.73 -26.96 27.43
N ILE B 202 50.14 -26.24 26.47
CA ILE B 202 50.06 -26.73 25.10
C ILE B 202 49.68 -25.56 24.21
N SER B 203 50.18 -25.59 22.96
CA SER B 203 49.84 -24.55 21.99
C SER B 203 48.61 -24.96 21.19
N PRO B 204 47.85 -24.01 20.65
CA PRO B 204 46.62 -24.37 19.93
C PRO B 204 46.86 -25.29 18.73
N ARG B 205 48.01 -25.16 18.06
CA ARG B 205 48.29 -26.03 16.92
C ARG B 205 48.37 -27.49 17.33
N ASP B 206 49.04 -27.79 18.45
CA ASP B 206 49.12 -29.16 18.93
C ASP B 206 47.73 -29.69 19.32
N ALA B 207 46.92 -28.85 19.96
CA ALA B 207 45.57 -29.27 20.31
C ALA B 207 44.76 -29.59 19.06
N LEU B 208 44.87 -28.76 18.03
CA LEU B 208 44.14 -29.03 16.80
C LEU B 208 44.61 -30.33 16.14
N ALA B 209 45.93 -30.57 16.15
CA ALA B 209 46.44 -31.82 15.60
C ALA B 209 45.90 -33.03 16.37
N SER B 210 45.90 -32.95 17.70
CA SER B 210 45.39 -34.06 18.50
C SER B 210 43.90 -34.29 18.24
N ALA B 211 43.14 -33.20 18.11
CA ALA B 211 41.71 -33.35 17.82
C ALA B 211 41.50 -34.02 16.47
N GLY B 212 42.26 -33.62 15.45
CA GLY B 212 42.15 -34.27 14.16
C GLY B 212 42.50 -35.75 14.24
N LYS B 213 43.54 -36.09 14.99
CA LYS B 213 43.92 -37.49 15.16
C LYS B 213 42.79 -38.28 15.80
N THR B 214 42.19 -37.73 16.86
CA THR B 214 41.13 -38.44 17.56
C THR B 214 39.91 -38.62 16.66
N LEU B 215 39.56 -37.59 15.89
CA LEU B 215 38.40 -37.71 15.00
C LEU B 215 38.66 -38.74 13.90
N VAL B 216 39.88 -38.77 13.35
CA VAL B 216 40.22 -39.79 12.36
C VAL B 216 40.08 -41.18 12.96
N GLU B 217 40.59 -41.36 14.18
CA GLU B 217 40.46 -42.67 14.83
C GLU B 217 38.99 -43.04 15.05
N LEU B 218 38.17 -42.06 15.45
CA LEU B 218 36.76 -42.36 15.70
C LEU B 218 36.05 -42.77 14.43
N PHE B 219 36.27 -42.06 13.33
CA PHE B 219 35.58 -42.39 12.09
C PHE B 219 36.19 -43.58 11.37
N GLY B 220 37.39 -44.00 11.75
CA GLY B 220 37.90 -45.27 11.27
C GLY B 220 37.03 -46.44 11.67
N LEU B 221 36.28 -46.33 12.77
CA LEU B 221 35.34 -47.37 13.15
C LEU B 221 34.28 -47.56 12.06
N ALA B 222 33.68 -46.45 11.61
CA ALA B 222 32.69 -46.54 10.54
C ALA B 222 33.34 -46.97 9.23
N ARG B 223 34.55 -46.47 8.95
CA ARG B 223 35.20 -46.80 7.69
C ARG B 223 35.50 -48.30 7.57
N GLU B 224 35.71 -48.98 8.70
CA GLU B 224 36.12 -50.38 8.65
C GLU B 224 35.00 -51.32 8.25
N LEU B 225 33.74 -50.86 8.28
CA LEU B 225 32.64 -51.76 7.94
C LEU B 225 32.76 -52.28 6.53
N ASN B 226 33.12 -51.40 5.58
CA ASN B 226 33.31 -51.78 4.18
C ASN B 226 34.47 -50.93 3.66
N VAL B 227 35.65 -51.54 3.56
CA VAL B 227 36.85 -50.77 3.21
C VAL B 227 36.84 -50.35 1.75
N GLU B 228 36.06 -51.01 0.90
CA GLU B 228 36.04 -50.72 -0.53
C GLU B 228 34.81 -49.91 -0.93
N ALA B 229 34.05 -49.40 0.03
CA ALA B 229 32.92 -48.54 -0.27
C ALA B 229 33.39 -47.23 -0.86
N GLU B 230 32.56 -46.65 -1.72
CA GLU B 230 32.90 -45.42 -2.41
C GLU B 230 32.55 -44.21 -1.55
N GLY B 231 33.47 -43.26 -1.47
CA GLY B 231 33.28 -42.03 -0.73
C GLY B 231 33.65 -40.82 -1.56
N ILE B 232 34.37 -39.89 -0.93
CA ILE B 232 34.86 -38.69 -1.59
C ILE B 232 36.34 -38.54 -1.25
N GLU B 233 37.14 -38.20 -2.26
CA GLU B 233 38.59 -38.06 -2.12
C GLU B 233 38.98 -36.61 -2.35
N ILE B 234 39.67 -36.02 -1.37
CA ILE B 234 40.20 -34.68 -1.56
C ILE B 234 41.40 -34.71 -2.50
N GLY B 235 42.21 -35.77 -2.40
CA GLY B 235 43.36 -35.94 -3.28
C GLY B 235 44.66 -35.58 -2.61
N PRO B 236 45.77 -35.79 -3.32
CA PRO B 236 47.08 -35.46 -2.75
C PRO B 236 47.26 -33.96 -2.59
N SER B 237 48.09 -33.60 -1.62
CA SER B 237 48.38 -32.19 -1.33
C SER B 237 48.99 -31.49 -2.54
N SER C 26 -22.68 -38.98 9.89
CA SER C 26 -21.43 -38.41 10.37
C SER C 26 -20.64 -37.78 9.23
N SER C 27 -20.79 -38.34 8.04
CA SER C 27 -20.11 -37.80 6.87
C SER C 27 -20.66 -36.40 6.53
N SER C 28 -20.05 -35.77 5.54
CA SER C 28 -20.43 -34.42 5.15
C SER C 28 -21.58 -34.42 4.15
N ASN C 29 -21.38 -35.05 3.00
CA ASN C 29 -22.32 -35.01 1.89
C ASN C 29 -22.74 -36.42 1.48
N ASN C 30 -24.02 -36.57 1.15
CA ASN C 30 -24.54 -37.81 0.60
C ASN C 30 -25.34 -37.60 -0.67
N SER C 31 -25.47 -36.36 -1.17
CA SER C 31 -26.25 -36.10 -2.36
C SER C 31 -25.44 -36.33 -3.62
N VAL C 32 -24.22 -35.81 -3.67
CA VAL C 32 -23.37 -36.03 -4.85
C VAL C 32 -22.97 -37.49 -4.91
N PRO C 33 -23.17 -38.19 -6.04
CA PRO C 33 -22.94 -39.64 -6.07
C PRO C 33 -21.53 -40.06 -5.66
N GLY C 34 -20.52 -39.64 -6.42
CA GLY C 34 -19.16 -40.09 -6.18
C GLY C 34 -18.34 -39.16 -5.30
N ALA C 35 -18.87 -38.80 -4.15
CA ALA C 35 -18.18 -37.84 -3.32
C ALA C 35 -17.24 -38.55 -2.35
N PRO C 36 -16.09 -37.95 -2.01
CA PRO C 36 -15.25 -38.53 -0.96
C PRO C 36 -15.96 -38.51 0.39
N ASN C 37 -15.63 -39.49 1.23
CA ASN C 37 -16.24 -39.62 2.54
C ASN C 37 -15.45 -38.77 3.52
N ARG C 38 -15.90 -37.53 3.71
CA ARG C 38 -15.30 -36.59 4.65
C ARG C 38 -16.21 -36.49 5.87
N VAL C 39 -15.69 -36.88 7.03
CA VAL C 39 -16.47 -36.94 8.26
C VAL C 39 -16.45 -35.58 8.94
N SER C 40 -17.59 -35.18 9.49
CA SER C 40 -17.79 -33.84 10.02
C SER C 40 -18.02 -33.88 11.52
N PHE C 41 -17.59 -32.81 12.20
CA PHE C 41 -17.81 -32.63 13.63
C PHE C 41 -19.13 -31.93 13.93
N ALA C 42 -19.93 -31.62 12.92
CA ALA C 42 -21.16 -30.87 13.13
C ALA C 42 -22.14 -31.64 14.00
N LYS C 43 -22.86 -30.90 14.84
CA LYS C 43 -23.92 -31.46 15.68
C LYS C 43 -25.32 -31.06 15.23
N LEU C 44 -25.44 -30.25 14.18
CA LEU C 44 -26.72 -29.73 13.73
C LEU C 44 -27.09 -30.30 12.37
N ARG C 45 -28.39 -30.53 12.19
CA ARG C 45 -28.93 -30.99 10.92
C ARG C 45 -29.31 -29.81 10.05
N GLU C 46 -29.09 -29.95 8.73
CA GLU C 46 -29.37 -28.87 7.80
C GLU C 46 -30.71 -29.13 7.11
N PRO C 47 -31.76 -28.37 7.43
CA PRO C 47 -33.05 -28.59 6.75
C PRO C 47 -32.99 -28.34 5.24
N LEU C 48 -32.17 -27.39 4.80
CA LEU C 48 -32.18 -26.93 3.42
C LEU C 48 -30.80 -27.15 2.80
N GLU C 49 -30.79 -27.50 1.52
CA GLU C 49 -29.56 -27.71 0.78
C GLU C 49 -29.14 -26.42 0.08
N VAL C 50 -27.83 -26.26 -0.09
CA VAL C 50 -27.33 -25.01 -0.67
C VAL C 50 -27.86 -24.88 -2.10
N PRO C 51 -28.34 -23.70 -2.52
CA PRO C 51 -28.87 -23.58 -3.88
C PRO C 51 -27.78 -23.64 -4.95
N GLY C 52 -28.18 -23.57 -6.22
CA GLY C 52 -27.21 -23.41 -7.27
C GLY C 52 -26.49 -22.09 -7.13
N LEU C 53 -25.15 -22.13 -7.13
CA LEU C 53 -24.38 -20.92 -6.84
C LEU C 53 -24.21 -20.02 -8.04
N LEU C 54 -24.60 -20.45 -9.24
CA LEU C 54 -24.58 -19.60 -10.43
C LEU C 54 -25.99 -19.24 -10.88
N ASP C 55 -26.98 -19.32 -9.98
CA ASP C 55 -28.37 -19.13 -10.38
C ASP C 55 -28.69 -17.67 -10.65
N VAL C 56 -28.00 -16.73 -10.00
CA VAL C 56 -28.35 -15.33 -10.18
C VAL C 56 -28.16 -14.91 -11.64
N GLN C 57 -26.97 -15.17 -12.19
CA GLN C 57 -26.68 -14.77 -13.56
C GLN C 57 -27.56 -15.51 -14.55
N THR C 58 -27.66 -16.84 -14.40
CA THR C 58 -28.43 -17.65 -15.34
C THR C 58 -29.89 -17.25 -15.34
N ASP C 59 -30.48 -17.11 -14.16
CA ASP C 59 -31.88 -16.72 -14.07
C ASP C 59 -32.11 -15.32 -14.65
N SER C 60 -31.22 -14.37 -14.33
CA SER C 60 -31.40 -13.02 -14.83
C SER C 60 -31.34 -12.99 -16.35
N PHE C 61 -30.43 -13.74 -16.96
CA PHE C 61 -30.32 -13.71 -18.42
C PHE C 61 -31.45 -14.47 -19.10
N GLU C 62 -31.84 -15.64 -18.58
CA GLU C 62 -32.92 -16.38 -19.21
C GLU C 62 -34.27 -15.70 -19.00
N TRP C 63 -34.39 -14.82 -18.01
CA TRP C 63 -35.53 -13.91 -18.00
C TRP C 63 -35.46 -12.93 -19.16
N LEU C 64 -34.28 -12.37 -19.42
CA LEU C 64 -34.13 -11.39 -20.49
C LEU C 64 -34.52 -11.99 -21.83
N ILE C 65 -33.99 -13.16 -22.16
CA ILE C 65 -34.29 -13.77 -23.46
C ILE C 65 -35.61 -14.53 -23.45
N GLY C 66 -36.32 -14.55 -22.34
CA GLY C 66 -37.63 -15.20 -22.29
C GLY C 66 -37.59 -16.67 -22.63
N SER C 67 -36.64 -17.42 -22.06
CA SER C 67 -36.53 -18.83 -22.36
C SER C 67 -37.69 -19.60 -21.76
N PRO C 68 -38.03 -20.76 -22.32
CA PRO C 68 -39.13 -21.55 -21.76
C PRO C 68 -38.92 -21.95 -20.31
N ARG C 69 -37.69 -22.18 -19.87
CA ARG C 69 -37.44 -22.56 -18.49
C ARG C 69 -37.89 -21.47 -17.53
N TRP C 70 -37.52 -20.22 -17.81
CA TRP C 70 -38.00 -19.12 -17.00
C TRP C 70 -39.51 -18.98 -17.09
N ARG C 71 -40.08 -19.24 -18.27
CA ARG C 71 -41.53 -19.14 -18.41
C ARG C 71 -42.23 -20.11 -17.48
N GLU C 72 -41.74 -21.36 -17.42
CA GLU C 72 -42.32 -22.33 -16.49
C GLU C 72 -42.09 -21.92 -15.04
N SER C 73 -40.89 -21.44 -14.73
CA SER C 73 -40.60 -21.04 -13.35
C SER C 73 -41.54 -19.94 -12.88
N ALA C 74 -41.79 -18.95 -13.74
CA ALA C 74 -42.72 -17.88 -13.40
C ALA C 74 -44.16 -18.36 -13.41
N ALA C 75 -44.50 -19.27 -14.31
CA ALA C 75 -45.87 -19.79 -14.37
C ALA C 75 -46.23 -20.51 -13.08
N GLU C 76 -45.27 -21.24 -12.50
CA GLU C 76 -45.53 -21.91 -11.24
C GLU C 76 -45.40 -20.94 -10.08
N ARG C 77 -46.06 -19.79 -10.17
CA ARG C 77 -45.99 -18.74 -9.16
C ARG C 77 -46.74 -17.50 -9.61
N GLY C 78 -46.15 -16.74 -10.53
CA GLY C 78 -46.71 -15.46 -10.97
C GLY C 78 -47.18 -15.47 -12.41
N ASP C 79 -47.90 -16.53 -12.80
CA ASP C 79 -48.32 -16.70 -14.19
C ASP C 79 -49.20 -15.56 -14.69
N VAL C 80 -49.60 -14.62 -13.83
CA VAL C 80 -50.54 -13.58 -14.26
C VAL C 80 -49.94 -12.75 -15.39
N ASN C 81 -48.69 -12.31 -15.23
CA ASN C 81 -48.04 -11.42 -16.19
C ASN C 81 -46.62 -11.88 -16.46
N PRO C 82 -46.46 -12.98 -17.20
CA PRO C 82 -45.11 -13.41 -17.60
C PRO C 82 -44.65 -12.74 -18.89
N VAL C 83 -43.63 -11.90 -18.81
CA VAL C 83 -43.08 -11.24 -19.99
C VAL C 83 -41.58 -11.04 -19.77
N GLY C 84 -40.80 -11.32 -20.81
CA GLY C 84 -39.36 -11.17 -20.74
C GLY C 84 -38.94 -9.72 -20.89
N GLY C 85 -37.62 -9.51 -20.84
CA GLY C 85 -37.10 -8.16 -20.96
C GLY C 85 -37.30 -7.56 -22.34
N LEU C 86 -36.96 -8.33 -23.38
CA LEU C 86 -37.10 -7.83 -24.75
C LEU C 86 -38.57 -7.58 -25.09
N GLU C 87 -39.45 -8.49 -24.68
CA GLU C 87 -40.88 -8.27 -24.92
C GLU C 87 -41.36 -7.03 -24.21
N GLU C 88 -40.91 -6.80 -22.98
CA GLU C 88 -41.30 -5.61 -22.25
C GLU C 88 -40.82 -4.35 -22.97
N VAL C 89 -39.58 -4.35 -23.45
CA VAL C 89 -39.06 -3.19 -24.16
C VAL C 89 -39.87 -2.93 -25.43
N LEU C 90 -40.17 -3.98 -26.17
CA LEU C 90 -40.94 -3.81 -27.40
C LEU C 90 -42.34 -3.28 -27.12
N TYR C 91 -43.00 -3.81 -26.09
CA TYR C 91 -44.31 -3.28 -25.71
C TYR C 91 -44.22 -1.82 -25.33
N GLU C 92 -43.20 -1.46 -24.55
CA GLU C 92 -43.03 -0.07 -24.14
C GLU C 92 -42.85 0.85 -25.33
N LEU C 93 -42.02 0.44 -26.29
CA LEU C 93 -41.67 1.32 -27.40
C LEU C 93 -42.83 1.44 -28.40
N SER C 94 -43.48 0.32 -28.74
CA SER C 94 -44.50 0.35 -29.78
C SER C 94 -45.84 0.79 -29.20
N PRO C 95 -46.73 1.36 -30.02
CA PRO C 95 -46.56 1.71 -31.44
C PRO C 95 -45.87 3.05 -31.63
N ILE C 96 -45.22 3.26 -32.78
CA ILE C 96 -44.60 4.54 -33.11
C ILE C 96 -45.52 5.25 -34.08
N GLU C 97 -46.08 6.38 -33.65
CA GLU C 97 -47.00 7.15 -34.47
C GLU C 97 -46.46 8.56 -34.68
N ASP C 98 -46.58 9.06 -35.90
CA ASP C 98 -46.18 10.41 -36.22
C ASP C 98 -47.18 11.40 -35.61
N PHE C 99 -46.88 12.69 -35.76
CA PHE C 99 -47.73 13.72 -35.16
C PHE C 99 -49.14 13.65 -35.73
N SER C 100 -49.26 13.51 -37.05
CA SER C 100 -50.58 13.47 -37.66
C SER C 100 -51.40 12.28 -37.19
N GLY C 101 -50.73 11.17 -36.85
CA GLY C 101 -51.44 9.98 -36.43
C GLY C 101 -52.08 9.21 -37.56
N SER C 102 -51.63 9.41 -38.80
CA SER C 102 -52.19 8.70 -39.95
C SER C 102 -51.47 7.38 -40.23
N MET C 103 -50.38 7.09 -39.53
CA MET C 103 -49.61 5.88 -39.78
C MET C 103 -48.92 5.48 -38.48
N SER C 104 -48.58 4.19 -38.38
CA SER C 104 -47.99 3.67 -37.16
C SER C 104 -47.06 2.49 -37.49
N LEU C 105 -46.13 2.24 -36.57
CA LEU C 105 -45.22 1.11 -36.66
C LEU C 105 -45.16 0.44 -35.30
N SER C 106 -44.97 -0.88 -35.30
CA SER C 106 -44.98 -1.65 -34.05
C SER C 106 -44.05 -2.85 -34.18
N PHE C 107 -43.66 -3.39 -33.02
CA PHE C 107 -42.80 -4.55 -32.94
C PHE C 107 -43.40 -5.56 -31.97
N SER C 108 -43.07 -6.83 -32.19
CA SER C 108 -43.60 -7.90 -31.34
C SER C 108 -42.80 -9.17 -31.56
N ASP C 109 -43.05 -10.15 -30.69
CA ASP C 109 -42.49 -11.49 -30.73
C ASP C 109 -41.03 -11.51 -31.16
N PRO C 110 -40.11 -11.07 -30.31
CA PRO C 110 -38.68 -11.26 -30.61
C PRO C 110 -38.32 -12.74 -30.65
N ARG C 111 -37.37 -13.08 -31.51
CA ARG C 111 -37.02 -14.46 -31.79
C ARG C 111 -35.52 -14.58 -31.99
N PHE C 112 -34.99 -15.76 -31.69
CA PHE C 112 -33.56 -16.03 -31.78
C PHE C 112 -33.31 -17.27 -32.64
N ASP C 113 -32.14 -17.30 -33.27
CA ASP C 113 -31.68 -18.44 -34.05
C ASP C 113 -30.53 -19.12 -33.32
N ASP C 114 -30.00 -20.17 -33.95
CA ASP C 114 -28.87 -20.89 -33.37
C ASP C 114 -27.61 -20.02 -33.41
N VAL C 115 -26.71 -20.29 -32.47
CA VAL C 115 -25.46 -19.53 -32.39
C VAL C 115 -24.64 -19.79 -33.65
N LYS C 116 -23.99 -18.73 -34.14
CA LYS C 116 -23.26 -18.84 -35.40
C LYS C 116 -22.12 -19.84 -35.31
N ALA C 117 -21.35 -19.79 -34.22
CA ALA C 117 -20.22 -20.67 -34.03
C ALA C 117 -20.16 -21.12 -32.57
N PRO C 118 -19.59 -22.29 -32.29
CA PRO C 118 -19.52 -22.76 -30.91
C PRO C 118 -18.57 -21.93 -30.08
N VAL C 119 -18.58 -22.21 -28.77
CA VAL C 119 -17.85 -21.38 -27.82
C VAL C 119 -16.34 -21.47 -28.04
N ASP C 120 -15.83 -22.69 -28.22
CA ASP C 120 -14.39 -22.86 -28.43
C ASP C 120 -13.95 -22.25 -29.76
N GLU C 121 -14.78 -22.39 -30.79
CA GLU C 121 -14.48 -21.74 -32.07
C GLU C 121 -14.38 -20.24 -31.91
N CYS C 122 -15.33 -19.63 -31.18
CA CYS C 122 -15.30 -18.20 -30.95
C CYS C 122 -14.06 -17.79 -30.18
N LYS C 123 -13.70 -18.55 -29.15
CA LYS C 123 -12.52 -18.20 -28.37
C LYS C 123 -11.26 -18.30 -29.21
N ASP C 124 -11.19 -19.30 -30.10
CA ASP C 124 -9.99 -19.50 -30.90
C ASP C 124 -9.86 -18.45 -32.00
N LYS C 125 -10.95 -18.13 -32.68
CA LYS C 125 -10.92 -17.26 -33.85
C LYS C 125 -11.10 -15.78 -33.49
N ASP C 126 -11.13 -15.44 -32.21
CA ASP C 126 -11.34 -14.06 -31.76
C ASP C 126 -12.65 -13.51 -32.31
N MET C 127 -13.71 -14.29 -32.18
CA MET C 127 -15.06 -13.87 -32.53
C MET C 127 -15.82 -13.54 -31.26
N THR C 128 -17.11 -13.22 -31.42
CA THR C 128 -18.01 -13.01 -30.31
C THR C 128 -19.12 -14.05 -30.36
N TYR C 129 -19.41 -14.65 -29.22
CA TYR C 129 -20.44 -15.68 -29.12
C TYR C 129 -21.79 -15.01 -29.09
N ALA C 130 -22.58 -15.20 -30.14
CA ALA C 130 -23.82 -14.45 -30.34
C ALA C 130 -24.79 -15.27 -31.16
N ALA C 131 -26.05 -14.84 -31.17
CA ALA C 131 -27.11 -15.47 -31.94
C ALA C 131 -27.94 -14.40 -32.64
N PRO C 132 -28.35 -14.63 -33.89
CA PRO C 132 -29.16 -13.62 -34.58
C PRO C 132 -30.50 -13.38 -33.89
N LEU C 133 -30.97 -12.14 -33.97
CA LEU C 133 -32.21 -11.72 -33.35
C LEU C 133 -33.13 -11.13 -34.41
N PHE C 134 -34.37 -11.63 -34.48
CA PHE C 134 -35.37 -11.15 -35.41
C PHE C 134 -36.61 -10.69 -34.65
N VAL C 135 -37.25 -9.66 -35.16
CA VAL C 135 -38.51 -9.16 -34.61
C VAL C 135 -39.48 -8.91 -35.76
N THR C 136 -40.77 -8.95 -35.43
CA THR C 136 -41.82 -8.76 -36.44
C THR C 136 -42.31 -7.32 -36.38
N ALA C 137 -42.22 -6.63 -37.51
CA ALA C 137 -42.63 -5.23 -37.62
C ALA C 137 -43.89 -5.14 -38.46
N GLU C 138 -44.88 -4.38 -37.97
CA GLU C 138 -46.14 -4.20 -38.66
C GLU C 138 -46.37 -2.72 -38.91
N PHE C 139 -46.64 -2.36 -40.16
CA PHE C 139 -46.87 -0.98 -40.57
C PHE C 139 -48.33 -0.83 -40.98
N ILE C 140 -49.03 0.09 -40.33
CA ILE C 140 -50.46 0.29 -40.51
C ILE C 140 -50.71 1.72 -40.93
N ASN C 141 -51.49 1.91 -41.99
CA ASN C 141 -51.92 3.22 -42.45
C ASN C 141 -53.37 3.43 -42.02
N ASN C 142 -53.62 4.52 -41.29
CA ASN C 142 -54.92 4.74 -40.69
C ASN C 142 -55.98 5.26 -41.66
N ASN C 143 -55.58 5.77 -42.82
CA ASN C 143 -56.53 6.30 -43.80
C ASN C 143 -56.70 5.39 -45.00
N THR C 144 -56.06 4.22 -45.02
CA THR C 144 -56.23 3.27 -46.11
C THR C 144 -56.58 1.88 -45.59
N GLY C 145 -56.11 1.56 -44.39
CA GLY C 145 -56.35 0.25 -43.82
C GLY C 145 -55.38 -0.83 -44.28
N GLU C 146 -54.35 -0.46 -45.02
CA GLU C 146 -53.38 -1.42 -45.50
C GLU C 146 -52.36 -1.75 -44.41
N ILE C 147 -51.98 -3.02 -44.32
CA ILE C 147 -51.01 -3.50 -43.34
C ILE C 147 -49.88 -4.20 -44.09
N LYS C 148 -48.65 -3.82 -43.79
CA LYS C 148 -47.46 -4.43 -44.37
C LYS C 148 -46.58 -4.93 -43.23
N SER C 149 -46.44 -6.25 -43.13
CA SER C 149 -45.69 -6.88 -42.05
C SER C 149 -44.44 -7.55 -42.59
N GLN C 150 -43.34 -7.45 -41.84
CA GLN C 150 -42.08 -8.05 -42.23
C GLN C 150 -41.33 -8.51 -40.99
N THR C 151 -40.39 -9.43 -41.21
CA THR C 151 -39.48 -9.90 -40.17
C THR C 151 -38.16 -9.16 -40.36
N VAL C 152 -37.85 -8.24 -39.45
CA VAL C 152 -36.68 -7.37 -39.56
C VAL C 152 -35.57 -7.91 -38.67
N PHE C 153 -34.36 -7.96 -39.21
CA PHE C 153 -33.19 -8.44 -38.48
C PHE C 153 -32.63 -7.32 -37.61
N MET C 154 -32.55 -7.57 -36.31
CA MET C 154 -32.16 -6.54 -35.34
C MET C 154 -30.71 -6.63 -34.91
N GLY C 155 -29.92 -7.53 -35.47
CA GLY C 155 -28.51 -7.62 -35.16
C GLY C 155 -28.20 -8.83 -34.29
N ASP C 156 -26.93 -9.23 -34.32
CA ASP C 156 -26.47 -10.35 -33.50
C ASP C 156 -26.50 -9.97 -32.02
N PHE C 157 -26.95 -10.91 -31.20
CA PHE C 157 -27.15 -10.68 -29.78
C PHE C 157 -26.19 -11.56 -28.98
N PRO C 158 -25.24 -11.00 -28.23
CA PRO C 158 -24.34 -11.85 -27.43
C PRO C 158 -25.13 -12.73 -26.47
N MET C 159 -24.72 -13.98 -26.36
CA MET C 159 -25.43 -14.98 -25.58
C MET C 159 -24.54 -15.51 -24.47
N MET C 160 -25.12 -15.69 -23.29
CA MET C 160 -24.40 -16.20 -22.13
C MET C 160 -24.19 -17.70 -22.26
N THR C 161 -23.00 -18.16 -21.89
CA THR C 161 -22.68 -19.57 -21.91
C THR C 161 -23.28 -20.26 -20.69
N GLU C 162 -23.13 -21.59 -20.61
CA GLU C 162 -23.71 -22.33 -19.51
C GLU C 162 -23.05 -22.02 -18.17
N LYS C 163 -21.89 -21.37 -18.17
CA LYS C 163 -21.15 -21.07 -16.95
C LYS C 163 -21.28 -19.61 -16.53
N GLY C 164 -22.19 -18.86 -17.14
CA GLY C 164 -22.43 -17.50 -16.70
C GLY C 164 -21.45 -16.47 -17.22
N THR C 165 -20.80 -16.71 -18.35
CA THR C 165 -19.83 -15.79 -18.90
C THR C 165 -20.18 -15.49 -20.36
N PHE C 166 -19.70 -14.35 -20.83
CA PHE C 166 -19.82 -13.92 -22.21
C PHE C 166 -18.45 -13.97 -22.87
N ILE C 167 -18.43 -14.30 -24.16
CA ILE C 167 -17.21 -14.29 -24.96
C ILE C 167 -17.34 -13.11 -25.93
N ILE C 168 -16.64 -12.02 -25.63
CA ILE C 168 -16.68 -10.79 -26.42
C ILE C 168 -15.32 -10.63 -27.06
N ASN C 169 -15.25 -10.80 -28.37
CA ASN C 169 -14.00 -10.71 -29.12
C ASN C 169 -12.97 -11.73 -28.60
N GLY C 170 -13.45 -12.90 -28.22
CA GLY C 170 -12.59 -13.98 -27.80
C GLY C 170 -12.17 -13.97 -26.35
N THR C 171 -12.55 -12.95 -25.59
CA THR C 171 -12.18 -12.82 -24.19
C THR C 171 -13.40 -13.06 -23.31
N GLU C 172 -13.27 -13.95 -22.33
CA GLU C 172 -14.35 -14.20 -21.40
C GLU C 172 -14.55 -13.02 -20.46
N ARG C 173 -15.81 -12.65 -20.25
CA ARG C 173 -16.15 -11.50 -19.42
C ARG C 173 -17.31 -11.87 -18.51
N VAL C 174 -17.40 -11.16 -17.39
CA VAL C 174 -18.46 -11.34 -16.41
C VAL C 174 -19.13 -9.99 -16.19
N VAL C 175 -20.45 -9.97 -16.32
CA VAL C 175 -21.24 -8.77 -16.02
C VAL C 175 -21.61 -8.82 -14.54
N VAL C 176 -21.24 -7.78 -13.81
CA VAL C 176 -21.39 -7.75 -12.36
C VAL C 176 -22.70 -7.05 -12.00
N SER C 177 -23.38 -7.57 -10.99
CA SER C 177 -24.60 -6.96 -10.50
C SER C 177 -24.29 -5.66 -9.76
N GLN C 178 -25.21 -4.70 -9.84
CA GLN C 178 -25.00 -3.37 -9.30
C GLN C 178 -26.01 -3.09 -8.19
N LEU C 179 -25.51 -2.59 -7.06
CA LEU C 179 -26.37 -2.16 -5.96
C LEU C 179 -26.72 -0.69 -6.17
N VAL C 180 -28.01 -0.40 -6.30
CA VAL C 180 -28.48 0.94 -6.58
C VAL C 180 -29.60 1.29 -5.62
N ARG C 181 -29.82 2.59 -5.46
CA ARG C 181 -30.93 3.08 -4.66
C ARG C 181 -32.23 2.92 -5.43
N SER C 182 -33.22 2.30 -4.79
CA SER C 182 -34.48 2.02 -5.47
C SER C 182 -35.26 3.32 -5.70
N PRO C 183 -36.02 3.41 -6.79
CA PRO C 183 -36.94 4.54 -6.93
C PRO C 183 -38.05 4.49 -5.91
N GLY C 184 -38.50 5.67 -5.50
CA GLY C 184 -39.53 5.76 -4.48
C GLY C 184 -39.53 7.14 -3.84
N VAL C 185 -40.13 7.22 -2.67
CA VAL C 185 -40.24 8.45 -1.90
C VAL C 185 -39.57 8.22 -0.55
N TYR C 186 -38.65 9.12 -0.19
CA TYR C 186 -37.83 8.96 1.00
C TYR C 186 -37.96 10.19 1.88
N PHE C 187 -38.19 9.97 3.17
CA PHE C 187 -38.30 11.03 4.16
C PHE C 187 -37.13 10.95 5.13
N ASP C 188 -36.53 12.10 5.44
CA ASP C 188 -35.40 12.17 6.35
C ASP C 188 -35.57 13.36 7.28
N GLU C 189 -34.79 13.35 8.37
CA GLU C 189 -34.83 14.40 9.38
C GLU C 189 -33.42 14.86 9.67
N THR C 190 -33.28 16.16 9.94
CA THR C 190 -32.00 16.75 10.27
C THR C 190 -32.16 17.73 11.42
N ILE C 191 -31.10 17.89 12.21
CA ILE C 191 -31.05 18.86 13.30
C ILE C 191 -30.10 19.97 12.86
N ASP C 192 -30.64 21.16 12.66
CA ASP C 192 -29.85 22.26 12.14
C ASP C 192 -28.84 22.75 13.18
N LYS C 193 -27.78 23.39 12.69
CA LYS C 193 -26.66 23.80 13.53
C LYS C 193 -26.89 25.19 14.15
N SER C 194 -27.12 26.19 13.29
CA SER C 194 -27.22 27.56 13.78
C SER C 194 -28.37 27.71 14.78
N THR C 195 -29.51 27.09 14.50
CA THR C 195 -30.68 27.15 15.36
C THR C 195 -31.03 25.73 15.81
N ASP C 196 -31.86 25.65 16.85
CA ASP C 196 -32.36 24.38 17.36
C ASP C 196 -33.70 24.09 16.72
N LYS C 197 -33.69 23.26 15.67
CA LYS C 197 -34.91 22.87 14.98
C LYS C 197 -34.70 21.51 14.34
N THR C 198 -35.80 20.78 14.13
CA THR C 198 -35.79 19.52 13.40
C THR C 198 -36.43 19.78 12.04
N LEU C 199 -35.59 19.92 11.01
CA LEU C 199 -36.06 20.20 9.66
C LEU C 199 -36.22 18.89 8.90
N HIS C 200 -37.40 18.70 8.30
CA HIS C 200 -37.72 17.49 7.57
C HIS C 200 -37.72 17.75 6.07
N SER C 201 -37.60 16.67 5.30
CA SER C 201 -37.48 16.75 3.86
C SER C 201 -38.01 15.47 3.24
N VAL C 202 -38.26 15.52 1.93
CA VAL C 202 -38.71 14.35 1.19
C VAL C 202 -38.22 14.50 -0.25
N LYS C 203 -37.89 13.36 -0.86
CA LYS C 203 -37.41 13.33 -2.24
C LYS C 203 -38.11 12.20 -2.98
N VAL C 204 -38.74 12.51 -4.10
CA VAL C 204 -39.36 11.53 -4.96
C VAL C 204 -38.37 11.22 -6.08
N ILE C 205 -37.71 10.08 -5.98
CA ILE C 205 -36.64 9.70 -6.90
C ILE C 205 -37.26 8.79 -7.98
N PRO C 206 -37.31 9.21 -9.24
CA PRO C 206 -37.90 8.36 -10.27
C PRO C 206 -36.89 7.50 -11.00
N SER C 207 -37.37 6.62 -11.88
CA SER C 207 -36.51 5.89 -12.80
C SER C 207 -36.49 6.67 -14.12
N ARG C 208 -35.33 7.21 -14.47
CA ARG C 208 -35.17 8.08 -15.63
C ARG C 208 -36.28 9.13 -15.70
N GLY C 209 -36.28 10.00 -14.69
CA GLY C 209 -37.24 11.09 -14.64
C GLY C 209 -36.62 12.37 -14.09
N ALA C 210 -37.45 13.30 -13.65
CA ALA C 210 -37.00 14.56 -13.07
C ALA C 210 -37.35 14.60 -11.59
N TRP C 211 -36.39 15.02 -10.77
CA TRP C 211 -36.57 14.96 -9.33
C TRP C 211 -37.58 15.99 -8.85
N LEU C 212 -38.10 15.75 -7.65
CA LEU C 212 -39.10 16.61 -7.03
C LEU C 212 -38.91 16.53 -5.53
N GLU C 213 -38.77 17.68 -4.86
CA GLU C 213 -38.42 17.74 -3.46
C GLU C 213 -39.38 18.65 -2.71
N PHE C 214 -39.62 18.32 -1.44
CA PHE C 214 -40.33 19.18 -0.51
C PHE C 214 -39.55 19.20 0.80
N ASP C 215 -39.74 20.28 1.56
CA ASP C 215 -39.04 20.40 2.84
C ASP C 215 -39.64 21.56 3.62
N VAL C 216 -39.33 21.59 4.92
CA VAL C 216 -39.71 22.68 5.80
C VAL C 216 -38.42 23.31 6.32
N ASP C 217 -38.25 24.60 6.09
CA ASP C 217 -37.04 25.30 6.44
C ASP C 217 -37.12 25.81 7.88
N LYS C 218 -36.16 26.63 8.28
CA LYS C 218 -36.12 27.17 9.64
C LYS C 218 -37.22 28.19 9.90
N ARG C 219 -37.92 28.65 8.87
CA ARG C 219 -38.99 29.63 9.02
C ARG C 219 -40.36 28.97 8.98
N ASP C 220 -40.41 27.68 9.33
CA ASP C 220 -41.66 26.91 9.40
C ASP C 220 -42.55 27.17 8.19
N THR C 221 -41.93 27.11 7.00
CA THR C 221 -42.64 27.25 5.74
C THR C 221 -42.32 26.06 4.86
N VAL C 222 -43.35 25.38 4.37
CA VAL C 222 -43.18 24.26 3.45
C VAL C 222 -42.97 24.81 2.04
N GLY C 223 -42.10 24.16 1.29
CA GLY C 223 -41.78 24.61 -0.05
C GLY C 223 -41.47 23.44 -0.98
N VAL C 224 -41.16 23.79 -2.22
CA VAL C 224 -40.85 22.81 -3.26
C VAL C 224 -39.55 23.23 -3.93
N ARG C 225 -38.87 22.26 -4.54
CA ARG C 225 -37.63 22.55 -5.26
C ARG C 225 -37.55 21.56 -6.44
N ILE C 226 -38.00 22.02 -7.61
CA ILE C 226 -38.00 21.19 -8.80
C ILE C 226 -36.60 21.21 -9.40
N ASP C 227 -36.03 20.03 -9.60
CA ASP C 227 -34.67 19.87 -10.14
C ASP C 227 -33.71 20.60 -9.20
N ARG C 228 -33.01 21.64 -9.66
CA ARG C 228 -32.07 22.40 -8.85
C ARG C 228 -32.36 23.89 -8.96
N LYS C 229 -33.64 24.26 -8.83
CA LYS C 229 -34.08 25.64 -8.95
C LYS C 229 -34.44 26.18 -7.57
N ARG C 230 -34.88 27.44 -7.55
CA ARG C 230 -35.18 28.13 -6.31
C ARG C 230 -36.41 27.52 -5.65
N ARG C 231 -36.47 27.64 -4.32
CA ARG C 231 -37.57 27.11 -3.55
C ARG C 231 -38.86 27.86 -3.86
N GLN C 232 -39.98 27.14 -3.87
CA GLN C 232 -41.31 27.73 -4.01
C GLN C 232 -42.26 27.14 -2.99
N PRO C 233 -43.25 27.90 -2.52
CA PRO C 233 -44.24 27.33 -1.60
C PRO C 233 -45.03 26.21 -2.27
N VAL C 234 -45.41 25.22 -1.46
CA VAL C 234 -46.23 24.12 -1.97
C VAL C 234 -47.58 24.63 -2.44
N THR C 235 -48.07 25.72 -1.84
CA THR C 235 -49.34 26.28 -2.27
C THR C 235 -49.32 26.67 -3.74
N VAL C 236 -48.17 27.14 -4.24
CA VAL C 236 -48.07 27.51 -5.65
C VAL C 236 -48.39 26.32 -6.53
N LEU C 237 -47.74 25.18 -6.27
CA LEU C 237 -47.99 23.98 -7.07
C LEU C 237 -49.42 23.48 -6.87
N LEU C 238 -49.91 23.50 -5.63
CA LEU C 238 -51.25 23.01 -5.36
C LEU C 238 -52.29 23.78 -6.16
N LYS C 239 -52.16 25.11 -6.20
CA LYS C 239 -53.08 25.91 -7.00
C LYS C 239 -52.84 25.72 -8.49
N ALA C 240 -51.57 25.53 -8.89
CA ALA C 240 -51.27 25.24 -10.28
C ALA C 240 -51.94 23.94 -10.74
N LEU C 241 -52.22 23.03 -9.83
CA LEU C 241 -52.97 21.83 -10.14
C LEU C 241 -54.48 22.07 -10.21
N GLY C 242 -54.94 23.28 -9.90
CA GLY C 242 -56.34 23.63 -9.98
C GLY C 242 -57.05 23.77 -8.66
N TRP C 243 -56.38 23.51 -7.54
CA TRP C 243 -57.01 23.67 -6.24
C TRP C 243 -57.21 25.15 -5.91
N THR C 244 -58.22 25.41 -5.10
CA THR C 244 -58.53 26.75 -4.60
C THR C 244 -58.33 26.78 -3.09
N SER C 245 -58.61 27.94 -2.49
CA SER C 245 -58.43 28.09 -1.05
C SER C 245 -59.32 27.13 -0.28
N GLU C 246 -60.58 26.97 -0.72
CA GLU C 246 -61.48 26.07 -0.03
C GLU C 246 -60.96 24.64 -0.07
N GLN C 247 -60.53 24.19 -1.25
CA GLN C 247 -60.06 22.82 -1.39
C GLN C 247 -58.81 22.57 -0.57
N ILE C 248 -57.83 23.49 -0.65
CA ILE C 248 -56.58 23.30 0.09
C ILE C 248 -56.85 23.31 1.59
N VAL C 249 -57.68 24.23 2.06
CA VAL C 249 -58.00 24.26 3.47
C VAL C 249 -58.78 23.03 3.91
N GLU C 250 -59.58 22.43 3.03
CA GLU C 250 -60.30 21.21 3.33
C GLU C 250 -59.40 20.03 2.99
N ARG C 251 -58.76 19.47 4.03
CA ARG C 251 -57.77 18.40 3.97
C ARG C 251 -56.50 18.86 4.68
N PHE C 252 -55.80 19.83 4.07
CA PHE C 252 -54.67 20.48 4.74
C PHE C 252 -55.22 21.52 5.69
N GLY C 253 -54.35 22.39 6.21
CA GLY C 253 -54.74 23.42 7.14
C GLY C 253 -54.71 22.98 8.58
N PHE C 254 -54.95 21.69 8.85
CA PHE C 254 -54.80 21.20 10.21
C PHE C 254 -53.38 21.41 10.72
N SER C 255 -52.42 21.46 9.80
CA SER C 255 -51.05 21.77 10.15
C SER C 255 -50.85 23.29 10.16
N GLU C 256 -50.34 23.81 11.27
CA GLU C 256 -50.15 25.25 11.38
C GLU C 256 -49.22 25.78 10.31
N ILE C 257 -48.27 24.96 9.84
CA ILE C 257 -47.31 25.43 8.86
C ILE C 257 -48.01 25.75 7.54
N MET C 258 -48.97 24.91 7.13
CA MET C 258 -49.70 25.17 5.89
C MET C 258 -50.53 26.45 5.99
N ARG C 259 -51.25 26.61 7.10
CA ARG C 259 -52.07 27.81 7.28
C ARG C 259 -51.22 29.07 7.40
N SER C 260 -49.96 28.93 7.86
CA SER C 260 -49.05 30.07 7.88
C SER C 260 -48.43 30.35 6.52
N THR C 261 -48.21 29.31 5.72
CA THR C 261 -47.64 29.49 4.39
C THR C 261 -48.65 30.07 3.42
N LEU C 262 -49.94 29.78 3.62
CA LEU C 262 -50.97 30.40 2.79
C LEU C 262 -51.09 31.90 3.01
N GLU C 263 -50.48 32.44 4.07
CA GLU C 263 -50.56 33.86 4.38
C GLU C 263 -49.42 34.68 3.78
N LYS C 264 -48.19 34.16 3.84
CA LYS C 264 -47.01 34.89 3.37
C LYS C 264 -46.65 34.54 1.94
N ASP C 265 -47.50 33.79 1.24
CA ASP C 265 -47.20 33.45 -0.15
C ASP C 265 -47.16 34.70 -1.03
N ASN C 266 -47.92 35.73 -0.66
CA ASN C 266 -47.99 36.97 -1.43
C ASN C 266 -48.45 36.74 -2.86
N THR C 267 -49.26 35.71 -3.09
CA THR C 267 -49.74 35.39 -4.42
C THR C 267 -51.03 34.59 -4.30
N VAL C 268 -51.84 34.66 -5.36
CA VAL C 268 -53.10 33.92 -5.41
C VAL C 268 -53.59 33.90 -6.85
N GLY C 269 -54.21 32.79 -7.25
CA GLY C 269 -54.69 32.63 -8.62
C GLY C 269 -54.02 31.47 -9.33
N THR C 270 -54.84 30.55 -9.85
CA THR C 270 -54.29 29.37 -10.51
C THR C 270 -53.42 29.76 -11.70
N ASP C 271 -53.91 30.69 -12.53
CA ASP C 271 -53.11 31.16 -13.66
C ASP C 271 -51.84 31.85 -13.19
N GLU C 272 -51.94 32.63 -12.12
CA GLU C 272 -50.76 33.29 -11.57
C GLU C 272 -49.74 32.26 -11.09
N ALA C 273 -50.20 31.22 -10.41
CA ALA C 273 -49.29 30.17 -9.95
C ALA C 273 -48.64 29.47 -11.13
N LEU C 274 -49.41 29.16 -12.17
CA LEU C 274 -48.84 28.51 -13.35
C LEU C 274 -47.79 29.40 -14.01
N LEU C 275 -48.08 30.69 -14.12
CA LEU C 275 -47.12 31.62 -14.70
C LEU C 275 -45.85 31.70 -13.85
N ASP C 276 -45.99 31.73 -12.54
CA ASP C 276 -44.83 31.76 -11.66
C ASP C 276 -43.99 30.49 -11.83
N ILE C 277 -44.64 29.33 -11.92
CA ILE C 277 -43.90 28.09 -12.12
C ILE C 277 -43.17 28.11 -13.45
N TYR C 278 -43.84 28.62 -14.50
CA TYR C 278 -43.19 28.71 -15.81
C TYR C 278 -41.98 29.64 -15.76
N ARG C 279 -42.11 30.76 -15.05
CA ARG C 279 -40.98 31.68 -14.90
C ARG C 279 -39.82 31.01 -14.19
N LYS C 280 -40.12 30.26 -13.11
CA LYS C 280 -39.05 29.59 -12.38
C LYS C 280 -38.39 28.50 -13.21
N LEU C 281 -39.16 27.80 -14.03
CA LEU C 281 -38.64 26.68 -14.82
C LEU C 281 -37.90 27.16 -16.07
N ARG C 282 -38.52 28.05 -16.84
CA ARG C 282 -38.01 28.47 -18.15
C ARG C 282 -37.94 29.99 -18.20
N PRO C 283 -36.94 30.58 -17.57
CA PRO C 283 -36.82 32.04 -17.59
C PRO C 283 -36.57 32.57 -19.00
N GLY C 284 -37.02 33.80 -19.23
CA GLY C 284 -36.79 34.45 -20.51
C GLY C 284 -37.70 33.97 -21.62
N GLU C 285 -38.92 33.57 -21.30
CA GLU C 285 -39.89 33.11 -22.28
C GLU C 285 -41.26 33.64 -21.89
N PRO C 286 -42.18 33.75 -22.85
CA PRO C 286 -43.51 34.30 -22.55
C PRO C 286 -44.23 33.46 -21.51
N PRO C 287 -44.60 34.04 -20.36
CA PRO C 287 -45.33 33.27 -19.33
C PRO C 287 -46.82 33.16 -19.62
N THR C 288 -47.17 32.15 -20.43
CA THR C 288 -48.54 31.88 -20.79
C THR C 288 -49.07 30.69 -20.01
N LYS C 289 -50.36 30.75 -19.66
CA LYS C 289 -50.95 29.72 -18.81
C LYS C 289 -50.91 28.35 -19.49
N GLU C 290 -51.30 28.30 -20.77
CA GLU C 290 -51.32 27.02 -21.47
C GLU C 290 -49.93 26.43 -21.58
N SER C 291 -48.92 27.26 -21.87
CA SER C 291 -47.56 26.76 -21.96
C SER C 291 -47.09 26.23 -20.61
N ALA C 292 -47.42 26.93 -19.53
CA ALA C 292 -47.05 26.46 -18.19
C ALA C 292 -47.69 25.12 -17.89
N GLN C 293 -48.98 24.99 -18.17
CA GLN C 293 -49.67 23.72 -17.92
C GLN C 293 -49.05 22.59 -18.74
N THR C 294 -48.78 22.85 -20.01
CA THR C 294 -48.21 21.82 -20.87
C THR C 294 -46.83 21.40 -20.36
N LEU C 295 -46.00 22.37 -19.98
CA LEU C 295 -44.66 22.05 -19.51
C LEU C 295 -44.72 21.24 -18.22
N LEU C 296 -45.60 21.62 -17.29
CA LEU C 296 -45.70 20.89 -16.03
C LEU C 296 -46.19 19.46 -16.26
N GLU C 297 -47.28 19.32 -17.03
CA GLU C 297 -47.84 18.00 -17.28
C GLU C 297 -46.89 17.12 -18.09
N ASN C 298 -46.04 17.71 -18.94
CA ASN C 298 -45.02 16.97 -19.66
C ASN C 298 -43.83 16.62 -18.77
N LEU C 299 -43.56 17.43 -17.75
CA LEU C 299 -42.48 17.11 -16.83
C LEU C 299 -42.85 15.94 -15.93
N PHE C 300 -44.09 15.93 -15.40
CA PHE C 300 -44.46 14.93 -14.41
C PHE C 300 -45.58 13.98 -14.84
N PHE C 301 -46.14 14.14 -16.04
CA PHE C 301 -47.22 13.26 -16.46
C PHE C 301 -47.10 12.88 -17.94
N LYS C 302 -45.88 12.84 -18.47
CA LYS C 302 -45.70 12.59 -19.90
C LYS C 302 -45.85 11.11 -20.26
N GLU C 303 -45.46 10.20 -19.37
CA GLU C 303 -45.42 8.75 -19.57
C GLU C 303 -44.25 8.36 -20.47
N LYS C 304 -43.51 9.32 -21.02
CA LYS C 304 -42.32 9.01 -21.83
C LYS C 304 -41.11 9.75 -21.28
N ARG C 305 -41.34 10.94 -20.72
CA ARG C 305 -40.27 11.71 -20.10
C ARG C 305 -40.14 11.45 -18.61
N TYR C 306 -41.19 10.95 -17.96
CA TYR C 306 -41.17 10.61 -16.56
C TYR C 306 -41.66 9.18 -16.37
N ASP C 307 -40.96 8.42 -15.52
CA ASP C 307 -41.31 7.03 -15.29
C ASP C 307 -40.84 6.61 -13.90
N LEU C 308 -41.67 5.80 -13.24
CA LEU C 308 -41.32 5.23 -11.94
C LEU C 308 -40.94 3.76 -12.02
N ALA C 309 -41.26 3.08 -13.12
CA ALA C 309 -41.04 1.64 -13.26
C ALA C 309 -42.02 0.89 -12.37
N ARG C 310 -41.98 -0.44 -12.40
CA ARG C 310 -42.89 -1.21 -11.56
C ARG C 310 -42.42 -1.22 -10.11
N VAL C 311 -41.11 -1.32 -9.89
CA VAL C 311 -40.59 -1.29 -8.52
C VAL C 311 -40.90 0.04 -7.86
N GLY C 312 -40.71 1.15 -8.59
CA GLY C 312 -40.98 2.45 -8.01
C GLY C 312 -42.45 2.64 -7.68
N ARG C 313 -43.34 2.25 -8.58
CA ARG C 313 -44.77 2.36 -8.32
C ARG C 313 -45.17 1.52 -7.12
N TYR C 314 -44.68 0.27 -7.07
CA TYR C 314 -45.01 -0.61 -5.95
C TYR C 314 -44.51 -0.03 -4.64
N LYS C 315 -43.29 0.50 -4.63
CA LYS C 315 -42.73 1.03 -3.40
C LYS C 315 -43.45 2.29 -2.94
N VAL C 316 -43.83 3.16 -3.87
CA VAL C 316 -44.59 4.35 -3.51
C VAL C 316 -45.96 3.97 -2.94
N ASN C 317 -46.64 3.03 -3.60
CA ASN C 317 -47.94 2.58 -3.09
C ASN C 317 -47.79 1.99 -1.68
N LYS C 318 -46.77 1.17 -1.46
CA LYS C 318 -46.58 0.57 -0.14
C LYS C 318 -46.29 1.65 0.90
N LYS C 319 -45.44 2.62 0.56
CA LYS C 319 -45.06 3.64 1.54
C LYS C 319 -46.25 4.53 1.91
N LEU C 320 -46.95 5.06 0.90
CA LEU C 320 -48.06 5.96 1.16
C LEU C 320 -49.39 5.23 1.35
N GLY C 321 -49.44 3.93 1.07
CA GLY C 321 -50.66 3.17 1.23
C GLY C 321 -51.79 3.66 0.35
N LEU C 322 -51.49 3.92 -0.93
CA LEU C 322 -52.50 4.45 -1.85
C LEU C 322 -53.36 3.35 -2.44
N HIS C 323 -52.74 2.39 -3.13
CA HIS C 323 -53.45 1.27 -3.74
C HIS C 323 -52.92 -0.02 -3.12
N VAL C 324 -53.83 -0.82 -2.57
CA VAL C 324 -53.46 -2.12 -2.01
C VAL C 324 -54.00 -3.29 -2.82
N GLY C 325 -55.06 -3.08 -3.60
CA GLY C 325 -55.63 -4.14 -4.42
C GLY C 325 -55.31 -3.98 -5.88
N GLU C 326 -55.20 -2.73 -6.34
CA GLU C 326 -54.97 -2.48 -7.75
C GLU C 326 -53.59 -3.00 -8.14
N PRO C 327 -53.42 -3.53 -9.36
CA PRO C 327 -52.09 -3.98 -9.79
C PRO C 327 -51.22 -2.81 -10.22
N ILE C 328 -49.95 -3.12 -10.48
CA ILE C 328 -48.97 -2.12 -10.89
C ILE C 328 -49.05 -2.04 -12.41
N THR C 329 -49.98 -1.22 -12.91
CA THR C 329 -50.16 -1.00 -14.33
C THR C 329 -49.71 0.38 -14.79
N SER C 330 -49.45 1.30 -13.86
CA SER C 330 -49.02 2.65 -14.19
C SER C 330 -47.61 2.87 -13.68
N SER C 331 -46.94 3.87 -14.27
CA SER C 331 -45.57 4.17 -13.90
C SER C 331 -45.31 5.68 -13.81
N THR C 332 -46.35 6.50 -13.82
CA THR C 332 -46.21 7.95 -13.73
C THR C 332 -46.80 8.44 -12.41
N LEU C 333 -46.51 9.69 -12.08
CA LEU C 333 -47.02 10.30 -10.86
C LEU C 333 -48.49 10.65 -11.02
N THR C 334 -49.09 11.15 -9.94
CA THR C 334 -50.49 11.54 -9.95
C THR C 334 -50.69 12.59 -8.85
N GLU C 335 -51.81 13.31 -8.95
CA GLU C 335 -52.10 14.35 -7.96
C GLU C 335 -52.31 13.74 -6.58
N GLU C 336 -52.97 12.58 -6.51
CA GLU C 336 -53.19 11.93 -5.23
C GLU C 336 -51.86 11.60 -4.56
N ASP C 337 -50.89 11.13 -5.33
CA ASP C 337 -49.58 10.81 -4.77
C ASP C 337 -48.90 12.05 -4.20
N VAL C 338 -48.98 13.18 -4.91
CA VAL C 338 -48.33 14.40 -4.44
C VAL C 338 -48.99 14.91 -3.16
N VAL C 339 -50.33 14.94 -3.13
CA VAL C 339 -51.01 15.42 -1.94
C VAL C 339 -50.74 14.49 -0.77
N ALA C 340 -50.69 13.18 -1.02
CA ALA C 340 -50.36 12.23 0.04
C ALA C 340 -48.94 12.47 0.55
N THR C 341 -48.00 12.75 -0.35
CA THR C 341 -46.64 13.03 0.07
C THR C 341 -46.57 14.26 0.97
N ILE C 342 -47.28 15.33 0.59
CA ILE C 342 -47.24 16.55 1.39
C ILE C 342 -47.90 16.32 2.74
N GLU C 343 -49.03 15.62 2.76
CA GLU C 343 -49.68 15.31 4.04
C GLU C 343 -48.77 14.47 4.93
N TYR C 344 -48.09 13.48 4.33
CA TYR C 344 -47.14 12.66 5.07
C TYR C 344 -46.03 13.52 5.67
N LEU C 345 -45.50 14.45 4.87
CA LEU C 345 -44.42 15.30 5.34
C LEU C 345 -44.87 16.14 6.53
N VAL C 346 -46.04 16.78 6.41
CA VAL C 346 -46.49 17.65 7.49
C VAL C 346 -46.80 16.84 8.75
N ARG C 347 -47.45 15.69 8.60
CA ARG C 347 -47.74 14.87 9.77
C ARG C 347 -46.46 14.38 10.44
N LEU C 348 -45.46 13.98 9.64
CA LEU C 348 -44.19 13.58 10.22
C LEU C 348 -43.54 14.73 10.97
N HIS C 349 -43.56 15.93 10.38
CA HIS C 349 -42.98 17.09 11.04
C HIS C 349 -43.73 17.49 12.30
N GLU C 350 -45.01 17.13 12.42
CA GLU C 350 -45.81 17.46 13.60
C GLU C 350 -45.89 16.31 14.58
N GLY C 351 -44.85 15.46 14.61
CA GLY C 351 -44.72 14.46 15.66
C GLY C 351 -45.89 13.49 15.77
N GLN C 352 -46.35 12.95 14.64
CA GLN C 352 -47.39 11.94 14.61
C GLN C 352 -46.79 10.61 14.19
N THR C 353 -47.58 9.54 14.36
CA THR C 353 -47.08 8.19 14.06
C THR C 353 -48.12 7.34 13.33
N THR C 354 -49.06 7.94 12.61
CA THR C 354 -50.04 7.19 11.85
C THR C 354 -50.87 8.15 11.00
N MET C 355 -51.36 7.64 9.88
CA MET C 355 -52.23 8.42 9.01
C MET C 355 -53.04 7.48 8.15
N THR C 356 -54.09 8.01 7.53
CA THR C 356 -54.94 7.26 6.62
C THR C 356 -55.39 8.21 5.51
N VAL C 357 -54.68 8.17 4.38
CA VAL C 357 -55.10 8.97 3.22
C VAL C 357 -56.44 8.44 2.72
N PRO C 358 -57.36 9.27 2.27
CA PRO C 358 -58.66 8.77 1.81
C PRO C 358 -58.49 7.71 0.73
N GLY C 359 -59.27 6.63 0.84
CA GLY C 359 -59.14 5.53 -0.08
C GLY C 359 -57.82 4.79 0.04
N GLY C 360 -57.35 4.56 1.26
CA GLY C 360 -56.09 3.87 1.46
C GLY C 360 -56.02 3.28 2.85
N VAL C 361 -55.05 2.39 3.04
CA VAL C 361 -54.86 1.73 4.32
C VAL C 361 -53.96 2.57 5.22
N GLU C 362 -54.06 2.33 6.52
CA GLU C 362 -53.24 3.06 7.48
C GLU C 362 -51.78 2.66 7.34
N VAL C 363 -50.89 3.62 7.53
CA VAL C 363 -49.46 3.40 7.42
C VAL C 363 -48.73 4.27 8.44
N PRO C 364 -47.70 3.76 9.12
CA PRO C 364 -46.95 4.61 10.05
C PRO C 364 -46.13 5.66 9.33
N VAL C 365 -45.95 6.80 9.99
CA VAL C 365 -45.15 7.89 9.47
C VAL C 365 -43.80 7.87 10.16
N GLU C 366 -42.72 7.91 9.36
CA GLU C 366 -41.37 7.79 9.90
C GLU C 366 -40.39 8.06 8.76
N THR C 367 -39.12 8.22 9.13
CA THR C 367 -38.07 8.47 8.16
C THR C 367 -37.56 7.15 7.57
N ASP C 368 -36.87 7.26 6.44
CA ASP C 368 -36.36 6.11 5.70
C ASP C 368 -34.85 6.05 5.81
N ASP C 369 -34.33 4.87 6.14
CA ASP C 369 -32.90 4.64 6.14
C ASP C 369 -32.46 4.28 4.73
N ILE C 370 -31.67 5.17 4.10
CA ILE C 370 -31.38 5.03 2.69
C ILE C 370 -30.51 3.80 2.41
N ASP C 371 -29.72 3.35 3.39
CA ASP C 371 -28.83 2.22 3.21
C ASP C 371 -29.47 0.88 3.59
N HIS C 372 -30.70 0.89 4.09
CA HIS C 372 -31.40 -0.35 4.39
C HIS C 372 -31.53 -1.18 3.11
N PHE C 373 -31.35 -2.50 3.26
CA PHE C 373 -31.46 -3.38 2.10
C PHE C 373 -32.88 -3.53 1.60
N GLY C 374 -33.88 -3.02 2.33
CA GLY C 374 -35.22 -2.92 1.79
C GLY C 374 -35.43 -1.70 0.91
N ASN C 375 -34.47 -0.77 0.92
CA ASN C 375 -34.57 0.45 0.13
C ASN C 375 -33.67 0.44 -1.10
N ARG C 376 -32.59 -0.34 -1.09
CA ARG C 376 -31.66 -0.41 -2.22
C ARG C 376 -31.73 -1.79 -2.84
N ARG C 377 -31.79 -1.83 -4.16
CA ARG C 377 -32.05 -3.04 -4.92
C ARG C 377 -30.82 -3.43 -5.74
N LEU C 378 -30.98 -4.45 -6.57
CA LEU C 378 -29.89 -5.04 -7.35
C LEU C 378 -30.25 -5.02 -8.82
N ARG C 379 -29.41 -4.40 -9.64
CA ARG C 379 -29.55 -4.45 -11.10
C ARG C 379 -28.69 -5.60 -11.61
N THR C 380 -29.33 -6.66 -12.08
CA THR C 380 -28.61 -7.83 -12.56
C THR C 380 -28.20 -7.64 -14.01
N VAL C 381 -27.53 -8.66 -14.57
CA VAL C 381 -27.02 -8.57 -15.94
C VAL C 381 -28.16 -8.33 -16.92
N GLY C 382 -29.26 -9.06 -16.76
CA GLY C 382 -30.38 -8.90 -17.67
C GLY C 382 -30.92 -7.49 -17.68
N GLU C 383 -31.03 -6.86 -16.50
CA GLU C 383 -31.59 -5.51 -16.44
C GLU C 383 -30.65 -4.48 -17.07
N LEU C 384 -29.34 -4.63 -16.86
CA LEU C 384 -28.39 -3.73 -17.50
C LEU C 384 -28.46 -3.85 -19.03
N ILE C 385 -28.50 -5.08 -19.53
CA ILE C 385 -28.60 -5.28 -20.96
C ILE C 385 -29.92 -4.73 -21.48
N GLN C 386 -30.99 -4.85 -20.69
CA GLN C 386 -32.28 -4.28 -21.10
C GLN C 386 -32.21 -2.77 -21.18
N ASN C 387 -31.53 -2.13 -20.24
CA ASN C 387 -31.39 -0.67 -20.30
C ASN C 387 -30.63 -0.25 -21.56
N GLN C 388 -29.56 -0.96 -21.89
CA GLN C 388 -28.81 -0.61 -23.10
C GLN C 388 -29.64 -0.81 -24.36
N ILE C 389 -30.38 -1.93 -24.42
CA ILE C 389 -31.26 -2.15 -25.56
C ILE C 389 -32.30 -1.03 -25.63
N ARG C 390 -32.76 -0.57 -24.47
CA ARG C 390 -33.78 0.49 -24.43
C ARG C 390 -33.24 1.79 -25.02
N VAL C 391 -32.02 2.18 -24.64
CA VAL C 391 -31.47 3.42 -25.18
C VAL C 391 -31.22 3.30 -26.67
N GLY C 392 -30.69 2.15 -27.12
CA GLY C 392 -30.50 1.95 -28.55
C GLY C 392 -31.81 2.03 -29.31
N MET C 393 -32.86 1.40 -28.79
CA MET C 393 -34.16 1.43 -29.45
C MET C 393 -34.76 2.83 -29.42
N SER C 394 -34.48 3.62 -28.38
CA SER C 394 -34.95 5.00 -28.37
C SER C 394 -34.29 5.81 -29.48
N ARG C 395 -32.98 5.61 -29.69
CA ARG C 395 -32.32 6.27 -30.80
C ARG C 395 -32.91 5.82 -32.14
N MET C 396 -33.16 4.53 -32.29
CA MET C 396 -33.81 4.03 -33.50
C MET C 396 -35.18 4.64 -33.69
N GLU C 397 -35.92 4.83 -32.59
CA GLU C 397 -37.25 5.43 -32.68
C GLU C 397 -37.18 6.88 -33.13
N ARG C 398 -36.19 7.63 -32.62
CA ARG C 398 -36.02 8.99 -33.11
C ARG C 398 -35.72 8.99 -34.61
N VAL C 399 -34.83 8.09 -35.05
CA VAL C 399 -34.50 8.02 -36.47
C VAL C 399 -35.74 7.70 -37.31
N VAL C 400 -36.53 6.71 -36.87
CA VAL C 400 -37.68 6.28 -37.66
C VAL C 400 -38.75 7.36 -37.69
N ARG C 401 -38.97 8.05 -36.56
CA ARG C 401 -39.93 9.13 -36.56
C ARG C 401 -39.50 10.26 -37.49
N GLU C 402 -38.21 10.59 -37.49
CA GLU C 402 -37.73 11.61 -38.42
C GLU C 402 -37.91 11.16 -39.86
N ARG C 403 -37.63 9.88 -40.15
CA ARG C 403 -37.72 9.36 -41.51
C ARG C 403 -39.14 9.13 -41.97
N MET C 404 -40.12 9.15 -41.06
CA MET C 404 -41.50 8.86 -41.40
C MET C 404 -42.23 10.06 -41.99
N THR C 405 -41.68 11.27 -41.89
CA THR C 405 -42.33 12.47 -42.39
C THR C 405 -41.71 13.01 -43.68
N THR C 406 -40.58 12.47 -44.12
CA THR C 406 -39.91 12.91 -45.34
C THR C 406 -39.81 11.77 -46.34
N GLN C 407 -40.88 10.99 -46.47
CA GLN C 407 -40.92 9.87 -47.39
C GLN C 407 -42.32 9.76 -47.98
N ASP C 408 -42.39 9.29 -49.22
CA ASP C 408 -43.66 9.21 -49.94
C ASP C 408 -44.51 8.07 -49.40
N VAL C 409 -45.81 8.34 -49.24
CA VAL C 409 -46.76 7.34 -48.75
C VAL C 409 -46.93 6.28 -49.82
N GLU C 410 -47.59 5.17 -49.47
CA GLU C 410 -47.84 4.03 -50.36
C GLU C 410 -46.54 3.52 -51.01
N ALA C 411 -45.40 3.90 -50.44
CA ALA C 411 -44.11 3.35 -50.83
C ALA C 411 -43.24 3.03 -49.62
N ILE C 412 -43.76 3.17 -48.41
CA ILE C 412 -43.02 2.94 -47.18
C ILE C 412 -43.32 1.55 -46.69
N THR C 413 -42.28 0.80 -46.36
CA THR C 413 -42.40 -0.53 -45.77
C THR C 413 -41.54 -0.62 -44.53
N PRO C 414 -41.88 -1.47 -43.57
CA PRO C 414 -41.12 -1.51 -42.31
C PRO C 414 -39.61 -1.58 -42.51
N GLN C 415 -39.13 -2.33 -43.50
CA GLN C 415 -37.70 -2.45 -43.72
C GLN C 415 -37.08 -1.15 -44.21
N THR C 416 -37.87 -0.27 -44.83
CA THR C 416 -37.36 1.01 -45.31
C THR C 416 -37.39 2.09 -44.25
N LEU C 417 -37.89 1.80 -43.05
CA LEU C 417 -37.96 2.77 -41.98
C LEU C 417 -37.01 2.47 -40.83
N ILE C 418 -36.59 1.22 -40.66
CA ILE C 418 -35.84 0.79 -39.48
C ILE C 418 -34.34 0.82 -39.80
N ASN C 419 -33.58 1.49 -38.93
CA ASN C 419 -32.13 1.54 -39.03
C ASN C 419 -31.54 0.87 -37.79
N ILE C 420 -30.79 -0.21 -38.00
CA ILE C 420 -30.32 -1.05 -36.90
C ILE C 420 -28.97 -0.60 -36.34
N ARG C 421 -28.30 0.35 -36.97
CA ARG C 421 -26.95 0.73 -36.55
C ARG C 421 -26.88 1.18 -35.10
N PRO C 422 -27.76 2.07 -34.61
CA PRO C 422 -27.63 2.51 -33.21
C PRO C 422 -27.77 1.38 -32.20
N VAL C 423 -28.62 0.39 -32.46
CA VAL C 423 -28.81 -0.69 -31.50
C VAL C 423 -27.54 -1.53 -31.38
N VAL C 424 -26.97 -1.92 -32.51
CA VAL C 424 -25.75 -2.71 -32.49
C VAL C 424 -24.61 -1.89 -31.90
N ALA C 425 -24.60 -0.58 -32.17
CA ALA C 425 -23.57 0.28 -31.58
C ALA C 425 -23.69 0.30 -30.06
N ALA C 426 -24.92 0.40 -29.55
CA ALA C 426 -25.12 0.41 -28.09
C ALA C 426 -24.69 -0.91 -27.47
N ILE C 427 -25.03 -2.03 -28.10
CA ILE C 427 -24.63 -3.32 -27.56
C ILE C 427 -23.11 -3.47 -27.57
N LYS C 428 -22.47 -3.07 -28.68
CA LYS C 428 -21.02 -3.09 -28.77
C LYS C 428 -20.40 -2.25 -27.65
N GLU C 429 -20.90 -1.03 -27.47
CA GLU C 429 -20.33 -0.15 -26.46
C GLU C 429 -20.49 -0.74 -25.06
N PHE C 430 -21.65 -1.33 -24.77
CA PHE C 430 -21.85 -1.91 -23.44
C PHE C 430 -20.90 -3.07 -23.21
N PHE C 431 -20.86 -4.03 -24.12
CA PHE C 431 -20.07 -5.22 -23.88
C PHE C 431 -18.57 -5.00 -24.06
N GLY C 432 -18.16 -3.87 -24.62
CA GLY C 432 -16.74 -3.59 -24.79
C GLY C 432 -16.17 -2.61 -23.80
N THR C 433 -16.90 -1.53 -23.52
CA THR C 433 -16.37 -0.38 -22.80
C THR C 433 -17.28 0.01 -21.65
N SER C 434 -17.69 -0.97 -20.84
CA SER C 434 -18.56 -0.73 -19.70
C SER C 434 -17.82 -1.05 -18.41
N GLN C 435 -18.22 -0.38 -17.33
CA GLN C 435 -17.60 -0.60 -16.03
C GLN C 435 -18.12 -1.84 -15.33
N LEU C 436 -19.27 -2.37 -15.74
CA LEU C 436 -19.84 -3.57 -15.15
C LEU C 436 -19.54 -4.83 -15.95
N SER C 437 -19.01 -4.70 -17.17
CA SER C 437 -18.56 -5.84 -17.97
C SER C 437 -17.05 -5.92 -17.83
N GLN C 438 -16.58 -6.92 -17.09
CA GLN C 438 -15.21 -6.93 -16.59
C GLN C 438 -14.45 -8.17 -17.02
N PHE C 439 -13.16 -8.01 -17.26
CA PHE C 439 -12.27 -9.11 -17.58
C PHE C 439 -12.32 -10.17 -16.49
N MET C 440 -12.72 -11.39 -16.86
CA MET C 440 -12.95 -12.42 -15.86
C MET C 440 -11.66 -12.78 -15.13
N ASP C 441 -11.81 -13.12 -13.85
CA ASP C 441 -10.69 -13.53 -13.02
C ASP C 441 -10.58 -15.05 -13.06
N GLN C 442 -9.42 -15.57 -13.47
CA GLN C 442 -9.24 -17.00 -13.71
C GLN C 442 -7.92 -17.49 -13.13
N ASN C 443 -7.58 -17.07 -11.92
CA ASN C 443 -6.48 -17.72 -11.22
C ASN C 443 -6.81 -19.18 -10.93
N ASN C 444 -8.04 -19.44 -10.51
CA ASN C 444 -8.50 -20.77 -10.16
C ASN C 444 -10.02 -20.74 -10.13
N PRO C 445 -10.67 -21.89 -9.98
CA PRO C 445 -12.15 -21.90 -10.03
C PRO C 445 -12.80 -20.99 -8.98
N LEU C 446 -12.21 -20.89 -7.79
CA LEU C 446 -12.82 -20.09 -6.73
C LEU C 446 -12.86 -18.62 -7.11
N SER C 447 -11.80 -18.11 -7.73
CA SER C 447 -11.76 -16.71 -8.10
C SER C 447 -12.90 -16.36 -9.07
N GLY C 448 -13.08 -17.19 -10.10
CA GLY C 448 -14.17 -16.93 -11.04
C GLY C 448 -15.54 -17.09 -10.42
N LEU C 449 -15.72 -18.13 -9.60
CA LEU C 449 -17.01 -18.32 -8.95
C LEU C 449 -17.36 -17.13 -8.07
N THR C 450 -16.40 -16.60 -7.31
CA THR C 450 -16.69 -15.44 -6.49
C THR C 450 -16.83 -14.18 -7.33
N HIS C 451 -16.19 -14.12 -8.49
CA HIS C 451 -16.34 -12.97 -9.38
C HIS C 451 -17.76 -12.90 -9.94
N LYS C 452 -18.37 -14.05 -10.22
CA LYS C 452 -19.73 -14.04 -10.76
C LYS C 452 -20.78 -13.70 -9.70
N ARG C 453 -20.51 -13.99 -8.43
CA ARG C 453 -21.44 -13.74 -7.34
C ARG C 453 -21.16 -12.42 -6.63
N ARG C 454 -20.68 -11.42 -7.35
CA ARG C 454 -20.20 -10.18 -6.76
C ARG C 454 -21.24 -9.07 -6.93
N LEU C 455 -21.34 -8.21 -5.92
CA LEU C 455 -22.23 -7.05 -5.94
C LEU C 455 -21.38 -5.80 -5.77
N SER C 456 -21.48 -4.87 -6.72
CA SER C 456 -20.68 -3.66 -6.71
C SER C 456 -21.59 -2.44 -6.63
N ALA C 457 -21.23 -1.48 -5.77
CA ALA C 457 -22.02 -0.28 -5.56
C ALA C 457 -21.63 0.86 -6.48
N LEU C 458 -20.57 0.71 -7.28
CA LEU C 458 -20.04 1.79 -8.10
C LEU C 458 -20.20 1.43 -9.58
N GLY C 459 -20.68 2.40 -10.35
CA GLY C 459 -20.89 2.22 -11.77
C GLY C 459 -21.60 3.40 -12.38
N PRO C 460 -22.17 3.24 -13.56
CA PRO C 460 -22.92 4.33 -14.19
C PRO C 460 -24.26 4.57 -13.50
N GLY C 461 -24.23 5.27 -12.37
CA GLY C 461 -25.43 5.54 -11.60
C GLY C 461 -25.30 5.11 -10.16
N GLY C 462 -24.05 4.92 -9.70
CA GLY C 462 -23.80 4.49 -8.34
C GLY C 462 -22.90 5.44 -7.59
N LEU C 463 -22.08 4.91 -6.71
CA LEU C 463 -21.22 5.72 -5.85
C LEU C 463 -19.87 5.98 -6.53
N SER C 464 -19.10 6.87 -5.91
CA SER C 464 -17.77 7.22 -6.37
C SER C 464 -16.73 6.64 -5.42
N ARG C 465 -15.67 6.08 -6.00
CA ARG C 465 -14.66 5.40 -5.20
C ARG C 465 -13.92 6.34 -4.25
N GLU C 466 -13.93 7.64 -4.53
CA GLU C 466 -13.27 8.62 -3.68
C GLU C 466 -14.24 9.40 -2.81
N ARG C 467 -15.30 9.94 -3.42
CA ARG C 467 -16.26 10.76 -2.68
C ARG C 467 -17.03 9.95 -1.64
N ALA C 468 -17.11 8.63 -1.78
CA ALA C 468 -17.91 7.82 -0.88
C ALA C 468 -17.46 8.01 0.56
N GLY C 469 -18.42 8.18 1.46
CA GLY C 469 -18.14 8.41 2.86
C GLY C 469 -17.98 7.12 3.64
N LEU C 470 -17.85 7.28 4.96
CA LEU C 470 -17.62 6.15 5.85
C LEU C 470 -18.89 5.42 6.25
N GLU C 471 -20.06 5.99 6.01
CA GLU C 471 -21.31 5.37 6.42
C GLU C 471 -21.92 4.49 5.35
N VAL C 472 -21.52 4.66 4.09
CA VAL C 472 -21.98 3.76 3.02
C VAL C 472 -21.13 2.51 2.94
N ARG C 473 -19.98 2.50 3.59
CA ARG C 473 -19.07 1.37 3.58
C ARG C 473 -19.25 0.45 4.79
N ASP C 474 -20.24 0.72 5.64
CA ASP C 474 -20.37 0.01 6.90
C ASP C 474 -21.25 -1.24 6.75
N VAL C 475 -21.15 -2.11 7.75
CA VAL C 475 -21.99 -3.30 7.83
C VAL C 475 -23.33 -2.89 8.43
N HIS C 476 -24.41 -3.20 7.73
CA HIS C 476 -25.74 -2.84 8.15
C HIS C 476 -26.45 -4.05 8.74
N PRO C 477 -27.34 -3.87 9.72
CA PRO C 477 -28.06 -5.04 10.26
C PRO C 477 -28.87 -5.79 9.21
N SER C 478 -29.28 -5.12 8.14
CA SER C 478 -30.07 -5.76 7.10
C SER C 478 -29.23 -6.62 6.15
N HIS C 479 -27.91 -6.56 6.25
CA HIS C 479 -27.05 -7.42 5.44
C HIS C 479 -27.05 -8.86 5.92
N TYR C 480 -27.62 -9.15 7.08
CA TYR C 480 -27.52 -10.49 7.67
C TYR C 480 -28.25 -11.48 6.77
N GLY C 481 -27.50 -12.34 6.11
CA GLY C 481 -28.06 -13.35 5.23
C GLY C 481 -28.20 -12.94 3.80
N ARG C 482 -27.72 -11.75 3.43
CA ARG C 482 -27.85 -11.24 2.07
C ARG C 482 -26.53 -10.76 1.50
N MET C 483 -25.66 -10.17 2.31
CA MET C 483 -24.32 -9.79 1.88
C MET C 483 -23.34 -10.18 2.98
N CYS C 484 -22.21 -10.76 2.57
CA CYS C 484 -21.21 -11.21 3.53
C CYS C 484 -20.51 -10.01 4.17
N PRO C 485 -20.34 -10.00 5.49
CA PRO C 485 -19.64 -8.87 6.13
C PRO C 485 -18.13 -8.98 6.11
N ILE C 486 -17.57 -10.10 5.71
CA ILE C 486 -16.13 -10.35 5.80
C ILE C 486 -15.40 -10.02 4.50
N GLU C 487 -15.90 -10.52 3.37
CA GLU C 487 -15.15 -10.49 2.12
C GLU C 487 -15.38 -9.15 1.42
N THR C 488 -14.39 -8.27 1.51
CA THR C 488 -14.36 -7.02 0.76
C THR C 488 -12.91 -6.68 0.45
N PRO C 489 -12.67 -5.81 -0.52
CA PRO C 489 -11.29 -5.39 -0.81
C PRO C 489 -10.69 -4.66 0.39
N GLU C 490 -9.39 -4.38 0.28
CA GLU C 490 -8.66 -3.68 1.34
C GLU C 490 -8.26 -2.26 0.97
N GLY C 491 -8.36 -1.87 -0.29
CA GLY C 491 -7.93 -0.57 -0.73
C GLY C 491 -9.04 0.46 -0.69
N PRO C 492 -9.06 1.37 -1.67
CA PRO C 492 -10.15 2.37 -1.71
C PRO C 492 -11.52 1.78 -1.93
N ASN C 493 -11.62 0.53 -2.39
CA ASN C 493 -12.91 -0.13 -2.59
C ASN C 493 -13.41 -0.83 -1.34
N ILE C 494 -12.79 -0.58 -0.19
CA ILE C 494 -13.23 -1.20 1.05
C ILE C 494 -14.68 -0.81 1.31
N GLY C 495 -15.56 -1.80 1.34
CA GLY C 495 -16.96 -1.59 1.66
C GLY C 495 -17.84 -1.25 0.48
N LEU C 496 -17.28 -1.04 -0.71
CA LEU C 496 -18.07 -0.72 -1.89
C LEU C 496 -18.35 -1.92 -2.78
N ILE C 497 -17.58 -3.00 -2.64
CA ILE C 497 -17.79 -4.23 -3.39
C ILE C 497 -17.97 -5.36 -2.39
N GLY C 498 -19.08 -6.10 -2.53
CA GLY C 498 -19.40 -7.19 -1.64
C GLY C 498 -19.75 -8.46 -2.41
N SER C 499 -19.98 -9.52 -1.65
CA SER C 499 -20.25 -10.83 -2.21
C SER C 499 -21.57 -11.36 -1.69
N LEU C 500 -22.33 -12.01 -2.55
CA LEU C 500 -23.63 -12.53 -2.18
C LEU C 500 -23.47 -13.71 -1.22
N SER C 501 -24.42 -13.84 -0.30
CA SER C 501 -24.38 -14.90 0.69
C SER C 501 -24.79 -16.24 0.07
N VAL C 502 -24.59 -17.32 0.83
CA VAL C 502 -24.74 -18.66 0.28
C VAL C 502 -26.19 -18.93 -0.09
N TYR C 503 -27.13 -18.64 0.81
CA TYR C 503 -28.53 -19.01 0.65
C TYR C 503 -29.37 -17.89 0.04
N ALA C 504 -28.78 -16.74 -0.27
CA ALA C 504 -29.56 -15.61 -0.73
C ALA C 504 -29.98 -15.77 -2.19
N ARG C 505 -31.09 -15.12 -2.53
CA ARG C 505 -31.56 -15.02 -3.91
C ARG C 505 -32.25 -13.68 -4.08
N VAL C 506 -32.43 -13.27 -5.33
CA VAL C 506 -33.05 -11.98 -5.66
C VAL C 506 -34.43 -12.25 -6.24
N ASN C 507 -35.42 -11.52 -5.75
CA ASN C 507 -36.80 -11.66 -6.19
C ASN C 507 -37.00 -10.83 -7.45
N PRO C 508 -38.19 -10.91 -8.08
CA PRO C 508 -38.36 -10.22 -9.37
C PRO C 508 -38.07 -8.73 -9.32
N PHE C 509 -38.43 -8.04 -8.23
CA PHE C 509 -38.20 -6.60 -8.16
C PHE C 509 -36.74 -6.24 -7.94
N GLY C 510 -35.89 -7.20 -7.59
CA GLY C 510 -34.48 -6.95 -7.42
C GLY C 510 -34.01 -6.84 -5.98
N PHE C 511 -34.80 -7.31 -5.02
CA PHE C 511 -34.42 -7.28 -3.62
C PHE C 511 -33.96 -8.66 -3.18
N ILE C 512 -32.86 -8.70 -2.43
CA ILE C 512 -32.28 -9.97 -2.02
C ILE C 512 -33.13 -10.58 -0.91
N GLU C 513 -33.36 -11.89 -1.01
CA GLU C 513 -34.14 -12.65 -0.06
C GLU C 513 -33.25 -13.66 0.65
N THR C 514 -33.81 -14.33 1.65
CA THR C 514 -33.06 -15.34 2.40
C THR C 514 -34.05 -16.25 3.09
N PRO C 515 -33.78 -17.55 3.19
CA PRO C 515 -34.78 -18.47 3.73
C PRO C 515 -34.83 -18.47 5.24
N TYR C 516 -36.03 -18.66 5.78
CA TYR C 516 -36.25 -18.80 7.21
C TYR C 516 -37.21 -19.95 7.46
N ARG C 517 -37.03 -20.62 8.59
CA ARG C 517 -37.78 -21.81 8.94
C ARG C 517 -38.89 -21.43 9.93
N LYS C 518 -40.14 -21.64 9.52
CA LYS C 518 -41.28 -21.16 10.30
C LYS C 518 -41.48 -22.00 11.56
N VAL C 519 -41.88 -21.32 12.64
CA VAL C 519 -42.18 -21.97 13.91
C VAL C 519 -43.58 -21.58 14.33
N VAL C 520 -44.34 -22.55 14.85
CA VAL C 520 -45.73 -22.34 15.26
C VAL C 520 -45.87 -22.75 16.72
N ASP C 521 -46.37 -21.85 17.56
CA ASP C 521 -46.59 -22.11 18.98
C ASP C 521 -45.31 -22.61 19.66
N GLY C 522 -44.17 -22.05 19.26
CA GLY C 522 -42.91 -22.47 19.83
C GLY C 522 -42.44 -23.83 19.37
N VAL C 523 -42.93 -24.32 18.24
CA VAL C 523 -42.54 -25.61 17.68
C VAL C 523 -41.98 -25.34 16.29
N VAL C 524 -40.68 -25.57 16.12
CA VAL C 524 -40.02 -25.30 14.85
C VAL C 524 -40.48 -26.33 13.82
N SER C 525 -41.13 -25.86 12.77
CA SER C 525 -41.57 -26.71 11.67
C SER C 525 -40.54 -26.70 10.56
N ASP C 526 -40.77 -27.52 9.54
CA ASP C 526 -39.91 -27.59 8.36
C ASP C 526 -40.70 -27.02 7.19
N GLU C 527 -40.71 -25.69 7.07
CA GLU C 527 -41.42 -25.00 6.00
C GLU C 527 -40.67 -23.70 5.75
N ILE C 528 -39.83 -23.70 4.71
CA ILE C 528 -38.95 -22.57 4.45
C ILE C 528 -39.73 -21.49 3.72
N VAL C 529 -39.54 -20.24 4.15
CA VAL C 529 -40.14 -19.07 3.51
C VAL C 529 -39.05 -18.03 3.32
N TYR C 530 -39.06 -17.36 2.17
CA TYR C 530 -38.07 -16.36 1.82
C TYR C 530 -38.62 -14.97 2.14
N LEU C 531 -37.84 -14.18 2.88
CA LEU C 531 -38.27 -12.87 3.35
C LEU C 531 -37.27 -11.81 2.93
N THR C 532 -37.79 -10.66 2.48
CA THR C 532 -36.96 -9.49 2.25
C THR C 532 -36.69 -8.78 3.57
N ALA C 533 -35.74 -7.85 3.55
CA ALA C 533 -35.35 -7.16 4.78
C ALA C 533 -36.53 -6.42 5.40
N ASP C 534 -37.31 -5.70 4.58
CA ASP C 534 -38.46 -4.98 5.10
C ASP C 534 -39.51 -5.95 5.65
N GLU C 535 -39.72 -7.07 4.97
CA GLU C 535 -40.62 -8.09 5.51
C GLU C 535 -40.07 -8.68 6.80
N GLU C 536 -38.76 -8.91 6.86
CA GLU C 536 -38.16 -9.53 8.03
C GLU C 536 -38.20 -8.61 9.25
N ASP C 537 -38.17 -7.30 9.03
CA ASP C 537 -38.16 -6.36 10.15
C ASP C 537 -39.44 -6.40 10.98
N ARG C 538 -40.50 -7.04 10.49
CA ARG C 538 -41.75 -7.14 11.23
C ARG C 538 -41.83 -8.37 12.11
N HIS C 539 -40.80 -9.19 12.15
CA HIS C 539 -40.79 -10.44 12.90
C HIS C 539 -39.51 -10.55 13.71
N VAL C 540 -39.48 -11.56 14.59
CA VAL C 540 -38.30 -11.90 15.38
C VAL C 540 -37.90 -13.32 15.02
N VAL C 541 -36.62 -13.52 14.73
CA VAL C 541 -36.11 -14.79 14.22
C VAL C 541 -34.99 -15.26 15.15
N ALA C 542 -35.06 -16.53 15.54
CA ALA C 542 -34.07 -17.13 16.43
C ALA C 542 -32.88 -17.65 15.63
N GLN C 543 -31.87 -18.14 16.35
CA GLN C 543 -30.66 -18.65 15.74
C GLN C 543 -30.79 -20.14 15.43
N ALA C 544 -29.93 -20.62 14.53
CA ALA C 544 -29.90 -22.05 14.22
C ALA C 544 -29.39 -22.86 15.40
N ASN C 545 -28.51 -22.27 16.22
CA ASN C 545 -27.97 -22.95 17.40
C ASN C 545 -28.87 -22.77 18.61
N SER C 546 -30.16 -23.09 18.45
CA SER C 546 -31.11 -23.04 19.54
C SER C 546 -31.47 -24.46 19.94
N PRO C 547 -31.25 -24.88 21.19
CA PRO C 547 -31.48 -26.29 21.53
C PRO C 547 -32.91 -26.73 21.24
N ILE C 548 -33.03 -27.96 20.74
CA ILE C 548 -34.31 -28.56 20.39
C ILE C 548 -34.38 -29.92 21.06
N ASP C 549 -35.60 -30.44 21.20
CA ASP C 549 -35.82 -31.65 21.97
C ASP C 549 -36.37 -32.77 21.09
N ALA C 550 -35.74 -33.02 19.94
CA ALA C 550 -36.09 -34.05 18.98
C ALA C 550 -37.32 -33.66 18.16
N ASP C 551 -38.00 -32.57 18.51
CA ASP C 551 -39.06 -32.00 17.70
C ASP C 551 -38.92 -30.49 17.75
N GLY C 552 -39.93 -29.78 17.25
CA GLY C 552 -39.81 -28.34 17.14
C GLY C 552 -39.73 -27.63 18.48
N ARG C 553 -40.19 -28.28 19.55
CA ARG C 553 -40.30 -27.61 20.84
C ARG C 553 -38.94 -27.11 21.30
N PHE C 554 -38.90 -25.86 21.77
CA PHE C 554 -37.67 -25.30 22.31
C PHE C 554 -37.42 -25.84 23.71
N VAL C 555 -36.17 -26.23 23.97
CA VAL C 555 -35.81 -26.77 25.28
C VAL C 555 -35.87 -25.69 26.35
N GLU C 556 -35.27 -24.53 26.07
CA GLU C 556 -35.19 -23.48 27.09
C GLU C 556 -36.46 -22.63 27.08
N PRO C 557 -36.79 -22.00 28.22
CA PRO C 557 -38.02 -21.19 28.26
C PRO C 557 -37.89 -19.85 27.58
N ARG C 558 -36.69 -19.28 27.50
CA ARG C 558 -36.45 -18.00 26.85
C ARG C 558 -35.41 -18.16 25.76
N VAL C 559 -35.62 -17.46 24.64
CA VAL C 559 -34.79 -17.59 23.45
C VAL C 559 -34.26 -16.22 23.06
N LEU C 560 -32.99 -16.17 22.67
CA LEU C 560 -32.38 -14.94 22.18
C LEU C 560 -32.70 -14.79 20.70
N VAL C 561 -33.29 -13.65 20.33
CA VAL C 561 -33.80 -13.43 18.98
C VAL C 561 -33.29 -12.10 18.46
N ARG C 562 -33.33 -11.96 17.13
CA ARG C 562 -32.97 -10.72 16.46
C ARG C 562 -34.21 -9.87 16.25
N ARG C 563 -34.05 -8.55 16.37
CA ARG C 563 -35.15 -7.61 16.25
C ARG C 563 -34.81 -6.57 15.17
N LYS C 564 -35.65 -5.54 15.08
CA LYS C 564 -35.71 -4.69 13.90
C LYS C 564 -34.37 -4.06 13.52
N ALA C 565 -33.87 -3.12 14.33
CA ALA C 565 -32.67 -2.37 13.98
C ALA C 565 -31.46 -2.92 14.72
N GLY C 566 -31.00 -4.09 14.28
CA GLY C 566 -29.80 -4.67 14.85
C GLY C 566 -29.87 -4.92 16.34
N GLU C 567 -31.04 -5.25 16.86
CA GLU C 567 -31.26 -5.40 18.30
C GLU C 567 -31.58 -6.85 18.64
N VAL C 568 -31.05 -7.31 19.77
CA VAL C 568 -31.26 -8.67 20.24
C VAL C 568 -31.84 -8.60 21.65
N GLU C 569 -32.79 -9.46 21.91
CA GLU C 569 -33.53 -9.48 23.17
C GLU C 569 -33.88 -10.89 23.55
N TYR C 570 -34.04 -11.21 24.81
CA TYR C 570 -34.54 -12.49 25.26
C TYR C 570 -36.06 -12.47 25.28
N VAL C 571 -36.69 -13.42 24.60
CA VAL C 571 -38.14 -13.44 24.45
C VAL C 571 -38.64 -14.84 24.79
N PRO C 572 -39.83 -14.99 25.36
CA PRO C 572 -40.35 -16.34 25.60
C PRO C 572 -40.51 -17.11 24.29
N SER C 573 -40.33 -18.43 24.40
CA SER C 573 -40.28 -19.28 23.22
C SER C 573 -41.56 -19.23 22.39
N SER C 574 -42.67 -18.81 22.98
CA SER C 574 -43.94 -18.76 22.26
C SER C 574 -44.08 -17.51 21.40
N GLU C 575 -43.14 -16.57 21.49
CA GLU C 575 -43.18 -15.34 20.69
C GLU C 575 -42.26 -15.39 19.48
N VAL C 576 -41.57 -16.50 19.25
CA VAL C 576 -40.66 -16.62 18.12
C VAL C 576 -41.44 -16.88 16.85
N ASP C 577 -41.09 -16.18 15.78
CA ASP C 577 -41.77 -16.29 14.49
C ASP C 577 -41.04 -17.19 13.51
N TYR C 578 -39.73 -17.02 13.37
CA TYR C 578 -38.96 -17.72 12.35
C TYR C 578 -37.68 -18.25 12.98
N MET C 579 -36.77 -18.75 12.15
CA MET C 579 -35.56 -19.43 12.59
C MET C 579 -34.63 -19.57 11.40
N ASP C 580 -33.34 -19.37 11.62
CA ASP C 580 -32.36 -19.53 10.56
C ASP C 580 -32.28 -21.00 10.14
N VAL C 581 -31.85 -21.21 8.89
CA VAL C 581 -31.73 -22.56 8.36
C VAL C 581 -30.36 -23.17 8.64
N SER C 582 -29.35 -22.37 8.98
CA SER C 582 -28.03 -22.88 9.32
C SER C 582 -27.26 -21.77 10.01
N PRO C 583 -26.19 -22.11 10.75
CA PRO C 583 -25.33 -21.09 11.33
C PRO C 583 -24.32 -20.49 10.36
N ARG C 584 -24.41 -20.82 9.07
CA ARG C 584 -23.54 -20.27 8.04
C ARG C 584 -24.30 -19.43 7.04
N GLN C 585 -25.48 -18.94 7.44
CA GLN C 585 -26.35 -18.22 6.53
C GLN C 585 -25.78 -16.87 6.12
N MET C 586 -24.90 -16.28 6.94
CA MET C 586 -24.40 -14.94 6.67
C MET C 586 -23.12 -14.92 5.85
N VAL C 587 -22.30 -15.97 5.93
CA VAL C 587 -21.01 -15.98 5.23
C VAL C 587 -21.23 -16.32 3.75
N SER C 588 -20.22 -16.07 2.93
CA SER C 588 -20.26 -16.35 1.51
C SER C 588 -19.47 -17.63 1.22
N VAL C 589 -19.29 -17.94 -0.07
CA VAL C 589 -18.65 -19.19 -0.46
C VAL C 589 -17.19 -19.20 -0.03
N ALA C 590 -16.46 -18.12 -0.32
CA ALA C 590 -15.04 -18.09 0.02
C ALA C 590 -14.81 -18.04 1.52
N THR C 591 -15.67 -17.34 2.27
CA THR C 591 -15.53 -17.24 3.71
C THR C 591 -15.98 -18.50 4.42
N ALA C 592 -16.76 -19.35 3.77
CA ALA C 592 -17.22 -20.59 4.37
C ALA C 592 -16.19 -21.71 4.26
N MET C 593 -15.04 -21.45 3.66
CA MET C 593 -13.97 -22.44 3.52
C MET C 593 -12.82 -22.19 4.48
N ILE C 594 -13.04 -21.40 5.53
CA ILE C 594 -12.02 -21.12 6.53
C ILE C 594 -12.39 -21.91 7.78
N PRO C 595 -11.67 -22.99 8.11
CA PRO C 595 -11.99 -23.71 9.35
C PRO C 595 -11.66 -22.87 10.57
N PHE C 596 -12.46 -23.07 11.63
CA PHE C 596 -12.28 -22.32 12.88
C PHE C 596 -12.35 -20.82 12.62
N LEU C 597 -13.35 -20.39 11.83
CA LEU C 597 -13.49 -18.98 11.50
C LEU C 597 -13.79 -18.14 12.73
N GLU C 598 -14.64 -18.63 13.63
CA GLU C 598 -15.05 -17.84 14.77
C GLU C 598 -13.93 -17.60 15.77
N HIS C 599 -12.80 -18.29 15.63
CA HIS C 599 -11.63 -18.04 16.46
C HIS C 599 -10.68 -17.02 15.86
N ASP C 600 -10.97 -16.52 14.67
CA ASP C 600 -10.14 -15.55 13.97
C ASP C 600 -10.78 -14.18 14.02
N ASP C 601 -9.96 -13.15 14.21
CA ASP C 601 -10.46 -11.79 14.17
C ASP C 601 -10.89 -11.41 12.76
N ALA C 602 -11.66 -10.32 12.65
CA ALA C 602 -12.26 -9.97 11.38
C ALA C 602 -11.21 -9.64 10.32
N ASN C 603 -10.14 -8.95 10.70
CA ASN C 603 -9.15 -8.50 9.72
C ASN C 603 -8.46 -9.69 9.07
N ARG C 604 -8.01 -10.65 9.86
CA ARG C 604 -7.31 -11.80 9.30
C ARG C 604 -8.25 -12.70 8.51
N ALA C 605 -9.50 -12.82 8.94
CA ALA C 605 -10.47 -13.57 8.15
C ALA C 605 -10.72 -12.92 6.80
N LEU C 606 -10.83 -11.59 6.77
CA LEU C 606 -10.97 -10.87 5.52
C LEU C 606 -9.76 -11.13 4.61
N MET C 607 -8.55 -11.04 5.18
CA MET C 607 -7.35 -11.30 4.39
C MET C 607 -7.34 -12.72 3.84
N GLY C 608 -7.72 -13.70 4.65
CA GLY C 608 -7.71 -15.08 4.19
C GLY C 608 -8.74 -15.33 3.11
N ALA C 609 -9.94 -14.78 3.26
CA ALA C 609 -10.95 -14.92 2.22
C ALA C 609 -10.49 -14.30 0.91
N ASN C 610 -9.84 -13.13 0.99
CA ASN C 610 -9.33 -12.49 -0.22
C ASN C 610 -8.20 -13.29 -0.85
N MET C 611 -7.31 -13.85 -0.02
CA MET C 611 -6.11 -14.51 -0.50
C MET C 611 -6.35 -15.93 -0.98
N GLN C 612 -7.49 -16.54 -0.62
CA GLN C 612 -7.81 -17.84 -1.21
C GLN C 612 -8.08 -17.74 -2.71
N ARG C 613 -8.40 -16.55 -3.21
CA ARG C 613 -8.68 -16.33 -4.61
C ARG C 613 -7.44 -15.99 -5.43
N GLN C 614 -6.26 -15.98 -4.80
CA GLN C 614 -5.02 -15.69 -5.48
C GLN C 614 -4.10 -16.89 -5.60
N ALA C 615 -4.53 -18.07 -5.14
CA ALA C 615 -3.71 -19.26 -5.24
C ALA C 615 -3.56 -19.70 -6.69
N VAL C 616 -2.38 -20.20 -7.03
CA VAL C 616 -2.11 -20.66 -8.39
C VAL C 616 -2.27 -22.18 -8.45
N PRO C 617 -2.84 -22.73 -9.51
CA PRO C 617 -2.87 -24.19 -9.66
C PRO C 617 -1.47 -24.77 -9.68
N LEU C 618 -1.32 -25.93 -9.05
CA LEU C 618 -0.06 -26.65 -8.98
C LEU C 618 -0.12 -27.88 -9.88
N VAL C 619 1.07 -28.47 -10.12
CA VAL C 619 1.15 -29.60 -11.02
C VAL C 619 0.31 -30.76 -10.51
N ARG C 620 0.40 -31.05 -9.21
CA ARG C 620 -0.41 -32.08 -8.57
C ARG C 620 -1.16 -31.47 -7.40
N SER C 621 -2.41 -31.88 -7.23
CA SER C 621 -3.29 -31.30 -6.23
C SER C 621 -3.64 -32.34 -5.16
N GLU C 622 -3.94 -31.84 -3.96
CA GLU C 622 -4.39 -32.71 -2.88
C GLU C 622 -5.32 -31.91 -1.96
N ALA C 623 -6.43 -32.53 -1.57
CA ALA C 623 -7.43 -31.87 -0.75
C ALA C 623 -6.98 -31.81 0.71
N PRO C 624 -7.53 -30.86 1.47
CA PRO C 624 -7.06 -30.68 2.86
C PRO C 624 -7.39 -31.86 3.74
N LEU C 625 -6.54 -32.08 4.75
CA LEU C 625 -6.87 -33.05 5.79
C LEU C 625 -8.06 -32.56 6.62
N VAL C 626 -8.10 -31.28 6.93
CA VAL C 626 -9.18 -30.67 7.69
C VAL C 626 -9.80 -29.59 6.82
N GLY C 627 -11.05 -29.81 6.40
CA GLY C 627 -11.80 -28.86 5.63
C GLY C 627 -13.03 -28.37 6.38
N THR C 628 -14.03 -27.94 5.60
CA THR C 628 -15.30 -27.48 6.17
C THR C 628 -16.51 -28.06 5.46
N GLY C 629 -16.36 -28.66 4.28
CA GLY C 629 -17.46 -29.22 3.54
C GLY C 629 -17.96 -28.35 2.40
N MET C 630 -17.61 -27.07 2.37
CA MET C 630 -17.99 -26.17 1.28
C MET C 630 -16.91 -26.17 0.21
N GLU C 631 -16.53 -27.34 -0.26
CA GLU C 631 -15.50 -27.50 -1.27
C GLU C 631 -15.94 -28.39 -2.41
N LEU C 632 -16.67 -29.48 -2.11
CA LEU C 632 -17.23 -30.30 -3.18
C LEU C 632 -18.21 -29.50 -4.02
N ARG C 633 -19.17 -28.84 -3.36
CA ARG C 633 -20.15 -28.03 -4.07
C ARG C 633 -19.51 -26.81 -4.72
N ALA C 634 -18.50 -26.22 -4.07
CA ALA C 634 -17.81 -25.09 -4.67
C ALA C 634 -17.11 -25.50 -5.96
N ALA C 635 -16.49 -26.69 -5.97
CA ALA C 635 -15.82 -27.15 -7.18
C ALA C 635 -16.82 -27.53 -8.26
N ILE C 636 -17.93 -28.19 -7.87
CA ILE C 636 -18.89 -28.64 -8.87
C ILE C 636 -19.61 -27.44 -9.51
N ASP C 637 -20.00 -26.46 -8.70
CA ASP C 637 -20.76 -25.34 -9.23
C ASP C 637 -19.89 -24.38 -10.04
N ALA C 638 -18.60 -24.29 -9.71
CA ALA C 638 -17.71 -23.42 -10.49
C ALA C 638 -17.69 -23.84 -11.95
N GLY C 639 -17.62 -25.13 -12.22
CA GLY C 639 -17.73 -25.65 -13.57
C GLY C 639 -16.44 -26.05 -14.24
N ASP C 640 -15.32 -26.02 -13.52
CA ASP C 640 -14.05 -26.43 -14.12
C ASP C 640 -13.83 -27.93 -14.10
N VAL C 641 -14.71 -28.68 -13.45
CA VAL C 641 -14.67 -30.13 -13.48
C VAL C 641 -15.65 -30.63 -14.52
N VAL C 642 -15.48 -31.89 -14.92
CA VAL C 642 -16.37 -32.52 -15.90
C VAL C 642 -17.31 -33.45 -15.16
N VAL C 643 -18.60 -33.31 -15.41
CA VAL C 643 -19.65 -34.04 -14.70
C VAL C 643 -20.42 -34.89 -15.70
N ALA C 644 -20.77 -36.10 -15.28
CA ALA C 644 -21.54 -37.01 -16.14
C ALA C 644 -22.98 -36.56 -16.19
N GLU C 645 -23.49 -36.28 -17.40
CA GLU C 645 -24.86 -35.81 -17.54
C GLU C 645 -25.86 -36.93 -17.34
N GLU C 646 -25.52 -38.15 -17.77
CA GLU C 646 -26.44 -39.27 -17.69
C GLU C 646 -25.69 -40.51 -17.21
N SER C 647 -26.43 -41.43 -16.62
CA SER C 647 -25.83 -42.66 -16.10
C SER C 647 -25.37 -43.56 -17.24
N GLY C 648 -24.34 -44.35 -16.96
CA GLY C 648 -23.80 -45.25 -17.96
C GLY C 648 -22.56 -45.94 -17.45
N VAL C 649 -21.89 -46.64 -18.36
CA VAL C 649 -20.66 -47.37 -18.06
C VAL C 649 -19.55 -46.81 -18.93
N ILE C 650 -18.42 -46.47 -18.32
CA ILE C 650 -17.30 -45.93 -19.07
C ILE C 650 -16.82 -46.96 -20.08
N GLU C 651 -16.78 -46.57 -21.35
CA GLU C 651 -16.39 -47.46 -22.43
C GLU C 651 -14.91 -47.35 -22.78
N GLU C 652 -14.43 -46.15 -23.04
CA GLU C 652 -13.01 -45.90 -23.25
C GLU C 652 -12.60 -44.64 -22.50
N VAL C 653 -11.45 -44.72 -21.83
CA VAL C 653 -10.92 -43.60 -21.06
C VAL C 653 -9.49 -43.36 -21.51
N SER C 654 -9.16 -42.09 -21.79
CA SER C 654 -7.83 -41.70 -22.20
C SER C 654 -7.54 -40.32 -21.64
N ALA C 655 -6.29 -39.88 -21.78
CA ALA C 655 -5.91 -38.55 -21.32
C ALA C 655 -6.58 -37.44 -22.14
N ASP C 656 -7.20 -37.78 -23.26
CA ASP C 656 -7.80 -36.78 -24.14
C ASP C 656 -9.32 -36.79 -24.15
N TYR C 657 -9.96 -37.90 -23.79
CA TYR C 657 -11.41 -37.99 -23.87
C TYR C 657 -11.92 -39.10 -22.95
N ILE C 658 -13.22 -39.09 -22.73
CA ILE C 658 -13.94 -40.17 -22.05
C ILE C 658 -15.20 -40.48 -22.85
N THR C 659 -15.47 -41.76 -23.04
CA THR C 659 -16.66 -42.23 -23.74
C THR C 659 -17.55 -42.98 -22.78
N VAL C 660 -18.82 -42.58 -22.70
CA VAL C 660 -19.78 -43.16 -21.77
C VAL C 660 -20.88 -43.85 -22.58
N MET C 661 -21.13 -45.11 -22.27
CA MET C 661 -22.18 -45.90 -22.92
C MET C 661 -23.43 -45.82 -22.04
N HIS C 662 -24.40 -45.03 -22.48
CA HIS C 662 -25.61 -44.85 -21.71
C HIS C 662 -26.46 -46.12 -21.75
N ASP C 663 -27.40 -46.21 -20.81
CA ASP C 663 -28.24 -47.41 -20.71
C ASP C 663 -29.09 -47.60 -21.96
N ASN C 664 -29.61 -46.52 -22.53
CA ASN C 664 -30.49 -46.60 -23.69
C ASN C 664 -29.73 -46.85 -24.99
N GLY C 665 -28.46 -47.21 -24.94
CA GLY C 665 -27.69 -47.53 -26.12
C GLY C 665 -26.96 -46.37 -26.75
N THR C 666 -27.23 -45.15 -26.34
CA THR C 666 -26.55 -43.99 -26.89
C THR C 666 -25.17 -43.84 -26.26
N ARG C 667 -24.34 -43.00 -26.88
CA ARG C 667 -23.00 -42.71 -26.40
C ARG C 667 -22.78 -41.21 -26.32
N ARG C 668 -21.83 -40.81 -25.49
CA ARG C 668 -21.42 -39.42 -25.39
C ARG C 668 -19.95 -39.38 -25.04
N THR C 669 -19.18 -38.59 -25.78
CA THR C 669 -17.75 -38.45 -25.58
C THR C 669 -17.44 -37.07 -25.02
N TYR C 670 -16.65 -37.02 -23.95
CA TYR C 670 -16.23 -35.78 -23.32
C TYR C 670 -14.76 -35.53 -23.66
N ARG C 671 -14.46 -34.34 -24.13
CA ARG C 671 -13.09 -33.95 -24.47
C ARG C 671 -12.50 -33.11 -23.35
N MET C 672 -11.27 -33.44 -22.95
CA MET C 672 -10.57 -32.77 -21.87
C MET C 672 -9.67 -31.68 -22.45
N ARG C 673 -9.76 -30.48 -21.91
CA ARG C 673 -8.89 -29.38 -22.33
C ARG C 673 -7.56 -29.52 -21.59
N LYS C 674 -6.48 -29.73 -22.35
CA LYS C 674 -5.17 -30.04 -21.80
C LYS C 674 -4.24 -28.84 -21.98
N PHE C 675 -3.59 -28.44 -20.89
CA PHE C 675 -2.59 -27.39 -20.90
C PHE C 675 -3.09 -26.14 -21.63
N ALA C 676 -4.28 -25.69 -21.25
CA ALA C 676 -4.84 -24.45 -21.75
C ALA C 676 -4.35 -23.28 -20.90
N ARG C 677 -4.56 -22.08 -21.41
CA ARG C 677 -4.09 -20.85 -20.77
C ARG C 677 -5.27 -20.05 -20.27
N SER C 678 -5.21 -19.62 -19.01
CA SER C 678 -6.25 -18.81 -18.42
C SER C 678 -6.03 -17.34 -18.76
N ASN C 679 -6.98 -16.49 -18.34
CA ASN C 679 -6.84 -15.05 -18.57
C ASN C 679 -5.63 -14.48 -17.83
N HIS C 680 -5.10 -15.20 -16.84
CA HIS C 680 -4.01 -14.70 -16.01
C HIS C 680 -2.72 -15.49 -16.20
N GLY C 681 -2.62 -16.31 -17.24
CA GLY C 681 -1.40 -17.00 -17.57
C GLY C 681 -1.20 -18.33 -16.89
N THR C 682 -2.14 -18.76 -16.06
CA THR C 682 -2.02 -20.05 -15.38
C THR C 682 -2.37 -21.17 -16.35
N CYS C 683 -2.40 -22.39 -15.85
CA CYS C 683 -2.64 -23.59 -16.64
C CYS C 683 -3.95 -24.23 -16.21
N ALA C 684 -4.79 -24.59 -17.19
CA ALA C 684 -6.10 -25.19 -16.95
C ALA C 684 -6.09 -26.58 -17.60
N ASN C 685 -5.65 -27.58 -16.86
CA ASN C 685 -5.51 -28.95 -17.36
C ASN C 685 -6.49 -29.86 -16.63
N GLN C 686 -7.18 -30.71 -17.39
CA GLN C 686 -8.18 -31.62 -16.84
C GLN C 686 -7.71 -33.07 -16.98
N CYS C 687 -7.91 -33.85 -15.92
CA CYS C 687 -7.44 -35.22 -15.85
C CYS C 687 -8.60 -36.16 -15.52
N PRO C 688 -8.82 -37.21 -16.30
CA PRO C 688 -9.87 -38.17 -15.95
C PRO C 688 -9.55 -38.93 -14.67
N ILE C 689 -10.60 -39.27 -13.93
CA ILE C 689 -10.45 -39.97 -12.66
C ILE C 689 -11.34 -41.21 -12.62
N VAL C 690 -11.60 -41.80 -13.78
CA VAL C 690 -12.43 -43.00 -13.88
C VAL C 690 -11.69 -44.06 -14.68
N ASP C 691 -12.09 -45.31 -14.45
CA ASP C 691 -11.47 -46.46 -15.11
C ASP C 691 -12.32 -46.87 -16.32
N ALA C 692 -11.84 -47.90 -17.02
CA ALA C 692 -12.44 -48.31 -18.29
C ALA C 692 -13.67 -49.18 -18.12
N GLY C 693 -13.97 -49.65 -16.91
CA GLY C 693 -15.13 -50.49 -16.70
C GLY C 693 -16.08 -49.95 -15.64
N ASP C 694 -15.71 -48.84 -15.01
CA ASP C 694 -16.52 -48.29 -13.93
C ASP C 694 -17.86 -47.81 -14.47
N ARG C 695 -18.87 -47.83 -13.59
CA ARG C 695 -20.19 -47.31 -13.90
C ARG C 695 -20.38 -45.98 -13.19
N VAL C 696 -20.88 -44.98 -13.92
CA VAL C 696 -21.04 -43.63 -13.39
C VAL C 696 -22.52 -43.36 -13.19
N GLU C 697 -22.80 -42.28 -12.46
CA GLU C 697 -24.15 -41.82 -12.19
C GLU C 697 -24.30 -40.38 -12.70
N ALA C 698 -25.53 -40.00 -13.03
CA ALA C 698 -25.78 -38.64 -13.46
C ALA C 698 -25.40 -37.66 -12.36
N GLY C 699 -24.66 -36.62 -12.73
CA GLY C 699 -24.19 -35.65 -11.76
C GLY C 699 -22.92 -36.01 -11.05
N GLN C 700 -22.27 -37.11 -11.43
CA GLN C 700 -21.01 -37.53 -10.81
C GLN C 700 -19.84 -36.91 -11.54
N VAL C 701 -18.81 -36.52 -10.78
CA VAL C 701 -17.63 -35.92 -11.36
C VAL C 701 -16.87 -36.97 -12.16
N ILE C 702 -16.58 -36.66 -13.42
CA ILE C 702 -15.94 -37.59 -14.32
C ILE C 702 -14.50 -37.21 -14.66
N ALA C 703 -14.08 -35.98 -14.35
CA ALA C 703 -12.71 -35.55 -14.55
C ALA C 703 -12.42 -34.41 -13.57
N ASP C 704 -11.14 -34.15 -13.36
CA ASP C 704 -10.71 -33.13 -12.42
C ASP C 704 -10.49 -31.80 -13.15
N GLY C 705 -9.98 -30.80 -12.43
CA GLY C 705 -9.73 -29.50 -12.98
C GLY C 705 -8.43 -28.92 -12.45
N PRO C 706 -8.25 -27.61 -12.58
CA PRO C 706 -7.01 -26.98 -12.12
C PRO C 706 -6.69 -27.22 -10.65
N CYS C 707 -7.58 -26.81 -9.75
CA CYS C 707 -7.36 -26.90 -8.32
C CYS C 707 -8.36 -27.84 -7.67
N THR C 708 -8.62 -28.98 -8.30
CA THR C 708 -9.59 -29.96 -7.82
C THR C 708 -8.91 -31.31 -7.61
N ASP C 709 -9.30 -31.99 -6.54
CA ASP C 709 -8.79 -33.32 -6.21
C ASP C 709 -9.97 -34.21 -5.88
N ASP C 710 -10.34 -35.09 -6.81
CA ASP C 710 -11.51 -35.96 -6.65
C ASP C 710 -12.80 -35.17 -6.54
N GLY C 711 -12.86 -34.02 -7.22
CA GLY C 711 -14.05 -33.19 -7.22
C GLY C 711 -14.13 -32.15 -6.11
N GLU C 712 -13.11 -32.04 -5.27
CA GLU C 712 -13.09 -31.09 -4.18
C GLU C 712 -12.03 -30.03 -4.43
N MET C 713 -12.31 -28.80 -4.01
CA MET C 713 -11.32 -27.74 -4.11
C MET C 713 -10.06 -28.13 -3.36
N ALA C 714 -8.90 -27.95 -4.01
CA ALA C 714 -7.60 -28.26 -3.43
C ALA C 714 -6.64 -27.15 -3.88
N LEU C 715 -6.54 -26.11 -3.07
CA LEU C 715 -5.80 -24.91 -3.45
C LEU C 715 -4.36 -24.90 -2.95
N GLY C 716 -3.95 -25.86 -2.13
CA GLY C 716 -2.63 -25.84 -1.53
C GLY C 716 -2.10 -27.23 -1.26
N LYS C 717 -1.22 -27.35 -0.27
CA LYS C 717 -0.62 -28.61 0.13
C LYS C 717 -0.55 -28.69 1.64
N ASN C 718 -0.56 -29.91 2.17
CA ASN C 718 -0.43 -30.16 3.59
C ASN C 718 1.04 -30.29 3.94
N LEU C 719 1.52 -29.44 4.86
CA LEU C 719 2.93 -29.37 5.20
C LEU C 719 3.11 -29.50 6.69
N LEU C 720 4.20 -30.16 7.10
CA LEU C 720 4.53 -30.35 8.50
C LEU C 720 5.23 -29.10 9.02
N VAL C 721 4.61 -28.40 9.97
CA VAL C 721 5.04 -27.07 10.37
C VAL C 721 5.55 -27.09 11.80
N ALA C 722 6.47 -26.17 12.08
CA ALA C 722 6.96 -25.89 13.43
C ALA C 722 6.74 -24.41 13.72
N ILE C 723 6.46 -24.10 14.98
CA ILE C 723 5.98 -22.77 15.37
C ILE C 723 7.01 -22.08 16.24
N MET C 724 8.29 -22.33 15.99
CA MET C 724 9.36 -21.74 16.74
C MET C 724 10.07 -20.65 15.94
N PRO C 725 10.77 -19.73 16.61
CA PRO C 725 11.66 -18.81 15.89
C PRO C 725 13.02 -19.46 15.65
N TRP C 726 13.56 -19.24 14.46
CA TRP C 726 14.75 -19.97 14.00
C TRP C 726 15.78 -19.01 13.42
N GLU C 727 16.75 -18.63 14.25
CA GLU C 727 17.98 -17.95 13.84
C GLU C 727 17.74 -16.64 13.10
N GLY C 728 16.54 -16.09 13.16
CA GLY C 728 16.27 -14.82 12.53
C GLY C 728 15.97 -14.87 11.06
N HIS C 729 15.88 -16.06 10.47
CA HIS C 729 15.53 -16.16 9.05
C HIS C 729 14.04 -15.99 8.81
N ASN C 730 13.21 -16.44 9.75
CA ASN C 730 11.77 -16.14 9.72
C ASN C 730 11.45 -14.92 10.59
N TYR C 731 12.16 -13.83 10.36
CA TYR C 731 12.01 -12.61 11.16
C TYR C 731 11.08 -11.65 10.43
N GLU C 732 10.06 -11.18 11.15
CA GLU C 732 9.14 -10.16 10.64
C GLU C 732 8.38 -10.67 9.41
N ASP C 733 7.68 -11.79 9.61
CA ASP C 733 6.75 -12.41 8.66
C ASP C 733 7.44 -13.23 7.58
N ALA C 734 8.75 -13.41 7.62
CA ALA C 734 9.42 -14.25 6.64
C ALA C 734 9.24 -15.73 7.01
N ILE C 735 9.47 -16.59 6.02
CA ILE C 735 9.21 -18.03 6.16
C ILE C 735 10.47 -18.80 5.79
N ILE C 736 10.62 -19.97 6.40
CA ILE C 736 11.73 -20.88 6.13
C ILE C 736 11.15 -22.17 5.57
N LEU C 737 11.71 -22.64 4.47
CA LEU C 737 11.23 -23.84 3.79
C LEU C 737 12.32 -24.89 3.73
N SER C 738 11.89 -26.15 3.66
CA SER C 738 12.79 -27.25 3.41
C SER C 738 13.10 -27.34 1.92
N ASN C 739 14.18 -28.06 1.59
CA ASN C 739 14.54 -28.26 0.21
C ASN C 739 13.80 -29.44 -0.42
N ARG C 740 13.11 -30.26 0.38
CA ARG C 740 12.30 -31.33 -0.17
C ARG C 740 11.17 -30.79 -1.03
N LEU C 741 10.61 -29.65 -0.65
CA LEU C 741 9.52 -29.04 -1.42
C LEU C 741 9.97 -28.59 -2.80
N VAL C 742 11.27 -28.50 -3.04
CA VAL C 742 11.81 -28.19 -4.36
C VAL C 742 12.25 -29.45 -5.09
N GLU C 743 12.86 -30.40 -4.39
CA GLU C 743 13.28 -31.65 -5.02
C GLU C 743 12.09 -32.44 -5.53
N GLU C 744 11.00 -32.48 -4.76
CA GLU C 744 9.85 -33.32 -5.07
C GLU C 744 8.74 -32.56 -5.79
N ASP C 745 8.99 -31.31 -6.19
CA ASP C 745 8.02 -30.54 -6.96
C ASP C 745 6.67 -30.46 -6.25
N VAL C 746 6.73 -30.15 -4.95
CA VAL C 746 5.50 -30.03 -4.18
C VAL C 746 4.76 -28.74 -4.53
N LEU C 747 5.48 -27.63 -4.67
CA LEU C 747 4.91 -26.32 -4.91
C LEU C 747 5.32 -25.77 -6.28
N THR C 748 5.28 -26.63 -7.30
CA THR C 748 5.64 -26.25 -8.66
C THR C 748 4.38 -25.92 -9.46
N SER C 749 4.52 -24.96 -10.37
CA SER C 749 3.41 -24.48 -11.18
C SER C 749 3.86 -24.35 -12.62
N ILE C 750 2.88 -24.36 -13.54
CA ILE C 750 3.12 -24.19 -14.97
C ILE C 750 2.45 -22.88 -15.39
N HIS C 751 3.21 -22.03 -16.06
CA HIS C 751 2.72 -20.74 -16.55
C HIS C 751 2.93 -20.66 -18.05
N ILE C 752 1.98 -20.06 -18.75
CA ILE C 752 1.97 -20.02 -20.21
C ILE C 752 1.89 -18.57 -20.66
N GLU C 753 2.75 -18.20 -21.60
CA GLU C 753 2.79 -16.87 -22.20
C GLU C 753 2.24 -16.93 -23.62
N GLU C 754 1.77 -15.79 -24.10
CA GLU C 754 1.22 -15.66 -25.44
C GLU C 754 1.91 -14.51 -26.15
N HIS C 755 2.52 -14.80 -27.30
CA HIS C 755 3.18 -13.80 -28.14
C HIS C 755 2.59 -13.84 -29.54
N GLU C 756 2.34 -12.67 -30.11
CA GLU C 756 1.75 -12.59 -31.44
C GLU C 756 2.36 -11.42 -32.21
N ILE C 757 2.47 -11.60 -33.53
CA ILE C 757 2.94 -10.56 -34.43
C ILE C 757 2.07 -10.61 -35.69
N ASP C 758 1.98 -9.47 -36.37
CA ASP C 758 1.15 -9.35 -37.56
C ASP C 758 1.95 -8.70 -38.69
N ALA C 759 1.59 -9.04 -39.92
CA ALA C 759 2.21 -8.50 -41.13
C ALA C 759 1.19 -7.61 -41.82
N ARG C 760 1.48 -6.32 -41.90
CA ARG C 760 0.57 -5.35 -42.47
C ARG C 760 0.93 -5.04 -43.93
N ASP C 761 0.02 -4.31 -44.60
CA ASP C 761 0.31 -3.84 -45.94
C ASP C 761 1.31 -2.69 -45.93
N THR C 762 1.12 -1.73 -45.03
CA THR C 762 2.04 -0.61 -44.88
C THR C 762 2.00 0.29 -46.10
N LYS C 763 2.25 1.59 -45.91
CA LYS C 763 2.35 2.49 -47.06
C LYS C 763 3.57 2.15 -47.91
N LEU C 764 4.68 1.74 -47.28
CA LEU C 764 5.85 1.29 -48.04
C LEU C 764 5.52 0.04 -48.84
N GLY C 765 4.82 -0.92 -48.23
CA GLY C 765 4.31 -2.07 -48.97
C GLY C 765 4.76 -3.44 -48.52
N ALA C 766 3.83 -4.29 -48.09
CA ALA C 766 4.07 -5.73 -48.12
C ALA C 766 5.27 -6.13 -47.28
N GLU C 767 5.14 -6.02 -45.97
CA GLU C 767 6.14 -6.53 -45.05
C GLU C 767 5.82 -8.00 -44.81
N GLU C 768 6.86 -8.82 -44.83
CA GLU C 768 6.70 -10.25 -45.02
C GLU C 768 7.38 -11.01 -43.88
N ILE C 769 6.88 -12.20 -43.62
CA ILE C 769 7.46 -13.12 -42.65
C ILE C 769 8.26 -14.16 -43.40
N THR C 770 9.57 -14.18 -43.18
CA THR C 770 10.44 -15.14 -43.84
C THR C 770 11.68 -15.36 -42.99
N ARG C 771 12.42 -16.42 -43.32
CA ARG C 771 13.66 -16.75 -42.63
C ARG C 771 14.84 -15.95 -43.15
N ASP C 772 14.70 -15.23 -44.26
CA ASP C 772 15.79 -14.47 -44.86
C ASP C 772 15.86 -13.10 -44.20
N ILE C 773 16.59 -13.03 -43.10
CA ILE C 773 16.80 -11.78 -42.37
C ILE C 773 18.25 -11.34 -42.59
N PRO C 774 18.50 -10.11 -43.04
CA PRO C 774 19.87 -9.71 -43.35
C PRO C 774 20.72 -9.51 -42.11
N ASN C 775 22.03 -9.73 -42.28
CA ASN C 775 23.02 -9.46 -41.25
C ASN C 775 22.69 -10.18 -39.94
N ILE C 776 22.32 -11.46 -40.03
CA ILE C 776 22.13 -12.31 -38.86
C ILE C 776 22.83 -13.63 -39.11
N SER C 777 23.58 -14.09 -38.12
CA SER C 777 24.34 -15.32 -38.27
C SER C 777 23.42 -16.52 -38.48
N ASP C 778 23.88 -17.46 -39.29
CA ASP C 778 23.10 -18.66 -39.56
C ASP C 778 22.87 -19.48 -38.29
N GLU C 779 23.72 -19.30 -37.27
CA GLU C 779 23.50 -19.99 -36.01
C GLU C 779 22.28 -19.44 -35.28
N VAL C 780 22.05 -18.13 -35.37
CA VAL C 780 20.90 -17.52 -34.71
C VAL C 780 19.59 -17.97 -35.33
N LEU C 781 19.61 -18.47 -36.57
CA LEU C 781 18.41 -18.91 -37.26
C LEU C 781 18.25 -20.43 -37.22
N ALA C 782 18.87 -21.11 -36.26
CA ALA C 782 18.85 -22.56 -36.23
C ALA C 782 17.46 -23.09 -35.91
N ASP C 783 16.75 -22.45 -34.98
CA ASP C 783 15.47 -22.98 -34.51
C ASP C 783 14.31 -22.67 -35.46
N LEU C 784 14.46 -21.70 -36.35
CA LEU C 784 13.39 -21.32 -37.25
C LEU C 784 13.20 -22.36 -38.34
N ASP C 785 11.96 -22.58 -38.74
CA ASP C 785 11.62 -23.55 -39.76
C ASP C 785 11.57 -22.87 -41.12
N GLU C 786 11.12 -23.61 -42.14
CA GLU C 786 11.13 -23.07 -43.50
C GLU C 786 10.22 -21.85 -43.62
N ARG C 787 9.05 -21.89 -42.99
CA ARG C 787 8.14 -20.76 -43.07
C ARG C 787 8.74 -19.52 -42.45
N GLY C 788 9.39 -19.66 -41.30
CA GLY C 788 10.01 -18.54 -40.61
C GLY C 788 9.64 -18.47 -39.14
N ILE C 789 8.99 -19.50 -38.63
CA ILE C 789 8.55 -19.56 -37.25
C ILE C 789 9.33 -20.67 -36.54
N VAL C 790 9.49 -20.49 -35.22
CA VAL C 790 10.20 -21.50 -34.44
C VAL C 790 9.44 -22.83 -34.52
N ARG C 791 10.17 -23.91 -34.22
CA ARG C 791 9.60 -25.24 -34.21
C ARG C 791 9.07 -25.59 -32.83
N ILE C 792 7.93 -26.27 -32.79
CA ILE C 792 7.36 -26.71 -31.52
C ILE C 792 8.38 -27.60 -30.80
N GLY C 793 8.47 -27.43 -29.49
CA GLY C 793 9.41 -28.18 -28.69
C GLY C 793 10.79 -27.56 -28.59
N ALA C 794 10.98 -26.33 -29.05
CA ALA C 794 12.26 -25.67 -29.01
C ALA C 794 12.36 -24.80 -27.76
N GLU C 795 13.57 -24.74 -27.20
CA GLU C 795 13.84 -23.94 -26.02
C GLU C 795 14.21 -22.52 -26.45
N VAL C 796 13.56 -21.53 -25.85
CA VAL C 796 13.75 -20.13 -26.19
C VAL C 796 14.23 -19.39 -24.96
N ARG C 797 15.17 -18.47 -25.16
CA ARG C 797 15.74 -17.65 -24.10
C ARG C 797 15.56 -16.19 -24.46
N ASP C 798 15.89 -15.32 -23.50
CA ASP C 798 15.76 -13.88 -23.73
C ASP C 798 16.51 -13.46 -24.98
N GLY C 799 15.85 -12.65 -25.82
CA GLY C 799 16.44 -12.17 -27.04
C GLY C 799 16.37 -13.12 -28.22
N ASP C 800 15.79 -14.30 -28.05
CA ASP C 800 15.72 -15.28 -29.11
C ASP C 800 14.63 -14.91 -30.12
N ILE C 801 14.80 -15.39 -31.34
CA ILE C 801 13.85 -15.10 -32.41
C ILE C 801 12.67 -16.05 -32.30
N LEU C 802 11.46 -15.52 -32.39
CA LEU C 802 10.23 -16.30 -32.44
C LEU C 802 9.59 -16.31 -33.81
N VAL C 803 9.56 -15.18 -34.50
CA VAL C 803 9.01 -15.07 -35.85
C VAL C 803 9.86 -14.06 -36.60
N GLY C 804 10.56 -14.52 -37.64
CA GLY C 804 11.38 -13.63 -38.45
C GLY C 804 10.53 -12.81 -39.40
N LYS C 805 10.69 -11.49 -39.34
CA LYS C 805 9.93 -10.59 -40.19
C LYS C 805 10.84 -9.46 -40.67
N VAL C 806 10.56 -8.96 -41.87
CA VAL C 806 11.29 -7.86 -42.48
C VAL C 806 10.30 -6.86 -43.04
N THR C 807 10.57 -5.58 -42.83
CA THR C 807 9.71 -4.50 -43.30
C THR C 807 10.50 -3.57 -44.22
N PRO C 808 9.96 -3.21 -45.40
CA PRO C 808 10.71 -2.33 -46.32
C PRO C 808 10.64 -0.85 -45.94
N LYS C 809 11.55 -0.45 -45.03
CA LYS C 809 11.56 0.93 -44.56
C LYS C 809 11.74 1.91 -45.70
N GLY C 810 12.34 1.48 -46.80
CA GLY C 810 12.57 2.36 -47.94
C GLY C 810 11.28 2.73 -48.65
N ARG C 830 18.58 -4.27 -50.50
CA ARG C 830 17.44 -3.38 -50.33
C ARG C 830 17.46 -2.73 -48.96
N GLU C 831 16.39 -1.99 -48.66
CA GLU C 831 16.25 -1.32 -47.36
C GLU C 831 15.49 -2.16 -46.36
N VAL C 832 15.09 -3.38 -46.72
CA VAL C 832 14.33 -4.23 -45.81
C VAL C 832 15.09 -4.38 -44.50
N ARG C 833 14.47 -3.93 -43.41
CA ARG C 833 15.03 -4.06 -42.09
C ARG C 833 14.52 -5.34 -41.43
N ASP C 834 14.96 -5.60 -40.20
CA ASP C 834 14.51 -6.74 -39.43
C ASP C 834 13.59 -6.25 -38.31
N THR C 835 12.36 -6.73 -38.32
CA THR C 835 11.36 -6.39 -37.30
C THR C 835 10.76 -7.66 -36.74
N SER C 836 11.62 -8.64 -36.41
CA SER C 836 11.15 -9.95 -35.98
C SER C 836 10.62 -9.89 -34.55
N LEU C 837 9.95 -10.97 -34.15
CA LEU C 837 9.42 -11.11 -32.81
C LEU C 837 10.47 -11.76 -31.90
N LYS C 838 10.72 -11.13 -30.77
CA LYS C 838 11.74 -11.57 -29.83
C LYS C 838 11.10 -12.07 -28.54
N VAL C 839 11.93 -12.64 -27.68
CA VAL C 839 11.52 -13.07 -26.35
C VAL C 839 11.86 -11.95 -25.37
N PRO C 840 10.89 -11.38 -24.65
CA PRO C 840 11.19 -10.25 -23.78
C PRO C 840 12.20 -10.60 -22.70
N HIS C 841 12.69 -9.56 -22.03
CA HIS C 841 13.67 -9.74 -20.97
C HIS C 841 13.11 -10.60 -19.85
N GLY C 842 13.90 -11.55 -19.38
CA GLY C 842 13.49 -12.38 -18.27
C GLY C 842 12.40 -13.37 -18.58
N GLU C 843 12.27 -13.78 -19.85
CA GLU C 843 11.25 -14.73 -20.27
C GLU C 843 11.91 -15.87 -21.03
N SER C 844 11.47 -17.09 -20.77
CA SER C 844 12.01 -18.27 -21.42
C SER C 844 11.01 -19.41 -21.26
N GLY C 845 11.34 -20.56 -21.83
CA GLY C 845 10.50 -21.73 -21.73
C GLY C 845 10.53 -22.53 -23.01
N LYS C 846 9.54 -23.41 -23.15
CA LYS C 846 9.40 -24.29 -24.30
C LYS C 846 8.24 -23.84 -25.16
N VAL C 847 8.44 -23.84 -26.48
CA VAL C 847 7.37 -23.54 -27.42
C VAL C 847 6.46 -24.76 -27.50
N ILE C 848 5.19 -24.58 -27.14
CA ILE C 848 4.24 -25.68 -27.07
C ILE C 848 3.14 -25.58 -28.11
N GLY C 849 3.09 -24.50 -28.89
CA GLY C 849 2.06 -24.37 -29.89
C GLY C 849 2.18 -23.12 -30.74
N ILE C 850 1.71 -23.20 -31.99
CA ILE C 850 1.73 -22.08 -32.92
C ILE C 850 0.39 -22.06 -33.65
N ARG C 851 -0.19 -20.86 -33.77
CA ARG C 851 -1.40 -20.66 -34.57
C ARG C 851 -1.14 -19.52 -35.55
N VAL C 852 -1.34 -19.79 -36.84
CA VAL C 852 -1.09 -18.83 -37.90
C VAL C 852 -2.36 -18.67 -38.72
N PHE C 853 -2.79 -17.43 -38.91
CA PHE C 853 -3.94 -17.08 -39.74
C PHE C 853 -3.44 -16.34 -40.96
N SER C 854 -3.75 -16.86 -42.15
CA SER C 854 -3.29 -16.30 -43.40
C SER C 854 -4.49 -15.84 -44.22
N ARG C 855 -4.41 -14.62 -44.75
CA ARG C 855 -5.50 -14.10 -45.58
C ARG C 855 -5.69 -14.92 -46.84
N GLU C 856 -4.62 -15.56 -47.33
CA GLU C 856 -4.73 -16.37 -48.53
C GLU C 856 -5.66 -17.56 -48.33
N ASP C 857 -5.89 -17.97 -47.09
CA ASP C 857 -6.79 -19.07 -46.76
C ASP C 857 -8.18 -18.57 -46.34
N GLU C 858 -8.62 -17.44 -46.90
CA GLU C 858 -9.92 -16.85 -46.59
C GLU C 858 -10.22 -16.87 -45.09
N ASP C 859 -9.27 -16.36 -44.30
CA ASP C 859 -9.47 -16.19 -42.87
C ASP C 859 -10.01 -14.80 -42.57
N GLU C 860 -10.83 -14.71 -41.52
CA GLU C 860 -11.47 -13.46 -41.13
C GLU C 860 -10.48 -12.61 -40.33
N LEU C 861 -9.46 -12.14 -41.03
CA LEU C 861 -8.47 -11.25 -40.44
C LEU C 861 -8.94 -9.81 -40.51
N PRO C 862 -8.46 -8.95 -39.62
CA PRO C 862 -8.81 -7.52 -39.71
C PRO C 862 -8.29 -6.92 -41.00
N ALA C 863 -8.68 -5.66 -41.24
CA ALA C 863 -8.37 -4.98 -42.48
C ALA C 863 -6.91 -4.54 -42.47
N GLY C 864 -6.15 -4.96 -43.48
CA GLY C 864 -4.78 -4.53 -43.66
C GLY C 864 -3.72 -5.43 -43.09
N VAL C 865 -4.06 -6.66 -42.68
CA VAL C 865 -3.09 -7.61 -42.14
C VAL C 865 -3.19 -8.90 -42.95
N ASN C 866 -2.04 -9.52 -43.19
CA ASN C 866 -1.97 -10.75 -43.97
C ASN C 866 -1.71 -11.98 -43.11
N GLU C 867 -0.87 -11.89 -42.09
CA GLU C 867 -0.57 -13.00 -41.19
C GLU C 867 -0.71 -12.55 -39.75
N LEU C 868 -1.15 -13.47 -38.90
CA LEU C 868 -1.37 -13.19 -37.48
C LEU C 868 -0.85 -14.35 -36.61
N VAL C 869 0.39 -14.77 -36.86
CA VAL C 869 0.94 -15.90 -36.13
C VAL C 869 0.97 -15.62 -34.63
N ARG C 870 0.62 -16.63 -33.83
CA ARG C 870 0.67 -16.58 -32.38
C ARG C 870 1.52 -17.73 -31.85
N VAL C 871 2.28 -17.46 -30.80
CA VAL C 871 3.23 -18.42 -30.23
C VAL C 871 2.99 -18.53 -28.73
N TYR C 872 2.96 -19.76 -28.23
CA TYR C 872 2.78 -20.04 -26.81
C TYR C 872 4.02 -20.73 -26.26
N VAL C 873 4.55 -20.19 -25.16
CA VAL C 873 5.70 -20.78 -24.48
C VAL C 873 5.34 -21.01 -23.02
N ALA C 874 5.66 -22.20 -22.51
CA ALA C 874 5.34 -22.60 -21.15
C ALA C 874 6.61 -22.89 -20.36
N GLN C 875 6.54 -22.67 -19.06
CA GLN C 875 7.67 -22.92 -18.18
C GLN C 875 7.18 -23.35 -16.81
N LYS C 876 7.85 -24.35 -16.23
CA LYS C 876 7.55 -24.80 -14.89
C LYS C 876 8.38 -23.99 -13.89
N ARG C 877 7.72 -23.47 -12.86
CA ARG C 877 8.35 -22.64 -11.85
C ARG C 877 8.33 -23.35 -10.51
N LYS C 878 9.50 -23.51 -9.90
CA LYS C 878 9.62 -24.07 -8.57
C LYS C 878 9.61 -22.94 -7.53
N ILE C 879 9.44 -23.33 -6.27
CA ILE C 879 9.36 -22.34 -5.21
C ILE C 879 10.76 -21.81 -4.90
N SER C 880 10.87 -20.50 -4.72
CA SER C 880 12.15 -19.85 -4.52
C SER C 880 11.98 -18.65 -3.60
N ASP C 881 13.10 -18.15 -3.09
CA ASP C 881 13.06 -16.99 -2.21
C ASP C 881 12.39 -15.82 -2.89
N GLY C 882 11.48 -15.17 -2.17
CA GLY C 882 10.72 -14.06 -2.69
C GLY C 882 9.30 -14.40 -3.09
N ASP C 883 8.97 -15.68 -3.23
CA ASP C 883 7.60 -16.09 -3.51
C ASP C 883 6.76 -15.97 -2.25
N LYS C 884 5.45 -15.84 -2.46
CA LYS C 884 4.50 -15.51 -1.40
C LYS C 884 3.65 -16.74 -1.09
N LEU C 885 3.68 -17.18 0.16
CA LEU C 885 2.85 -18.27 0.65
C LEU C 885 1.79 -17.71 1.58
N ALA C 886 0.81 -18.55 1.92
CA ALA C 886 -0.27 -18.10 2.78
C ALA C 886 -1.10 -19.28 3.23
N GLY C 887 -1.63 -19.18 4.45
CA GLY C 887 -2.64 -20.09 4.93
C GLY C 887 -4.04 -19.50 4.80
N ARG C 888 -5.01 -20.25 5.30
CA ARG C 888 -6.41 -19.85 5.16
C ARG C 888 -6.85 -18.88 6.24
N HIS C 889 -5.99 -18.52 7.19
CA HIS C 889 -6.35 -17.70 8.33
C HIS C 889 -5.66 -16.32 8.30
N GLY C 890 -5.37 -15.82 7.11
CA GLY C 890 -4.80 -14.50 6.98
C GLY C 890 -3.33 -14.41 7.34
N ASN C 891 -2.62 -15.53 7.35
CA ASN C 891 -1.18 -15.54 7.63
C ASN C 891 -0.43 -15.61 6.31
N LYS C 892 0.49 -14.67 6.10
CA LYS C 892 1.17 -14.52 4.83
C LYS C 892 2.62 -14.14 5.07
N GLY C 893 3.46 -14.38 4.07
CA GLY C 893 4.84 -14.00 4.15
C GLY C 893 5.59 -14.51 2.94
N VAL C 894 6.74 -13.89 2.69
CA VAL C 894 7.62 -14.30 1.61
C VAL C 894 8.63 -15.30 2.17
N ILE C 895 9.22 -16.09 1.27
CA ILE C 895 10.12 -17.15 1.67
C ILE C 895 11.49 -16.54 1.93
N GLY C 896 11.85 -16.42 3.22
CA GLY C 896 13.15 -15.87 3.56
C GLY C 896 14.31 -16.77 3.16
N LYS C 897 14.14 -18.08 3.37
CA LYS C 897 15.23 -19.02 3.10
C LYS C 897 14.65 -20.37 2.74
N ILE C 898 15.48 -21.18 2.07
CA ILE C 898 15.17 -22.56 1.72
C ILE C 898 16.34 -23.40 2.17
N LEU C 899 16.15 -24.19 3.23
CA LEU C 899 17.23 -24.89 3.90
C LEU C 899 17.41 -26.31 3.36
N PRO C 900 18.61 -26.86 3.44
CA PRO C 900 18.78 -28.29 3.14
C PRO C 900 18.02 -29.15 4.13
N VAL C 901 17.61 -30.33 3.67
CA VAL C 901 16.89 -31.26 4.53
C VAL C 901 17.77 -31.68 5.70
N GLU C 902 19.09 -31.62 5.54
CA GLU C 902 20.00 -32.12 6.57
C GLU C 902 20.08 -31.21 7.78
N ASP C 903 19.62 -29.96 7.67
CA ASP C 903 19.76 -29.00 8.77
C ASP C 903 18.41 -28.38 9.11
N MET C 904 17.33 -29.16 9.01
CA MET C 904 16.02 -28.77 9.51
C MET C 904 15.77 -29.46 10.85
N PRO C 905 14.99 -28.86 11.74
CA PRO C 905 14.61 -29.58 12.97
C PRO C 905 13.86 -30.85 12.61
N PHE C 906 14.17 -31.94 13.32
CA PHE C 906 13.58 -33.23 13.02
C PHE C 906 13.10 -33.90 14.29
N LEU C 907 12.09 -34.76 14.14
CA LEU C 907 11.48 -35.45 15.25
C LEU C 907 12.36 -36.62 15.69
N ALA C 908 11.94 -37.28 16.78
CA ALA C 908 12.75 -38.35 17.35
C ALA C 908 12.98 -39.49 16.36
N ASP C 909 12.04 -39.71 15.44
CA ASP C 909 12.18 -40.76 14.44
C ASP C 909 12.94 -40.30 13.21
N GLY C 910 13.33 -39.03 13.13
CA GLY C 910 14.11 -38.52 12.03
C GLY C 910 13.31 -37.86 10.92
N THR C 911 12.17 -37.25 11.23
CA THR C 911 11.33 -36.65 10.21
C THR C 911 11.55 -35.14 10.20
N PRO C 912 12.12 -34.57 9.14
CA PRO C 912 12.27 -33.12 9.08
C PRO C 912 10.92 -32.42 8.95
N VAL C 913 10.90 -31.16 9.38
CA VAL C 913 9.71 -30.31 9.29
C VAL C 913 9.79 -29.50 8.01
N ASP C 914 8.67 -29.42 7.29
CA ASP C 914 8.66 -28.81 5.97
C ASP C 914 8.72 -27.29 6.01
N ILE C 915 8.13 -26.67 7.03
CA ILE C 915 8.05 -25.21 7.10
C ILE C 915 8.17 -24.79 8.56
N ILE C 916 8.70 -23.59 8.78
CA ILE C 916 8.90 -23.05 10.12
C ILE C 916 8.27 -21.67 10.16
N LEU C 917 7.33 -21.47 11.07
CA LEU C 917 6.63 -20.21 11.24
C LEU C 917 6.99 -19.59 12.58
N ASN C 918 7.15 -18.26 12.60
CA ASN C 918 7.59 -17.57 13.80
C ASN C 918 6.45 -17.46 14.81
N THR C 919 6.84 -17.47 16.09
CA THR C 919 5.87 -17.40 17.18
C THR C 919 5.31 -16.00 17.40
N HIS C 920 6.05 -14.96 17.04
CA HIS C 920 5.70 -13.60 17.41
C HIS C 920 4.59 -13.00 16.56
N GLY C 921 4.15 -13.69 15.51
CA GLY C 921 3.10 -13.17 14.66
C GLY C 921 1.71 -13.69 14.99
N VAL C 922 1.63 -14.78 15.74
CA VAL C 922 0.35 -15.44 16.00
C VAL C 922 -0.46 -14.68 17.05
N PRO C 923 0.05 -14.50 18.28
CA PRO C 923 -0.81 -13.95 19.33
C PRO C 923 -1.15 -12.48 19.14
N ARG C 924 -0.32 -11.73 18.44
CA ARG C 924 -0.57 -10.30 18.27
C ARG C 924 -1.69 -10.03 17.28
N ARG C 925 -1.86 -10.89 16.28
CA ARG C 925 -2.81 -10.66 15.20
C ARG C 925 -4.18 -11.29 15.46
N MET C 926 -4.36 -11.99 16.58
CA MET C 926 -5.66 -12.50 16.98
C MET C 926 -6.23 -13.47 15.93
N ASN C 927 -5.37 -14.29 15.35
CA ASN C 927 -5.80 -15.40 14.49
C ASN C 927 -5.25 -16.68 15.12
N ILE C 928 -5.97 -17.21 16.10
CA ILE C 928 -5.56 -18.43 16.80
C ILE C 928 -6.19 -19.67 16.19
N GLY C 929 -6.90 -19.53 15.07
CA GLY C 929 -7.45 -20.67 14.38
C GLY C 929 -6.41 -21.49 13.64
N GLN C 930 -5.24 -20.90 13.34
CA GLN C 930 -4.18 -21.66 12.69
C GLN C 930 -3.57 -22.68 13.63
N ILE C 931 -3.47 -22.37 14.92
CA ILE C 931 -2.97 -23.34 15.89
C ILE C 931 -3.95 -24.48 16.07
N LEU C 932 -5.24 -24.17 16.12
CA LEU C 932 -6.26 -25.22 16.21
C LEU C 932 -6.26 -26.08 14.95
N GLU C 933 -6.09 -25.47 13.78
CA GLU C 933 -5.98 -26.24 12.56
C GLU C 933 -4.75 -27.12 12.57
N THR C 934 -3.63 -26.63 13.10
CA THR C 934 -2.43 -27.44 13.21
C THR C 934 -2.66 -28.65 14.11
N HIS C 935 -3.31 -28.44 15.26
CA HIS C 935 -3.59 -29.55 16.16
C HIS C 935 -4.49 -30.58 15.50
N LEU C 936 -5.59 -30.13 14.91
CA LEU C 936 -6.51 -31.07 14.27
C LEU C 936 -5.87 -31.74 13.05
N GLY C 937 -4.98 -31.05 12.35
CA GLY C 937 -4.29 -31.65 11.23
C GLY C 937 -3.34 -32.74 11.66
N TRP C 938 -2.61 -32.54 12.76
CA TRP C 938 -1.80 -33.63 13.29
C TRP C 938 -2.67 -34.80 13.70
N CYS C 939 -3.81 -34.51 14.36
CA CYS C 939 -4.70 -35.59 14.77
C CYS C 939 -5.19 -36.39 13.57
N ALA C 940 -5.58 -35.69 12.49
CA ALA C 940 -6.09 -36.38 11.31
C ALA C 940 -4.99 -37.17 10.61
N HIS C 941 -3.81 -36.58 10.44
CA HIS C 941 -2.72 -37.28 9.78
C HIS C 941 -2.31 -38.53 10.55
N SER C 942 -2.22 -38.43 11.87
CA SER C 942 -1.77 -39.56 12.67
C SER C 942 -2.84 -40.63 12.85
N GLY C 943 -4.11 -40.23 12.94
CA GLY C 943 -5.17 -41.16 13.29
C GLY C 943 -5.35 -41.25 14.81
N TRP C 944 -6.51 -41.75 15.21
CA TRP C 944 -6.84 -41.83 16.62
C TRP C 944 -7.81 -42.96 16.87
N LYS C 945 -8.03 -43.26 18.15
CA LYS C 945 -9.04 -44.23 18.56
C LYS C 945 -9.42 -43.93 20.01
N VAL C 946 -10.65 -43.47 20.23
CA VAL C 946 -11.11 -43.17 21.58
C VAL C 946 -11.34 -44.49 22.33
N ASP C 947 -10.71 -44.61 23.49
CA ASP C 947 -10.76 -45.85 24.27
C ASP C 947 -12.02 -45.85 25.12
N ALA C 948 -13.14 -46.18 24.48
CA ALA C 948 -14.43 -46.29 25.16
C ALA C 948 -14.68 -47.70 25.67
N ALA C 949 -13.72 -48.25 26.41
CA ALA C 949 -13.87 -49.58 26.95
C ALA C 949 -15.03 -49.64 27.94
N LYS C 950 -15.15 -48.63 28.79
CA LYS C 950 -16.21 -48.54 29.80
C LYS C 950 -16.95 -47.22 29.57
N GLY C 951 -17.85 -47.23 28.59
CA GLY C 951 -18.58 -46.03 28.23
C GLY C 951 -17.70 -45.00 27.57
N VAL C 952 -18.28 -44.14 26.75
CA VAL C 952 -17.50 -43.09 26.08
C VAL C 952 -17.10 -42.05 27.11
N PRO C 953 -15.91 -41.45 27.01
CA PRO C 953 -15.54 -40.38 27.95
C PRO C 953 -16.49 -39.20 27.82
N ASP C 954 -16.66 -38.48 28.94
CA ASP C 954 -17.64 -37.40 28.98
C ASP C 954 -17.38 -36.35 27.92
N TRP C 955 -16.12 -36.16 27.50
CA TRP C 955 -15.83 -35.19 26.47
C TRP C 955 -16.21 -35.66 25.07
N ALA C 956 -16.53 -36.95 24.91
CA ALA C 956 -16.97 -37.50 23.64
C ALA C 956 -18.45 -37.88 23.65
N ALA C 957 -19.20 -37.37 24.64
CA ALA C 957 -20.61 -37.72 24.72
C ALA C 957 -21.38 -37.21 23.51
N ARG C 958 -21.12 -35.98 23.09
CA ARG C 958 -21.80 -35.37 21.95
C ARG C 958 -21.02 -35.51 20.66
N LEU C 959 -19.91 -36.23 20.68
CA LEU C 959 -19.12 -36.44 19.48
C LEU C 959 -19.82 -37.46 18.57
N PRO C 960 -20.04 -37.14 17.30
CA PRO C 960 -20.79 -38.07 16.44
C PRO C 960 -20.11 -39.43 16.36
N ASP C 961 -20.93 -40.48 16.33
CA ASP C 961 -20.41 -41.80 16.04
C ASP C 961 -19.83 -41.84 14.63
N GLU C 962 -18.87 -42.73 14.41
CA GLU C 962 -18.00 -42.77 13.25
C GLU C 962 -16.87 -41.76 13.41
N LEU C 963 -16.87 -40.97 14.48
CA LEU C 963 -15.80 -40.03 14.78
C LEU C 963 -15.02 -40.43 16.03
N LEU C 964 -15.30 -41.62 16.58
CA LEU C 964 -14.56 -42.16 17.71
C LEU C 964 -13.35 -42.97 17.27
N GLU C 965 -13.08 -43.06 15.98
CA GLU C 965 -11.97 -43.85 15.46
C GLU C 965 -11.65 -43.35 14.06
N ALA C 966 -10.36 -43.37 13.72
CA ALA C 966 -9.92 -42.91 12.40
C ALA C 966 -8.63 -43.61 12.03
N GLN C 967 -8.38 -43.70 10.73
CA GLN C 967 -7.16 -44.26 10.19
C GLN C 967 -6.20 -43.15 9.80
N PRO C 968 -4.91 -43.46 9.66
CA PRO C 968 -3.96 -42.42 9.27
C PRO C 968 -4.34 -41.74 7.96
N ASN C 969 -4.11 -40.43 7.91
CA ASN C 969 -4.45 -39.61 6.74
C ASN C 969 -5.96 -39.64 6.48
N ALA C 970 -6.72 -39.26 7.50
CA ALA C 970 -8.18 -39.18 7.40
C ALA C 970 -8.59 -37.73 7.13
N ILE C 971 -9.54 -37.55 6.22
CA ILE C 971 -10.06 -36.24 5.88
C ILE C 971 -11.28 -35.95 6.73
N VAL C 972 -11.29 -34.80 7.40
CA VAL C 972 -12.36 -34.40 8.29
C VAL C 972 -12.80 -32.99 7.92
N SER C 973 -13.98 -32.61 8.39
CA SER C 973 -14.53 -31.29 8.14
C SER C 973 -15.02 -30.67 9.44
N THR C 974 -14.74 -29.38 9.61
CA THR C 974 -15.21 -28.58 10.76
C THR C 974 -15.96 -27.39 10.19
N PRO C 975 -17.29 -27.46 10.06
CA PRO C 975 -18.04 -26.35 9.46
C PRO C 975 -17.75 -25.01 10.13
N VAL C 976 -18.18 -23.92 9.48
CA VAL C 976 -17.63 -22.60 9.80
C VAL C 976 -18.00 -22.18 11.22
N PHE C 977 -19.27 -22.36 11.60
CA PHE C 977 -19.72 -21.95 12.93
C PHE C 977 -20.25 -23.10 13.78
N ASP C 978 -20.25 -24.34 13.26
CA ASP C 978 -20.68 -25.51 14.02
C ASP C 978 -19.67 -26.63 13.73
N GLY C 979 -18.60 -26.65 14.51
CA GLY C 979 -17.53 -27.61 14.28
C GLY C 979 -16.96 -28.20 15.55
N ALA C 980 -15.65 -28.42 15.56
CA ALA C 980 -14.98 -29.05 16.70
C ALA C 980 -14.79 -28.06 17.83
N GLN C 981 -14.92 -28.55 19.07
CA GLN C 981 -14.75 -27.75 20.26
C GLN C 981 -13.32 -27.91 20.80
N GLU C 982 -13.03 -27.17 21.86
CA GLU C 982 -11.70 -27.25 22.47
C GLU C 982 -11.53 -28.53 23.28
N ALA C 983 -12.56 -28.94 24.02
CA ALA C 983 -12.48 -30.18 24.79
C ALA C 983 -12.30 -31.38 23.87
N GLU C 984 -13.01 -31.39 22.75
CA GLU C 984 -12.86 -32.49 21.80
C GLU C 984 -11.44 -32.51 21.21
N LEU C 985 -10.88 -31.34 20.93
CA LEU C 985 -9.52 -31.29 20.42
C LEU C 985 -8.53 -31.83 21.45
N GLN C 986 -8.69 -31.44 22.72
CA GLN C 986 -7.83 -31.98 23.76
C GLN C 986 -7.96 -33.50 23.84
N GLY C 987 -9.19 -34.00 23.83
CA GLY C 987 -9.39 -35.44 23.91
C GLY C 987 -8.73 -36.18 22.77
N LEU C 988 -8.89 -35.67 21.54
CA LEU C 988 -8.28 -36.32 20.39
C LEU C 988 -6.76 -36.27 20.48
N LEU C 989 -6.20 -35.14 20.90
CA LEU C 989 -4.75 -35.07 21.06
C LEU C 989 -4.26 -36.09 22.07
N SER C 990 -5.05 -36.32 23.13
CA SER C 990 -4.63 -37.24 24.18
C SER C 990 -4.67 -38.70 23.76
N CYS C 991 -5.31 -39.03 22.63
CA CYS C 991 -5.42 -40.43 22.17
C CYS C 991 -5.17 -40.44 20.65
N THR C 992 -3.93 -40.67 20.27
CA THR C 992 -3.55 -40.81 18.87
C THR C 992 -2.75 -42.09 18.69
N LEU C 993 -2.75 -42.60 17.46
CA LEU C 993 -2.08 -43.85 17.20
C LEU C 993 -0.56 -43.66 17.16
N PRO C 994 0.21 -44.69 17.54
CA PRO C 994 1.67 -44.58 17.46
C PRO C 994 2.15 -44.55 16.01
N ASN C 995 3.42 -44.19 15.85
CA ASN C 995 4.04 -44.14 14.54
C ASN C 995 4.46 -45.57 14.14
N ARG C 996 5.27 -45.67 13.09
CA ARG C 996 5.67 -46.99 12.59
C ARG C 996 6.37 -47.80 13.66
N ASP C 997 7.29 -47.18 14.40
CA ASP C 997 8.05 -47.91 15.41
C ASP C 997 7.20 -48.22 16.64
N GLY C 998 6.22 -47.38 16.94
CA GLY C 998 5.37 -47.58 18.11
C GLY C 998 5.62 -46.54 19.19
N ASP C 999 5.93 -45.32 18.77
CA ASP C 999 6.15 -44.21 19.70
C ASP C 999 5.24 -43.04 19.33
N VAL C 1000 4.78 -42.33 20.35
CA VAL C 1000 3.97 -41.14 20.16
C VAL C 1000 4.89 -39.93 20.19
N LEU C 1001 4.93 -39.18 19.09
CA LEU C 1001 5.87 -38.09 18.95
C LEU C 1001 5.34 -36.77 19.48
N VAL C 1002 4.02 -36.56 19.41
CA VAL C 1002 3.38 -35.36 19.93
C VAL C 1002 2.56 -35.73 21.15
N ASP C 1003 2.78 -35.03 22.26
CA ASP C 1003 2.15 -35.37 23.52
C ASP C 1003 0.76 -34.74 23.60
N ALA C 1004 0.14 -34.80 24.78
CA ALA C 1004 -1.22 -34.33 24.95
C ALA C 1004 -1.36 -32.83 24.78
N ASP C 1005 -0.26 -32.07 24.80
CA ASP C 1005 -0.29 -30.63 24.61
C ASP C 1005 -0.13 -30.22 23.15
N GLY C 1006 0.06 -31.17 22.24
CA GLY C 1006 0.32 -30.84 20.86
C GLY C 1006 1.73 -30.37 20.58
N LYS C 1007 2.67 -30.69 21.47
CA LYS C 1007 4.04 -30.23 21.36
C LYS C 1007 4.99 -31.42 21.32
N ALA C 1008 6.01 -31.33 20.47
CA ALA C 1008 6.98 -32.39 20.28
C ALA C 1008 8.38 -31.91 20.64
N MET C 1009 9.27 -32.86 20.89
CA MET C 1009 10.66 -32.59 21.22
C MET C 1009 11.50 -32.76 19.95
N LEU C 1010 12.15 -31.68 19.53
CA LEU C 1010 12.88 -31.63 18.28
C LEU C 1010 14.38 -31.66 18.52
N PHE C 1011 15.12 -31.97 17.45
CA PHE C 1011 16.58 -31.92 17.44
C PHE C 1011 17.03 -30.76 16.56
N ASP C 1012 18.22 -30.25 16.85
CA ASP C 1012 18.82 -29.19 16.06
C ASP C 1012 19.62 -29.82 14.93
N GLY C 1013 19.23 -29.54 13.69
CA GLY C 1013 19.88 -30.16 12.55
C GLY C 1013 21.29 -29.69 12.29
N ARG C 1014 21.65 -28.50 12.76
CA ARG C 1014 23.00 -27.97 12.54
C ARG C 1014 23.99 -28.43 13.60
N SER C 1015 23.57 -28.50 14.87
CA SER C 1015 24.45 -28.92 15.94
C SER C 1015 24.10 -30.30 16.49
N GLY C 1016 22.89 -30.81 16.26
CA GLY C 1016 22.50 -32.11 16.71
C GLY C 1016 22.02 -32.16 18.15
N GLU C 1017 22.08 -31.06 18.87
CA GLU C 1017 21.59 -31.02 20.24
C GLU C 1017 20.07 -30.93 20.25
N PRO C 1018 19.40 -31.56 21.21
CA PRO C 1018 17.95 -31.39 21.31
C PRO C 1018 17.60 -30.00 21.83
N PHE C 1019 16.55 -29.42 21.27
CA PHE C 1019 16.12 -28.12 21.72
C PHE C 1019 15.65 -28.19 23.16
N PRO C 1020 15.90 -27.16 23.98
CA PRO C 1020 15.64 -27.28 25.42
C PRO C 1020 14.18 -27.54 25.77
N TYR C 1021 13.23 -27.00 25.01
CA TYR C 1021 11.82 -27.12 25.33
C TYR C 1021 11.05 -27.68 24.16
N PRO C 1022 9.92 -28.35 24.40
CA PRO C 1022 9.14 -28.90 23.30
C PRO C 1022 8.53 -27.82 22.43
N VAL C 1023 8.37 -28.13 21.15
CA VAL C 1023 7.86 -27.21 20.16
C VAL C 1023 6.53 -27.73 19.64
N THR C 1024 5.72 -26.81 19.10
CA THR C 1024 4.40 -27.15 18.56
C THR C 1024 4.54 -27.56 17.11
N VAL C 1025 4.13 -28.80 16.80
CA VAL C 1025 4.24 -29.34 15.45
C VAL C 1025 2.88 -29.86 15.01
N GLY C 1026 2.67 -29.89 13.71
CA GLY C 1026 1.43 -30.39 13.16
C GLY C 1026 1.39 -30.18 11.67
N TYR C 1027 0.18 -30.25 11.10
CA TYR C 1027 -0.02 -30.08 9.67
C TYR C 1027 -1.04 -28.97 9.44
N MET C 1028 -0.69 -28.03 8.56
CA MET C 1028 -1.62 -27.00 8.11
C MET C 1028 -1.56 -26.89 6.59
N TYR C 1029 -2.54 -26.20 6.05
CA TYR C 1029 -2.75 -26.10 4.60
C TYR C 1029 -2.17 -24.80 4.10
N ILE C 1030 -1.13 -24.89 3.25
CA ILE C 1030 -0.43 -23.73 2.73
C ILE C 1030 -0.73 -23.61 1.23
N MET C 1031 -0.98 -22.39 0.78
CA MET C 1031 -1.28 -22.09 -0.61
C MET C 1031 -0.19 -21.20 -1.20
N LYS C 1032 0.04 -21.33 -2.49
CA LYS C 1032 1.03 -20.55 -3.21
C LYS C 1032 0.33 -19.41 -3.96
N LEU C 1033 0.63 -18.18 -3.58
CA LEU C 1033 -0.03 -17.02 -4.15
C LEU C 1033 0.65 -16.59 -5.45
N HIS C 1034 -0.12 -15.93 -6.31
CA HIS C 1034 0.37 -15.50 -7.60
C HIS C 1034 1.15 -14.18 -7.50
N HIS C 1035 2.14 -14.14 -6.63
CA HIS C 1035 2.96 -12.96 -6.39
C HIS C 1035 4.44 -13.36 -6.43
N LEU C 1036 4.80 -14.07 -7.49
CA LEU C 1036 6.13 -14.63 -7.64
C LEU C 1036 7.15 -13.53 -7.91
N VAL C 1037 8.37 -13.73 -7.39
CA VAL C 1037 9.41 -12.71 -7.51
C VAL C 1037 9.99 -12.66 -8.92
N ASP C 1038 9.76 -13.69 -9.73
CA ASP C 1038 10.24 -13.68 -11.11
C ASP C 1038 9.54 -12.63 -11.95
N ASP C 1039 8.35 -12.20 -11.54
CA ASP C 1039 7.58 -11.19 -12.26
C ASP C 1039 7.77 -9.79 -11.72
N LYS C 1040 8.63 -9.60 -10.71
CA LYS C 1040 8.76 -8.33 -10.03
C LYS C 1040 10.16 -7.73 -10.09
N ILE C 1041 11.18 -8.52 -10.41
CA ILE C 1041 12.54 -8.00 -10.52
C ILE C 1041 12.65 -7.21 -11.81
N HIS C 1042 13.21 -6.00 -11.72
CA HIS C 1042 13.40 -5.14 -12.88
C HIS C 1042 14.58 -4.20 -12.62
N ALA C 1043 15.36 -3.96 -13.67
CA ALA C 1043 16.48 -3.03 -13.59
C ALA C 1043 16.62 -2.33 -14.93
N ARG C 1044 17.31 -1.19 -14.92
CA ARG C 1044 17.45 -0.37 -16.12
C ARG C 1044 18.68 0.50 -15.97
N SER C 1045 19.33 0.76 -17.10
CA SER C 1045 20.39 1.76 -17.20
C SER C 1045 20.11 2.80 -18.27
N THR C 1046 19.50 2.39 -19.38
CA THR C 1046 19.07 3.33 -20.41
C THR C 1046 18.08 2.60 -21.31
N GLY C 1047 17.21 3.37 -21.95
CA GLY C 1047 16.18 2.80 -22.79
C GLY C 1047 15.30 3.84 -23.43
N PRO C 1048 14.02 3.51 -23.64
CA PRO C 1048 13.11 4.46 -24.29
C PRO C 1048 12.86 5.70 -23.45
N TYR C 1049 12.59 6.81 -24.14
CA TYR C 1049 12.24 8.07 -23.51
C TYR C 1049 10.95 8.60 -24.11
N SER C 1050 10.16 9.27 -23.28
CA SER C 1050 8.94 9.90 -23.77
C SER C 1050 9.26 11.03 -24.73
N MET C 1051 8.33 11.29 -25.65
CA MET C 1051 8.57 12.24 -26.72
C MET C 1051 8.20 13.67 -26.36
N ILE C 1052 7.06 13.90 -25.71
CA ILE C 1052 6.69 15.25 -25.32
C ILE C 1052 7.73 15.82 -24.36
N THR C 1053 8.04 15.08 -23.31
CA THR C 1053 9.12 15.40 -22.38
C THR C 1053 10.12 14.26 -22.41
N GLN C 1054 11.39 14.58 -22.63
CA GLN C 1054 12.41 13.56 -22.87
C GLN C 1054 12.82 12.89 -21.56
N GLN C 1055 11.86 12.24 -20.93
CA GLN C 1055 12.06 11.51 -19.69
C GLN C 1055 11.87 10.02 -19.90
N PRO C 1056 12.48 9.18 -19.06
CA PRO C 1056 12.33 7.74 -19.24
C PRO C 1056 10.87 7.31 -19.14
N LEU C 1057 10.53 6.29 -19.92
CA LEU C 1057 9.19 5.72 -19.84
C LEU C 1057 9.03 4.99 -18.52
N GLY C 1058 7.77 4.78 -18.14
CA GLY C 1058 7.43 4.06 -16.93
C GLY C 1058 6.76 2.74 -17.27
N GLY C 1059 7.23 1.68 -16.61
CA GLY C 1059 6.64 0.37 -16.80
C GLY C 1059 7.68 -0.73 -16.98
N LYS C 1060 7.44 -1.88 -16.35
CA LYS C 1060 8.31 -3.03 -16.53
C LYS C 1060 8.26 -3.53 -17.97
N ALA C 1061 7.07 -3.53 -18.58
CA ALA C 1061 6.94 -4.00 -19.96
C ALA C 1061 7.54 -3.01 -20.95
N GLN C 1062 7.57 -1.73 -20.60
CA GLN C 1062 8.18 -0.71 -21.46
C GLN C 1062 9.67 -0.55 -21.21
N PHE C 1063 10.25 -1.32 -20.28
CA PHE C 1063 11.64 -1.14 -19.86
C PHE C 1063 11.84 0.29 -19.33
N GLY C 1064 10.99 0.64 -18.36
CA GLY C 1064 10.93 1.98 -17.84
C GLY C 1064 11.79 2.17 -16.60
N GLY C 1065 11.79 3.42 -16.13
CA GLY C 1065 12.58 3.81 -14.98
C GLY C 1065 11.73 4.00 -13.73
N GLN C 1066 12.40 3.99 -12.59
CA GLN C 1066 11.76 4.12 -11.30
C GLN C 1066 11.54 5.60 -10.99
N ARG C 1067 10.31 5.95 -10.62
CA ARG C 1067 9.98 7.35 -10.38
C ARG C 1067 10.61 7.84 -9.07
N PHE C 1068 11.21 9.02 -9.12
CA PHE C 1068 11.78 9.68 -7.95
C PHE C 1068 10.86 10.87 -7.64
N GLY C 1069 9.85 10.61 -6.82
CA GLY C 1069 8.78 11.56 -6.61
C GLY C 1069 9.17 12.72 -5.72
N GLU C 1070 8.15 13.42 -5.23
CA GLU C 1070 8.36 14.65 -4.47
C GLU C 1070 8.85 14.37 -3.06
N MET C 1071 8.32 13.31 -2.42
CA MET C 1071 8.72 13.01 -1.05
C MET C 1071 10.15 12.51 -0.96
N GLU C 1072 10.62 11.78 -1.97
CA GLU C 1072 12.04 11.43 -2.01
C GLU C 1072 12.91 12.67 -2.19
N CYS C 1073 12.43 13.66 -2.95
CA CYS C 1073 13.14 14.93 -3.04
C CYS C 1073 13.19 15.63 -1.68
N TRP C 1074 12.08 15.58 -0.93
CA TRP C 1074 12.10 16.14 0.42
C TRP C 1074 13.13 15.45 1.29
N ALA C 1075 13.20 14.12 1.22
CA ALA C 1075 14.18 13.39 2.01
C ALA C 1075 15.61 13.78 1.62
N MET C 1076 15.87 13.90 0.32
CA MET C 1076 17.22 14.26 -0.13
C MET C 1076 17.58 15.68 0.30
N GLN C 1077 16.62 16.61 0.24
CA GLN C 1077 16.87 17.96 0.72
C GLN C 1077 17.10 18.00 2.22
N ALA C 1078 16.41 17.15 2.97
CA ALA C 1078 16.64 17.08 4.41
C ALA C 1078 18.02 16.51 4.73
N TYR C 1079 18.49 15.55 3.94
CA TYR C 1079 19.86 15.05 4.13
C TYR C 1079 20.89 16.14 3.86
N GLY C 1080 20.56 17.11 3.02
CA GLY C 1080 21.52 18.10 2.57
C GLY C 1080 22.32 17.70 1.35
N ALA C 1081 21.86 16.69 0.61
CA ALA C 1081 22.59 16.16 -0.54
C ALA C 1081 22.16 16.91 -1.78
N ALA C 1082 22.98 17.88 -2.20
CA ALA C 1082 22.65 18.74 -3.33
C ALA C 1082 23.09 18.15 -4.67
N TYR C 1083 24.30 17.60 -4.73
CA TYR C 1083 24.81 17.06 -5.99
C TYR C 1083 24.05 15.81 -6.40
N THR C 1084 23.70 14.95 -5.45
CA THR C 1084 22.92 13.76 -5.78
C THR C 1084 21.58 14.13 -6.38
N LEU C 1085 20.88 15.06 -5.75
CA LEU C 1085 19.58 15.50 -6.26
C LEU C 1085 19.73 16.16 -7.62
N GLN C 1086 20.75 16.99 -7.80
CA GLN C 1086 20.94 17.65 -9.08
C GLN C 1086 21.18 16.64 -10.19
N GLU C 1087 22.03 15.65 -9.94
CA GLU C 1087 22.29 14.66 -10.98
C GLU C 1087 21.04 13.85 -11.27
N LEU C 1088 20.32 13.41 -10.23
CA LEU C 1088 19.08 12.66 -10.43
C LEU C 1088 18.10 13.43 -11.30
N LEU C 1089 17.98 14.75 -11.07
CA LEU C 1089 16.98 15.52 -11.77
C LEU C 1089 17.42 15.93 -13.18
N THR C 1090 18.73 16.09 -13.41
CA THR C 1090 19.21 16.58 -14.70
C THR C 1090 19.73 15.46 -15.60
N ILE C 1091 20.77 14.74 -15.19
CA ILE C 1091 21.48 13.90 -16.14
C ILE C 1091 20.94 12.48 -16.17
N LYS C 1092 20.08 12.10 -15.24
CA LYS C 1092 19.45 10.79 -15.27
C LYS C 1092 18.05 10.82 -15.84
N SER C 1093 17.43 12.00 -15.99
CA SER C 1093 16.04 12.06 -16.43
C SER C 1093 15.87 12.73 -17.78
N ASP C 1094 16.20 14.02 -17.94
CA ASP C 1094 15.80 14.72 -19.16
C ASP C 1094 16.82 15.75 -19.64
N ASP C 1095 18.11 15.53 -19.39
CA ASP C 1095 19.16 16.37 -19.96
C ASP C 1095 19.67 15.66 -21.20
N THR C 1096 19.19 16.10 -22.37
CA THR C 1096 19.36 15.32 -23.59
C THR C 1096 20.83 15.14 -23.95
N VAL C 1097 21.65 16.18 -23.81
CA VAL C 1097 23.07 16.06 -24.09
C VAL C 1097 23.84 15.52 -22.89
N GLY C 1098 23.38 15.82 -21.68
CA GLY C 1098 24.05 15.32 -20.50
C GLY C 1098 24.03 13.80 -20.44
N ARG C 1099 22.95 13.18 -20.90
CA ARG C 1099 22.87 11.72 -20.88
C ARG C 1099 23.96 11.10 -21.74
N VAL C 1100 24.10 11.57 -22.98
CA VAL C 1100 25.10 11.00 -23.88
C VAL C 1100 26.51 11.31 -23.38
N LYS C 1101 26.73 12.53 -22.87
CA LYS C 1101 28.05 12.86 -22.36
C LYS C 1101 28.41 11.98 -21.17
N VAL C 1102 27.45 11.72 -20.28
CA VAL C 1102 27.69 10.86 -19.13
C VAL C 1102 28.02 9.45 -19.57
N TYR C 1103 27.27 8.93 -20.55
CA TYR C 1103 27.55 7.58 -21.03
C TYR C 1103 28.95 7.49 -21.64
N GLU C 1104 29.33 8.49 -22.44
CA GLU C 1104 30.68 8.50 -23.01
C GLU C 1104 31.74 8.57 -21.93
N ALA C 1105 31.54 9.43 -20.93
CA ALA C 1105 32.52 9.56 -19.86
C ALA C 1105 32.67 8.25 -19.09
N ILE C 1106 31.56 7.56 -18.84
CA ILE C 1106 31.64 6.31 -18.09
C ILE C 1106 32.34 5.23 -18.90
N VAL C 1107 31.96 5.07 -20.17
CA VAL C 1107 32.59 4.04 -20.99
C VAL C 1107 34.06 4.35 -21.23
N LYS C 1108 34.46 5.61 -21.11
CA LYS C 1108 35.87 5.96 -20.99
C LYS C 1108 36.22 6.09 -19.51
N GLY C 1109 37.47 6.45 -19.23
CA GLY C 1109 37.92 6.60 -17.87
C GLY C 1109 37.69 7.98 -17.27
N GLU C 1110 36.98 8.85 -17.98
CA GLU C 1110 36.84 10.23 -17.54
C GLU C 1110 35.84 10.32 -16.38
N ASN C 1111 35.71 11.53 -15.84
CA ASN C 1111 34.78 11.81 -14.76
C ASN C 1111 33.57 12.57 -15.29
N ILE C 1112 32.46 12.48 -14.55
CA ILE C 1112 31.17 12.90 -15.08
C ILE C 1112 31.20 14.40 -15.36
N PRO C 1113 30.58 14.90 -16.46
CA PRO C 1113 30.55 16.35 -16.68
C PRO C 1113 29.49 17.04 -15.85
N GLU C 1114 29.31 18.37 -16.08
CA GLU C 1114 28.29 19.13 -15.39
C GLU C 1114 26.95 19.07 -16.14
N PRO C 1115 25.83 19.24 -15.44
CA PRO C 1115 24.52 19.14 -16.08
C PRO C 1115 24.12 20.45 -16.78
N GLY C 1116 22.90 20.46 -17.29
CA GLY C 1116 22.36 21.62 -17.97
C GLY C 1116 20.88 21.82 -17.71
N ILE C 1117 20.24 22.69 -18.47
CA ILE C 1117 18.82 22.98 -18.24
C ILE C 1117 17.99 21.78 -18.68
N PRO C 1118 17.08 21.27 -17.86
CA PRO C 1118 16.23 20.16 -18.30
C PRO C 1118 15.17 20.61 -19.30
N GLU C 1119 14.66 19.63 -20.04
CA GLU C 1119 13.70 19.91 -21.10
C GLU C 1119 12.30 20.23 -20.57
N SER C 1120 11.94 19.73 -19.39
CA SER C 1120 10.61 19.99 -18.84
C SER C 1120 10.42 21.47 -18.54
N PHE C 1121 11.48 22.17 -18.13
CA PHE C 1121 11.36 23.61 -17.91
C PHE C 1121 11.03 24.33 -19.20
N LYS C 1122 11.67 23.93 -20.31
CA LYS C 1122 11.36 24.53 -21.60
C LYS C 1122 9.93 24.22 -22.03
N VAL C 1123 9.46 22.99 -21.80
CA VAL C 1123 8.08 22.67 -22.11
C VAL C 1123 7.13 23.54 -21.30
N LEU C 1124 7.43 23.73 -20.01
CA LEU C 1124 6.60 24.60 -19.18
C LEU C 1124 6.57 26.02 -19.72
N LEU C 1125 7.72 26.54 -20.13
CA LEU C 1125 7.75 27.90 -20.67
C LEU C 1125 6.90 28.00 -21.94
N LYS C 1126 6.98 27.00 -22.81
CA LYS C 1126 6.19 27.03 -24.02
C LYS C 1126 4.70 26.98 -23.72
N GLU C 1127 4.29 26.16 -22.75
CA GLU C 1127 2.89 26.12 -22.36
C GLU C 1127 2.43 27.45 -21.79
N LEU C 1128 3.25 28.06 -20.93
CA LEU C 1128 2.90 29.35 -20.36
C LEU C 1128 2.74 30.41 -21.45
N GLN C 1129 3.63 30.40 -22.44
CA GLN C 1129 3.49 31.32 -23.57
C GLN C 1129 2.21 31.04 -24.33
N SER C 1130 1.88 29.76 -24.53
CA SER C 1130 0.63 29.42 -25.21
C SER C 1130 -0.58 29.95 -24.45
N LEU C 1131 -0.47 30.07 -23.13
CA LEU C 1131 -1.53 30.72 -22.35
C LEU C 1131 -1.54 32.24 -22.49
N CYS C 1132 -0.74 32.80 -23.41
CA CYS C 1132 -0.64 34.24 -23.61
C CYS C 1132 -0.03 34.93 -22.38
N LEU C 1133 1.10 34.39 -21.93
CA LEU C 1133 1.87 34.97 -20.83
C LEU C 1133 3.29 35.21 -21.31
N ASN C 1134 3.85 36.38 -20.95
CA ASN C 1134 5.14 36.82 -21.47
C ASN C 1134 6.23 36.45 -20.47
N VAL C 1135 6.69 35.20 -20.56
CA VAL C 1135 7.70 34.69 -19.65
C VAL C 1135 9.07 34.88 -20.28
N GLU C 1136 10.00 35.44 -19.51
CA GLU C 1136 11.35 35.71 -19.98
C GLU C 1136 12.36 35.34 -18.90
N VAL C 1137 13.55 34.93 -19.33
CA VAL C 1137 14.64 34.59 -18.43
C VAL C 1137 15.67 35.70 -18.53
N LEU C 1138 15.84 36.45 -17.44
CA LEU C 1138 16.75 37.58 -17.43
C LEU C 1138 18.15 37.14 -16.99
N SER C 1139 19.16 37.82 -17.54
CA SER C 1139 20.54 37.53 -17.21
C SER C 1139 21.34 38.81 -17.03
N GLY D 1 15.80 37.79 -22.77
CA GLY D 1 17.06 37.97 -21.99
C GLY D 1 18.15 37.00 -22.39
N ALA D 2 17.95 35.72 -22.06
CA ALA D 2 18.92 34.67 -22.33
C ALA D 2 18.51 33.79 -23.51
N MET D 3 17.72 34.33 -24.44
CA MET D 3 17.24 33.58 -25.60
C MET D 3 16.60 32.27 -25.14
N LEU D 4 17.02 31.13 -25.69
CA LEU D 4 16.39 29.87 -25.34
C LEU D 4 16.61 29.56 -23.87
N ASP D 5 17.85 29.25 -23.50
CA ASP D 5 18.26 29.10 -22.11
C ASP D 5 19.77 28.93 -22.03
N VAL D 6 20.43 29.72 -21.19
CA VAL D 6 21.87 29.61 -21.00
C VAL D 6 22.19 29.91 -19.53
N ASN D 7 23.20 29.24 -19.00
CA ASN D 7 23.51 29.30 -17.58
C ASN D 7 23.75 30.73 -17.13
N PHE D 8 23.84 30.94 -15.81
CA PHE D 8 23.90 32.26 -15.20
C PHE D 8 22.52 32.91 -15.20
N PHE D 9 21.46 32.12 -15.05
CA PHE D 9 20.13 32.67 -14.82
C PHE D 9 20.18 33.67 -13.67
N ASP D 10 19.43 34.76 -13.82
CA ASP D 10 19.30 35.75 -12.76
C ASP D 10 17.88 35.88 -12.24
N GLU D 11 16.88 35.91 -13.12
CA GLU D 11 15.50 36.05 -12.70
C GLU D 11 14.59 35.42 -13.74
N LEU D 12 13.34 35.20 -13.34
CA LEU D 12 12.30 34.69 -14.22
C LEU D 12 11.11 35.63 -14.10
N ARG D 13 10.87 36.42 -15.14
CA ARG D 13 9.85 37.45 -15.12
C ARG D 13 8.63 37.01 -15.93
N ILE D 14 7.46 37.44 -15.48
CA ILE D 14 6.20 37.09 -16.12
C ILE D 14 5.37 38.36 -16.28
N GLY D 15 4.47 38.33 -17.25
CA GLY D 15 3.61 39.47 -17.50
C GLY D 15 2.60 39.16 -18.58
N LEU D 16 1.74 40.14 -18.83
CA LEU D 16 0.75 40.02 -19.89
C LEU D 16 1.40 40.19 -21.25
N ALA D 17 0.90 39.45 -22.24
CA ALA D 17 1.44 39.44 -23.59
C ALA D 17 0.53 40.22 -24.51
N THR D 18 1.10 41.17 -25.25
CA THR D 18 0.35 41.95 -26.22
C THR D 18 0.24 41.19 -27.53
N ALA D 19 -0.59 41.72 -28.44
CA ALA D 19 -0.68 41.13 -29.77
C ALA D 19 0.63 41.25 -30.52
N GLU D 20 1.39 42.32 -30.29
CA GLU D 20 2.68 42.48 -30.94
C GLU D 20 3.64 41.37 -30.51
N ASP D 21 3.65 41.03 -29.22
CA ASP D 21 4.49 39.93 -28.76
C ASP D 21 4.07 38.60 -29.40
N ILE D 22 2.76 38.36 -29.48
CA ILE D 22 2.27 37.11 -30.06
C ILE D 22 2.70 37.01 -31.51
N ARG D 23 2.58 38.11 -32.28
CA ARG D 23 2.99 38.08 -33.67
C ARG D 23 4.50 38.04 -33.83
N GLN D 24 5.25 38.50 -32.83
CA GLN D 24 6.70 38.41 -32.89
C GLN D 24 7.17 36.98 -32.66
N TRP D 25 6.55 36.28 -31.70
CA TRP D 25 6.89 34.87 -31.48
C TRP D 25 6.61 34.03 -32.70
N SER D 26 5.57 34.39 -33.46
CA SER D 26 5.06 33.52 -34.51
C SER D 26 6.02 33.45 -35.70
N TYR D 27 6.13 32.25 -36.27
CA TYR D 27 6.83 32.04 -37.53
C TYR D 27 5.89 31.96 -38.72
N GLY D 28 4.60 32.12 -38.51
CA GLY D 28 3.63 32.03 -39.57
C GLY D 28 2.23 31.85 -39.01
N GLU D 29 1.25 32.03 -39.90
CA GLU D 29 -0.15 31.98 -39.52
C GLU D 29 -0.76 30.65 -39.92
N VAL D 30 -1.67 30.15 -39.09
CA VAL D 30 -2.41 28.92 -39.35
C VAL D 30 -3.80 29.31 -39.82
N LYS D 31 -4.18 28.84 -41.01
CA LYS D 31 -5.46 29.23 -41.60
C LYS D 31 -6.19 28.06 -42.25
N LYS D 32 -5.89 26.83 -41.85
CA LYS D 32 -6.63 25.67 -42.34
C LYS D 32 -6.69 24.66 -41.21
N PRO D 33 -7.87 24.11 -40.88
CA PRO D 33 -7.99 23.11 -39.81
C PRO D 33 -7.62 21.70 -40.23
N GLU D 34 -6.50 21.56 -40.93
CA GLU D 34 -6.03 20.29 -41.45
C GLU D 34 -4.76 19.90 -40.73
N THR D 35 -4.72 18.67 -40.20
CA THR D 35 -3.57 18.18 -39.45
C THR D 35 -2.62 17.37 -40.33
N ILE D 36 -3.10 16.26 -40.89
CA ILE D 36 -2.25 15.33 -41.64
C ILE D 36 -3.09 14.68 -42.72
N ASN D 37 -2.48 14.45 -43.88
CA ASN D 37 -3.13 13.77 -44.98
C ASN D 37 -2.99 12.26 -44.83
N TYR D 38 -4.06 11.54 -45.19
CA TYR D 38 -4.08 10.09 -45.02
C TYR D 38 -3.51 9.34 -46.21
N ARG D 39 -3.54 9.93 -47.41
CA ARG D 39 -3.00 9.26 -48.58
C ARG D 39 -1.48 9.22 -48.56
N THR D 40 -0.84 10.23 -47.96
CA THR D 40 0.61 10.33 -47.96
C THR D 40 1.22 10.46 -46.58
N LEU D 41 0.41 10.67 -45.53
CA LEU D 41 0.92 10.79 -44.17
C LEU D 41 1.90 11.95 -44.03
N LYS D 42 1.58 13.07 -44.67
CA LYS D 42 2.40 14.27 -44.61
C LYS D 42 1.56 15.45 -44.15
N PRO D 43 2.18 16.44 -43.49
CA PRO D 43 1.41 17.59 -43.01
C PRO D 43 0.75 18.34 -44.16
N GLU D 44 -0.47 18.81 -43.92
CA GLU D 44 -1.19 19.64 -44.87
C GLU D 44 -0.64 21.07 -44.82
N LYS D 45 -0.60 21.71 -45.98
CA LYS D 45 -0.09 23.07 -46.06
C LYS D 45 -1.01 24.03 -45.31
N ASP D 46 -0.39 24.97 -44.59
CA ASP D 46 -1.12 25.97 -43.81
C ASP D 46 -1.98 25.35 -42.72
N GLY D 47 -1.73 24.08 -42.38
CA GLY D 47 -2.48 23.39 -41.36
C GLY D 47 -1.84 23.54 -39.99
N LEU D 48 -2.36 22.75 -39.05
CA LEU D 48 -1.82 22.74 -37.70
C LEU D 48 -0.43 22.10 -37.63
N PHE D 49 0.02 21.43 -38.69
CA PHE D 49 1.32 20.79 -38.72
C PHE D 49 2.15 21.26 -39.92
N CYS D 50 1.79 22.38 -40.53
CA CYS D 50 2.48 22.83 -41.74
C CYS D 50 3.96 22.97 -41.48
N GLU D 51 4.77 22.43 -42.42
CA GLU D 51 6.22 22.46 -42.27
C GLU D 51 6.83 23.80 -42.65
N LYS D 52 6.10 24.64 -43.39
CA LYS D 52 6.59 25.98 -43.68
C LYS D 52 6.49 26.90 -42.47
N ILE D 53 5.78 26.49 -41.42
CA ILE D 53 5.60 27.30 -40.22
C ILE D 53 6.47 26.72 -39.12
N PHE D 54 6.27 25.44 -38.80
CA PHE D 54 6.89 24.82 -37.65
C PHE D 54 8.21 24.12 -37.94
N GLY D 55 8.61 24.05 -39.21
CA GLY D 55 9.91 23.51 -39.56
C GLY D 55 9.85 22.10 -40.13
N PRO D 56 10.98 21.62 -40.64
CA PRO D 56 10.99 20.30 -41.30
C PRO D 56 10.67 19.18 -40.32
N THR D 57 10.06 18.12 -40.84
CA THR D 57 9.81 16.91 -40.08
C THR D 57 10.91 15.86 -40.26
N ARG D 58 11.92 16.15 -41.07
CA ARG D 58 13.08 15.28 -41.23
C ARG D 58 14.33 16.14 -41.31
N ASP D 59 15.45 15.58 -40.85
CA ASP D 59 16.69 16.34 -40.76
C ASP D 59 17.20 16.71 -42.15
N TRP D 60 17.23 18.01 -42.44
CA TRP D 60 17.75 18.54 -43.70
C TRP D 60 17.00 17.94 -44.90
N GLU D 61 15.69 18.16 -44.91
CA GLU D 61 14.86 17.77 -46.04
C GLU D 61 13.73 18.77 -46.18
N CYS D 62 13.26 18.94 -47.41
CA CYS D 62 12.19 19.87 -47.73
C CYS D 62 10.91 19.11 -48.03
N TYR D 63 9.79 19.83 -47.97
CA TYR D 63 8.49 19.22 -48.27
C TYR D 63 8.44 18.73 -49.70
N CYS D 64 8.94 19.52 -50.66
CA CYS D 64 8.95 19.10 -52.05
C CYS D 64 10.05 18.08 -52.33
N GLY D 65 11.15 18.14 -51.59
CA GLY D 65 12.26 17.22 -51.76
C GLY D 65 13.41 17.73 -52.60
N LYS D 66 13.41 19.02 -52.95
CA LYS D 66 14.49 19.55 -53.78
C LYS D 66 15.85 19.43 -53.09
N TYR D 67 15.91 19.73 -51.80
CA TYR D 67 17.13 19.65 -51.00
C TYR D 67 16.95 18.58 -49.94
N LYS D 68 17.83 17.58 -49.95
CA LYS D 68 17.77 16.48 -48.98
C LYS D 68 19.16 16.09 -48.51
N ARG D 69 20.01 17.07 -48.23
CA ARG D 69 21.37 16.79 -47.79
C ARG D 69 21.84 17.89 -46.85
N VAL D 70 22.80 17.55 -46.00
CA VAL D 70 23.32 18.48 -45.01
C VAL D 70 23.98 19.69 -45.65
N ARG D 71 24.42 19.57 -46.90
CA ARG D 71 25.08 20.70 -47.56
C ARG D 71 24.15 21.89 -47.69
N PHE D 72 22.89 21.64 -48.04
CA PHE D 72 21.89 22.71 -48.16
C PHE D 72 21.41 23.09 -46.76
N LYS D 73 22.31 23.71 -46.00
CA LYS D 73 22.08 24.05 -44.60
C LYS D 73 21.79 25.53 -44.49
N GLY D 74 20.65 25.87 -43.87
CA GLY D 74 20.30 27.24 -43.60
C GLY D 74 19.69 28.00 -44.76
N ILE D 75 19.41 27.34 -45.89
CA ILE D 75 18.82 27.99 -47.06
C ILE D 75 17.35 27.62 -47.13
N ILE D 76 16.50 28.61 -47.35
CA ILE D 76 15.06 28.38 -47.48
C ILE D 76 14.76 27.96 -48.91
N CYS D 77 14.02 26.86 -49.05
CA CYS D 77 13.68 26.36 -50.38
C CYS D 77 12.87 27.40 -51.14
N GLU D 78 13.12 27.48 -52.45
CA GLU D 78 12.40 28.40 -53.31
C GLU D 78 11.13 27.82 -53.90
N ARG D 79 10.87 26.53 -53.69
CA ARG D 79 9.68 25.86 -54.21
C ARG D 79 8.68 25.54 -53.11
N CYS D 80 9.12 24.89 -52.04
CA CYS D 80 8.25 24.57 -50.92
C CYS D 80 8.24 25.65 -49.84
N GLY D 81 9.38 26.33 -49.63
CA GLY D 81 9.47 27.39 -48.67
C GLY D 81 9.78 26.97 -47.26
N VAL D 82 10.17 25.72 -47.04
CA VAL D 82 10.51 25.22 -45.71
C VAL D 82 12.01 25.34 -45.52
N GLU D 83 12.42 25.93 -44.40
CA GLU D 83 13.84 26.15 -44.15
C GLU D 83 14.51 24.82 -43.80
N VAL D 84 15.67 24.56 -44.41
CA VAL D 84 16.35 23.28 -44.29
C VAL D 84 17.18 23.31 -43.01
N THR D 85 16.76 22.55 -42.00
CA THR D 85 17.45 22.49 -40.72
C THR D 85 17.09 21.16 -40.05
N ARG D 86 17.39 21.07 -38.76
CA ARG D 86 17.15 19.84 -38.02
C ARG D 86 15.68 19.71 -37.64
N ALA D 87 15.26 18.48 -37.35
CA ALA D 87 13.86 18.19 -37.07
C ALA D 87 13.45 18.57 -35.66
N LYS D 88 14.40 18.82 -34.75
CA LYS D 88 14.06 19.21 -33.39
C LYS D 88 13.46 20.60 -33.31
N VAL D 89 13.52 21.38 -34.40
CA VAL D 89 13.01 22.74 -34.37
C VAL D 89 11.50 22.77 -34.17
N ARG D 90 10.80 21.67 -34.45
CA ARG D 90 9.35 21.64 -34.27
C ARG D 90 8.93 21.70 -32.80
N ARG D 91 9.88 21.54 -31.88
CA ARG D 91 9.60 21.68 -30.46
C ARG D 91 9.71 23.12 -29.97
N GLU D 92 10.12 24.05 -30.83
CA GLU D 92 10.39 25.41 -30.43
C GLU D 92 9.57 26.46 -31.17
N ARG D 93 9.26 26.24 -32.44
CA ARG D 93 8.58 27.26 -33.23
C ARG D 93 7.09 27.26 -32.97
N MET D 94 6.51 28.47 -32.86
CA MET D 94 5.09 28.64 -32.63
C MET D 94 4.47 29.42 -33.78
N GLY D 95 3.17 29.19 -34.00
CA GLY D 95 2.40 29.93 -34.95
C GLY D 95 1.48 30.93 -34.28
N HIS D 96 0.42 31.30 -34.99
CA HIS D 96 -0.63 32.13 -34.40
C HIS D 96 -1.85 32.11 -35.31
N ILE D 97 -2.98 32.50 -34.75
CA ILE D 97 -4.25 32.59 -35.47
C ILE D 97 -4.70 34.03 -35.44
N GLU D 98 -5.00 34.58 -36.63
CA GLU D 98 -5.44 35.96 -36.75
C GLU D 98 -6.95 36.00 -36.59
N LEU D 99 -7.43 36.48 -35.45
CA LEU D 99 -8.85 36.47 -35.17
C LEU D 99 -9.57 37.52 -36.00
N ALA D 100 -10.77 37.17 -36.49
CA ALA D 100 -11.57 38.11 -37.26
C ALA D 100 -12.12 39.22 -36.38
N ALA D 101 -12.47 38.90 -35.14
CA ALA D 101 -13.00 39.87 -34.19
C ALA D 101 -12.27 39.75 -32.87
N PRO D 102 -12.18 40.84 -32.10
CA PRO D 102 -11.50 40.76 -30.81
C PRO D 102 -12.21 39.81 -29.85
N VAL D 103 -11.42 39.17 -29.00
CA VAL D 103 -11.92 38.23 -28.00
C VAL D 103 -11.26 38.54 -26.67
N THR D 104 -11.95 38.20 -25.59
CA THR D 104 -11.43 38.43 -24.24
C THR D 104 -10.75 37.17 -23.71
N HIS D 105 -9.81 37.37 -22.79
CA HIS D 105 -9.13 36.28 -22.12
C HIS D 105 -9.98 35.87 -20.92
N ILE D 106 -10.37 34.60 -20.87
CA ILE D 106 -11.32 34.15 -19.85
C ILE D 106 -10.71 34.27 -18.45
N TRP D 107 -9.39 34.19 -18.33
CA TRP D 107 -8.76 34.27 -17.02
C TRP D 107 -9.07 35.60 -16.34
N TYR D 108 -9.03 36.68 -17.10
CA TYR D 108 -9.20 38.02 -16.55
C TYR D 108 -10.65 38.51 -16.61
N PHE D 109 -11.58 37.66 -17.02
CA PHE D 109 -12.99 37.99 -17.05
C PHE D 109 -13.83 37.12 -16.12
N LYS D 110 -13.57 35.81 -16.06
CA LYS D 110 -14.40 34.91 -15.29
C LYS D 110 -13.80 34.53 -13.94
N GLY D 111 -12.48 34.56 -13.80
CA GLY D 111 -11.86 34.22 -12.54
C GLY D 111 -12.35 35.11 -11.41
N VAL D 112 -12.79 34.50 -10.31
CA VAL D 112 -13.32 35.27 -9.19
C VAL D 112 -12.15 35.75 -8.32
N PRO D 113 -12.05 37.05 -8.02
CA PRO D 113 -12.93 38.15 -8.43
C PRO D 113 -12.66 38.58 -9.87
N SER D 114 -13.69 38.98 -10.62
CA SER D 114 -13.48 39.39 -12.00
C SER D 114 -12.61 40.64 -12.03
N ARG D 115 -11.44 40.54 -12.65
CA ARG D 115 -10.53 41.67 -12.68
C ARG D 115 -10.98 42.76 -13.66
N LEU D 116 -11.66 42.37 -14.73
CA LEU D 116 -12.28 43.38 -15.59
C LEU D 116 -13.35 44.15 -14.82
N GLY D 117 -14.09 43.47 -13.95
CA GLY D 117 -15.10 44.15 -13.15
C GLY D 117 -14.52 45.22 -12.26
N TYR D 118 -13.39 44.93 -11.62
CA TYR D 118 -12.73 45.93 -10.79
C TYR D 118 -12.10 47.02 -11.64
N LEU D 119 -11.49 46.66 -12.77
CA LEU D 119 -10.84 47.66 -13.61
C LEU D 119 -11.84 48.66 -14.15
N LEU D 120 -12.98 48.19 -14.65
CA LEU D 120 -13.99 49.05 -15.25
C LEU D 120 -15.18 49.33 -14.32
N ASP D 121 -15.18 48.78 -13.11
CA ASP D 121 -16.25 49.00 -12.15
C ASP D 121 -17.61 48.58 -12.72
N LEU D 122 -17.63 47.41 -13.36
CA LEU D 122 -18.85 46.83 -13.91
C LEU D 122 -19.10 45.49 -13.23
N ALA D 123 -20.35 45.25 -12.85
CA ALA D 123 -20.69 44.00 -12.18
C ALA D 123 -20.48 42.84 -13.16
N PRO D 124 -20.17 41.64 -12.64
CA PRO D 124 -19.94 40.50 -13.54
C PRO D 124 -21.12 40.20 -14.46
N LYS D 125 -22.35 40.50 -14.04
CA LYS D 125 -23.49 40.25 -14.90
C LYS D 125 -23.49 41.19 -16.11
N ASP D 126 -23.10 42.44 -15.90
CA ASP D 126 -23.00 43.38 -17.02
C ASP D 126 -21.97 42.89 -18.03
N LEU D 127 -20.81 42.43 -17.56
CA LEU D 127 -19.81 41.88 -18.45
C LEU D 127 -20.32 40.64 -19.16
N GLU D 128 -21.04 39.78 -18.44
CA GLU D 128 -21.60 38.59 -19.06
C GLU D 128 -22.54 38.96 -20.21
N LYS D 129 -23.38 39.96 -19.99
CA LYS D 129 -24.31 40.37 -21.03
C LYS D 129 -23.59 41.02 -22.21
N ILE D 130 -22.65 41.92 -21.93
CA ILE D 130 -21.98 42.66 -23.00
C ILE D 130 -21.10 41.75 -23.84
N ILE D 131 -20.28 40.93 -23.19
CA ILE D 131 -19.27 40.15 -23.90
C ILE D 131 -19.93 39.15 -24.85
N TYR D 132 -20.98 38.48 -24.39
CA TYR D 132 -21.63 37.43 -25.17
C TYR D 132 -22.86 37.96 -25.92
N PHE D 133 -22.83 39.22 -26.33
CA PHE D 133 -23.82 39.79 -27.24
C PHE D 133 -25.24 39.59 -26.71
N ALA D 134 -25.50 40.21 -25.56
CA ALA D 134 -26.83 40.20 -24.95
C ALA D 134 -27.33 41.57 -24.54
N ALA D 135 -26.51 42.61 -24.64
CA ALA D 135 -26.94 43.95 -24.27
C ALA D 135 -25.89 44.95 -24.74
N TYR D 136 -26.36 46.08 -25.27
CA TYR D 136 -25.47 47.12 -25.73
C TYR D 136 -24.84 47.85 -24.54
N VAL D 137 -23.75 48.56 -24.83
CA VAL D 137 -23.07 49.37 -23.82
C VAL D 137 -22.66 50.68 -24.47
N ILE D 138 -22.79 51.78 -23.71
CA ILE D 138 -22.41 53.09 -24.21
C ILE D 138 -20.92 53.27 -23.99
N THR D 139 -20.19 53.56 -25.07
CA THR D 139 -18.74 53.70 -25.01
C THR D 139 -18.28 55.14 -24.87
N SER D 140 -19.08 56.11 -25.33
CA SER D 140 -18.68 57.50 -25.25
C SER D 140 -19.93 58.38 -25.37
N VAL D 141 -19.77 59.63 -24.93
CA VAL D 141 -20.84 60.62 -25.01
C VAL D 141 -20.20 62.00 -25.01
N ASP D 142 -20.75 62.89 -25.82
CA ASP D 142 -20.25 64.27 -25.93
C ASP D 142 -21.12 65.17 -25.06
N GLU D 143 -20.57 65.65 -23.95
CA GLU D 143 -21.38 66.33 -22.94
C GLU D 143 -21.67 67.77 -23.33
N GLU D 144 -20.64 68.56 -23.63
CA GLU D 144 -20.85 69.97 -23.94
C GLU D 144 -21.71 70.11 -25.19
N MET D 145 -21.38 69.36 -26.24
CA MET D 145 -22.15 69.45 -27.48
C MET D 145 -23.60 69.02 -27.26
N ARG D 146 -23.80 67.90 -26.55
CA ARG D 146 -25.16 67.41 -26.36
C ARG D 146 -25.95 68.35 -25.46
N HIS D 147 -25.32 69.00 -24.49
CA HIS D 147 -26.02 69.97 -23.66
C HIS D 147 -26.42 71.20 -24.46
N ASN D 148 -25.49 71.73 -25.27
CA ASN D 148 -25.80 72.89 -26.08
C ASN D 148 -26.90 72.59 -27.08
N GLU D 149 -26.89 71.40 -27.68
CA GLU D 149 -27.96 71.01 -28.58
C GLU D 149 -29.25 70.67 -27.84
N LEU D 150 -29.15 70.22 -26.59
CA LEU D 150 -30.33 69.94 -25.79
C LEU D 150 -31.09 71.22 -25.47
N SER D 151 -30.36 72.31 -25.26
CA SER D 151 -30.99 73.60 -25.01
C SER D 151 -32.07 73.92 -26.05
N THR D 152 -31.99 73.30 -27.23
CA THR D 152 -33.01 73.45 -28.26
C THR D 152 -33.80 72.17 -28.52
N LEU D 153 -33.18 71.00 -28.34
CA LEU D 153 -33.89 69.74 -28.51
C LEU D 153 -35.04 69.60 -27.52
N GLU D 154 -34.91 70.22 -26.34
CA GLU D 154 -36.04 70.24 -25.41
C GLU D 154 -37.27 70.86 -26.08
N ALA D 155 -37.11 72.04 -26.66
CA ALA D 155 -38.22 72.69 -27.33
C ALA D 155 -38.68 71.91 -28.56
N GLU D 156 -37.74 71.31 -29.28
CA GLU D 156 -38.11 70.55 -30.48
C GLU D 156 -38.96 69.34 -30.11
N MET D 157 -38.56 68.62 -29.06
CA MET D 157 -39.35 67.48 -28.59
C MET D 157 -40.68 67.95 -28.04
N ALA D 158 -40.71 69.10 -27.36
CA ALA D 158 -41.98 69.66 -26.93
C ALA D 158 -42.89 69.91 -28.13
N VAL D 159 -42.35 70.47 -29.20
CA VAL D 159 -43.14 70.76 -30.39
C VAL D 159 -43.71 69.48 -30.98
N GLU D 160 -42.88 68.46 -31.12
CA GLU D 160 -43.37 67.21 -31.72
C GLU D 160 -44.37 66.51 -30.81
N ARG D 161 -44.17 66.57 -29.49
CA ARG D 161 -45.16 66.01 -28.57
C ARG D 161 -46.49 66.74 -28.69
N LYS D 162 -46.45 68.07 -28.77
CA LYS D 162 -47.68 68.83 -28.93
C LYS D 162 -48.37 68.46 -30.24
N ALA D 163 -47.60 68.31 -31.32
CA ALA D 163 -48.19 67.92 -32.59
C ALA D 163 -48.87 66.56 -32.49
N VAL D 164 -48.19 65.59 -31.88
CA VAL D 164 -48.75 64.24 -31.77
C VAL D 164 -50.04 64.27 -30.95
N GLU D 165 -50.00 64.89 -29.76
CA GLU D 165 -51.17 64.85 -28.90
C GLU D 165 -52.30 65.71 -29.45
N ASP D 166 -51.98 66.76 -30.21
CA ASP D 166 -53.03 67.56 -30.84
C ASP D 166 -53.69 66.80 -31.99
N GLN D 167 -52.91 66.04 -32.75
CA GLN D 167 -53.51 65.16 -33.74
C GLN D 167 -54.39 64.11 -33.08
N ARG D 168 -53.94 63.57 -31.95
CA ARG D 168 -54.76 62.61 -31.22
C ARG D 168 -56.06 63.26 -30.72
N ASP D 169 -55.97 64.50 -30.23
CA ASP D 169 -57.17 65.21 -29.78
C ASP D 169 -58.12 65.49 -30.92
N GLY D 170 -57.60 65.85 -32.10
CA GLY D 170 -58.45 66.02 -33.25
C GLY D 170 -59.13 64.72 -33.66
N GLU D 171 -58.40 63.62 -33.62
CA GLU D 171 -58.99 62.31 -33.88
C GLU D 171 -60.09 62.00 -32.87
N LEU D 172 -59.85 62.34 -31.60
CA LEU D 172 -60.85 62.07 -30.57
C LEU D 172 -62.09 62.95 -30.75
N GLU D 173 -61.91 64.19 -31.19
CA GLU D 173 -63.06 65.04 -31.48
C GLU D 173 -63.85 64.50 -32.67
N ALA D 174 -63.16 64.03 -33.70
CA ALA D 174 -63.84 63.36 -34.80
C ALA D 174 -64.60 62.14 -34.32
N ARG D 175 -64.00 61.39 -33.39
CA ARG D 175 -64.68 60.23 -32.81
C ARG D 175 -65.92 60.65 -32.04
N ALA D 176 -65.84 61.78 -31.33
CA ALA D 176 -67.03 62.29 -30.62
C ALA D 176 -68.14 62.65 -31.60
N GLN D 177 -67.77 63.31 -32.71
CA GLN D 177 -68.76 63.59 -33.74
C GLN D 177 -69.36 62.31 -34.31
N LYS D 178 -68.53 61.27 -34.45
CA LYS D 178 -69.03 59.98 -34.89
C LYS D 178 -69.95 59.35 -33.85
N LEU D 179 -69.68 59.57 -32.56
CA LEU D 179 -70.60 59.12 -31.52
C LEU D 179 -71.94 59.81 -31.64
N GLU D 180 -71.92 61.11 -31.93
CA GLU D 180 -73.17 61.83 -32.17
C GLU D 180 -73.91 61.26 -33.38
N ALA D 181 -73.16 60.94 -34.44
CA ALA D 181 -73.76 60.34 -35.62
C ALA D 181 -74.39 58.99 -35.29
N ASP D 182 -73.71 58.18 -34.47
CA ASP D 182 -74.27 56.89 -34.05
C ASP D 182 -75.52 57.09 -33.21
N LEU D 183 -75.52 58.10 -32.33
CA LEU D 183 -76.71 58.42 -31.56
C LEU D 183 -77.88 58.74 -32.49
N ALA D 184 -77.63 59.55 -33.52
CA ALA D 184 -78.68 59.85 -34.49
C ALA D 184 -79.12 58.58 -35.22
N GLU D 185 -78.17 57.73 -35.58
CA GLU D 185 -78.50 56.50 -36.30
C GLU D 185 -79.43 55.61 -35.49
N LEU D 186 -79.13 55.44 -34.20
CA LEU D 186 -79.96 54.59 -33.37
C LEU D 186 -81.23 55.29 -32.89
N GLU D 187 -81.27 56.62 -32.94
CA GLU D 187 -82.49 57.35 -32.63
C GLU D 187 -83.41 57.52 -33.83
N ALA D 188 -82.93 57.16 -35.03
CA ALA D 188 -83.79 57.22 -36.21
C ALA D 188 -84.97 56.27 -36.12
N GLU D 189 -84.89 55.25 -35.27
CA GLU D 189 -85.97 54.29 -35.08
C GLU D 189 -86.04 53.94 -33.60
N GLY D 190 -86.83 52.92 -33.26
CA GLY D 190 -86.94 52.46 -31.89
C GLY D 190 -85.85 51.46 -31.54
N ALA D 191 -84.82 51.93 -30.83
CA ALA D 191 -83.68 51.11 -30.49
C ALA D 191 -83.87 50.48 -29.11
N LYS D 192 -82.84 49.78 -28.65
CA LYS D 192 -82.83 49.11 -27.36
C LYS D 192 -81.84 49.78 -26.43
N ALA D 193 -82.21 49.87 -25.15
CA ALA D 193 -81.31 50.45 -24.17
C ALA D 193 -79.98 49.68 -24.12
N ASP D 194 -80.05 48.35 -24.15
CA ASP D 194 -78.83 47.55 -24.22
C ASP D 194 -78.09 47.79 -25.52
N ALA D 195 -78.81 48.00 -26.63
CA ALA D 195 -78.14 48.33 -27.89
C ALA D 195 -77.44 49.69 -27.80
N ARG D 196 -78.10 50.67 -27.19
CA ARG D 196 -77.47 51.98 -26.98
C ARG D 196 -76.21 51.82 -26.14
N ARG D 197 -76.29 51.05 -25.06
CA ARG D 197 -75.13 50.84 -24.21
C ARG D 197 -74.02 50.08 -24.95
N LYS D 198 -74.39 49.18 -25.86
CA LYS D 198 -73.38 48.43 -26.62
C LYS D 198 -72.64 49.34 -27.58
N VAL D 199 -73.38 50.18 -28.32
CA VAL D 199 -72.71 51.11 -29.23
C VAL D 199 -71.88 52.12 -28.45
N ARG D 200 -72.37 52.53 -27.27
CA ARG D 200 -71.59 53.42 -26.43
C ARG D 200 -70.33 52.73 -25.94
N ASP D 201 -70.42 51.46 -25.60
CA ASP D 201 -69.24 50.71 -25.18
C ASP D 201 -68.22 50.64 -26.31
N GLY D 202 -68.68 50.36 -27.52
CA GLY D 202 -67.77 50.33 -28.66
C GLY D 202 -67.08 51.66 -28.88
N GLY D 203 -67.87 52.74 -28.91
CA GLY D 203 -67.30 54.05 -29.13
C GLY D 203 -66.33 54.45 -28.04
N GLU D 204 -66.72 54.26 -26.78
CA GLU D 204 -65.88 54.67 -25.67
C GLU D 204 -64.67 53.77 -25.50
N ARG D 205 -64.74 52.50 -25.90
CA ARG D 205 -63.54 51.66 -25.86
C ARG D 205 -62.59 52.03 -26.98
N GLU D 206 -63.09 52.41 -28.15
CA GLU D 206 -62.20 52.97 -29.17
C GLU D 206 -61.55 54.26 -28.68
N MET D 207 -62.34 55.12 -28.01
CA MET D 207 -61.79 56.35 -27.46
C MET D 207 -60.73 56.06 -26.39
N ARG D 208 -60.99 55.08 -25.53
CA ARG D 208 -60.00 54.73 -24.51
C ARG D 208 -58.77 54.08 -25.13
N GLN D 209 -58.94 53.36 -26.24
CA GLN D 209 -57.77 52.88 -26.98
C GLN D 209 -56.95 54.04 -27.50
N ILE D 210 -57.61 55.09 -27.98
CA ILE D 210 -56.89 56.29 -28.42
C ILE D 210 -56.17 56.93 -27.23
N ARG D 211 -56.85 57.02 -26.08
CA ARG D 211 -56.23 57.60 -24.89
C ARG D 211 -55.01 56.78 -24.47
N ASP D 212 -55.12 55.46 -24.48
CA ASP D 212 -53.99 54.61 -24.13
C ASP D 212 -52.88 54.71 -25.15
N ARG D 213 -53.20 54.88 -26.43
CA ARG D 213 -52.17 55.11 -27.44
C ARG D 213 -51.42 56.41 -27.13
N ALA D 214 -52.15 57.47 -26.80
CA ALA D 214 -51.49 58.73 -26.45
C ALA D 214 -50.62 58.56 -25.22
N GLN D 215 -51.14 57.87 -24.19
CA GLN D 215 -50.37 57.67 -22.96
C GLN D 215 -49.11 56.86 -23.24
N ARG D 216 -49.22 55.80 -24.03
CA ARG D 216 -48.07 54.95 -24.32
C ARG D 216 -47.04 55.69 -25.16
N GLU D 217 -47.50 56.46 -26.15
CA GLU D 217 -46.55 57.23 -26.96
C GLU D 217 -45.84 58.28 -26.13
N LEU D 218 -46.58 58.97 -25.26
CA LEU D 218 -45.95 59.95 -24.38
C LEU D 218 -44.98 59.28 -23.40
N ASP D 219 -45.33 58.10 -22.90
CA ASP D 219 -44.40 57.36 -22.05
C ASP D 219 -43.13 57.00 -22.81
N ARG D 220 -43.28 56.55 -24.05
CA ARG D 220 -42.12 56.21 -24.87
C ARG D 220 -41.22 57.43 -25.05
N LEU D 221 -41.80 58.56 -25.46
CA LEU D 221 -41.02 59.76 -25.70
C LEU D 221 -40.37 60.27 -24.41
N GLU D 222 -41.11 60.26 -23.31
CA GLU D 222 -40.57 60.70 -22.03
C GLU D 222 -39.42 59.82 -21.59
N ASP D 223 -39.56 58.50 -21.75
CA ASP D 223 -38.48 57.59 -21.40
C ASP D 223 -37.25 57.84 -22.27
N ILE D 224 -37.45 58.04 -23.56
CA ILE D 224 -36.32 58.31 -24.46
C ILE D 224 -35.60 59.58 -24.02
N TRP D 225 -36.37 60.64 -23.72
CA TRP D 225 -35.76 61.89 -23.32
C TRP D 225 -35.02 61.75 -22.00
N SER D 226 -35.61 61.06 -21.03
CA SER D 226 -34.96 60.88 -19.74
C SER D 226 -33.68 60.06 -19.90
N THR D 227 -33.70 59.03 -20.73
CA THR D 227 -32.50 58.24 -20.98
C THR D 227 -31.41 59.09 -21.62
N PHE D 228 -31.78 59.89 -22.63
CA PHE D 228 -30.78 60.67 -23.34
C PHE D 228 -30.17 61.75 -22.45
N THR D 229 -31.02 62.48 -21.71
CA THR D 229 -30.52 63.63 -20.96
C THR D 229 -29.50 63.20 -19.91
N LYS D 230 -29.75 62.07 -19.24
CA LYS D 230 -28.85 61.56 -18.20
C LYS D 230 -28.01 60.39 -18.69
N LEU D 231 -27.89 60.22 -20.01
CA LEU D 231 -27.07 59.15 -20.56
C LEU D 231 -25.60 59.38 -20.20
N ALA D 232 -24.93 58.30 -19.82
CA ALA D 232 -23.54 58.35 -19.41
C ALA D 232 -22.82 57.11 -19.93
N PRO D 233 -21.49 57.14 -20.01
CA PRO D 233 -20.76 55.96 -20.45
C PRO D 233 -20.91 54.80 -19.48
N LYS D 234 -20.72 53.58 -20.01
CA LYS D 234 -20.81 52.35 -19.25
C LYS D 234 -22.23 52.04 -18.81
N GLN D 235 -23.22 52.41 -19.62
CA GLN D 235 -24.62 52.10 -19.37
C GLN D 235 -25.09 51.03 -20.34
N LEU D 236 -25.77 50.02 -19.81
CA LEU D 236 -26.28 48.91 -20.62
C LEU D 236 -27.72 49.19 -21.00
N ILE D 237 -28.04 48.98 -22.28
CA ILE D 237 -29.37 49.26 -22.82
C ILE D 237 -29.89 47.97 -23.44
N VAL D 238 -30.62 47.20 -22.63
CA VAL D 238 -31.37 46.04 -23.09
C VAL D 238 -32.56 46.55 -23.90
N ASP D 239 -33.32 45.65 -24.52
CA ASP D 239 -34.41 46.04 -25.40
C ASP D 239 -33.88 46.77 -26.63
N GLU D 240 -33.20 46.02 -27.50
CA GLU D 240 -32.59 46.57 -28.70
C GLU D 240 -33.47 47.57 -29.42
N ASN D 241 -34.80 47.45 -29.30
CA ASN D 241 -35.68 48.43 -29.94
C ASN D 241 -35.45 49.83 -29.37
N LEU D 242 -35.28 49.93 -28.05
CA LEU D 242 -35.03 51.23 -27.44
C LEU D 242 -33.72 51.83 -27.94
N TYR D 243 -32.66 51.02 -28.02
CA TYR D 243 -31.39 51.51 -28.52
C TYR D 243 -31.49 51.92 -29.98
N ARG D 244 -32.24 51.15 -30.77
CA ARG D 244 -32.42 51.50 -32.18
C ARG D 244 -33.14 52.83 -32.32
N GLU D 245 -34.17 53.06 -31.51
CA GLU D 245 -34.85 54.35 -31.53
C GLU D 245 -33.92 55.46 -31.10
N LEU D 246 -33.11 55.21 -30.06
CA LEU D 246 -32.16 56.23 -29.60
C LEU D 246 -31.19 56.63 -30.70
N VAL D 247 -30.62 55.64 -31.38
CA VAL D 247 -29.63 55.93 -32.42
C VAL D 247 -30.29 56.61 -33.62
N ASP D 248 -31.49 56.15 -33.99
CA ASP D 248 -32.18 56.75 -35.12
C ASP D 248 -32.53 58.20 -34.84
N ARG D 249 -33.03 58.50 -33.64
CA ARG D 249 -33.42 59.86 -33.29
C ARG D 249 -32.20 60.72 -32.99
N TYR D 250 -31.18 60.16 -32.32
CA TYR D 250 -29.94 60.87 -32.00
C TYR D 250 -28.78 59.96 -32.40
N GLY D 251 -28.39 60.04 -33.67
CA GLY D 251 -27.25 59.25 -34.13
C GLY D 251 -25.95 59.69 -33.50
N GLU D 252 -25.73 61.00 -33.41
CA GLU D 252 -24.51 61.55 -32.84
C GLU D 252 -24.69 61.73 -31.33
N TYR D 253 -23.76 62.46 -30.70
CA TYR D 253 -23.70 62.78 -29.29
C TYR D 253 -23.23 61.59 -28.45
N PHE D 254 -23.04 60.41 -29.03
CA PHE D 254 -22.59 59.25 -28.27
C PHE D 254 -22.23 58.14 -29.25
N THR D 255 -21.70 57.05 -28.71
CA THR D 255 -21.33 55.88 -29.50
C THR D 255 -21.57 54.65 -28.65
N GLY D 256 -22.40 53.73 -29.16
CA GLY D 256 -22.68 52.49 -28.48
C GLY D 256 -22.24 51.30 -29.31
N ALA D 257 -21.84 50.23 -28.62
CA ALA D 257 -21.35 49.04 -29.29
C ALA D 257 -21.76 47.82 -28.47
N MET D 258 -21.26 46.65 -28.87
CA MET D 258 -21.58 45.40 -28.20
C MET D 258 -20.44 44.42 -28.45
N GLY D 259 -20.18 43.57 -27.45
CA GLY D 259 -19.15 42.56 -27.58
C GLY D 259 -17.81 43.01 -27.03
N ALA D 260 -16.78 42.22 -27.33
CA ALA D 260 -15.44 42.50 -26.85
C ALA D 260 -14.85 43.77 -27.48
N GLU D 261 -15.35 44.18 -28.65
CA GLU D 261 -14.89 45.45 -29.23
C GLU D 261 -15.28 46.62 -28.36
N SER D 262 -16.48 46.60 -27.78
CA SER D 262 -16.89 47.66 -26.87
C SER D 262 -16.00 47.71 -25.65
N ILE D 263 -15.64 46.54 -25.09
CA ILE D 263 -14.75 46.51 -23.94
C ILE D 263 -13.37 47.04 -24.32
N GLN D 264 -12.90 46.69 -25.52
CA GLN D 264 -11.61 47.21 -25.97
C GLN D 264 -11.65 48.73 -26.07
N LYS D 265 -12.74 49.28 -26.61
CA LYS D 265 -12.88 50.72 -26.70
C LYS D 265 -12.92 51.35 -25.32
N LEU D 266 -13.65 50.73 -24.37
CA LEU D 266 -13.71 51.26 -23.02
C LEU D 266 -12.34 51.27 -22.36
N ILE D 267 -11.56 50.20 -22.56
CA ILE D 267 -10.21 50.18 -22.00
C ILE D 267 -9.34 51.24 -22.66
N GLU D 268 -9.54 51.49 -23.96
CA GLU D 268 -8.77 52.54 -24.62
C GLU D 268 -9.04 53.91 -23.98
N ASN D 269 -10.32 54.26 -23.81
CA ASN D 269 -10.72 55.53 -23.23
C ASN D 269 -10.83 55.37 -21.70
N PHE D 270 -9.66 55.21 -21.07
CA PHE D 270 -9.62 54.95 -19.63
C PHE D 270 -8.25 55.42 -19.12
N ASP D 271 -8.25 56.49 -18.34
CA ASP D 271 -7.03 57.01 -17.76
C ASP D 271 -6.87 56.45 -16.35
N ILE D 272 -5.69 55.89 -16.07
CA ILE D 272 -5.49 55.19 -14.81
C ILE D 272 -5.19 56.15 -13.68
N ASP D 273 -4.53 57.29 -13.97
CA ASP D 273 -4.14 58.21 -12.91
C ASP D 273 -5.36 58.78 -12.19
N ALA D 274 -6.37 59.22 -12.95
CA ALA D 274 -7.55 59.79 -12.33
C ALA D 274 -8.31 58.75 -11.51
N GLU D 275 -8.43 57.53 -12.04
CA GLU D 275 -9.11 56.47 -11.29
C GLU D 275 -8.37 56.16 -10.00
N ALA D 276 -7.04 56.08 -10.06
CA ALA D 276 -6.26 55.82 -8.86
C ALA D 276 -6.42 56.95 -7.85
N GLU D 277 -6.41 58.20 -8.31
CA GLU D 277 -6.59 59.33 -7.39
C GLU D 277 -7.96 59.28 -6.73
N SER D 278 -9.01 58.98 -7.51
CA SER D 278 -10.34 58.89 -6.94
C SER D 278 -10.41 57.77 -5.90
N LEU D 279 -9.83 56.62 -6.21
CA LEU D 279 -9.85 55.51 -5.26
C LEU D 279 -9.08 55.84 -3.99
N ARG D 280 -7.92 56.48 -4.12
CA ARG D 280 -7.17 56.87 -2.93
C ARG D 280 -7.95 57.87 -2.09
N ASP D 281 -8.61 58.84 -2.74
CA ASP D 281 -9.42 59.79 -2.00
C ASP D 281 -10.56 59.10 -1.26
N VAL D 282 -11.25 58.19 -1.95
CA VAL D 282 -12.36 57.46 -1.31
C VAL D 282 -11.84 56.62 -0.16
N ILE D 283 -10.62 56.10 -0.26
CA ILE D 283 -10.05 55.33 0.84
C ILE D 283 -9.74 56.24 2.02
N ARG D 284 -9.10 57.38 1.77
CA ARG D 284 -8.74 58.28 2.86
C ARG D 284 -9.95 58.94 3.50
N ASN D 285 -11.09 58.94 2.81
CA ASN D 285 -12.32 59.51 3.35
C ASN D 285 -13.42 58.46 3.24
N GLY D 286 -14.65 58.88 3.51
CA GLY D 286 -15.81 58.04 3.25
C GLY D 286 -16.02 56.92 4.27
N LYS D 287 -15.13 55.94 4.27
CA LYS D 287 -15.23 54.80 5.18
C LYS D 287 -16.47 53.96 4.87
N GLY D 288 -16.47 52.72 5.33
CA GLY D 288 -17.61 51.83 5.16
C GLY D 288 -17.45 50.87 4.00
N GLN D 289 -18.60 50.39 3.53
CA GLN D 289 -18.61 49.44 2.42
C GLN D 289 -17.98 50.03 1.16
N LYS D 290 -18.18 51.33 0.93
CA LYS D 290 -17.53 51.98 -0.20
C LYS D 290 -16.01 51.91 -0.07
N LYS D 291 -15.49 52.16 1.13
CA LYS D 291 -14.05 52.03 1.35
C LYS D 291 -13.59 50.60 1.14
N LEU D 292 -14.38 49.63 1.61
CA LEU D 292 -14.01 48.22 1.43
C LEU D 292 -13.90 47.88 -0.05
N ARG D 293 -14.87 48.32 -0.86
CA ARG D 293 -14.80 48.06 -2.30
C ARG D 293 -13.62 48.79 -2.92
N ALA D 294 -13.39 50.05 -2.52
CA ALA D 294 -12.31 50.83 -3.09
C ALA D 294 -10.96 50.22 -2.78
N LEU D 295 -10.82 49.53 -1.65
CA LEU D 295 -9.54 48.89 -1.35
C LEU D 295 -9.16 47.87 -2.42
N LYS D 296 -10.10 47.01 -2.80
CA LYS D 296 -9.81 45.99 -3.81
C LYS D 296 -9.67 46.62 -5.20
N ARG D 297 -10.55 47.56 -5.53
CA ARG D 297 -10.41 48.25 -6.80
C ARG D 297 -9.04 48.91 -6.92
N LEU D 298 -8.57 49.54 -5.85
CA LEU D 298 -7.26 50.17 -5.88
C LEU D 298 -6.15 49.15 -5.92
N LYS D 299 -6.33 47.98 -5.28
CA LYS D 299 -5.34 46.93 -5.44
C LYS D 299 -5.10 46.64 -6.92
N VAL D 300 -6.18 46.38 -7.66
CA VAL D 300 -6.00 46.02 -9.07
C VAL D 300 -5.51 47.22 -9.89
N VAL D 301 -6.05 48.41 -9.62
CA VAL D 301 -5.68 49.58 -10.41
C VAL D 301 -4.22 49.94 -10.18
N ALA D 302 -3.75 49.87 -8.93
CA ALA D 302 -2.35 50.12 -8.65
C ALA D 302 -1.46 49.04 -9.26
N ALA D 303 -1.94 47.79 -9.27
CA ALA D 303 -1.18 46.76 -9.96
C ALA D 303 -0.97 47.12 -11.42
N PHE D 304 -2.00 47.66 -12.07
CA PHE D 304 -1.86 48.05 -13.47
C PHE D 304 -1.17 49.40 -13.67
N GLN D 305 -1.06 50.21 -12.62
CA GLN D 305 -0.46 51.54 -12.74
C GLN D 305 1.03 51.54 -12.44
N GLN D 306 1.46 50.83 -11.40
CA GLN D 306 2.85 50.91 -10.97
C GLN D 306 3.79 50.41 -12.07
N SER D 307 3.42 49.35 -12.76
CA SER D 307 4.27 48.78 -13.80
C SER D 307 4.06 49.49 -15.13
N GLY D 308 4.92 49.18 -16.09
CA GLY D 308 4.81 49.71 -17.43
C GLY D 308 4.05 48.78 -18.35
N ASN D 309 2.97 48.20 -17.85
CA ASN D 309 2.15 47.26 -18.61
C ASN D 309 0.78 47.87 -18.84
N SER D 310 0.32 47.83 -20.08
CA SER D 310 -1.00 48.34 -20.41
C SER D 310 -2.07 47.30 -20.09
N PRO D 311 -3.27 47.74 -19.71
CA PRO D 311 -4.37 46.79 -19.47
C PRO D 311 -5.02 46.24 -20.73
N MET D 312 -4.54 46.63 -21.92
CA MET D 312 -5.15 46.19 -23.16
C MET D 312 -4.81 44.76 -23.53
N GLY D 313 -4.08 44.04 -22.67
CA GLY D 313 -3.78 42.64 -22.92
C GLY D 313 -4.88 41.68 -22.58
N MET D 314 -5.96 42.16 -21.94
CA MET D 314 -7.07 41.29 -21.61
C MET D 314 -7.90 40.93 -22.84
N VAL D 315 -7.87 41.77 -23.87
CA VAL D 315 -8.60 41.53 -25.10
C VAL D 315 -7.60 41.09 -26.16
N LEU D 316 -7.86 39.95 -26.78
CA LEU D 316 -6.91 39.31 -27.69
C LEU D 316 -7.31 39.55 -29.14
N ASP D 317 -6.37 40.03 -29.94
CA ASP D 317 -6.52 40.12 -31.38
C ASP D 317 -5.80 39.01 -32.12
N ALA D 318 -5.11 38.12 -31.41
CA ALA D 318 -4.45 36.98 -32.02
C ALA D 318 -4.29 35.89 -30.96
N VAL D 319 -4.14 34.65 -31.44
CA VAL D 319 -4.06 33.49 -30.57
C VAL D 319 -2.81 32.70 -30.92
N PRO D 320 -1.86 32.48 -30.00
CA PRO D 320 -0.69 31.67 -30.32
C PRO D 320 -1.06 30.19 -30.42
N VAL D 321 -0.23 29.45 -31.17
CA VAL D 321 -0.41 28.03 -31.38
C VAL D 321 0.84 27.31 -30.90
N ILE D 322 0.66 26.32 -30.04
CA ILE D 322 1.75 25.60 -29.38
C ILE D 322 2.49 24.76 -30.42
N PRO D 323 3.79 24.52 -30.28
CA PRO D 323 4.51 23.77 -31.31
C PRO D 323 3.94 22.38 -31.46
N PRO D 324 4.02 21.80 -32.67
CA PRO D 324 3.37 20.50 -32.90
C PRO D 324 3.89 19.37 -32.03
N GLU D 325 5.18 19.36 -31.70
CA GLU D 325 5.76 18.25 -30.96
C GLU D 325 5.27 18.18 -29.52
N LEU D 326 4.63 19.24 -29.03
CA LEU D 326 4.06 19.24 -27.69
C LEU D 326 2.59 18.85 -27.67
N ARG D 327 2.03 18.50 -28.82
CA ARG D 327 0.66 18.01 -28.94
C ARG D 327 0.59 16.96 -30.04
N PRO D 328 1.42 15.92 -29.97
CA PRO D 328 1.49 14.96 -31.08
C PRO D 328 0.22 14.15 -31.21
N MET D 329 -0.05 13.70 -32.44
CA MET D 329 -1.14 12.79 -32.73
C MET D 329 -0.57 11.44 -33.11
N VAL D 330 -1.02 10.39 -32.43
CA VAL D 330 -0.48 9.05 -32.60
C VAL D 330 -1.49 8.23 -33.40
N GLN D 331 -1.04 7.05 -33.83
CA GLN D 331 -1.83 6.16 -34.66
C GLN D 331 -2.02 4.83 -33.93
N LEU D 332 -3.27 4.39 -33.84
CA LEU D 332 -3.58 3.13 -33.20
C LEU D 332 -3.27 1.96 -34.14
N ASP D 333 -3.09 0.78 -33.55
CA ASP D 333 -2.78 -0.41 -34.33
C ASP D 333 -3.76 -0.55 -35.48
N GLY D 334 -3.24 -0.46 -36.70
CA GLY D 334 -4.07 -0.50 -37.89
C GLY D 334 -3.86 0.70 -38.78
N GLY D 335 -3.60 1.86 -38.16
CA GLY D 335 -3.33 3.07 -38.91
C GLY D 335 -4.39 4.15 -38.74
N ARG D 336 -5.11 4.09 -37.63
CA ARG D 336 -6.15 5.06 -37.31
C ARG D 336 -5.64 6.00 -36.23
N PHE D 337 -5.74 7.30 -36.49
CA PHE D 337 -5.17 8.29 -35.59
C PHE D 337 -6.05 8.49 -34.36
N ALA D 338 -5.40 8.79 -33.24
CA ALA D 338 -6.07 9.18 -32.00
C ALA D 338 -5.71 10.65 -31.75
N THR D 339 -6.55 11.55 -32.23
CA THR D 339 -6.25 12.97 -32.16
C THR D 339 -6.22 13.44 -30.72
N SER D 340 -5.31 14.37 -30.43
CA SER D 340 -5.22 14.95 -29.09
C SER D 340 -6.38 15.91 -28.85
N ASP D 341 -6.52 16.34 -27.60
CA ASP D 341 -7.56 17.29 -27.24
C ASP D 341 -7.23 18.71 -27.68
N LEU D 342 -5.96 19.11 -27.62
CA LEU D 342 -5.59 20.45 -28.06
C LEU D 342 -5.85 20.64 -29.54
N ASN D 343 -5.58 19.62 -30.35
CA ASN D 343 -5.82 19.73 -31.78
C ASN D 343 -7.29 19.97 -32.07
N ASP D 344 -8.18 19.29 -31.36
CA ASP D 344 -9.61 19.47 -31.58
C ASP D 344 -10.04 20.90 -31.25
N LEU D 345 -9.54 21.46 -30.16
CA LEU D 345 -9.92 22.81 -29.77
C LEU D 345 -9.37 23.84 -30.75
N TYR D 346 -8.11 23.69 -31.16
CA TYR D 346 -7.58 24.57 -32.19
C TYR D 346 -8.38 24.46 -33.48
N ARG D 347 -8.79 23.24 -33.84
CA ARG D 347 -9.57 23.04 -35.05
C ARG D 347 -10.91 23.76 -34.98
N ARG D 348 -11.59 23.66 -33.83
CA ARG D 348 -12.86 24.36 -33.66
C ARG D 348 -12.67 25.88 -33.76
N VAL D 349 -11.62 26.39 -33.12
CA VAL D 349 -11.35 27.83 -33.19
C VAL D 349 -11.13 28.25 -34.64
N ILE D 350 -10.34 27.49 -35.38
CA ILE D 350 -10.03 27.85 -36.76
C ILE D 350 -11.28 27.80 -37.63
N ASN D 351 -12.10 26.75 -37.47
CA ASN D 351 -13.33 26.65 -38.24
C ASN D 351 -14.22 27.86 -38.00
N ARG D 352 -14.46 28.18 -36.72
CA ARG D 352 -15.37 29.28 -36.41
C ARG D 352 -14.81 30.60 -36.93
N ASN D 353 -13.50 30.83 -36.77
CA ASN D 353 -12.91 32.07 -37.25
C ASN D 353 -13.02 32.19 -38.76
N ASN D 354 -12.75 31.11 -39.48
CA ASN D 354 -12.82 31.16 -40.94
C ASN D 354 -14.24 31.45 -41.41
N ARG D 355 -15.23 30.78 -40.83
CA ARG D 355 -16.60 31.01 -41.27
C ARG D 355 -17.08 32.41 -40.89
N LEU D 356 -16.66 32.92 -39.73
CA LEU D 356 -16.99 34.30 -39.37
C LEU D 356 -16.39 35.28 -40.36
N LYS D 357 -15.13 35.06 -40.75
CA LYS D 357 -14.49 35.94 -41.73
C LYS D 357 -15.22 35.88 -43.07
N ARG D 358 -15.61 34.67 -43.48
CA ARG D 358 -16.37 34.53 -44.73
C ARG D 358 -17.66 35.34 -44.66
N LEU D 359 -18.42 35.20 -43.57
CA LEU D 359 -19.67 35.93 -43.44
C LEU D 359 -19.44 37.44 -43.44
N ILE D 360 -18.41 37.91 -42.72
CA ILE D 360 -18.14 39.34 -42.67
C ILE D 360 -17.82 39.87 -44.06
N ASP D 361 -16.93 39.17 -44.78
CA ASP D 361 -16.53 39.65 -46.10
C ASP D 361 -17.71 39.62 -47.08
N LEU D 362 -18.51 38.56 -47.04
CA LEU D 362 -19.62 38.43 -47.98
C LEU D 362 -20.75 39.39 -47.70
N GLY D 363 -20.83 39.93 -46.49
CA GLY D 363 -21.93 40.80 -46.12
C GLY D 363 -23.11 39.99 -45.61
N ALA D 364 -23.66 40.37 -44.47
CA ALA D 364 -24.74 39.62 -43.85
C ALA D 364 -25.43 40.50 -42.83
N PRO D 365 -26.64 40.15 -42.40
CA PRO D 365 -27.32 40.95 -41.37
C PRO D 365 -26.57 40.90 -40.05
N GLU D 366 -26.89 41.87 -39.20
CA GLU D 366 -26.19 42.01 -37.92
C GLU D 366 -26.33 40.74 -37.06
N ILE D 367 -27.50 40.10 -37.12
CA ILE D 367 -27.79 39.00 -36.20
C ILE D 367 -26.83 37.84 -36.43
N ILE D 368 -26.64 37.45 -37.69
CA ILE D 368 -25.80 36.29 -37.98
C ILE D 368 -24.35 36.57 -37.63
N VAL D 369 -23.87 37.78 -37.94
CA VAL D 369 -22.49 38.14 -37.60
C VAL D 369 -22.29 38.11 -36.09
N ASN D 370 -23.27 38.65 -35.34
CA ASN D 370 -23.16 38.63 -33.89
C ASN D 370 -23.15 37.20 -33.35
N ASN D 371 -24.00 36.34 -33.92
CA ASN D 371 -24.02 34.95 -33.47
C ASN D 371 -22.68 34.27 -33.73
N GLU D 372 -22.09 34.50 -34.91
CA GLU D 372 -20.79 33.91 -35.20
C GLU D 372 -19.71 34.44 -34.27
N LYS D 373 -19.76 35.74 -33.97
CA LYS D 373 -18.80 36.31 -33.03
C LYS D 373 -18.93 35.67 -31.64
N ARG D 374 -20.17 35.47 -31.19
CA ARG D 374 -20.39 34.84 -29.89
C ARG D 374 -19.85 33.41 -29.89
N MET D 375 -20.10 32.66 -30.96
CA MET D 375 -19.60 31.29 -31.02
C MET D 375 -18.07 31.25 -31.05
N LEU D 376 -17.45 32.20 -31.74
CA LEU D 376 -15.98 32.28 -31.72
C LEU D 376 -15.48 32.59 -30.32
N GLN D 377 -16.13 33.52 -29.63
CA GLN D 377 -15.78 33.82 -28.24
C GLN D 377 -15.83 32.56 -27.39
N GLU D 378 -16.92 31.80 -27.51
CA GLU D 378 -17.06 30.58 -26.72
C GLU D 378 -15.99 29.55 -27.08
N SER D 379 -15.66 29.44 -28.36
CA SER D 379 -14.63 28.49 -28.78
C SER D 379 -13.27 28.85 -28.17
N VAL D 380 -12.91 30.12 -28.20
CA VAL D 380 -11.62 30.52 -27.63
C VAL D 380 -11.62 30.33 -26.12
N ASP D 381 -12.76 30.60 -25.46
CA ASP D 381 -12.86 30.36 -24.03
C ASP D 381 -12.67 28.89 -23.71
N ALA D 382 -13.27 28.00 -24.50
CA ALA D 382 -13.11 26.57 -24.28
C ALA D 382 -11.66 26.15 -24.50
N LEU D 383 -11.00 26.74 -25.51
CA LEU D 383 -9.59 26.44 -25.73
C LEU D 383 -8.74 26.82 -24.52
N PHE D 384 -8.91 28.05 -24.02
CA PHE D 384 -8.05 28.52 -22.95
C PHE D 384 -8.35 27.81 -21.63
N ASP D 385 -9.63 27.70 -21.27
CA ASP D 385 -10.03 27.09 -19.99
C ASP D 385 -11.38 26.43 -20.21
N ASN D 386 -11.37 25.11 -20.40
CA ASN D 386 -12.58 24.38 -20.74
C ASN D 386 -13.39 24.08 -19.49
N GLY D 387 -14.68 24.41 -19.53
CA GLY D 387 -15.59 24.13 -18.43
C GLY D 387 -15.73 25.26 -17.43
N ARG D 388 -14.93 26.32 -17.54
CA ARG D 388 -15.05 27.44 -16.61
C ARG D 388 -16.43 28.10 -16.72
N ARG D 389 -16.89 28.33 -17.94
CA ARG D 389 -18.20 28.95 -18.18
C ARG D 389 -18.99 28.04 -19.10
N GLY D 390 -20.19 27.66 -18.66
CA GLY D 390 -21.04 26.80 -19.46
C GLY D 390 -20.59 25.35 -19.42
N ARG D 391 -21.30 24.52 -20.18
CA ARG D 391 -20.98 23.11 -20.23
C ARG D 391 -19.62 22.89 -20.89
N PRO D 392 -18.81 21.96 -20.41
CA PRO D 392 -17.54 21.66 -21.10
C PRO D 392 -17.79 21.17 -22.51
N VAL D 393 -16.89 21.55 -23.42
CA VAL D 393 -16.90 21.03 -24.77
C VAL D 393 -16.39 19.59 -24.73
N THR D 394 -17.29 18.64 -24.83
CA THR D 394 -16.96 17.23 -24.66
C THR D 394 -16.68 16.56 -26.01
N GLY D 395 -15.88 15.51 -25.96
CA GLY D 395 -15.56 14.73 -27.14
C GLY D 395 -16.30 13.40 -27.13
N PRO D 396 -15.77 12.40 -27.83
CA PRO D 396 -16.39 11.08 -27.79
C PRO D 396 -16.40 10.50 -26.39
N GLY D 397 -17.49 9.81 -26.06
CA GLY D 397 -17.66 9.27 -24.72
C GLY D 397 -18.25 10.22 -23.71
N ASN D 398 -18.61 11.44 -24.12
CA ASN D 398 -19.19 12.43 -23.21
C ASN D 398 -18.26 12.75 -22.06
N ARG D 399 -16.97 12.92 -22.38
CA ARG D 399 -15.97 13.31 -21.40
C ARG D 399 -15.37 14.65 -21.79
N PRO D 400 -15.22 15.59 -20.86
CA PRO D 400 -14.72 16.92 -21.22
C PRO D 400 -13.31 16.85 -21.79
N LEU D 401 -13.05 17.69 -22.77
CA LEU D 401 -11.73 17.78 -23.38
C LEU D 401 -10.77 18.54 -22.48
N LYS D 402 -9.48 18.24 -22.65
CA LYS D 402 -8.42 18.93 -21.93
C LYS D 402 -8.12 20.27 -22.60
N SER D 403 -7.85 21.28 -21.78
CA SER D 403 -7.54 22.63 -22.23
C SER D 403 -6.09 22.96 -21.92
N LEU D 404 -5.65 24.13 -22.38
CA LEU D 404 -4.31 24.58 -22.07
C LEU D 404 -4.11 24.79 -20.58
N SER D 405 -5.20 25.08 -19.86
CA SER D 405 -5.12 25.32 -18.43
C SER D 405 -5.06 24.04 -17.61
N ASP D 406 -5.39 22.89 -18.20
CA ASP D 406 -5.32 21.62 -17.50
C ASP D 406 -3.94 20.98 -17.57
N LEU D 407 -3.03 21.51 -18.39
CA LEU D 407 -1.67 20.99 -18.45
C LEU D 407 -0.81 21.45 -17.30
N LEU D 408 -1.28 22.42 -16.50
CA LEU D 408 -0.50 22.98 -15.41
C LEU D 408 -1.07 22.68 -14.02
N LYS D 409 -2.35 22.35 -13.92
CA LYS D 409 -3.03 22.22 -12.64
C LYS D 409 -3.09 20.77 -12.18
N GLY D 410 -3.22 20.61 -10.86
CA GLY D 410 -3.57 19.33 -10.29
C GLY D 410 -2.39 18.43 -9.99
N LYS D 411 -2.74 17.27 -9.42
CA LYS D 411 -1.73 16.28 -9.07
C LYS D 411 -1.04 15.71 -10.30
N GLN D 412 -1.72 15.70 -11.44
CA GLN D 412 -1.17 15.22 -12.70
C GLN D 412 -0.73 16.35 -13.62
N GLY D 413 -0.67 17.58 -13.13
CA GLY D 413 -0.28 18.70 -13.94
C GLY D 413 1.20 18.73 -14.20
N ARG D 414 1.65 19.78 -14.89
CA ARG D 414 3.05 19.88 -15.27
C ARG D 414 3.94 19.92 -14.04
N PHE D 415 3.67 20.82 -13.10
CA PHE D 415 4.58 21.04 -11.99
C PHE D 415 4.77 19.77 -11.18
N ARG D 416 3.71 19.34 -10.48
CA ARG D 416 3.84 18.27 -9.51
C ARG D 416 4.18 16.92 -10.14
N GLN D 417 3.91 16.75 -11.43
CA GLN D 417 4.14 15.46 -12.07
C GLN D 417 5.45 15.38 -12.85
N ASN D 418 6.00 16.51 -13.29
CA ASN D 418 7.18 16.49 -14.14
C ASN D 418 8.35 17.30 -13.61
N LEU D 419 8.13 18.40 -12.89
CA LEU D 419 9.23 19.25 -12.44
C LEU D 419 9.65 18.95 -11.01
N LEU D 420 8.69 18.68 -10.13
CA LEU D 420 8.99 18.28 -8.76
C LEU D 420 9.29 16.79 -8.63
N GLY D 421 8.98 15.99 -9.64
CA GLY D 421 9.31 14.58 -9.63
C GLY D 421 9.60 14.10 -11.03
N LYS D 422 10.48 13.11 -11.13
CA LYS D 422 10.95 12.61 -12.41
C LYS D 422 11.10 11.10 -12.35
N ARG D 423 11.22 10.50 -13.54
CA ARG D 423 11.66 9.12 -13.70
C ARG D 423 13.12 9.13 -14.12
N VAL D 424 13.91 8.22 -13.56
CA VAL D 424 15.37 8.28 -13.67
C VAL D 424 15.90 6.95 -14.18
N ASP D 425 17.12 7.00 -14.70
CA ASP D 425 17.82 5.82 -15.19
C ASP D 425 18.66 5.21 -14.06
N TYR D 426 19.30 4.08 -14.35
CA TYR D 426 20.14 3.39 -13.38
C TYR D 426 19.35 3.10 -12.10
N SER D 427 18.16 2.53 -12.26
CA SER D 427 17.29 2.26 -11.13
C SER D 427 16.54 0.95 -11.36
N GLY D 428 16.34 0.19 -10.29
CA GLY D 428 15.65 -1.08 -10.36
C GLY D 428 14.68 -1.28 -9.21
N ARG D 429 14.19 -2.51 -9.04
CA ARG D 429 13.20 -2.80 -8.01
C ARG D 429 12.95 -4.30 -7.97
N SER D 430 12.66 -4.81 -6.77
CA SER D 430 12.22 -6.19 -6.59
C SER D 430 11.78 -6.35 -5.14
N VAL D 431 11.45 -7.58 -4.78
CA VAL D 431 10.97 -7.89 -3.44
C VAL D 431 12.14 -7.97 -2.47
N ILE D 432 11.90 -7.65 -1.21
CA ILE D 432 12.91 -7.64 -0.17
C ILE D 432 12.70 -8.82 0.76
N VAL D 433 13.77 -9.54 1.06
CA VAL D 433 13.76 -10.59 2.08
C VAL D 433 14.74 -10.18 3.17
N VAL D 434 14.89 -11.01 4.20
CA VAL D 434 15.70 -10.67 5.37
C VAL D 434 17.03 -11.41 5.28
N GLY D 435 18.13 -10.67 5.37
CA GLY D 435 19.43 -11.26 5.52
C GLY D 435 19.98 -11.06 6.91
N PRO D 436 19.93 -12.08 7.76
CA PRO D 436 20.51 -11.94 9.11
C PRO D 436 22.02 -11.84 9.11
N GLN D 437 22.69 -12.42 8.10
CA GLN D 437 24.15 -12.48 8.10
C GLN D 437 24.80 -11.14 7.73
N LEU D 438 24.05 -10.23 7.13
CA LEU D 438 24.61 -8.97 6.68
C LEU D 438 25.07 -8.13 7.87
N LYS D 439 25.78 -7.05 7.56
CA LYS D 439 26.17 -6.05 8.54
C LYS D 439 25.39 -4.76 8.28
N LEU D 440 25.48 -3.85 9.24
CA LEU D 440 24.59 -2.69 9.21
C LEU D 440 24.81 -1.81 7.98
N HIS D 441 25.94 -1.96 7.29
CA HIS D 441 26.27 -1.16 6.13
C HIS D 441 26.21 -1.94 4.83
N GLN D 442 25.68 -3.16 4.86
CA GLN D 442 25.67 -4.04 3.70
C GLN D 442 24.24 -4.40 3.30
N CYS D 443 24.06 -4.67 2.01
CA CYS D 443 22.80 -5.18 1.49
C CYS D 443 23.09 -6.22 0.42
N GLY D 444 22.21 -7.19 0.28
CA GLY D 444 22.33 -8.21 -0.74
C GLY D 444 21.60 -7.78 -2.00
N LEU D 445 22.31 -7.75 -3.11
CA LEU D 445 21.78 -7.28 -4.37
C LEU D 445 21.76 -8.42 -5.39
N PRO D 446 20.62 -8.70 -6.03
CA PRO D 446 20.59 -9.78 -7.02
C PRO D 446 21.61 -9.57 -8.13
N LYS D 447 22.21 -10.67 -8.57
CA LYS D 447 23.24 -10.60 -9.61
C LYS D 447 22.69 -10.07 -10.92
N LEU D 448 21.49 -10.49 -11.30
CA LEU D 448 20.90 -10.06 -12.56
C LEU D 448 20.56 -8.58 -12.58
N MET D 449 20.18 -8.02 -11.43
CA MET D 449 19.91 -6.59 -11.36
C MET D 449 21.20 -5.78 -11.32
N ALA D 450 22.22 -6.31 -10.64
CA ALA D 450 23.52 -5.64 -10.60
C ALA D 450 24.15 -5.59 -11.98
N LEU D 451 24.02 -6.66 -12.77
CA LEU D 451 24.59 -6.64 -14.12
C LEU D 451 23.97 -5.54 -14.97
N GLU D 452 22.70 -5.22 -14.74
CA GLU D 452 22.04 -4.20 -15.55
C GLU D 452 22.32 -2.80 -15.04
N LEU D 453 22.32 -2.60 -13.72
CA LEU D 453 22.59 -1.27 -13.19
C LEU D 453 23.99 -0.80 -13.54
N PHE D 454 24.98 -1.69 -13.45
CA PHE D 454 26.38 -1.35 -13.68
C PHE D 454 26.84 -1.68 -15.10
N LYS D 455 25.95 -1.57 -16.09
CA LYS D 455 26.28 -2.01 -17.43
C LYS D 455 27.47 -1.26 -18.03
N PRO D 456 27.49 0.07 -18.05
CA PRO D 456 28.64 0.77 -18.68
C PRO D 456 29.97 0.48 -18.01
N PHE D 457 29.99 0.36 -16.68
CA PHE D 457 31.23 0.06 -15.98
C PHE D 457 31.73 -1.32 -16.35
N VAL D 458 30.82 -2.30 -16.45
CA VAL D 458 31.21 -3.64 -16.84
C VAL D 458 31.74 -3.65 -18.26
N MET D 459 31.09 -2.91 -19.16
CA MET D 459 31.59 -2.85 -20.53
C MET D 459 32.99 -2.25 -20.59
N LYS D 460 33.21 -1.15 -19.85
CA LYS D 460 34.54 -0.54 -19.83
C LYS D 460 35.58 -1.54 -19.32
N ARG D 461 35.27 -2.26 -18.25
CA ARG D 461 36.25 -3.18 -17.70
C ARG D 461 36.48 -4.37 -18.62
N LEU D 462 35.44 -4.84 -19.31
CA LEU D 462 35.61 -5.90 -20.29
C LEU D 462 36.55 -5.48 -21.40
N VAL D 463 36.40 -4.25 -21.90
CA VAL D 463 37.30 -3.77 -22.94
C VAL D 463 38.72 -3.64 -22.37
N ASP D 464 38.84 -3.15 -21.14
CA ASP D 464 40.17 -2.95 -20.55
C ASP D 464 40.91 -4.27 -20.40
N LEU D 465 40.23 -5.32 -19.93
CA LEU D 465 40.87 -6.61 -19.67
C LEU D 465 41.02 -7.46 -20.92
N ASN D 466 40.84 -6.90 -22.11
CA ASN D 466 41.07 -7.59 -23.38
C ASN D 466 40.07 -8.70 -23.64
N HIS D 467 38.96 -8.74 -22.91
CA HIS D 467 37.90 -9.70 -23.22
C HIS D 467 37.11 -9.29 -24.46
N ALA D 468 37.18 -8.03 -24.84
CA ALA D 468 36.58 -7.54 -26.08
C ALA D 468 37.54 -6.56 -26.73
N GLN D 469 37.42 -6.40 -28.05
CA GLN D 469 38.31 -5.50 -28.76
C GLN D 469 37.77 -4.07 -28.83
N ASN D 470 36.46 -3.90 -28.86
CA ASN D 470 35.84 -2.58 -28.90
C ASN D 470 34.69 -2.56 -27.91
N ILE D 471 33.94 -1.44 -27.89
CA ILE D 471 32.83 -1.32 -26.96
C ILE D 471 31.60 -2.07 -27.44
N LYS D 472 31.42 -2.20 -28.76
CA LYS D 472 30.26 -2.92 -29.27
C LYS D 472 30.33 -4.40 -28.90
N SER D 473 31.52 -5.00 -29.00
CA SER D 473 31.65 -6.40 -28.61
C SER D 473 31.36 -6.61 -27.14
N ALA D 474 31.86 -5.71 -26.29
CA ALA D 474 31.57 -5.80 -24.86
C ALA D 474 30.08 -5.62 -24.59
N LYS D 475 29.44 -4.70 -25.30
CA LYS D 475 28.00 -4.49 -25.13
C LYS D 475 27.22 -5.74 -25.49
N ARG D 476 27.56 -6.37 -26.61
CA ARG D 476 26.88 -7.60 -26.99
C ARG D 476 27.15 -8.72 -25.99
N MET D 477 28.38 -8.79 -25.48
CA MET D 477 28.72 -9.80 -24.48
C MET D 477 27.87 -9.62 -23.22
N VAL D 478 27.69 -8.38 -22.78
CA VAL D 478 26.83 -8.12 -21.62
C VAL D 478 25.38 -8.47 -21.95
N GLU D 479 24.92 -8.10 -23.14
CA GLU D 479 23.54 -8.42 -23.52
C GLU D 479 23.29 -9.92 -23.52
N ARG D 480 24.29 -10.72 -23.86
CA ARG D 480 24.15 -12.17 -23.89
C ARG D 480 24.55 -12.84 -22.58
N GLN D 481 25.01 -12.08 -21.59
CA GLN D 481 25.34 -12.62 -20.27
C GLN D 481 26.33 -13.77 -20.39
N ARG D 482 27.38 -13.55 -21.16
CA ARG D 482 28.39 -14.59 -21.33
C ARG D 482 29.16 -14.81 -20.03
N PRO D 483 29.74 -16.00 -19.84
CA PRO D 483 30.32 -16.33 -18.53
C PRO D 483 31.46 -15.41 -18.08
N GLN D 484 31.91 -14.52 -18.96
CA GLN D 484 33.06 -13.69 -18.68
C GLN D 484 32.71 -12.37 -18.01
N VAL D 485 31.42 -12.08 -17.79
CA VAL D 485 31.03 -10.80 -17.23
C VAL D 485 30.88 -10.82 -15.71
N TRP D 486 30.61 -11.99 -15.12
CA TRP D 486 30.37 -12.03 -13.68
C TRP D 486 31.63 -11.75 -12.88
N ASP D 487 32.77 -12.26 -13.35
CA ASP D 487 34.03 -12.03 -12.65
C ASP D 487 34.37 -10.55 -12.63
N VAL D 488 34.18 -9.86 -13.75
CA VAL D 488 34.46 -8.43 -13.78
C VAL D 488 33.42 -7.66 -12.98
N LEU D 489 32.16 -8.12 -12.97
CA LEU D 489 31.13 -7.43 -12.20
C LEU D 489 31.46 -7.47 -10.71
N GLU D 490 31.92 -8.61 -10.22
CA GLU D 490 32.27 -8.73 -8.80
C GLU D 490 33.22 -7.61 -8.38
N GLU D 491 34.21 -7.32 -9.20
CA GLU D 491 35.19 -6.29 -8.86
C GLU D 491 34.70 -4.90 -9.20
N VAL D 492 33.77 -4.78 -10.15
CA VAL D 492 33.25 -3.47 -10.52
C VAL D 492 32.38 -2.90 -9.40
N ILE D 493 31.55 -3.74 -8.78
CA ILE D 493 30.63 -3.24 -7.77
C ILE D 493 31.28 -3.01 -6.42
N ALA D 494 32.59 -3.23 -6.31
CA ALA D 494 33.25 -3.18 -5.01
C ALA D 494 33.32 -1.74 -4.49
N GLU D 495 32.78 -1.52 -3.29
CA GLU D 495 32.83 -0.22 -2.63
C GLU D 495 32.18 0.87 -3.46
N HIS D 496 31.08 0.53 -4.13
CA HIS D 496 30.26 1.50 -4.83
C HIS D 496 28.92 1.60 -4.13
N PRO D 497 28.62 2.67 -3.38
CA PRO D 497 27.40 2.70 -2.60
C PRO D 497 26.15 2.70 -3.47
N VAL D 498 25.06 2.23 -2.87
CA VAL D 498 23.78 2.09 -3.56
C VAL D 498 22.68 2.60 -2.63
N LEU D 499 21.75 3.38 -3.18
CA LEU D 499 20.67 3.96 -2.41
C LEU D 499 19.43 3.08 -2.50
N LEU D 500 18.81 2.82 -1.35
CA LEU D 500 17.58 2.03 -1.27
C LEU D 500 16.47 2.87 -0.66
N ASN D 501 15.27 2.77 -1.23
CA ASN D 501 14.14 3.59 -0.84
C ASN D 501 12.87 2.76 -0.85
N ARG D 502 12.01 2.98 0.14
CA ARG D 502 10.71 2.32 0.22
C ARG D 502 9.62 3.36 0.37
N ALA D 503 8.61 3.28 -0.50
CA ALA D 503 7.50 4.22 -0.45
C ALA D 503 6.41 3.72 0.48
N PRO D 504 5.73 4.61 1.22
CA PRO D 504 5.88 6.07 1.26
C PRO D 504 7.13 6.51 2.01
N THR D 505 7.77 7.59 1.58
CA THR D 505 8.96 8.12 2.26
C THR D 505 8.48 9.18 3.25
N LEU D 506 8.11 8.73 4.45
CA LEU D 506 7.47 9.62 5.42
C LEU D 506 8.48 10.56 6.07
N HIS D 507 9.70 10.11 6.32
CA HIS D 507 10.72 10.94 6.94
C HIS D 507 12.04 10.71 6.22
N ARG D 508 13.10 11.28 6.78
CA ARG D 508 14.40 11.32 6.10
C ARG D 508 14.97 9.93 5.91
N LEU D 509 14.86 9.07 6.91
CA LEU D 509 15.50 7.76 6.90
C LEU D 509 14.78 6.77 5.99
N GLY D 510 13.84 7.22 5.16
CA GLY D 510 13.28 6.36 4.14
C GLY D 510 14.18 6.12 2.97
N ILE D 511 15.29 6.84 2.88
CA ILE D 511 16.34 6.61 1.89
C ILE D 511 17.66 6.44 2.64
N GLN D 512 18.37 5.36 2.35
CA GLN D 512 19.65 5.10 2.98
C GLN D 512 20.56 4.39 1.99
N ALA D 513 21.86 4.51 2.23
CA ALA D 513 22.88 3.97 1.34
C ALA D 513 23.55 2.76 1.98
N PHE D 514 23.84 1.76 1.15
CA PHE D 514 24.46 0.52 1.60
C PHE D 514 25.61 0.16 0.66
N GLU D 515 26.33 -0.89 1.02
CA GLU D 515 27.41 -1.41 0.19
C GLU D 515 26.93 -2.71 -0.45
N PRO D 516 26.69 -2.75 -1.77
CA PRO D 516 26.09 -3.94 -2.36
C PRO D 516 27.03 -5.13 -2.34
N MET D 517 26.44 -6.31 -2.23
CA MET D 517 27.16 -7.58 -2.34
C MET D 517 26.27 -8.58 -3.05
N LEU D 518 26.80 -9.20 -4.10
CA LEU D 518 25.99 -10.06 -4.96
C LEU D 518 25.48 -11.26 -4.20
N VAL D 519 24.22 -11.64 -4.48
CA VAL D 519 23.59 -12.80 -3.88
C VAL D 519 22.93 -13.61 -5.00
N GLU D 520 22.59 -14.85 -4.67
CA GLU D 520 21.90 -15.75 -5.59
C GLU D 520 20.40 -15.65 -5.32
N GLY D 521 19.64 -15.29 -6.35
CA GLY D 521 18.21 -15.12 -6.24
C GLY D 521 17.77 -13.86 -6.95
N LYS D 522 16.52 -13.50 -6.75
CA LYS D 522 15.94 -12.32 -7.38
C LYS D 522 15.33 -11.36 -6.36
N ALA D 523 15.48 -11.62 -5.07
CA ALA D 523 14.99 -10.75 -4.01
C ALA D 523 16.16 -10.07 -3.31
N ILE D 524 15.89 -8.87 -2.80
CA ILE D 524 16.91 -8.07 -2.13
C ILE D 524 16.94 -8.47 -0.66
N GLN D 525 18.14 -8.58 -0.10
CA GLN D 525 18.33 -8.96 1.30
C GLN D 525 18.56 -7.70 2.13
N LEU D 526 17.69 -7.45 3.08
CA LEU D 526 17.71 -6.24 3.90
C LEU D 526 18.09 -6.58 5.33
N HIS D 527 18.91 -5.73 5.93
CA HIS D 527 19.34 -5.95 7.31
C HIS D 527 18.13 -5.84 8.23
N PRO D 528 18.03 -6.70 9.26
CA PRO D 528 16.87 -6.63 10.15
C PRO D 528 16.79 -5.37 10.99
N LEU D 529 17.89 -4.63 11.15
CA LEU D 529 17.92 -3.48 12.05
C LEU D 529 17.53 -2.17 11.36
N VAL D 530 17.20 -2.19 10.08
CA VAL D 530 16.75 -1.00 9.35
C VAL D 530 15.27 -1.07 9.01
N CYS D 531 14.57 -2.14 9.40
CA CYS D 531 13.16 -2.27 9.09
C CYS D 531 12.33 -1.18 9.77
N GLU D 532 12.66 -0.86 11.02
CA GLU D 532 11.93 0.19 11.72
C GLU D 532 12.09 1.53 11.01
N ALA D 533 13.31 1.86 10.59
CA ALA D 533 13.53 3.11 9.87
C ALA D 533 12.77 3.12 8.55
N PHE D 534 12.82 2.02 7.80
CA PHE D 534 12.05 1.91 6.57
C PHE D 534 10.58 1.63 6.81
N ASN D 535 10.22 1.11 7.98
CA ASN D 535 8.86 0.65 8.26
C ASN D 535 8.49 -0.53 7.36
N ALA D 536 9.45 -1.42 7.15
CA ALA D 536 9.32 -2.51 6.19
C ALA D 536 9.23 -3.84 6.92
N ASP D 537 8.18 -4.60 6.64
CA ASP D 537 8.08 -5.99 7.02
C ASP D 537 8.26 -6.85 5.76
N PHE D 538 8.16 -8.16 5.93
CA PHE D 538 8.48 -9.07 4.85
C PHE D 538 7.28 -9.92 4.46
N ASP D 539 6.13 -9.27 4.28
CA ASP D 539 4.92 -9.92 3.80
C ASP D 539 4.63 -9.62 2.34
N GLY D 540 5.59 -9.06 1.61
CA GLY D 540 5.40 -8.77 0.19
C GLY D 540 5.89 -7.40 -0.24
N ASP D 541 6.57 -6.67 0.64
CA ASP D 541 7.01 -5.33 0.31
C ASP D 541 8.07 -5.35 -0.80
N GLN D 542 8.22 -4.20 -1.46
CA GLN D 542 9.22 -4.02 -2.51
C GLN D 542 9.93 -2.70 -2.30
N MET D 543 11.16 -2.62 -2.80
CA MET D 543 12.00 -1.43 -2.64
C MET D 543 12.65 -1.09 -3.97
N ALA D 544 13.07 0.16 -4.08
CA ALA D 544 13.72 0.68 -5.28
C ALA D 544 15.21 0.90 -5.02
N VAL D 545 16.01 0.73 -6.06
CA VAL D 545 17.46 0.85 -5.99
C VAL D 545 17.89 1.94 -6.96
N HIS D 546 18.78 2.83 -6.50
CA HIS D 546 19.32 3.91 -7.30
C HIS D 546 20.84 3.90 -7.20
N LEU D 547 21.49 4.29 -8.30
CA LEU D 547 22.95 4.24 -8.40
C LEU D 547 23.52 5.63 -8.56
N PRO D 548 24.29 6.14 -7.59
CA PRO D 548 24.99 7.42 -7.80
C PRO D 548 26.20 7.26 -8.71
N LEU D 549 26.42 8.25 -9.57
CA LEU D 549 27.44 8.17 -10.62
C LEU D 549 28.65 9.04 -10.32
N SER D 550 28.46 10.35 -10.11
CA SER D 550 29.58 11.26 -10.02
C SER D 550 30.30 11.11 -8.68
N ALA D 551 31.48 11.74 -8.58
CA ALA D 551 32.26 11.66 -7.36
C ALA D 551 31.54 12.31 -6.19
N GLU D 552 30.93 13.47 -6.42
CA GLU D 552 30.19 14.14 -5.34
C GLU D 552 29.02 13.28 -4.87
N ALA D 553 28.29 12.68 -5.81
CA ALA D 553 27.15 11.84 -5.43
C ALA D 553 27.59 10.65 -4.60
N GLN D 554 28.68 10.00 -4.99
CA GLN D 554 29.20 8.88 -4.21
C GLN D 554 29.67 9.32 -2.84
N ALA D 555 30.32 10.48 -2.76
CA ALA D 555 30.75 10.99 -1.46
C ALA D 555 29.56 11.25 -0.55
N GLU D 556 28.50 11.83 -1.10
CA GLU D 556 27.30 12.08 -0.30
C GLU D 556 26.69 10.76 0.17
N ALA D 557 26.56 9.79 -0.74
CA ALA D 557 25.97 8.51 -0.36
C ALA D 557 26.81 7.78 0.66
N ARG D 558 28.12 8.01 0.66
CA ARG D 558 29.02 7.29 1.56
C ARG D 558 29.20 7.97 2.91
N ILE D 559 29.00 9.28 3.00
CA ILE D 559 29.16 10.02 4.24
C ILE D 559 27.80 10.40 4.83
N LEU D 560 27.00 11.17 4.10
CA LEU D 560 25.76 11.71 4.64
C LEU D 560 24.72 10.61 4.86
N MET D 561 24.56 9.71 3.91
CA MET D 561 23.41 8.81 3.87
C MET D 561 23.73 7.38 4.29
N LEU D 562 24.96 7.07 4.69
CA LEU D 562 25.28 5.70 5.04
C LEU D 562 24.40 5.22 6.19
N SER D 563 23.97 3.96 6.11
CA SER D 563 23.02 3.43 7.09
C SER D 563 23.63 3.40 8.49
N SER D 564 24.90 3.01 8.60
CA SER D 564 25.54 2.91 9.91
C SER D 564 25.83 4.28 10.52
N ASN D 565 25.67 5.37 9.77
CA ASN D 565 25.83 6.71 10.33
C ASN D 565 24.51 7.26 10.87
N ASN D 566 23.37 6.66 10.53
CA ASN D 566 22.06 7.12 10.96
C ASN D 566 21.47 6.08 11.89
N ILE D 567 21.79 6.19 13.18
CA ILE D 567 21.33 5.23 14.18
C ILE D 567 20.18 5.83 14.98
N LEU D 568 20.20 7.14 15.18
CA LEU D 568 19.25 7.83 16.03
C LEU D 568 18.16 8.50 15.20
N SER D 569 17.00 8.68 15.82
CA SER D 569 15.86 9.31 15.16
C SER D 569 16.04 10.82 15.14
N PRO D 570 15.97 11.47 13.97
CA PRO D 570 16.13 12.94 13.95
C PRO D 570 15.01 13.69 14.65
N ALA D 571 13.83 13.09 14.81
CA ALA D 571 12.70 13.79 15.42
C ALA D 571 12.84 13.88 16.93
N SER D 572 13.33 12.81 17.57
CA SER D 572 13.39 12.74 19.02
C SER D 572 14.77 12.38 19.57
N GLY D 573 15.66 11.82 18.75
CA GLY D 573 16.96 11.40 19.22
C GLY D 573 17.02 9.99 19.76
N ARG D 574 15.90 9.28 19.83
CA ARG D 574 15.91 7.92 20.32
C ARG D 574 16.50 6.98 19.26
N PRO D 575 17.15 5.90 19.68
CA PRO D 575 17.77 5.00 18.69
C PRO D 575 16.71 4.23 17.91
N LEU D 576 16.94 4.10 16.61
CA LEU D 576 16.07 3.35 15.72
C LEU D 576 16.65 2.03 15.27
N ALA D 577 17.97 1.93 15.16
CA ALA D 577 18.65 0.67 14.82
C ALA D 577 19.04 -0.11 16.06
N MET D 578 18.07 -0.56 16.83
CA MET D 578 18.28 -1.35 18.04
C MET D 578 17.45 -2.62 18.01
N PRO D 579 17.78 -3.60 18.84
CA PRO D 579 17.06 -4.88 18.80
C PRO D 579 15.57 -4.73 19.06
N ARG D 580 14.78 -5.57 18.39
CA ARG D 580 13.34 -5.58 18.56
C ARG D 580 12.81 -6.98 18.25
N LEU D 581 11.63 -7.29 18.80
CA LEU D 581 10.96 -8.56 18.55
C LEU D 581 11.79 -9.75 19.00
N ASP D 582 12.25 -10.57 18.04
CA ASP D 582 12.97 -11.80 18.39
C ASP D 582 14.25 -11.50 19.16
N MET D 583 14.96 -10.44 18.78
CA MET D 583 16.19 -10.09 19.48
C MET D 583 15.89 -9.70 20.93
N VAL D 584 14.82 -8.92 21.14
CA VAL D 584 14.45 -8.54 22.50
C VAL D 584 14.09 -9.78 23.32
N THR D 585 13.33 -10.70 22.72
CA THR D 585 12.98 -11.92 23.44
C THR D 585 14.22 -12.72 23.81
N GLY D 586 15.18 -12.83 22.88
CA GLY D 586 16.38 -13.60 23.18
C GLY D 586 17.22 -12.99 24.27
N LEU D 587 17.43 -11.68 24.21
CA LEU D 587 18.23 -11.02 25.24
C LEU D 587 17.53 -11.03 26.59
N TYR D 588 16.20 -10.84 26.60
CA TYR D 588 15.43 -10.91 27.83
C TYR D 588 15.52 -12.29 28.46
N TYR D 589 15.43 -13.35 27.65
CA TYR D 589 15.61 -14.70 28.16
C TYR D 589 17.01 -14.88 28.73
N LEU D 590 18.03 -14.47 27.98
CA LEU D 590 19.41 -14.68 28.42
C LEU D 590 19.67 -14.00 29.75
N THR D 591 19.32 -12.72 29.87
CA THR D 591 19.65 -11.94 31.06
C THR D 591 18.48 -11.97 32.06
N THR D 592 18.14 -13.17 32.50
CA THR D 592 17.09 -13.38 33.49
C THR D 592 17.59 -14.35 34.54
N GLU D 593 17.27 -14.06 35.80
CA GLU D 593 17.69 -14.89 36.93
C GLU D 593 16.47 -15.63 37.48
N VAL D 594 16.50 -16.95 37.39
CA VAL D 594 15.41 -17.80 37.84
C VAL D 594 15.84 -18.46 39.15
N PRO D 595 15.21 -18.14 40.29
CA PRO D 595 15.65 -18.73 41.56
C PRO D 595 15.54 -20.24 41.57
N GLY D 596 16.49 -20.88 42.26
CA GLY D 596 16.48 -22.31 42.40
C GLY D 596 16.67 -23.06 41.10
N ASP D 597 17.64 -22.64 40.30
CA ASP D 597 17.93 -23.28 39.04
C ASP D 597 19.10 -24.25 39.22
N THR D 598 19.57 -24.84 38.13
CA THR D 598 20.65 -25.82 38.19
C THR D 598 21.98 -25.15 38.50
N GLY D 599 22.81 -25.84 39.28
CA GLY D 599 24.13 -25.35 39.59
C GLY D 599 24.15 -24.02 40.30
N GLU D 600 23.11 -23.72 41.08
CA GLU D 600 23.01 -22.44 41.76
C GLU D 600 24.01 -22.36 42.91
N TYR D 601 24.33 -21.11 43.28
CA TYR D 601 25.25 -20.89 44.39
C TYR D 601 24.63 -21.38 45.70
N GLN D 602 25.45 -22.01 46.54
CA GLN D 602 25.01 -22.55 47.81
C GLN D 602 26.00 -22.14 48.90
N PRO D 603 25.55 -21.52 49.99
CA PRO D 603 26.47 -21.20 51.09
C PRO D 603 26.98 -22.46 51.78
N ALA D 604 28.08 -22.29 52.52
CA ALA D 604 28.66 -23.40 53.27
C ALA D 604 27.66 -23.94 54.29
N SER D 605 27.52 -25.25 54.34
CA SER D 605 26.56 -25.91 55.21
C SER D 605 27.19 -26.52 56.45
N GLY D 606 28.48 -26.24 56.71
CA GLY D 606 29.16 -26.75 57.87
C GLY D 606 29.84 -28.09 57.68
N ASP D 607 29.64 -28.75 56.53
CA ASP D 607 30.34 -29.99 56.21
C ASP D 607 31.06 -29.94 54.87
N HIS D 608 30.71 -29.03 53.97
CA HIS D 608 31.39 -28.83 52.70
C HIS D 608 31.50 -27.34 52.44
N PRO D 609 32.48 -26.91 51.66
CA PRO D 609 32.63 -25.48 51.39
C PRO D 609 31.50 -24.94 50.52
N GLU D 610 31.60 -23.67 50.14
CA GLU D 610 30.59 -23.09 49.27
C GLU D 610 30.58 -23.79 47.93
N THR D 611 29.39 -23.92 47.34
CA THR D 611 29.22 -24.56 46.05
C THR D 611 28.61 -23.56 45.07
N GLY D 612 29.11 -23.56 43.84
CA GLY D 612 28.63 -22.68 42.81
C GLY D 612 29.48 -21.46 42.58
N VAL D 613 30.79 -21.52 42.84
CA VAL D 613 31.71 -20.41 42.61
C VAL D 613 32.75 -20.85 41.60
N TYR D 614 32.96 -20.05 40.57
CA TYR D 614 33.82 -20.40 39.45
C TYR D 614 34.97 -19.41 39.35
N SER D 615 36.11 -19.91 38.89
CA SER D 615 37.34 -19.12 38.81
C SER D 615 37.43 -18.28 37.54
N SER D 616 36.51 -18.46 36.59
CA SER D 616 36.52 -17.68 35.36
C SER D 616 35.27 -17.99 34.55
N PRO D 617 34.85 -17.10 33.65
CA PRO D 617 33.70 -17.42 32.78
C PRO D 617 33.94 -18.61 31.86
N ALA D 618 35.20 -18.93 31.53
CA ALA D 618 35.46 -20.11 30.71
C ALA D 618 35.06 -21.38 31.46
N GLU D 619 35.39 -21.46 32.74
CA GLU D 619 34.97 -22.62 33.54
C GLU D 619 33.46 -22.69 33.64
N ALA D 620 32.79 -21.54 33.79
CA ALA D 620 31.33 -21.53 33.84
C ALA D 620 30.74 -22.02 32.53
N ILE D 621 31.33 -21.63 31.40
CA ILE D 621 30.85 -22.10 30.11
C ILE D 621 31.06 -23.60 29.96
N MET D 622 32.21 -24.11 30.43
CA MET D 622 32.44 -25.55 30.38
C MET D 622 31.40 -26.28 31.24
N ALA D 623 31.12 -25.76 32.43
CA ALA D 623 30.11 -26.39 33.29
C ALA D 623 28.73 -26.36 32.63
N ALA D 624 28.38 -25.25 31.98
CA ALA D 624 27.10 -25.17 31.29
C ALA D 624 27.05 -26.18 30.14
N ASP D 625 28.16 -26.33 29.42
CA ASP D 625 28.20 -27.32 28.34
C ASP D 625 28.00 -28.73 28.88
N ARG D 626 28.59 -29.03 30.05
CA ARG D 626 28.42 -30.35 30.64
C ARG D 626 27.04 -30.57 31.23
N GLY D 627 26.20 -29.54 31.30
CA GLY D 627 24.87 -29.68 31.85
C GLY D 627 24.78 -29.54 33.36
N VAL D 628 25.87 -29.18 34.03
CA VAL D 628 25.87 -29.02 35.48
C VAL D 628 25.45 -27.62 35.91
N LEU D 629 25.43 -26.66 35.01
CA LEU D 629 25.10 -25.27 35.32
C LEU D 629 24.08 -24.76 34.32
N SER D 630 23.30 -23.78 34.75
CA SER D 630 22.31 -23.13 33.91
C SER D 630 22.73 -21.71 33.61
N VAL D 631 22.43 -21.25 32.40
CA VAL D 631 22.77 -19.88 32.00
C VAL D 631 22.02 -18.85 32.81
N ARG D 632 20.97 -19.25 33.53
CA ARG D 632 20.14 -18.32 34.29
C ARG D 632 20.15 -18.65 35.79
N ALA D 633 21.24 -19.23 36.27
CA ALA D 633 21.41 -19.59 37.67
C ALA D 633 22.40 -18.64 38.31
N LYS D 634 22.04 -18.07 39.46
CA LYS D 634 22.92 -17.17 40.17
C LYS D 634 24.16 -17.91 40.65
N ILE D 635 25.33 -17.31 40.43
CA ILE D 635 26.62 -17.89 40.78
C ILE D 635 27.53 -16.79 41.28
N LYS D 636 28.75 -17.18 41.67
CA LYS D 636 29.82 -16.25 42.01
C LYS D 636 30.97 -16.50 41.05
N VAL D 637 31.41 -15.45 40.35
CA VAL D 637 32.41 -15.57 39.31
C VAL D 637 33.52 -14.56 39.55
N ARG D 638 34.73 -14.93 39.15
CA ARG D 638 35.87 -14.02 39.17
C ARG D 638 36.06 -13.46 37.77
N LEU D 639 36.04 -12.14 37.66
CA LEU D 639 36.09 -11.46 36.38
C LEU D 639 37.34 -10.57 36.32
N THR D 640 38.01 -10.59 35.17
CA THR D 640 39.21 -9.79 34.95
C THR D 640 39.15 -8.91 33.72
N GLN D 641 38.25 -9.16 32.78
CA GLN D 641 38.12 -8.35 31.57
C GLN D 641 36.83 -7.55 31.53
N LEU D 642 36.05 -7.56 32.61
CA LEU D 642 34.84 -6.76 32.72
C LEU D 642 35.04 -5.71 33.80
N ARG D 643 34.61 -4.48 33.49
CA ARG D 643 34.81 -3.36 34.41
C ARG D 643 33.75 -3.39 35.51
N PRO D 644 34.14 -3.32 36.78
CA PRO D 644 33.15 -3.41 37.86
C PRO D 644 32.26 -2.17 37.89
N PRO D 645 31.06 -2.27 38.47
CA PRO D 645 30.21 -1.10 38.61
C PRO D 645 30.91 0.02 39.38
N VAL D 646 30.27 1.19 39.40
CA VAL D 646 30.89 2.36 40.01
C VAL D 646 31.12 2.12 41.50
N GLU D 647 30.13 1.55 42.19
CA GLU D 647 30.26 1.34 43.63
C GLU D 647 31.39 0.36 43.93
N ILE D 648 31.41 -0.78 43.25
CA ILE D 648 32.43 -1.79 43.49
C ILE D 648 33.81 -1.23 43.17
N GLU D 649 33.93 -0.55 42.03
CA GLU D 649 35.23 0.02 41.66
C GLU D 649 35.70 1.03 42.69
N ALA D 650 34.80 1.89 43.16
CA ALA D 650 35.18 2.90 44.14
C ALA D 650 35.62 2.26 45.46
N GLU D 651 34.89 1.25 45.92
CA GLU D 651 35.16 0.64 47.22
C GLU D 651 36.18 -0.50 47.15
N LEU D 652 36.71 -0.81 45.97
CA LEU D 652 37.62 -1.94 45.82
C LEU D 652 38.98 -1.57 45.25
N PHE D 653 39.04 -0.66 44.27
CA PHE D 653 40.29 -0.26 43.66
C PHE D 653 40.67 1.17 44.04
N GLY D 654 39.83 2.16 43.71
CA GLY D 654 40.05 3.51 44.15
C GLY D 654 41.08 4.28 43.34
N HIS D 655 40.81 5.56 43.11
CA HIS D 655 41.73 6.49 42.45
C HIS D 655 42.38 5.93 41.19
N SER D 656 43.14 4.84 41.31
CA SER D 656 43.91 4.35 40.18
C SER D 656 43.01 3.93 39.03
N GLY D 657 42.00 3.12 39.30
CA GLY D 657 41.08 2.63 38.29
C GLY D 657 41.17 1.12 38.13
N TRP D 658 40.36 0.62 37.19
CA TRP D 658 40.25 -0.83 37.02
C TRP D 658 41.48 -1.41 36.33
N GLN D 659 42.01 -0.73 35.32
CA GLN D 659 43.25 -1.20 34.68
C GLN D 659 43.12 -2.65 34.23
N PRO D 660 42.49 -2.91 33.07
CA PRO D 660 42.14 -4.29 32.69
C PRO D 660 43.16 -5.34 33.10
N GLY D 661 42.66 -6.48 33.57
CA GLY D 661 43.48 -7.52 34.15
C GLY D 661 43.41 -7.62 35.65
N ASP D 662 42.59 -6.80 36.31
CA ASP D 662 42.41 -6.84 37.75
C ASP D 662 41.18 -7.68 38.08
N ALA D 663 41.32 -8.59 39.03
CA ALA D 663 40.28 -9.56 39.34
C ALA D 663 39.34 -9.03 40.42
N TRP D 664 38.04 -9.27 40.23
CA TRP D 664 37.03 -8.94 41.22
C TRP D 664 35.94 -10.00 41.17
N MET D 665 35.33 -10.27 42.32
CA MET D 665 34.32 -11.30 42.45
C MET D 665 32.94 -10.71 42.17
N ALA D 666 32.24 -11.28 41.20
CA ALA D 666 30.90 -10.85 40.82
C ALA D 666 29.87 -11.89 41.25
N GLU D 667 28.68 -11.42 41.58
CA GLU D 667 27.56 -12.27 41.96
C GLU D 667 26.43 -12.00 40.97
N THR D 668 26.42 -12.77 39.88
CA THR D 668 25.45 -12.59 38.81
C THR D 668 25.16 -13.96 38.19
N THR D 669 24.52 -13.95 37.04
CA THR D 669 24.29 -15.16 36.25
C THR D 669 25.27 -15.21 35.08
N LEU D 670 25.36 -16.38 34.46
CA LEU D 670 26.25 -16.54 33.31
C LEU D 670 25.72 -15.79 32.09
N GLY D 671 24.41 -15.75 31.91
CA GLY D 671 23.84 -15.00 30.80
C GLY D 671 24.17 -13.53 30.85
N ARG D 672 24.24 -12.95 32.05
CA ARG D 672 24.60 -11.55 32.16
C ARG D 672 26.06 -11.31 31.84
N VAL D 673 26.94 -12.24 32.19
CA VAL D 673 28.34 -12.14 31.78
C VAL D 673 28.42 -12.20 30.25
N MET D 674 27.68 -13.12 29.64
CA MET D 674 27.68 -13.21 28.18
C MET D 674 27.18 -11.91 27.56
N PHE D 675 26.12 -11.32 28.12
CA PHE D 675 25.60 -10.07 27.57
C PHE D 675 26.61 -8.94 27.71
N ASN D 676 27.26 -8.84 28.88
CA ASN D 676 28.22 -7.76 29.08
C ASN D 676 29.49 -7.94 28.27
N GLU D 677 29.80 -9.16 27.83
CA GLU D 677 30.93 -9.34 26.93
C GLU D 677 30.65 -8.82 25.53
N LEU D 678 29.43 -8.45 25.21
CA LEU D 678 29.08 -7.87 23.91
C LEU D 678 29.17 -6.36 23.88
N LEU D 679 29.50 -5.72 24.99
CA LEU D 679 29.58 -4.28 25.11
C LEU D 679 31.02 -3.81 25.08
N PRO D 680 31.26 -2.51 24.89
CA PRO D 680 32.64 -2.02 24.83
C PRO D 680 33.47 -2.42 26.05
N LEU D 681 34.80 -2.33 25.92
CA LEU D 681 35.67 -2.83 26.98
C LEU D 681 35.54 -2.02 28.26
N GLY D 682 35.49 -0.70 28.13
CA GLY D 682 35.45 0.17 29.29
C GLY D 682 34.09 0.44 29.87
N TYR D 683 33.05 -0.16 29.34
CA TYR D 683 31.70 0.08 29.83
C TYR D 683 31.49 -0.63 31.17
N PRO D 684 30.95 0.04 32.19
CA PRO D 684 30.78 -0.63 33.49
C PRO D 684 29.83 -1.81 33.39
N PHE D 685 30.06 -2.80 34.25
CA PHE D 685 29.23 -4.00 34.26
C PHE D 685 27.79 -3.66 34.57
N VAL D 686 26.87 -4.21 33.79
CA VAL D 686 25.43 -4.02 33.97
C VAL D 686 24.84 -5.33 34.46
N ASN D 687 24.23 -5.29 35.64
CA ASN D 687 23.63 -6.47 36.27
C ASN D 687 22.13 -6.21 36.39
N LYS D 688 21.41 -6.48 35.31
CA LYS D 688 19.97 -6.23 35.27
C LYS D 688 19.34 -7.10 34.20
N GLN D 689 18.02 -7.27 34.30
CA GLN D 689 17.26 -7.95 33.27
C GLN D 689 16.93 -6.98 32.15
N MET D 690 17.12 -7.43 30.91
CA MET D 690 17.13 -6.53 29.76
C MET D 690 15.74 -6.43 29.14
N HIS D 691 14.88 -5.67 29.82
CA HIS D 691 13.67 -5.18 29.19
C HIS D 691 14.06 -4.24 28.05
N LYS D 692 13.12 -4.02 27.13
CA LYS D 692 13.44 -3.19 25.96
C LYS D 692 13.89 -1.80 26.38
N LYS D 693 13.32 -1.26 27.46
CA LYS D 693 13.70 0.06 27.92
C LYS D 693 15.14 0.09 28.43
N VAL D 694 15.57 -0.98 29.10
CA VAL D 694 16.95 -1.05 29.56
C VAL D 694 17.91 -1.04 28.38
N GLN D 695 17.58 -1.81 27.34
CA GLN D 695 18.42 -1.83 26.15
C GLN D 695 18.45 -0.46 25.49
N ALA D 696 17.31 0.22 25.42
CA ALA D 696 17.27 1.54 24.81
C ALA D 696 18.14 2.53 25.59
N ALA D 697 18.08 2.47 26.92
CA ALA D 697 18.93 3.34 27.75
C ALA D 697 20.41 3.03 27.52
N ILE D 698 20.76 1.75 27.45
CA ILE D 698 22.15 1.37 27.20
C ILE D 698 22.62 1.94 25.87
N ILE D 699 21.79 1.81 24.84
CA ILE D 699 22.16 2.27 23.51
C ILE D 699 22.29 3.79 23.49
N ASN D 700 21.40 4.49 24.17
CA ASN D 700 21.51 5.95 24.22
C ASN D 700 22.80 6.37 24.91
N ASP D 701 23.16 5.71 26.02
CA ASP D 701 24.40 6.06 26.70
C ASP D 701 25.61 5.80 25.81
N LEU D 702 25.63 4.66 25.13
CA LEU D 702 26.73 4.37 24.21
C LEU D 702 26.80 5.42 23.10
N ALA D 703 25.65 5.79 22.54
CA ALA D 703 25.63 6.76 21.45
C ALA D 703 26.16 8.11 21.91
N GLU D 704 25.82 8.52 23.13
CA GLU D 704 26.23 9.84 23.61
C GLU D 704 27.64 9.86 24.20
N ARG D 705 28.25 8.70 24.45
CA ARG D 705 29.58 8.68 25.04
C ARG D 705 30.64 7.99 24.18
N TYR D 706 30.29 7.39 23.06
CA TYR D 706 31.22 6.65 22.22
C TYR D 706 31.07 7.07 20.77
N PRO D 707 32.10 6.86 19.94
CA PRO D 707 31.96 7.10 18.50
C PRO D 707 30.97 6.14 17.87
N MET D 708 30.39 6.57 16.75
CA MET D 708 29.28 5.83 16.16
C MET D 708 29.71 4.48 15.59
N ILE D 709 30.98 4.31 15.23
CA ILE D 709 31.44 3.02 14.73
C ILE D 709 31.31 1.96 15.82
N VAL D 710 31.69 2.31 17.05
CA VAL D 710 31.54 1.39 18.18
C VAL D 710 30.08 1.04 18.39
N VAL D 711 29.18 2.03 18.24
CA VAL D 711 27.76 1.77 18.43
C VAL D 711 27.23 0.82 17.37
N ALA D 712 27.64 1.01 16.12
CA ALA D 712 27.20 0.12 15.05
C ALA D 712 27.68 -1.30 15.29
N GLN D 713 28.95 -1.46 15.68
CA GLN D 713 29.47 -2.79 15.94
C GLN D 713 28.75 -3.44 17.13
N THR D 714 28.45 -2.65 18.16
CA THR D 714 27.74 -3.17 19.32
C THR D 714 26.34 -3.65 18.95
N VAL D 715 25.62 -2.87 18.13
CA VAL D 715 24.27 -3.29 17.76
C VAL D 715 24.34 -4.54 16.89
N ASP D 716 25.36 -4.68 16.03
CA ASP D 716 25.50 -5.93 15.27
C ASP D 716 25.70 -7.12 16.20
N LYS D 717 26.57 -6.98 17.20
CA LYS D 717 26.80 -8.08 18.13
C LYS D 717 25.54 -8.42 18.91
N LEU D 718 24.80 -7.40 19.35
CA LEU D 718 23.55 -7.65 20.06
C LEU D 718 22.54 -8.35 19.17
N LYS D 719 22.47 -7.97 17.90
CA LYS D 719 21.61 -8.67 16.95
C LYS D 719 21.96 -10.15 16.89
N ASP D 720 23.25 -10.46 16.71
CA ASP D 720 23.67 -11.86 16.64
C ASP D 720 23.24 -12.61 17.89
N ALA D 721 23.56 -12.07 19.07
CA ALA D 721 23.27 -12.79 20.31
C ALA D 721 21.78 -12.97 20.52
N GLY D 722 20.99 -11.92 20.26
CA GLY D 722 19.55 -12.03 20.43
C GLY D 722 18.93 -13.05 19.51
N PHE D 723 19.34 -13.05 18.24
CA PHE D 723 18.82 -14.05 17.31
C PHE D 723 19.22 -15.46 17.72
N TYR D 724 20.45 -15.62 18.24
CA TYR D 724 20.86 -16.95 18.69
C TYR D 724 20.03 -17.44 19.86
N TRP D 725 19.80 -16.57 20.85
CA TRP D 725 19.14 -17.00 22.07
C TRP D 725 17.62 -16.93 22.01
N ALA D 726 17.04 -16.34 20.96
CA ALA D 726 15.60 -16.40 20.79
C ALA D 726 15.16 -17.77 20.31
N THR D 727 16.02 -18.48 19.59
CA THR D 727 15.71 -19.83 19.13
C THR D 727 15.62 -20.81 20.30
N ARG D 728 16.45 -20.61 21.33
CA ARG D 728 16.52 -21.50 22.46
C ARG D 728 15.72 -21.01 23.67
N SER D 729 14.91 -19.96 23.49
CA SER D 729 14.12 -19.41 24.59
C SER D 729 12.83 -20.18 24.84
N GLY D 730 12.45 -21.08 23.93
CA GLY D 730 11.27 -21.91 24.14
C GLY D 730 9.95 -21.18 24.17
N VAL D 731 9.74 -20.25 23.22
CA VAL D 731 8.47 -19.55 23.10
C VAL D 731 7.73 -20.15 21.90
N THR D 732 6.55 -20.71 22.17
CA THR D 732 5.69 -21.26 21.13
C THR D 732 4.24 -20.89 21.48
N VAL D 733 3.32 -21.30 20.61
CA VAL D 733 1.90 -21.06 20.80
C VAL D 733 1.18 -22.39 20.69
N SER D 734 0.39 -22.73 21.71
CA SER D 734 -0.48 -23.89 21.67
C SER D 734 -1.68 -23.58 22.55
N MET D 735 -2.79 -24.27 22.28
CA MET D 735 -3.99 -24.00 23.05
C MET D 735 -3.84 -24.37 24.52
N ALA D 736 -2.83 -25.15 24.87
CA ALA D 736 -2.53 -25.41 26.27
C ALA D 736 -1.86 -24.20 26.92
N ASP D 737 -1.16 -23.38 26.14
CA ASP D 737 -0.54 -22.17 26.67
C ASP D 737 -1.53 -21.03 26.85
N VAL D 738 -2.69 -21.10 26.21
CA VAL D 738 -3.72 -20.06 26.34
C VAL D 738 -4.59 -20.49 27.52
N LEU D 739 -4.13 -20.15 28.72
CA LEU D 739 -4.87 -20.46 29.94
C LEU D 739 -6.08 -19.54 30.07
N VAL D 740 -7.19 -20.10 30.53
CA VAL D 740 -8.40 -19.32 30.78
C VAL D 740 -8.47 -19.02 32.27
N PRO D 741 -8.98 -17.86 32.67
CA PRO D 741 -9.07 -17.56 34.10
C PRO D 741 -9.93 -18.57 34.81
N PRO D 742 -9.57 -18.97 36.03
CA PRO D 742 -10.27 -20.10 36.67
C PRO D 742 -11.64 -19.77 37.19
N ARG D 743 -11.99 -18.49 37.33
CA ARG D 743 -13.26 -18.07 37.94
C ARG D 743 -13.93 -16.98 37.10
N LYS D 744 -13.99 -17.19 35.78
CA LYS D 744 -14.68 -16.22 34.94
C LYS D 744 -16.19 -16.30 35.13
N LYS D 745 -16.72 -17.51 35.28
CA LYS D 745 -18.16 -17.67 35.42
C LYS D 745 -18.68 -16.98 36.67
N GLU D 746 -17.95 -17.09 37.78
CA GLU D 746 -18.39 -16.46 39.01
C GLU D 746 -18.44 -14.94 38.87
N ILE D 747 -17.40 -14.34 38.28
CA ILE D 747 -17.37 -12.90 38.09
C ILE D 747 -18.50 -12.46 37.17
N LEU D 748 -18.71 -13.20 36.07
CA LEU D 748 -19.76 -12.84 35.14
C LEU D 748 -21.13 -12.91 35.80
N ASP D 749 -21.37 -13.94 36.61
CA ASP D 749 -22.64 -14.01 37.33
C ASP D 749 -22.79 -12.86 38.33
N HIS D 750 -21.71 -12.53 39.03
CA HIS D 750 -21.76 -11.45 40.00
C HIS D 750 -22.17 -10.14 39.35
N TYR D 751 -21.58 -9.83 38.19
CA TYR D 751 -21.92 -8.58 37.53
C TYR D 751 -23.23 -8.66 36.74
N GLU D 752 -23.63 -9.85 36.31
CA GLU D 752 -24.95 -10.01 35.70
C GLU D 752 -26.05 -9.75 36.72
N GLU D 753 -25.81 -10.09 37.99
CA GLU D 753 -26.79 -9.74 39.02
C GLU D 753 -26.98 -8.23 39.11
N ARG D 754 -25.88 -7.47 39.09
CA ARG D 754 -25.98 -6.01 39.12
C ARG D 754 -26.71 -5.49 37.89
N ALA D 755 -26.39 -6.04 36.71
CA ALA D 755 -27.07 -5.61 35.50
C ALA D 755 -28.57 -5.89 35.58
N ASP D 756 -28.94 -7.05 36.11
CA ASP D 756 -30.35 -7.39 36.26
C ASP D 756 -31.04 -6.44 37.22
N LYS D 757 -30.39 -6.09 38.33
CA LYS D 757 -30.99 -5.16 39.27
C LYS D 757 -31.20 -3.79 38.61
N VAL D 758 -30.21 -3.31 37.86
CA VAL D 758 -30.37 -2.02 37.18
C VAL D 758 -31.50 -2.09 36.15
N GLU D 759 -31.57 -3.19 35.41
CA GLU D 759 -32.62 -3.33 34.40
C GLU D 759 -34.01 -3.34 35.03
N LYS D 760 -34.16 -4.04 36.16
CA LYS D 760 -35.47 -4.06 36.81
C LYS D 760 -35.80 -2.69 37.41
N GLN D 761 -34.81 -1.97 37.93
CA GLN D 761 -35.06 -0.61 38.38
C GLN D 761 -35.54 0.27 37.23
N PHE D 762 -34.93 0.11 36.05
CA PHE D 762 -35.42 0.84 34.88
C PHE D 762 -36.85 0.44 34.53
N GLN D 763 -37.16 -0.87 34.61
CA GLN D 763 -38.50 -1.32 34.32
C GLN D 763 -39.51 -0.64 35.25
N ARG D 764 -39.19 -0.59 36.53
CA ARG D 764 -39.89 0.32 37.43
C ARG D 764 -39.50 1.75 37.09
N GLY D 765 -40.28 2.72 37.59
CA GLY D 765 -39.96 4.09 37.29
C GLY D 765 -38.97 4.68 38.25
N ALA D 766 -37.69 4.65 37.89
CA ALA D 766 -36.62 5.25 38.68
C ALA D 766 -35.57 5.97 37.87
N LEU D 767 -35.37 5.63 36.60
CA LEU D 767 -34.34 6.27 35.78
C LEU D 767 -34.71 6.08 34.32
N ASN D 768 -34.29 7.04 33.49
CA ASN D 768 -34.66 7.07 32.09
C ASN D 768 -33.70 6.21 31.27
N HIS D 769 -33.81 6.30 29.94
CA HIS D 769 -33.02 5.43 29.06
C HIS D 769 -31.53 5.71 29.19
N ASP D 770 -31.15 6.99 29.17
CA ASP D 770 -29.73 7.33 29.19
C ASP D 770 -29.06 6.89 30.48
N GLU D 771 -29.75 7.06 31.62
CA GLU D 771 -29.19 6.60 32.89
C GLU D 771 -28.97 5.10 32.88
N ARG D 772 -29.93 4.35 32.35
CA ARG D 772 -29.77 2.90 32.26
C ARG D 772 -28.58 2.55 31.38
N ASN D 773 -28.43 3.21 30.23
CA ASN D 773 -27.32 2.91 29.35
C ASN D 773 -25.98 3.20 30.01
N GLU D 774 -25.88 4.34 30.71
CA GLU D 774 -24.63 4.66 31.39
C GLU D 774 -24.32 3.65 32.49
N ALA D 775 -25.34 3.28 33.27
CA ALA D 775 -25.12 2.32 34.35
C ALA D 775 -24.68 0.97 33.80
N LEU D 776 -25.25 0.55 32.66
CA LEU D 776 -24.89 -0.73 32.08
C LEU D 776 -23.52 -0.70 31.40
N VAL D 777 -23.12 0.43 30.83
CA VAL D 777 -21.75 0.54 30.33
C VAL D 777 -20.77 0.44 31.48
N GLU D 778 -21.03 1.16 32.57
CA GLU D 778 -20.39 0.84 33.84
C GLU D 778 -20.87 -0.54 34.23
N ILE D 779 -20.39 -1.09 35.33
CA ILE D 779 -20.69 -2.47 35.69
C ILE D 779 -19.94 -3.40 34.73
N TRP D 780 -20.23 -3.30 33.43
CA TRP D 780 -19.54 -4.15 32.48
C TRP D 780 -18.10 -3.71 32.25
N LYS D 781 -17.82 -2.41 32.31
CA LYS D 781 -16.43 -1.98 32.28
C LYS D 781 -15.65 -2.57 33.46
N GLU D 782 -16.24 -2.50 34.65
CA GLU D 782 -15.59 -3.07 35.83
C GLU D 782 -15.45 -4.58 35.73
N ALA D 783 -16.45 -5.26 35.15
CA ALA D 783 -16.35 -6.70 34.96
C ALA D 783 -15.19 -7.05 34.04
N THR D 784 -15.03 -6.29 32.95
CA THR D 784 -13.89 -6.52 32.07
C THR D 784 -12.58 -6.32 32.81
N ASP D 785 -12.49 -5.25 33.61
CA ASP D 785 -11.26 -5.02 34.38
C ASP D 785 -10.98 -6.15 35.35
N GLU D 786 -12.01 -6.64 36.05
CA GLU D 786 -11.81 -7.72 37.02
C GLU D 786 -11.40 -9.02 36.33
N VAL D 787 -12.01 -9.32 35.18
CA VAL D 787 -11.61 -10.51 34.43
C VAL D 787 -10.17 -10.39 33.99
N GLY D 788 -9.76 -9.20 33.53
CA GLY D 788 -8.37 -9.01 33.16
C GLY D 788 -7.42 -9.21 34.32
N GLN D 789 -7.78 -8.70 35.50
CA GLN D 789 -6.93 -8.87 36.67
C GLN D 789 -6.81 -10.34 37.05
N ALA D 790 -7.94 -11.07 37.03
CA ALA D 790 -7.88 -12.49 37.35
C ALA D 790 -7.03 -13.25 36.35
N LEU D 791 -7.16 -12.91 35.06
CA LEU D 791 -6.34 -13.56 34.04
C LEU D 791 -4.86 -13.29 34.28
N ARG D 792 -4.51 -12.04 34.59
CA ARG D 792 -3.12 -11.71 34.86
C ARG D 792 -2.59 -12.46 36.06
N GLU D 793 -3.39 -12.60 37.10
CA GLU D 793 -2.94 -13.28 38.31
C GLU D 793 -2.81 -14.79 38.08
N HIS D 794 -3.62 -15.36 37.19
CA HIS D 794 -3.58 -16.81 36.98
C HIS D 794 -2.33 -17.25 36.23
N TYR D 795 -1.92 -16.47 35.24
CA TYR D 795 -0.86 -16.91 34.34
C TYR D 795 0.46 -17.08 35.10
N PRO D 796 1.25 -18.11 34.78
CA PRO D 796 2.63 -18.18 35.30
C PRO D 796 3.49 -17.11 34.66
N ASP D 797 4.61 -16.81 35.32
CA ASP D 797 5.48 -15.74 34.87
C ASP D 797 6.31 -16.12 33.64
N ASP D 798 6.46 -17.42 33.37
CA ASP D 798 7.26 -17.89 32.25
C ASP D 798 6.39 -18.39 31.09
N ASN D 799 5.11 -18.06 31.08
CA ASN D 799 4.26 -18.43 29.97
C ASN D 799 4.73 -17.72 28.70
N PRO D 800 4.73 -18.39 27.54
CA PRO D 800 5.24 -17.72 26.33
C PRO D 800 4.54 -16.43 26.00
N ILE D 801 3.21 -16.37 26.16
CA ILE D 801 2.48 -15.15 25.83
C ILE D 801 2.83 -14.04 26.81
N ILE D 802 2.81 -14.36 28.10
CA ILE D 802 3.18 -13.38 29.12
C ILE D 802 4.62 -12.93 28.92
N THR D 803 5.51 -13.87 28.62
CA THR D 803 6.91 -13.50 28.40
C THR D 803 7.04 -12.55 27.21
N ILE D 804 6.34 -12.84 26.11
CA ILE D 804 6.45 -12.00 24.92
C ILE D 804 5.92 -10.60 25.21
N VAL D 805 4.81 -10.50 25.94
CA VAL D 805 4.22 -9.19 26.20
C VAL D 805 5.06 -8.40 27.19
N ASP D 806 5.44 -9.03 28.31
CA ASP D 806 6.18 -8.33 29.36
C ASP D 806 7.61 -8.01 28.97
N SER D 807 8.19 -8.78 28.05
CA SER D 807 9.56 -8.52 27.60
C SER D 807 9.69 -7.22 26.83
N GLY D 808 8.58 -6.60 26.44
CA GLY D 808 8.61 -5.42 25.61
C GLY D 808 8.80 -5.70 24.14
N ALA D 809 8.83 -6.97 23.73
CA ALA D 809 9.09 -7.30 22.33
C ALA D 809 7.98 -6.78 21.43
N THR D 810 6.72 -7.11 21.76
CA THR D 810 5.60 -6.71 20.92
C THR D 810 4.30 -7.08 21.62
N GLY D 811 3.27 -6.28 21.38
CA GLY D 811 1.95 -6.55 21.91
C GLY D 811 1.67 -5.83 23.22
N ASN D 812 0.45 -6.03 23.71
CA ASN D 812 0.01 -5.46 24.98
C ASN D 812 -0.97 -6.44 25.62
N PHE D 813 -1.39 -6.12 26.85
CA PHE D 813 -2.23 -7.03 27.61
C PHE D 813 -3.70 -6.95 27.24
N THR D 814 -4.14 -5.90 26.54
CA THR D 814 -5.51 -5.88 26.06
C THR D 814 -5.76 -7.02 25.08
N GLN D 815 -4.81 -7.27 24.19
CA GLN D 815 -4.93 -8.39 23.26
C GLN D 815 -4.92 -9.72 24.01
N THR D 816 -4.09 -9.84 25.05
CA THR D 816 -4.07 -11.06 25.84
C THR D 816 -5.41 -11.31 26.51
N ARG D 817 -5.99 -10.25 27.07
CA ARG D 817 -7.30 -10.39 27.72
C ARG D 817 -8.36 -10.76 26.70
N THR D 818 -8.33 -10.16 25.51
CA THR D 818 -9.29 -10.51 24.48
C THR D 818 -9.15 -11.96 24.05
N LEU D 819 -7.91 -12.44 23.96
CA LEU D 819 -7.66 -13.80 23.49
C LEU D 819 -8.07 -14.84 24.54
N ALA D 820 -7.70 -14.61 25.80
CA ALA D 820 -7.92 -15.60 26.85
C ALA D 820 -8.99 -15.23 27.85
N GLY D 821 -9.39 -13.97 27.92
CA GLY D 821 -10.40 -13.53 28.88
C GLY D 821 -11.76 -13.37 28.25
N MET D 822 -12.12 -12.14 27.92
CA MET D 822 -13.33 -11.85 27.18
C MET D 822 -13.13 -10.54 26.43
N LYS D 823 -13.74 -10.42 25.25
CA LYS D 823 -13.52 -9.24 24.43
C LYS D 823 -14.01 -7.98 25.15
N GLY D 824 -15.23 -7.99 25.67
CA GLY D 824 -15.75 -6.87 26.41
C GLY D 824 -16.76 -6.05 25.64
N LEU D 825 -16.70 -4.72 25.79
CA LEU D 825 -17.69 -3.84 25.20
C LEU D 825 -17.37 -3.54 23.75
N VAL D 826 -18.42 -3.45 22.93
CA VAL D 826 -18.31 -3.07 21.53
C VAL D 826 -19.01 -1.73 21.33
N THR D 827 -18.90 -1.15 20.16
CA THR D 827 -19.42 0.18 19.82
C THR D 827 -20.42 0.19 18.67
N ASN D 828 -21.47 1.00 18.76
CA ASN D 828 -22.59 1.23 17.86
C ASN D 828 -22.16 1.94 16.62
N PRO D 829 -22.87 1.98 15.50
CA PRO D 829 -22.43 2.79 14.40
C PRO D 829 -22.07 4.26 14.72
N LYS D 830 -22.41 4.88 15.89
CA LYS D 830 -22.09 6.24 16.29
C LYS D 830 -20.83 6.33 17.15
N GLY D 831 -20.26 5.20 17.56
CA GLY D 831 -19.08 5.16 18.40
C GLY D 831 -19.37 4.87 19.86
N GLU D 832 -20.61 5.03 20.31
CA GLU D 832 -20.95 4.79 21.71
C GLU D 832 -20.96 3.29 21.99
N PHE D 833 -20.60 2.94 23.23
CA PHE D 833 -20.57 1.54 23.63
C PHE D 833 -21.98 0.96 23.71
N ILE D 834 -22.10 -0.32 23.36
CA ILE D 834 -23.36 -1.04 23.50
C ILE D 834 -23.50 -1.46 24.96
N PRO D 835 -24.69 -1.41 25.56
CA PRO D 835 -24.84 -1.88 26.94
C PRO D 835 -24.65 -3.38 27.11
N ARG D 836 -24.67 -4.17 26.02
CA ARG D 836 -24.50 -5.61 26.09
C ARG D 836 -23.07 -5.98 25.75
N PRO D 837 -22.39 -6.78 26.58
CA PRO D 837 -20.99 -7.12 26.30
C PRO D 837 -20.84 -8.38 25.48
N VAL D 838 -19.63 -8.56 24.95
CA VAL D 838 -19.23 -9.81 24.32
C VAL D 838 -18.48 -10.61 25.38
N LYS D 839 -19.13 -11.63 25.92
CA LYS D 839 -18.56 -12.40 27.01
C LYS D 839 -17.68 -13.56 26.54
N SER D 840 -17.64 -13.83 25.24
CA SER D 840 -16.79 -14.87 24.70
C SER D 840 -15.42 -14.32 24.35
N SER D 841 -14.42 -15.19 24.43
CA SER D 841 -13.08 -14.89 23.95
C SER D 841 -12.80 -15.67 22.68
N PHE D 842 -11.78 -15.24 21.95
CA PHE D 842 -11.43 -15.91 20.71
C PHE D 842 -10.88 -17.30 20.93
N ARG D 843 -10.49 -17.65 22.16
CA ARG D 843 -10.14 -19.03 22.45
C ARG D 843 -11.37 -19.92 22.46
N GLU D 844 -12.52 -19.39 22.88
CA GLU D 844 -13.77 -20.13 22.91
C GLU D 844 -14.55 -20.01 21.61
N GLY D 845 -14.43 -18.89 20.92
CA GLY D 845 -15.14 -18.68 19.68
C GLY D 845 -16.40 -17.85 19.86
N LEU D 846 -16.42 -16.67 19.25
CA LEU D 846 -17.60 -15.81 19.31
C LEU D 846 -18.76 -16.45 18.58
N THR D 847 -19.97 -16.23 19.11
CA THR D 847 -21.17 -16.70 18.43
C THR D 847 -21.43 -15.86 17.19
N VAL D 848 -22.49 -16.13 16.47
CA VAL D 848 -22.78 -15.54 15.15
C VAL D 848 -23.28 -14.14 15.29
N LEU D 849 -23.81 -13.70 16.41
CA LEU D 849 -24.41 -12.39 16.66
C LEU D 849 -23.37 -11.57 17.40
N GLU D 850 -22.37 -12.15 18.03
CA GLU D 850 -21.21 -11.50 18.66
C GLU D 850 -20.12 -11.38 17.62
N TYR D 851 -20.11 -12.07 16.49
CA TYR D 851 -19.19 -11.93 15.37
C TYR D 851 -19.66 -10.85 14.40
N PHE D 852 -20.96 -10.72 14.21
CA PHE D 852 -21.47 -9.70 13.29
C PHE D 852 -21.07 -8.29 13.74
N ILE D 853 -21.29 -7.98 15.01
CA ILE D 853 -20.93 -6.67 15.53
C ILE D 853 -19.41 -6.49 15.58
N ASN D 854 -18.66 -7.55 15.87
CA ASN D 854 -17.21 -7.46 15.83
C ASN D 854 -16.72 -7.08 14.43
N THR D 855 -17.29 -7.72 13.40
CA THR D 855 -16.91 -7.38 12.03
C THR D 855 -17.30 -5.95 11.68
N HIS D 856 -18.47 -5.50 12.14
CA HIS D 856 -18.85 -4.11 11.94
C HIS D 856 -17.76 -3.17 12.46
N GLY D 857 -17.34 -3.39 13.71
CA GLY D 857 -16.30 -2.54 14.29
C GLY D 857 -14.99 -2.61 13.52
N ALA D 858 -14.59 -3.82 13.13
CA ALA D 858 -13.31 -3.98 12.43
C ALA D 858 -13.30 -3.24 11.10
N ARG D 859 -14.37 -3.40 10.30
CA ARG D 859 -14.41 -2.69 9.02
C ARG D 859 -14.47 -1.19 9.23
N LYS D 860 -15.19 -0.74 10.25
CA LYS D 860 -15.20 0.70 10.53
C LYS D 860 -13.80 1.21 10.81
N GLY D 861 -13.04 0.46 11.60
CA GLY D 861 -11.66 0.86 11.87
C GLY D 861 -10.81 0.90 10.62
N LEU D 862 -10.95 -0.08 9.74
CA LEU D 862 -10.18 -0.09 8.51
C LEU D 862 -10.48 1.13 7.65
N ALA D 863 -11.76 1.45 7.47
CA ALA D 863 -12.13 2.61 6.67
C ALA D 863 -11.61 3.90 7.29
N ASP D 864 -11.70 4.03 8.62
CA ASP D 864 -11.17 5.22 9.27
C ASP D 864 -9.67 5.33 9.05
N THR D 865 -8.96 4.20 9.09
CA THR D 865 -7.52 4.23 8.85
C THR D 865 -7.21 4.74 7.45
N ALA D 866 -7.97 4.27 6.46
CA ALA D 866 -7.74 4.74 5.09
C ALA D 866 -7.95 6.25 4.99
N LEU D 867 -9.04 6.75 5.56
CA LEU D 867 -9.29 8.18 5.50
C LEU D 867 -8.21 8.97 6.23
N ARG D 868 -7.74 8.47 7.37
CA ARG D 868 -6.71 9.18 8.12
C ARG D 868 -5.40 9.24 7.34
N THR D 869 -5.02 8.14 6.69
CA THR D 869 -3.78 8.17 5.91
C THR D 869 -3.92 9.10 4.72
N ALA D 870 -5.12 9.24 4.17
CA ALA D 870 -5.31 10.23 3.11
C ALA D 870 -5.22 11.66 3.66
N ASP D 871 -5.72 11.88 4.88
CA ASP D 871 -5.75 13.23 5.45
C ASP D 871 -4.39 13.70 5.95
N SER D 872 -3.52 12.79 6.38
CA SER D 872 -2.24 13.20 6.96
C SER D 872 -1.26 13.71 5.91
N GLY D 873 -1.29 13.14 4.70
CA GLY D 873 -0.34 13.55 3.68
C GLY D 873 -0.52 15.00 3.25
N TYR D 874 -1.76 15.46 3.18
CA TYR D 874 -2.02 16.85 2.82
C TYR D 874 -1.42 17.80 3.86
N LEU D 875 -1.60 17.49 5.14
CA LEU D 875 -1.01 18.30 6.20
C LEU D 875 0.51 18.29 6.10
N THR D 876 1.09 17.13 5.83
CA THR D 876 2.55 17.07 5.71
C THR D 876 3.04 17.93 4.56
N ARG D 877 2.34 17.88 3.42
CA ARG D 877 2.75 18.69 2.27
C ARG D 877 2.65 20.18 2.58
N ARG D 878 1.56 20.61 3.23
CA ARG D 878 1.43 22.01 3.59
C ARG D 878 2.52 22.44 4.56
N LEU D 879 2.82 21.59 5.56
CA LEU D 879 3.89 21.92 6.51
C LEU D 879 5.23 22.03 5.82
N VAL D 880 5.51 21.13 4.87
CA VAL D 880 6.77 21.21 4.14
C VAL D 880 6.84 22.51 3.35
N ASP D 881 5.74 22.87 2.69
CA ASP D 881 5.77 24.05 1.84
C ASP D 881 5.95 25.34 2.64
N VAL D 882 5.27 25.45 3.79
CA VAL D 882 5.33 26.72 4.53
C VAL D 882 6.74 27.01 5.01
N SER D 883 7.43 26.00 5.51
CA SER D 883 8.71 26.17 6.19
C SER D 883 9.84 25.48 5.42
N GLN D 884 9.86 25.64 4.10
CA GLN D 884 10.90 25.02 3.29
C GLN D 884 12.16 25.87 3.17
N ASP D 885 12.10 27.15 3.52
CA ASP D 885 13.23 28.06 3.41
C ASP D 885 13.74 28.53 4.77
N VAL D 886 13.65 27.67 5.79
CA VAL D 886 14.26 27.93 7.08
C VAL D 886 15.52 27.07 7.16
N ILE D 887 16.68 27.73 7.05
CA ILE D 887 17.96 27.06 6.94
C ILE D 887 18.94 27.73 7.89
N VAL D 888 19.78 26.93 8.54
CA VAL D 888 20.83 27.50 9.39
C VAL D 888 21.78 28.29 8.52
N ARG D 889 22.04 29.54 8.89
CA ARG D 889 22.83 30.45 8.07
C ARG D 889 24.03 31.03 8.78
N GLU D 890 23.98 31.18 10.09
CA GLU D 890 25.10 31.70 10.88
C GLU D 890 25.47 30.69 11.96
N HIS D 891 26.47 31.05 12.76
CA HIS D 891 26.84 30.29 13.93
C HIS D 891 26.27 30.89 15.21
N ASP D 892 26.11 32.21 15.27
CA ASP D 892 25.60 32.87 16.46
C ASP D 892 25.18 34.30 16.14
N CYS D 893 23.93 34.65 16.46
CA CYS D 893 23.45 36.01 16.27
C CYS D 893 23.71 36.89 17.49
N GLN D 894 24.24 36.33 18.57
CA GLN D 894 24.58 37.11 19.76
C GLN D 894 23.39 37.91 20.27
N THR D 895 22.23 37.28 20.30
CA THR D 895 21.03 37.89 20.84
C THR D 895 20.91 37.62 22.33
N GLU D 896 20.26 38.54 23.03
CA GLU D 896 20.07 38.43 24.46
C GLU D 896 18.65 38.01 24.84
N ARG D 897 17.81 37.72 23.86
CA ARG D 897 16.44 37.27 24.12
C ARG D 897 16.42 35.76 24.36
N GLY D 898 15.26 35.28 24.76
CA GLY D 898 15.10 33.85 25.00
C GLY D 898 13.73 33.55 25.57
N ILE D 899 13.54 32.28 25.94
CA ILE D 899 12.30 31.81 26.52
C ILE D 899 12.64 31.10 27.84
N VAL D 900 11.63 30.99 28.69
CA VAL D 900 11.78 30.38 30.01
C VAL D 900 11.08 29.02 29.99
N VAL D 901 11.78 27.99 30.46
CA VAL D 901 11.25 26.64 30.57
C VAL D 901 11.11 26.30 32.04
N GLU D 902 9.98 25.68 32.40
CA GLU D 902 9.67 25.47 33.81
C GLU D 902 10.73 24.62 34.48
N LEU D 903 11.07 23.48 33.90
CA LEU D 903 12.20 22.66 34.37
C LEU D 903 12.00 22.27 35.84
N ALA D 904 11.01 21.41 36.06
CA ALA D 904 10.76 20.83 37.37
C ALA D 904 10.29 21.84 38.40
N GLU D 905 9.10 22.41 38.19
CA GLU D 905 8.49 23.28 39.18
C GLU D 905 8.50 22.62 40.56
N ARG D 906 8.51 23.46 41.60
CA ARG D 906 8.67 22.98 42.97
C ARG D 906 7.36 22.48 43.55
N ALA D 907 7.48 21.71 44.64
CA ALA D 907 6.34 21.15 45.36
C ALA D 907 5.88 22.12 46.44
N PRO D 908 4.60 21.99 46.88
CA PRO D 908 4.10 22.91 47.91
C PRO D 908 4.77 22.73 49.27
N ASP D 909 4.83 21.48 49.76
CA ASP D 909 5.47 21.23 51.04
C ASP D 909 6.97 21.57 51.01
N GLY D 910 7.56 21.64 49.82
CA GLY D 910 8.96 21.96 49.67
C GLY D 910 9.75 20.77 49.19
N THR D 911 9.89 20.66 47.86
CA THR D 911 10.67 19.59 47.24
C THR D 911 10.69 19.84 45.74
N LEU D 912 11.72 19.35 45.06
CA LEU D 912 11.84 19.48 43.62
C LEU D 912 11.35 18.20 42.97
N ILE D 913 10.27 18.31 42.18
CA ILE D 913 9.71 17.19 41.44
C ILE D 913 9.93 17.46 39.96
N ARG D 914 10.59 16.54 39.28
CA ARG D 914 10.94 16.73 37.88
C ARG D 914 9.68 16.82 37.02
N ASP D 915 9.66 17.79 36.12
CA ASP D 915 8.53 17.94 35.21
C ASP D 915 8.49 16.74 34.27
N PRO D 916 7.32 16.10 34.09
CA PRO D 916 7.29 14.91 33.24
C PRO D 916 7.71 15.17 31.81
N TYR D 917 7.31 16.31 31.25
CA TYR D 917 7.62 16.66 29.86
C TYR D 917 8.82 17.60 29.83
N ILE D 918 9.97 17.05 30.21
CA ILE D 918 11.19 17.82 30.32
C ILE D 918 12.17 17.52 29.19
N GLU D 919 12.16 16.30 28.65
CA GLU D 919 13.11 15.94 27.60
C GLU D 919 12.78 16.59 26.27
N THR D 920 11.52 16.99 26.06
CA THR D 920 11.12 17.66 24.84
C THR D 920 11.03 19.18 25.00
N SER D 921 11.44 19.71 26.13
CA SER D 921 11.38 21.14 26.38
C SER D 921 12.71 21.75 26.83
N ALA D 922 13.48 21.02 27.63
CA ALA D 922 14.70 21.57 28.22
C ALA D 922 15.98 20.95 27.67
N TYR D 923 15.95 19.70 27.24
CA TYR D 923 17.14 19.07 26.69
C TYR D 923 17.38 19.56 25.27
N ALA D 924 18.65 19.55 24.87
CA ALA D 924 19.08 19.99 23.54
C ALA D 924 18.86 21.48 23.33
N ARG D 925 19.00 22.26 24.39
CA ARG D 925 18.81 23.71 24.34
C ARG D 925 20.04 24.39 24.93
N THR D 926 20.31 25.61 24.46
CA THR D 926 21.43 26.40 24.94
C THR D 926 20.93 27.44 25.94
N LEU D 927 21.73 27.68 26.97
CA LEU D 927 21.36 28.65 28.00
C LEU D 927 21.45 30.07 27.47
N GLY D 928 20.51 30.91 27.90
CA GLY D 928 20.49 32.30 27.50
C GLY D 928 21.04 33.22 28.57
N THR D 929 20.97 32.77 29.82
CA THR D 929 21.51 33.55 30.94
C THR D 929 22.08 32.58 31.97
N ASP D 930 23.05 33.07 32.75
CA ASP D 930 23.68 32.25 33.76
C ASP D 930 22.66 31.84 34.81
N ALA D 931 22.81 30.61 35.33
CA ALA D 931 21.93 30.08 36.36
C ALA D 931 22.60 30.26 37.72
N VAL D 932 21.91 30.95 38.63
CA VAL D 932 22.45 31.26 39.95
C VAL D 932 21.41 30.86 40.99
N ASP D 933 21.90 30.38 42.14
CA ASP D 933 21.04 29.88 43.21
C ASP D 933 21.42 30.54 44.52
N GLU D 934 20.43 31.11 45.20
CA GLU D 934 20.59 31.74 46.52
C GLU D 934 21.89 32.54 46.60
N ALA D 935 22.04 33.48 45.68
CA ALA D 935 23.17 34.40 45.59
C ALA D 935 24.50 33.65 45.40
N GLY D 936 24.47 32.36 45.09
CA GLY D 936 25.70 31.61 44.88
C GLY D 936 26.29 31.87 43.52
N ASN D 937 27.40 31.19 43.25
CA ASN D 937 28.05 31.30 41.96
C ASN D 937 27.22 30.63 40.87
N VAL D 938 27.58 30.92 39.62
CA VAL D 938 26.85 30.34 38.50
C VAL D 938 27.01 28.83 38.50
N ILE D 939 25.89 28.13 38.31
CA ILE D 939 25.92 26.68 38.23
C ILE D 939 26.22 26.20 36.82
N VAL D 940 25.57 26.80 35.82
CA VAL D 940 25.78 26.47 34.43
C VAL D 940 26.04 27.77 33.67
N GLU D 941 27.08 27.77 32.84
CA GLU D 941 27.47 28.97 32.12
C GLU D 941 26.54 29.20 30.91
N ARG D 942 26.58 30.42 30.41
CA ARG D 942 25.83 30.77 29.21
C ARG D 942 26.42 30.04 28.01
N GLY D 943 25.55 29.47 27.18
CA GLY D 943 25.98 28.75 26.01
C GLY D 943 26.39 27.32 26.31
N GLN D 944 25.55 26.59 27.01
CA GLN D 944 25.80 25.20 27.39
C GLN D 944 24.74 24.30 26.77
N ASP D 945 25.15 23.14 26.29
CA ASP D 945 24.23 22.24 25.61
C ASP D 945 23.05 21.86 26.50
N LEU D 946 23.24 21.91 27.82
CA LEU D 946 22.16 21.64 28.77
C LEU D 946 21.63 20.22 28.62
N GLY D 947 22.53 19.26 28.85
CA GLY D 947 22.20 17.85 28.79
C GLY D 947 21.80 17.30 30.14
N ASP D 948 21.93 15.98 30.28
CA ASP D 948 21.56 15.33 31.53
C ASP D 948 22.40 15.81 32.71
N PRO D 949 23.73 15.83 32.64
CA PRO D 949 24.50 16.34 33.78
C PRO D 949 24.14 17.76 34.17
N GLU D 950 23.94 18.64 33.18
CA GLU D 950 23.60 20.03 33.49
C GLU D 950 22.24 20.12 34.17
N ILE D 951 21.25 19.38 33.67
CA ILE D 951 19.93 19.43 34.27
C ILE D 951 19.96 18.85 35.68
N ASP D 952 20.72 17.78 35.90
CA ASP D 952 20.82 17.21 37.22
C ASP D 952 21.50 18.17 38.20
N ALA D 953 22.55 18.85 37.75
CA ALA D 953 23.20 19.84 38.60
C ALA D 953 22.25 20.98 38.92
N LEU D 954 21.48 21.44 37.93
CA LEU D 954 20.52 22.51 38.17
C LEU D 954 19.48 22.09 39.21
N LEU D 955 18.96 20.87 39.09
CA LEU D 955 17.98 20.40 40.05
C LEU D 955 18.58 20.27 41.44
N ALA D 956 19.81 19.78 41.54
CA ALA D 956 20.46 19.67 42.83
C ALA D 956 20.66 21.04 43.47
N ALA D 957 21.08 22.03 42.67
CA ALA D 957 21.33 23.36 43.21
C ALA D 957 20.06 24.03 43.74
N GLY D 958 18.89 23.59 43.28
CA GLY D 958 17.64 24.15 43.78
C GLY D 958 17.15 25.32 42.96
N ILE D 959 17.22 25.21 41.64
CA ILE D 959 16.73 26.23 40.72
C ILE D 959 15.79 25.56 39.73
N THR D 960 14.59 26.14 39.58
CA THR D 960 13.55 25.54 38.76
C THR D 960 13.57 26.06 37.33
N GLN D 961 13.43 27.38 37.15
CA GLN D 961 13.29 27.97 35.83
C GLN D 961 14.64 28.42 35.28
N VAL D 962 14.85 28.19 33.99
CA VAL D 962 16.05 28.62 33.29
C VAL D 962 15.65 29.19 31.94
N LYS D 963 16.33 30.26 31.52
CA LYS D 963 16.08 30.87 30.22
C LYS D 963 16.99 30.24 29.17
N VAL D 964 16.40 29.93 28.01
CA VAL D 964 17.10 29.22 26.95
C VAL D 964 16.93 29.97 25.63
N ARG D 965 17.80 29.65 24.68
CA ARG D 965 17.73 30.22 23.33
C ARG D 965 16.77 29.41 22.48
N SER D 966 15.96 30.10 21.68
CA SER D 966 14.97 29.47 20.84
C SER D 966 14.93 30.17 19.48
N VAL D 967 14.50 29.43 18.45
CA VAL D 967 14.37 30.01 17.13
C VAL D 967 13.30 31.09 17.10
N LEU D 968 12.34 31.04 18.02
CA LEU D 968 11.30 32.06 18.07
C LEU D 968 11.87 33.45 18.28
N THR D 969 13.05 33.56 18.88
CA THR D 969 13.66 34.85 19.18
C THR D 969 14.99 35.07 18.47
N CYS D 970 15.27 34.27 17.44
CA CYS D 970 16.51 34.43 16.69
C CYS D 970 16.48 35.74 15.91
N ALA D 971 17.62 36.43 15.87
CA ALA D 971 17.71 37.75 15.25
C ALA D 971 18.31 37.72 13.86
N THR D 972 18.67 36.55 13.32
CA THR D 972 19.22 36.49 11.99
C THR D 972 18.18 36.88 10.96
N SER D 973 18.61 37.65 9.96
CA SER D 973 17.68 38.17 8.95
C SER D 973 17.05 37.03 8.15
N THR D 974 17.89 36.15 7.61
CA THR D 974 17.44 35.02 6.79
C THR D 974 17.85 33.72 7.46
N GLY D 975 16.88 32.83 7.65
CA GLY D 975 17.17 31.58 8.32
C GLY D 975 17.38 31.78 9.81
N VAL D 976 18.02 30.78 10.43
CA VAL D 976 18.29 30.81 11.86
C VAL D 976 19.78 30.66 12.09
N CYS D 977 20.20 30.64 13.35
CA CYS D 977 21.59 30.45 13.73
C CYS D 977 21.74 29.16 14.52
N ALA D 978 22.95 28.61 14.51
CA ALA D 978 23.17 27.31 15.12
C ALA D 978 22.89 27.32 16.61
N THR D 979 23.34 28.35 17.32
CA THR D 979 23.17 28.38 18.77
C THR D 979 21.69 28.42 19.16
N CYS D 980 20.89 29.22 18.45
CA CYS D 980 19.47 29.29 18.77
C CYS D 980 18.78 27.96 18.55
N TYR D 981 19.05 27.29 17.43
CA TYR D 981 18.48 25.97 17.20
C TYR D 981 19.00 24.98 18.24
N GLY D 982 20.31 24.97 18.47
CA GLY D 982 20.89 24.12 19.49
C GLY D 982 21.38 22.79 18.96
N ARG D 983 21.30 21.76 19.79
CA ARG D 983 21.77 20.43 19.40
C ARG D 983 20.93 19.89 18.24
N SER D 984 21.57 19.12 17.37
CA SER D 984 20.88 18.36 16.35
C SER D 984 20.51 17.00 16.94
N MET D 985 19.23 16.66 16.93
CA MET D 985 18.77 15.47 17.62
C MET D 985 19.37 14.20 17.01
N ALA D 986 19.58 14.19 15.70
CA ALA D 986 20.15 13.02 15.05
C ALA D 986 21.63 12.86 15.38
N THR D 987 22.38 13.95 15.33
CA THR D 987 23.83 13.90 15.50
C THR D 987 24.26 13.99 16.96
N GLY D 988 23.52 14.72 17.79
CA GLY D 988 23.92 14.93 19.16
C GLY D 988 24.89 16.05 19.38
N LYS D 989 25.15 16.86 18.36
CA LYS D 989 26.08 17.98 18.44
C LYS D 989 25.42 19.22 17.84
N LEU D 990 26.06 20.36 18.02
CA LEU D 990 25.51 21.61 17.53
C LEU D 990 25.29 21.52 16.02
N VAL D 991 24.14 22.03 15.57
CA VAL D 991 23.75 21.89 14.17
C VAL D 991 24.72 22.64 13.27
N ASP D 992 24.85 22.17 12.04
CA ASP D 992 25.80 22.73 11.08
C ASP D 992 25.25 24.02 10.47
N ILE D 993 26.07 24.66 9.62
CA ILE D 993 25.72 25.96 9.05
C ILE D 993 24.98 25.83 7.74
N GLY D 994 24.78 24.62 7.22
CA GLY D 994 24.02 24.44 6.00
C GLY D 994 22.78 23.61 6.17
N GLU D 995 22.50 23.20 7.41
CA GLU D 995 21.41 22.26 7.66
C GLU D 995 20.06 22.90 7.37
N ALA D 996 19.21 22.17 6.64
CA ALA D 996 17.84 22.60 6.36
C ALA D 996 16.94 22.05 7.46
N VAL D 997 16.57 22.91 8.41
CA VAL D 997 15.83 22.46 9.58
C VAL D 997 14.32 22.52 9.39
N GLY D 998 13.83 23.32 8.44
CA GLY D 998 12.40 23.39 8.22
C GLY D 998 11.82 22.09 7.68
N ILE D 999 12.51 21.48 6.72
CA ILE D 999 12.03 20.21 6.17
C ILE D 999 12.10 19.11 7.22
N VAL D 1000 13.15 19.12 8.03
CA VAL D 1000 13.24 18.13 9.11
C VAL D 1000 12.09 18.31 10.09
N ALA D 1001 11.78 19.56 10.44
CA ALA D 1001 10.68 19.82 11.35
C ALA D 1001 9.35 19.35 10.76
N ALA D 1002 9.13 19.64 9.48
CA ALA D 1002 7.87 19.24 8.84
C ALA D 1002 7.75 17.72 8.79
N GLN D 1003 8.83 17.02 8.41
CA GLN D 1003 8.79 15.57 8.35
C GLN D 1003 8.64 14.94 9.72
N SER D 1004 9.18 15.57 10.76
CA SER D 1004 9.05 15.03 12.11
C SER D 1004 7.64 15.22 12.64
N ILE D 1005 7.03 16.38 12.38
CA ILE D 1005 5.67 16.60 12.82
C ILE D 1005 4.71 15.69 12.07
N GLY D 1006 4.85 15.60 10.74
CA GLY D 1006 3.86 14.92 9.94
C GLY D 1006 3.94 13.41 9.93
N GLU D 1007 5.10 12.84 10.25
CA GLU D 1007 5.26 11.40 10.12
C GLU D 1007 4.32 10.62 11.05
N PRO D 1008 4.24 10.92 12.37
CA PRO D 1008 3.35 10.16 13.26
C PRO D 1008 1.90 10.65 13.23
N GLY D 1009 1.37 10.85 12.03
CA GLY D 1009 0.03 11.35 11.87
C GLY D 1009 -0.99 10.25 11.76
N THR D 1010 -0.56 9.07 11.31
CA THR D 1010 -1.47 7.92 11.24
C THR D 1010 -1.68 7.31 12.62
N GLN D 1011 -0.62 7.27 13.43
CA GLN D 1011 -0.78 6.81 14.81
C GLN D 1011 -1.73 7.72 15.58
N LEU D 1012 -1.57 9.02 15.41
CA LEU D 1012 -2.45 10.00 16.04
C LEU D 1012 -3.82 9.91 15.38
N THR D 1013 -4.77 9.29 16.10
CA THR D 1013 -6.08 9.03 15.52
C THR D 1013 -6.81 10.34 15.23
N MET D 1014 -7.77 10.25 14.31
CA MET D 1014 -8.60 11.38 13.93
C MET D 1014 -9.76 11.61 14.89
N ARG D 1015 -9.71 11.02 16.09
CA ARG D 1015 -10.77 11.18 17.07
C ARG D 1015 -10.95 12.65 17.44
N ASP D 1025 -18.05 18.74 21.34
CA ASP D 1025 -17.94 18.99 19.91
C ASP D 1025 -16.56 19.51 19.54
N ILE D 1026 -15.61 19.41 20.47
CA ILE D 1026 -14.26 19.91 20.25
C ILE D 1026 -13.44 18.85 19.53
N THR D 1027 -12.67 19.30 18.54
CA THR D 1027 -11.73 18.41 17.87
C THR D 1027 -10.65 17.95 18.84
N GLY D 1028 -10.19 16.71 18.65
CA GLY D 1028 -9.28 16.11 19.61
C GLY D 1028 -8.14 15.30 19.02
N GLY D 1029 -7.97 15.36 17.70
CA GLY D 1029 -6.90 14.60 17.06
C GLY D 1029 -6.27 15.32 15.89
N LEU D 1030 -6.13 14.60 14.77
CA LEU D 1030 -5.59 15.22 13.57
C LEU D 1030 -6.39 16.44 13.14
N PRO D 1031 -7.72 16.45 13.21
CA PRO D 1031 -8.44 17.70 12.94
C PRO D 1031 -8.04 18.83 13.87
N ARG D 1032 -7.79 18.51 15.14
CA ARG D 1032 -7.34 19.53 16.08
C ARG D 1032 -5.99 20.10 15.66
N VAL D 1033 -5.06 19.24 15.26
CA VAL D 1033 -3.76 19.70 14.80
C VAL D 1033 -3.92 20.58 13.56
N GLN D 1034 -4.78 20.15 12.64
CA GLN D 1034 -4.98 20.92 11.41
C GLN D 1034 -5.55 22.30 11.70
N GLU D 1035 -6.53 22.38 12.60
CA GLU D 1035 -7.11 23.68 12.90
C GLU D 1035 -6.16 24.56 13.71
N LEU D 1036 -5.28 23.95 14.52
CA LEU D 1036 -4.27 24.73 15.21
C LEU D 1036 -3.27 25.33 14.23
N PHE D 1037 -2.81 24.53 13.27
CA PHE D 1037 -1.83 25.01 12.31
C PHE D 1037 -2.44 25.92 11.24
N GLU D 1038 -3.75 25.85 11.03
CA GLU D 1038 -4.43 26.71 10.06
C GLU D 1038 -4.98 27.98 10.68
N ALA D 1039 -4.78 28.19 11.98
CA ALA D 1039 -5.19 29.42 12.65
C ALA D 1039 -6.67 29.70 12.42
N ARG D 1040 -7.48 28.65 12.48
CA ARG D 1040 -8.93 28.77 12.34
C ARG D 1040 -9.57 29.04 13.70
N VAL D 1041 -10.84 29.45 13.65
CA VAL D 1041 -11.61 29.57 14.89
C VAL D 1041 -11.81 28.16 15.47
N PRO D 1042 -11.57 27.95 16.77
CA PRO D 1042 -11.48 26.56 17.27
C PRO D 1042 -12.68 25.70 16.96
N ARG D 1043 -13.89 26.27 17.00
CA ARG D 1043 -15.17 25.57 16.89
C ARG D 1043 -15.92 25.73 18.20
N GLY D 1044 -15.48 25.03 19.24
CA GLY D 1044 -15.99 25.25 20.57
C GLY D 1044 -15.28 26.40 21.24
N LYS D 1045 -15.35 27.58 20.63
CA LYS D 1045 -14.59 28.72 21.10
C LYS D 1045 -14.95 29.05 22.54
N ALA D 1046 -13.94 29.31 23.35
CA ALA D 1046 -14.10 29.68 24.76
C ALA D 1046 -13.63 31.12 24.95
N PRO D 1047 -14.49 32.05 25.34
CA PRO D 1047 -14.05 33.44 25.48
C PRO D 1047 -13.01 33.59 26.58
N ILE D 1048 -12.14 34.57 26.39
CA ILE D 1048 -11.06 34.87 27.33
C ILE D 1048 -11.16 36.34 27.73
N ALA D 1049 -10.93 36.63 29.00
CA ALA D 1049 -10.98 38.00 29.49
C ALA D 1049 -9.96 38.86 28.77
N ASP D 1050 -10.11 40.18 28.92
CA ASP D 1050 -9.15 41.12 28.35
C ASP D 1050 -8.76 42.23 29.32
N VAL D 1051 -9.28 42.23 30.55
CA VAL D 1051 -8.88 43.20 31.55
C VAL D 1051 -9.20 42.63 32.94
N THR D 1052 -8.25 42.75 33.86
CA THR D 1052 -8.43 42.16 35.19
C THR D 1052 -9.53 42.89 35.94
N GLY D 1053 -10.35 42.11 36.65
CA GLY D 1053 -11.43 42.67 37.44
C GLY D 1053 -12.40 41.60 37.88
N ARG D 1054 -13.42 42.03 38.60
CA ARG D 1054 -14.44 41.11 39.07
C ARG D 1054 -15.48 40.87 37.97
N VAL D 1055 -16.27 39.82 38.16
CA VAL D 1055 -17.23 39.37 37.16
C VAL D 1055 -18.60 39.22 37.80
N ARG D 1056 -19.64 39.73 37.14
CA ARG D 1056 -21.01 39.56 37.59
C ARG D 1056 -21.65 38.45 36.75
N LEU D 1057 -21.42 37.21 37.18
CA LEU D 1057 -21.97 36.06 36.47
C LEU D 1057 -23.49 36.04 36.58
N GLU D 1058 -24.15 35.70 35.48
CA GLU D 1058 -25.59 35.58 35.41
C GLU D 1058 -25.96 34.17 34.98
N ASP D 1059 -27.04 33.64 35.55
CA ASP D 1059 -27.53 32.31 35.24
C ASP D 1059 -28.86 32.41 34.51
N GLY D 1060 -28.97 31.70 33.39
CA GLY D 1060 -30.18 31.74 32.59
C GLY D 1060 -30.23 30.54 31.67
N GLU D 1061 -31.27 30.52 30.84
CA GLU D 1061 -31.50 29.43 29.90
C GLU D 1061 -31.06 29.84 28.51
N ARG D 1062 -30.17 29.05 27.91
CA ARG D 1062 -29.64 29.25 26.56
C ARG D 1062 -28.73 30.47 26.46
N PHE D 1063 -28.34 31.07 27.58
CA PHE D 1063 -27.43 32.21 27.53
C PHE D 1063 -26.95 32.54 28.93
N TYR D 1064 -25.70 32.97 29.04
CA TYR D 1064 -25.13 33.49 30.28
C TYR D 1064 -24.53 34.86 30.00
N LYS D 1065 -24.75 35.80 30.92
CA LYS D 1065 -24.21 37.15 30.82
C LYS D 1065 -22.98 37.24 31.73
N ILE D 1066 -21.81 37.28 31.11
CA ILE D 1066 -20.54 37.43 31.81
C ILE D 1066 -20.05 38.86 31.57
N THR D 1067 -20.04 39.66 32.63
CA THR D 1067 -19.63 41.06 32.57
C THR D 1067 -18.30 41.22 33.29
N ILE D 1068 -17.35 41.88 32.64
CA ILE D 1068 -16.03 42.14 33.21
C ILE D 1068 -16.06 43.53 33.81
N VAL D 1069 -15.87 43.60 35.13
CA VAL D 1069 -15.81 44.88 35.83
C VAL D 1069 -14.35 45.14 36.20
N PRO D 1070 -13.61 45.88 35.39
CA PRO D 1070 -12.17 46.00 35.63
C PRO D 1070 -11.85 46.70 36.94
N ASP D 1071 -10.67 46.39 37.46
CA ASP D 1071 -10.20 47.06 38.67
C ASP D 1071 -10.09 48.56 38.45
N ASP D 1072 -9.58 48.98 37.29
CA ASP D 1072 -9.57 50.39 36.94
C ASP D 1072 -10.99 50.94 36.82
N GLY D 1073 -11.89 50.15 36.24
CA GLY D 1073 -13.28 50.57 36.10
C GLY D 1073 -13.57 51.45 34.90
N GLY D 1074 -12.63 51.56 33.96
CA GLY D 1074 -12.85 52.46 32.83
C GLY D 1074 -14.09 52.10 32.03
N GLU D 1075 -14.24 50.81 31.70
CA GLU D 1075 -15.39 50.35 30.94
C GLU D 1075 -15.65 48.89 31.29
N GLU D 1076 -16.85 48.43 30.96
CA GLU D 1076 -17.29 47.06 31.25
C GLU D 1076 -17.57 46.34 29.95
N VAL D 1077 -16.94 45.17 29.79
CA VAL D 1077 -17.21 44.30 28.66
C VAL D 1077 -18.20 43.23 29.11
N VAL D 1078 -18.93 42.67 28.16
CA VAL D 1078 -19.97 41.69 28.47
C VAL D 1078 -20.02 40.64 27.37
N TYR D 1079 -20.31 39.41 27.76
CA TYR D 1079 -20.58 38.31 26.84
C TYR D 1079 -21.91 37.70 27.21
N ASP D 1080 -22.89 37.77 26.30
CA ASP D 1080 -24.25 37.32 26.58
C ASP D 1080 -24.70 36.14 25.73
N LYS D 1081 -23.97 35.81 24.67
CA LYS D 1081 -24.39 34.77 23.73
C LYS D 1081 -23.87 33.39 24.10
N ILE D 1082 -23.18 33.25 25.24
CA ILE D 1082 -22.58 31.98 25.62
C ILE D 1082 -23.69 30.96 25.85
N SER D 1083 -23.75 29.94 25.00
CA SER D 1083 -24.74 28.90 25.16
C SER D 1083 -24.53 28.15 26.47
N LYS D 1084 -25.64 27.73 27.09
CA LYS D 1084 -25.56 27.04 28.37
C LYS D 1084 -24.96 25.64 28.26
N ARG D 1085 -24.78 25.12 27.05
CA ARG D 1085 -24.23 23.77 26.90
C ARG D 1085 -22.83 23.68 27.47
N GLN D 1086 -21.99 24.68 27.17
CA GLN D 1086 -20.62 24.65 27.65
C GLN D 1086 -20.55 24.86 29.16
N ARG D 1087 -19.61 24.19 29.80
CA ARG D 1087 -19.40 24.35 31.23
C ARG D 1087 -18.55 25.59 31.50
N LEU D 1088 -18.30 25.86 32.78
CA LEU D 1088 -17.46 26.95 33.22
C LEU D 1088 -16.15 26.39 33.73
N ARG D 1089 -15.03 26.95 33.27
CA ARG D 1089 -13.72 26.44 33.63
C ARG D 1089 -13.47 26.62 35.12
N VAL D 1090 -12.71 25.69 35.69
CA VAL D 1090 -12.27 25.75 37.09
C VAL D 1090 -10.81 26.18 37.09
N PHE D 1091 -10.51 27.27 37.80
CA PHE D 1091 -9.17 27.82 37.85
C PHE D 1091 -8.85 28.23 39.29
N LYS D 1092 -7.55 28.26 39.59
CA LYS D 1092 -7.08 28.63 40.92
C LYS D 1092 -7.65 27.69 41.97
N ARG D 1099 -11.56 26.23 42.02
CA ARG D 1099 -12.99 26.50 42.18
C ARG D 1099 -13.59 27.01 40.87
N VAL D 1100 -14.83 26.61 40.60
CA VAL D 1100 -15.49 27.00 39.36
C VAL D 1100 -15.77 28.49 39.37
N LEU D 1101 -15.81 29.08 38.17
CA LEU D 1101 -16.10 30.50 38.04
C LEU D 1101 -17.46 30.82 38.65
N SER D 1102 -17.52 31.91 39.43
CA SER D 1102 -18.74 32.30 40.10
C SER D 1102 -18.88 33.82 40.07
N ASP D 1103 -20.08 34.29 40.37
CA ASP D 1103 -20.36 35.72 40.37
C ASP D 1103 -19.49 36.42 41.41
N GLY D 1104 -19.07 37.64 41.09
CA GLY D 1104 -18.22 38.40 41.99
C GLY D 1104 -16.87 37.75 42.22
N ASP D 1105 -16.23 37.29 41.15
CA ASP D 1105 -14.94 36.61 41.24
C ASP D 1105 -13.92 37.38 40.39
N HIS D 1106 -12.73 37.57 40.94
CA HIS D 1106 -11.66 38.25 40.22
C HIS D 1106 -10.97 37.29 39.28
N VAL D 1107 -10.64 37.78 38.08
CA VAL D 1107 -10.04 36.97 37.03
C VAL D 1107 -8.85 37.70 36.44
N GLU D 1108 -7.96 36.93 35.81
CA GLU D 1108 -6.76 37.46 35.19
C GLU D 1108 -7.10 38.11 33.85
N VAL D 1109 -6.09 38.77 33.26
CA VAL D 1109 -6.29 39.44 31.98
C VAL D 1109 -6.49 38.41 30.87
N GLY D 1110 -5.78 37.29 30.92
CA GLY D 1110 -5.88 36.28 29.90
C GLY D 1110 -6.63 35.04 30.35
N GLN D 1111 -7.42 35.16 31.41
CA GLN D 1111 -8.15 34.03 31.93
C GLN D 1111 -9.19 33.56 30.92
N GLN D 1112 -9.39 32.25 30.87
CA GLN D 1112 -10.39 31.61 30.01
C GLN D 1112 -11.64 31.37 30.86
N LEU D 1113 -12.71 32.12 30.58
CA LEU D 1113 -13.90 32.04 31.42
C LEU D 1113 -14.58 30.69 31.32
N MET D 1114 -14.84 30.23 30.10
CA MET D 1114 -15.58 29.00 29.89
C MET D 1114 -14.62 27.82 29.71
N GLU D 1115 -15.16 26.65 29.40
CA GLU D 1115 -14.38 25.44 29.19
C GLU D 1115 -14.40 25.12 27.69
N GLY D 1116 -13.22 25.02 27.11
CA GLY D 1116 -13.12 24.79 25.67
C GLY D 1116 -11.76 25.23 25.17
N SER D 1117 -11.72 25.56 23.89
CA SER D 1117 -10.49 25.96 23.20
C SER D 1117 -10.61 27.43 22.78
N ALA D 1118 -9.68 28.25 23.25
CA ALA D 1118 -9.66 29.66 22.88
C ALA D 1118 -9.03 29.84 21.50
N ASP D 1119 -9.56 30.80 20.76
CA ASP D 1119 -9.01 31.03 19.42
C ASP D 1119 -7.65 31.72 19.52
N PRO D 1120 -6.68 31.34 18.68
CA PRO D 1120 -5.35 31.96 18.78
C PRO D 1120 -5.34 33.44 18.44
N HIS D 1121 -6.35 33.95 17.73
CA HIS D 1121 -6.32 35.34 17.30
C HIS D 1121 -6.59 36.31 18.45
N GLU D 1122 -7.44 35.93 19.40
CA GLU D 1122 -7.74 36.83 20.52
C GLU D 1122 -6.55 36.92 21.47
N VAL D 1123 -5.92 35.79 21.78
CA VAL D 1123 -4.76 35.81 22.68
C VAL D 1123 -3.65 36.66 22.10
N LEU D 1124 -3.55 36.74 20.78
CA LEU D 1124 -2.55 37.62 20.17
C LEU D 1124 -2.95 39.09 20.32
N ARG D 1125 -4.25 39.39 20.19
CA ARG D 1125 -4.69 40.77 20.29
C ARG D 1125 -4.66 41.30 21.72
N VAL D 1126 -4.75 40.41 22.70
CA VAL D 1126 -4.86 40.81 24.09
C VAL D 1126 -3.52 40.72 24.82
N GLN D 1127 -2.77 39.63 24.61
CA GLN D 1127 -1.59 39.35 25.42
C GLN D 1127 -0.26 39.54 24.70
N GLY D 1128 -0.21 39.32 23.39
CA GLY D 1128 1.01 39.54 22.64
C GLY D 1128 1.48 38.31 21.88
N PRO D 1129 2.57 38.46 21.13
CA PRO D 1129 3.02 37.33 20.29
C PRO D 1129 3.59 36.16 21.08
N ARG D 1130 4.34 36.42 22.15
CA ARG D 1130 4.93 35.33 22.92
C ARG D 1130 3.85 34.43 23.51
N GLU D 1131 2.76 35.02 24.00
CA GLU D 1131 1.70 34.23 24.61
C GLU D 1131 1.03 33.32 23.58
N VAL D 1132 0.76 33.84 22.38
CA VAL D 1132 0.16 32.98 21.35
C VAL D 1132 1.15 31.90 20.91
N GLN D 1133 2.45 32.23 20.87
CA GLN D 1133 3.45 31.21 20.52
C GLN D 1133 3.42 30.07 21.52
N ILE D 1134 3.47 30.38 22.82
CA ILE D 1134 3.46 29.33 23.83
C ILE D 1134 2.13 28.58 23.80
N HIS D 1135 1.03 29.29 23.55
CA HIS D 1135 -0.27 28.64 23.45
C HIS D 1135 -0.29 27.59 22.34
N LEU D 1136 0.15 27.97 21.14
CA LEU D 1136 0.14 27.04 20.02
C LEU D 1136 1.07 25.85 20.28
N VAL D 1137 2.27 26.12 20.80
CA VAL D 1137 3.21 25.04 21.04
C VAL D 1137 2.64 24.06 22.06
N ARG D 1138 2.07 24.58 23.16
CA ARG D 1138 1.50 23.72 24.18
C ARG D 1138 0.33 22.90 23.64
N GLU D 1139 -0.55 23.53 22.86
CA GLU D 1139 -1.70 22.81 22.33
C GLU D 1139 -1.27 21.67 21.43
N VAL D 1140 -0.36 21.94 20.49
CA VAL D 1140 0.08 20.89 19.58
C VAL D 1140 0.79 19.79 20.36
N GLN D 1141 1.65 20.17 21.31
CA GLN D 1141 2.40 19.17 22.06
C GLN D 1141 1.47 18.30 22.89
N GLU D 1142 0.42 18.87 23.47
CA GLU D 1142 -0.49 18.05 24.26
C GLU D 1142 -1.31 17.12 23.37
N VAL D 1143 -1.73 17.61 22.20
CA VAL D 1143 -2.45 16.75 21.27
C VAL D 1143 -1.59 15.55 20.89
N TYR D 1144 -0.29 15.77 20.67
CA TYR D 1144 0.59 14.66 20.31
C TYR D 1144 0.97 13.79 21.51
N ARG D 1145 1.04 14.36 22.72
CA ARG D 1145 1.38 13.58 23.91
C ARG D 1145 0.25 12.64 24.28
N ALA D 1146 -1.01 13.04 24.06
CA ALA D 1146 -2.13 12.19 24.42
C ALA D 1146 -2.01 10.81 23.79
N GLN D 1147 -1.38 10.71 22.62
CA GLN D 1147 -1.22 9.44 21.92
C GLN D 1147 0.07 8.72 22.24
N GLY D 1148 0.99 9.37 22.96
CA GLY D 1148 2.26 8.74 23.29
C GLY D 1148 3.34 8.91 22.24
N VAL D 1149 3.43 10.09 21.64
CA VAL D 1149 4.43 10.39 20.62
C VAL D 1149 5.29 11.54 21.13
N SER D 1150 6.61 11.38 21.03
CA SER D 1150 7.56 12.34 21.58
C SER D 1150 8.23 13.09 20.43
N ILE D 1151 7.99 14.39 20.37
CA ILE D 1151 8.62 15.29 19.40
C ILE D 1151 9.17 16.48 20.16
N HIS D 1152 10.41 16.86 19.86
CA HIS D 1152 10.99 18.01 20.52
C HIS D 1152 10.24 19.29 20.12
N ASP D 1153 10.27 20.28 21.02
CA ASP D 1153 9.53 21.50 20.79
C ASP D 1153 10.15 22.37 19.70
N LYS D 1154 11.39 22.11 19.30
CA LYS D 1154 12.05 22.99 18.34
C LYS D 1154 11.40 22.91 16.96
N HIS D 1155 10.85 21.76 16.59
CA HIS D 1155 10.19 21.63 15.28
C HIS D 1155 8.90 22.45 15.26
N ILE D 1156 8.07 22.31 16.30
CA ILE D 1156 6.86 23.10 16.39
C ILE D 1156 7.20 24.58 16.48
N GLU D 1157 8.31 24.92 17.15
CA GLU D 1157 8.74 26.31 17.21
C GLU D 1157 9.12 26.83 15.83
N VAL D 1158 9.79 26.02 15.02
CA VAL D 1158 10.10 26.42 13.65
C VAL D 1158 8.83 26.75 12.89
N ILE D 1159 7.84 25.85 12.97
CA ILE D 1159 6.60 26.07 12.23
C ILE D 1159 5.89 27.33 12.73
N VAL D 1160 5.81 27.49 14.06
CA VAL D 1160 5.09 28.63 14.63
C VAL D 1160 5.81 29.93 14.31
N ARG D 1161 7.14 29.91 14.28
CA ARG D 1161 7.90 31.07 13.83
C ARG D 1161 7.50 31.43 12.40
N GLN D 1162 7.41 30.43 11.54
CA GLN D 1162 6.99 30.70 10.17
C GLN D 1162 5.58 31.26 10.12
N MET D 1163 4.73 30.95 11.10
CA MET D 1163 3.37 31.44 11.09
C MET D 1163 3.24 32.90 11.55
N LEU D 1164 4.26 33.45 12.20
CA LEU D 1164 4.22 34.82 12.73
C LEU D 1164 5.38 35.60 12.11
N ARG D 1165 5.16 36.16 10.92
CA ARG D 1165 6.22 36.86 10.21
C ARG D 1165 5.79 38.19 9.59
N ARG D 1166 4.52 38.56 9.67
CA ARG D 1166 4.01 39.72 8.96
C ARG D 1166 3.22 40.61 9.91
N VAL D 1167 2.89 41.81 9.43
CA VAL D 1167 2.11 42.80 10.17
C VAL D 1167 1.07 43.37 9.24
N THR D 1168 -0.13 43.64 9.78
CA THR D 1168 -1.21 44.24 9.01
C THR D 1168 -1.14 45.75 9.13
N ILE D 1169 -1.22 46.43 7.99
CA ILE D 1169 -1.08 47.89 7.95
C ILE D 1169 -2.39 48.54 8.40
N ILE D 1170 -2.27 49.72 8.99
CA ILE D 1170 -3.43 50.48 9.44
C ILE D 1170 -3.42 51.85 8.75
N ASP D 1171 -2.36 52.62 8.98
CA ASP D 1171 -2.19 53.94 8.38
C ASP D 1171 -1.04 53.87 7.38
N SER D 1172 -1.34 54.17 6.12
CA SER D 1172 -0.31 54.10 5.09
C SER D 1172 0.73 55.22 5.26
N GLY D 1173 0.27 56.44 5.52
CA GLY D 1173 1.19 57.56 5.64
C GLY D 1173 1.89 57.83 4.31
N SER D 1174 3.12 58.34 4.42
CA SER D 1174 3.93 58.58 3.22
C SER D 1174 4.33 57.28 2.53
N THR D 1175 4.24 56.15 3.22
CA THR D 1175 4.62 54.88 2.64
C THR D 1175 3.62 54.44 1.58
N GLU D 1176 4.06 53.52 0.73
CA GLU D 1176 3.26 53.05 -0.40
C GLU D 1176 2.39 51.84 -0.04
N PHE D 1177 2.39 51.41 1.22
CA PHE D 1177 1.58 50.28 1.64
C PHE D 1177 0.12 50.71 1.79
N LEU D 1178 -0.79 49.95 1.18
CA LEU D 1178 -2.21 50.24 1.32
C LEU D 1178 -2.73 49.69 2.64
N PRO D 1179 -3.77 50.31 3.20
CA PRO D 1179 -4.34 49.79 4.45
C PRO D 1179 -4.86 48.37 4.28
N GLY D 1180 -4.71 47.57 5.34
CA GLY D 1180 -5.18 46.21 5.33
C GLY D 1180 -4.30 45.23 4.60
N SER D 1181 -3.07 45.60 4.27
CA SER D 1181 -2.15 44.71 3.57
C SER D 1181 -1.21 44.03 4.55
N LEU D 1182 -0.84 42.80 4.24
CA LEU D 1182 0.08 42.02 5.06
C LEU D 1182 1.49 42.23 4.51
N ILE D 1183 2.35 42.87 5.32
CA ILE D 1183 3.72 43.19 4.92
C ILE D 1183 4.67 42.49 5.88
N ASP D 1184 5.74 41.93 5.33
CA ASP D 1184 6.73 41.27 6.18
C ASP D 1184 7.32 42.28 7.17
N ARG D 1185 7.54 41.82 8.39
CA ARG D 1185 7.94 42.73 9.46
C ARG D 1185 9.26 43.43 9.13
N ALA D 1186 10.24 42.69 8.61
CA ALA D 1186 11.53 43.29 8.29
C ALA D 1186 11.40 44.34 7.21
N GLU D 1187 10.63 44.04 6.14
CA GLU D 1187 10.44 45.01 5.07
C GLU D 1187 9.71 46.25 5.58
N PHE D 1188 8.68 46.04 6.41
CA PHE D 1188 7.94 47.17 6.98
C PHE D 1188 8.86 48.05 7.81
N GLU D 1189 9.69 47.44 8.66
CA GLU D 1189 10.59 48.22 9.49
C GLU D 1189 11.62 48.97 8.64
N ALA D 1190 12.16 48.32 7.61
CA ALA D 1190 13.13 48.99 6.74
C ALA D 1190 12.50 50.19 6.05
N GLU D 1191 11.29 50.01 5.51
CA GLU D 1191 10.62 51.12 4.84
C GLU D 1191 10.35 52.26 5.80
N ASN D 1192 9.87 51.95 7.02
CA ASN D 1192 9.61 53.00 7.99
C ASN D 1192 10.89 53.72 8.38
N ARG D 1193 11.98 52.98 8.59
CA ARG D 1193 13.24 53.61 8.97
C ARG D 1193 13.76 54.51 7.86
N ARG D 1194 13.59 54.09 6.60
CA ARG D 1194 13.96 54.96 5.48
C ARG D 1194 13.10 56.22 5.45
N VAL D 1195 11.80 56.07 5.67
CA VAL D 1195 10.89 57.20 5.51
C VAL D 1195 11.09 58.22 6.63
N VAL D 1196 11.29 57.76 7.87
CA VAL D 1196 11.38 58.69 9.00
C VAL D 1196 12.53 59.67 8.80
N ALA D 1197 13.58 59.27 8.10
CA ALA D 1197 14.70 60.18 7.86
C ALA D 1197 14.27 61.40 7.06
N GLU D 1198 13.46 61.19 6.02
CA GLU D 1198 13.04 62.26 5.12
C GLU D 1198 11.53 62.43 5.25
N GLY D 1199 11.11 63.53 5.87
CA GLY D 1199 9.70 63.81 6.05
C GLY D 1199 8.97 62.68 6.73
N GLY D 1200 9.27 62.48 8.01
CA GLY D 1200 8.75 61.33 8.74
C GLY D 1200 7.24 61.24 8.81
N GLU D 1201 6.66 60.31 8.07
CA GLU D 1201 5.26 59.94 8.17
C GLU D 1201 5.17 58.42 8.18
N PRO D 1202 5.68 57.79 9.24
CA PRO D 1202 5.76 56.33 9.24
C PRO D 1202 4.39 55.67 9.25
N ALA D 1203 4.31 54.50 8.63
CA ALA D 1203 3.10 53.71 8.65
C ALA D 1203 2.96 52.99 9.99
N ALA D 1204 1.71 52.72 10.36
CA ALA D 1204 1.40 52.02 11.60
C ALA D 1204 0.82 50.65 11.26
N GLY D 1205 1.41 49.61 11.84
CA GLY D 1205 0.97 48.25 11.57
C GLY D 1205 0.80 47.47 12.87
N ARG D 1206 0.12 46.34 12.74
CA ARG D 1206 -0.19 45.49 13.88
C ARG D 1206 0.19 44.04 13.54
N PRO D 1207 0.62 43.26 14.53
CA PRO D 1207 0.92 41.85 14.26
C PRO D 1207 -0.31 41.09 13.80
N VAL D 1208 -0.08 40.08 12.96
CA VAL D 1208 -1.15 39.23 12.44
C VAL D 1208 -0.68 37.79 12.47
N LEU D 1209 -1.64 36.87 12.62
CA LEU D 1209 -1.39 35.44 12.62
C LEU D 1209 -1.97 34.83 11.35
N MET D 1210 -1.14 34.09 10.63
CA MET D 1210 -1.52 33.52 9.34
C MET D 1210 -1.40 32.00 9.40
N GLY D 1211 -2.29 31.32 8.68
CA GLY D 1211 -2.21 29.88 8.56
C GLY D 1211 -1.08 29.45 7.65
N ILE D 1212 -0.86 28.13 7.61
CA ILE D 1212 0.22 27.60 6.79
C ILE D 1212 -0.08 27.80 5.31
N THR D 1213 -1.35 27.64 4.92
CA THR D 1213 -1.69 27.82 3.50
C THR D 1213 -1.52 29.27 3.07
N LYS D 1214 -1.97 30.22 3.88
CA LYS D 1214 -1.82 31.63 3.52
C LYS D 1214 -0.35 32.04 3.47
N ALA D 1215 0.42 31.64 4.48
CA ALA D 1215 1.85 31.95 4.49
C ALA D 1215 2.57 31.29 3.32
N SER D 1216 2.08 30.14 2.87
CA SER D 1216 2.69 29.46 1.74
C SER D 1216 2.34 30.13 0.42
N LEU D 1217 1.11 30.63 0.30
CA LEU D 1217 0.68 31.28 -0.94
C LEU D 1217 1.07 32.75 -1.01
N ALA D 1218 1.58 33.33 0.08
CA ALA D 1218 2.04 34.71 0.08
C ALA D 1218 3.56 34.80 -0.11
N THR D 1219 4.14 33.87 -0.85
CA THR D 1219 5.58 33.84 -1.06
C THR D 1219 5.99 34.96 -2.02
N ASP D 1220 7.30 35.22 -2.05
CA ASP D 1220 7.88 36.19 -2.97
C ASP D 1220 8.22 35.57 -4.33
N SER D 1221 8.01 34.26 -4.50
CA SER D 1221 8.25 33.57 -5.76
C SER D 1221 6.91 33.11 -6.31
N TRP D 1222 6.58 33.56 -7.52
CA TRP D 1222 5.35 33.09 -8.14
C TRP D 1222 5.49 31.66 -8.64
N LEU D 1223 6.72 31.20 -8.90
CA LEU D 1223 6.93 29.82 -9.32
C LEU D 1223 6.64 28.85 -8.18
N SER D 1224 7.18 29.13 -6.99
CA SER D 1224 6.91 28.28 -5.83
C SER D 1224 5.43 28.28 -5.47
N ALA D 1225 4.80 29.45 -5.51
CA ALA D 1225 3.37 29.53 -5.20
C ALA D 1225 2.53 28.78 -6.23
N ALA D 1226 2.88 28.89 -7.52
CA ALA D 1226 2.11 28.20 -8.55
C ALA D 1226 2.30 26.70 -8.49
N SER D 1227 3.48 26.24 -8.07
CA SER D 1227 3.73 24.81 -7.96
C SER D 1227 3.13 24.19 -6.71
N PHE D 1228 2.55 25.00 -5.81
CA PHE D 1228 1.93 24.51 -4.59
C PHE D 1228 0.43 24.31 -4.74
N GLN D 1229 -0.31 25.38 -5.02
CA GLN D 1229 -1.76 25.31 -5.13
C GLN D 1229 -2.25 26.47 -5.99
N GLU D 1230 -3.49 26.35 -6.44
CA GLU D 1230 -4.19 27.42 -7.14
C GLU D 1230 -3.30 28.04 -8.22
N THR D 1231 -2.95 27.22 -9.20
CA THR D 1231 -2.04 27.66 -10.26
C THR D 1231 -2.65 28.81 -11.05
N THR D 1232 -3.94 28.71 -11.38
CA THR D 1232 -4.56 29.72 -12.24
C THR D 1232 -4.58 31.09 -11.57
N ARG D 1233 -5.05 31.14 -10.33
CA ARG D 1233 -5.15 32.42 -9.63
C ARG D 1233 -3.78 33.04 -9.42
N VAL D 1234 -2.80 32.24 -9.00
CA VAL D 1234 -1.45 32.76 -8.79
C VAL D 1234 -0.87 33.27 -10.10
N LEU D 1235 -1.05 32.53 -11.18
CA LEU D 1235 -0.49 32.95 -12.47
C LEU D 1235 -1.15 34.24 -12.96
N THR D 1236 -2.47 34.36 -12.85
CA THR D 1236 -3.12 35.58 -13.30
C THR D 1236 -2.69 36.79 -12.46
N ASP D 1237 -2.59 36.62 -11.14
CA ASP D 1237 -2.14 37.73 -10.30
C ASP D 1237 -0.70 38.12 -10.63
N ALA D 1238 0.18 37.13 -10.83
CA ALA D 1238 1.57 37.43 -11.16
C ALA D 1238 1.67 38.14 -12.50
N ALA D 1239 0.90 37.70 -13.48
CA ALA D 1239 0.92 38.36 -14.79
C ALA D 1239 0.45 39.80 -14.69
N ILE D 1240 -0.64 40.04 -13.95
CA ILE D 1240 -1.14 41.40 -13.81
C ILE D 1240 -0.11 42.28 -13.12
N ASN D 1241 0.49 41.78 -12.04
CA ASN D 1241 1.45 42.58 -11.29
C ASN D 1241 2.84 42.60 -11.93
N CYS D 1242 3.09 41.77 -12.95
CA CYS D 1242 4.38 41.72 -13.62
C CYS D 1242 5.49 41.40 -12.61
N ARG D 1243 5.32 40.29 -11.91
CA ARG D 1243 6.24 39.91 -10.86
C ARG D 1243 7.50 39.27 -11.45
N SER D 1244 8.64 39.59 -10.84
CA SER D 1244 9.92 39.00 -11.20
C SER D 1244 10.37 38.06 -10.09
N ASP D 1245 10.84 36.88 -10.48
CA ASP D 1245 11.17 35.80 -9.56
C ASP D 1245 12.68 35.69 -9.43
N LYS D 1246 13.21 36.07 -8.28
CA LYS D 1246 14.61 35.81 -7.95
C LYS D 1246 14.73 34.36 -7.49
N LEU D 1247 15.51 33.57 -8.22
CA LEU D 1247 15.54 32.13 -8.04
C LEU D 1247 16.41 31.78 -6.82
N ASN D 1248 15.92 32.17 -5.65
CA ASN D 1248 16.57 31.93 -4.36
C ASN D 1248 15.64 31.07 -3.52
N GLY D 1249 15.76 29.76 -3.65
CA GLY D 1249 14.91 28.85 -2.89
C GLY D 1249 15.17 27.43 -3.31
N LEU D 1250 14.73 26.51 -2.44
CA LEU D 1250 14.93 25.09 -2.70
C LEU D 1250 14.06 24.61 -3.85
N LYS D 1251 12.77 24.93 -3.82
CA LYS D 1251 11.86 24.43 -4.84
C LYS D 1251 12.18 25.03 -6.20
N GLU D 1252 12.50 26.32 -6.24
CA GLU D 1252 12.81 26.97 -7.52
C GLU D 1252 14.07 26.39 -8.15
N ASN D 1253 15.11 26.18 -7.34
CA ASN D 1253 16.34 25.58 -7.86
C ASN D 1253 16.11 24.14 -8.28
N VAL D 1254 15.24 23.41 -7.59
CA VAL D 1254 14.88 22.07 -8.04
C VAL D 1254 14.18 22.14 -9.39
N ILE D 1255 13.28 23.10 -9.56
CA ILE D 1255 12.52 23.21 -10.81
C ILE D 1255 13.45 23.53 -11.98
N ILE D 1256 14.35 24.50 -11.80
CA ILE D 1256 15.23 24.90 -12.89
C ILE D 1256 16.49 24.04 -13.00
N GLY D 1257 16.62 23.00 -12.16
CA GLY D 1257 17.77 22.12 -12.23
C GLY D 1257 19.07 22.73 -11.78
N LYS D 1258 19.06 23.47 -10.67
CA LYS D 1258 20.25 24.09 -10.12
C LYS D 1258 20.52 23.53 -8.73
N LEU D 1259 21.75 23.70 -8.26
CA LEU D 1259 22.13 23.24 -6.93
C LEU D 1259 21.34 23.98 -5.87
N ILE D 1260 20.71 23.24 -4.97
CA ILE D 1260 19.90 23.90 -3.93
C ILE D 1260 20.81 24.70 -3.02
N PRO D 1261 20.38 25.83 -2.48
CA PRO D 1261 21.24 26.63 -1.59
C PRO D 1261 21.21 26.11 -0.14
N ALA D 1262 21.54 24.84 0.03
CA ALA D 1262 21.58 24.24 1.35
C ALA D 1262 22.48 23.02 1.30
N GLY D 1263 22.93 22.59 2.48
CA GLY D 1263 23.77 21.41 2.56
C GLY D 1263 25.11 21.65 1.90
N THR D 1264 25.49 20.77 0.98
CA THR D 1264 26.75 20.86 0.27
C THR D 1264 26.70 21.83 -0.90
N GLY D 1265 25.54 22.39 -1.21
CA GLY D 1265 25.39 23.37 -2.26
C GLY D 1265 25.62 24.80 -1.82
N ILE D 1266 26.06 25.01 -0.59
CA ILE D 1266 26.30 26.36 -0.07
C ILE D 1266 27.66 26.85 -0.53
N ASN D 1267 27.80 28.17 -0.65
CA ASN D 1267 29.01 28.75 -1.23
C ASN D 1267 30.26 28.37 -0.43
N ARG D 1268 30.19 28.43 0.90
CA ARG D 1268 31.38 28.15 1.69
C ARG D 1268 31.85 26.72 1.54
N TYR D 1269 30.98 25.80 1.14
CA TYR D 1269 31.34 24.39 1.01
C TYR D 1269 31.73 24.03 -0.42
N ARG D 1270 30.94 24.45 -1.40
CA ARG D 1270 31.18 24.05 -2.78
C ARG D 1270 32.40 24.73 -3.39
N ASN D 1271 32.99 25.71 -2.72
CA ASN D 1271 34.14 26.45 -3.23
C ASN D 1271 35.41 26.12 -2.46
N ILE D 1272 35.47 24.94 -1.85
CA ILE D 1272 36.68 24.52 -1.15
C ILE D 1272 37.79 24.26 -2.16
N ALA D 1273 39.02 24.58 -1.77
CA ALA D 1273 40.21 24.37 -2.60
C ALA D 1273 41.12 23.36 -1.91
N VAL D 1274 41.52 22.33 -2.65
CA VAL D 1274 42.29 21.21 -2.11
C VAL D 1274 43.64 21.15 -2.81
N GLN D 1275 44.70 20.93 -2.04
CA GLN D 1275 46.03 20.77 -2.60
C GLN D 1275 46.88 19.98 -1.62
N PRO D 1276 47.85 19.19 -2.11
CA PRO D 1276 48.76 18.51 -1.19
C PRO D 1276 49.60 19.49 -0.39
N THR D 1277 49.97 19.07 0.82
CA THR D 1277 50.85 19.88 1.65
C THR D 1277 52.26 19.93 1.06
N GLU D 1278 53.01 20.96 1.46
CA GLU D 1278 54.37 21.11 0.94
C GLU D 1278 55.24 19.93 1.32
N GLU D 1279 55.15 19.47 2.57
CA GLU D 1279 55.96 18.33 2.99
C GLU D 1279 55.56 17.06 2.24
N ALA D 1280 54.26 16.82 2.07
CA ALA D 1280 53.82 15.66 1.31
C ALA D 1280 54.23 15.77 -0.16
N ARG D 1281 54.15 16.96 -0.74
CA ARG D 1281 54.59 17.14 -2.11
C ARG D 1281 56.08 16.86 -2.25
N ALA D 1282 56.89 17.34 -1.30
CA ALA D 1282 58.32 17.06 -1.33
C ALA D 1282 58.60 15.58 -1.17
N ALA D 1283 57.81 14.89 -0.34
CA ALA D 1283 58.03 13.46 -0.11
C ALA D 1283 57.78 12.62 -1.35
N ALA D 1284 57.16 13.18 -2.38
CA ALA D 1284 56.92 12.44 -3.61
C ALA D 1284 58.24 12.04 -4.26
N GLY E 28 40.00 1.40 20.13
CA GLY E 28 38.96 0.88 20.98
C GLY E 28 37.78 0.31 20.20
N TYR E 29 38.03 -0.07 18.96
CA TYR E 29 37.02 -0.66 18.09
C TYR E 29 37.65 -1.75 17.25
N ASP E 30 36.80 -2.71 16.83
CA ASP E 30 37.26 -3.76 15.95
C ASP E 30 37.62 -3.19 14.58
N THR E 31 38.46 -3.91 13.86
CA THR E 31 38.99 -3.41 12.59
C THR E 31 37.84 -3.08 11.64
N PRO E 32 37.75 -1.84 11.14
CA PRO E 32 36.70 -1.54 10.16
C PRO E 32 36.89 -2.32 8.88
N LEU E 33 35.77 -2.63 8.22
CA LEU E 33 35.79 -3.44 7.01
C LEU E 33 34.89 -2.79 5.96
N GLY E 34 35.40 -2.67 4.74
CA GLY E 34 34.61 -2.21 3.62
C GLY E 34 34.48 -0.71 3.53
N ILE E 35 33.28 -0.24 3.21
CA ILE E 35 33.02 1.18 3.03
C ILE E 35 33.19 1.94 4.34
N THR E 36 33.17 1.24 5.48
CA THR E 36 33.25 1.88 6.79
C THR E 36 34.69 2.11 7.24
N ASN E 37 35.64 2.14 6.31
CA ASN E 37 37.05 2.39 6.61
C ASN E 37 37.54 3.49 5.69
N PRO E 38 38.24 4.52 6.21
CA PRO E 38 38.63 4.76 7.62
C PRO E 38 37.46 5.23 8.46
N PRO E 39 37.57 5.17 9.80
CA PRO E 39 36.44 5.57 10.64
C PRO E 39 36.01 7.00 10.36
N ILE E 40 34.69 7.21 10.38
CA ILE E 40 34.15 8.54 10.12
C ILE E 40 34.50 9.51 11.23
N ASP E 41 34.57 9.01 12.47
CA ASP E 41 34.92 9.89 13.59
C ASP E 41 36.31 10.47 13.43
N GLU E 42 37.26 9.66 12.94
CA GLU E 42 38.60 10.16 12.68
C GLU E 42 38.57 11.23 11.59
N LEU E 43 37.81 11.00 10.53
CA LEU E 43 37.76 11.94 9.42
C LEU E 43 37.14 13.27 9.84
N LEU E 44 36.12 13.23 10.68
CA LEU E 44 35.43 14.46 11.06
C LEU E 44 36.27 15.36 11.95
N ASP E 45 37.41 14.88 12.45
CA ASP E 45 38.32 15.76 13.18
C ASP E 45 39.08 16.68 12.25
N ARG E 46 39.26 16.29 10.98
CA ARG E 46 40.04 17.08 10.04
C ARG E 46 39.28 18.26 9.48
N VAL E 47 37.95 18.27 9.57
CA VAL E 47 37.11 19.25 8.88
C VAL E 47 36.17 19.90 9.88
N SER E 48 35.55 21.00 9.43
CA SER E 48 34.57 21.71 10.25
C SER E 48 33.23 21.00 10.28
N SER E 49 32.82 20.37 9.18
CA SER E 49 31.50 19.78 9.07
C SER E 49 31.58 18.55 8.19
N LYS E 50 30.44 17.87 8.01
CA LYS E 50 30.37 16.74 7.09
C LYS E 50 30.33 17.19 5.63
N TYR E 51 29.68 18.33 5.37
CA TYR E 51 29.63 18.87 4.01
C TYR E 51 31.03 19.23 3.53
N ALA E 52 31.86 19.79 4.41
CA ALA E 52 33.23 20.08 4.06
C ALA E 52 33.98 18.81 3.69
N LEU E 53 33.76 17.73 4.45
CA LEU E 53 34.39 16.46 4.12
C LEU E 53 33.93 15.95 2.76
N VAL E 54 32.64 16.07 2.49
CA VAL E 54 32.11 15.61 1.20
C VAL E 54 32.83 16.33 0.06
N ILE E 55 32.91 17.65 0.13
CA ILE E 55 33.50 18.40 -0.98
C ILE E 55 35.00 18.15 -1.06
N TYR E 56 35.68 18.12 0.09
CA TYR E 56 37.08 17.76 0.17
C TYR E 56 37.38 16.48 -0.60
N ALA E 57 36.70 15.39 -0.20
CA ALA E 57 36.96 14.09 -0.80
C ALA E 57 36.58 14.08 -2.28
N ALA E 58 35.47 14.71 -2.65
CA ALA E 58 35.05 14.72 -4.04
C ALA E 58 36.08 15.40 -4.92
N LYS E 59 36.58 16.56 -4.50
CA LYS E 59 37.57 17.27 -5.30
C LYS E 59 38.86 16.49 -5.40
N ARG E 60 39.32 15.90 -4.30
CA ARG E 60 40.55 15.11 -4.38
C ARG E 60 40.39 13.91 -5.28
N ALA E 61 39.23 13.25 -5.24
CA ALA E 61 38.98 12.13 -6.13
C ALA E 61 38.99 12.55 -7.58
N ARG E 62 38.40 13.72 -7.88
CA ARG E 62 38.45 14.23 -9.24
C ARG E 62 39.89 14.48 -9.68
N GLN E 63 40.71 15.03 -8.78
CA GLN E 63 42.12 15.25 -9.12
C GLN E 63 42.82 13.93 -9.44
N ILE E 64 42.60 12.92 -8.62
CA ILE E 64 43.25 11.62 -8.85
C ILE E 64 42.82 11.03 -10.18
N ASN E 65 41.52 11.11 -10.48
CA ASN E 65 41.03 10.54 -11.73
C ASN E 65 41.61 11.28 -12.93
N ASP E 66 41.70 12.62 -12.84
CA ASP E 66 42.32 13.38 -13.92
C ASP E 66 43.78 12.98 -14.10
N TYR E 67 44.49 12.78 -12.99
CA TYR E 67 45.89 12.34 -13.08
C TYR E 67 45.98 11.02 -13.82
N TYR E 68 45.14 10.05 -13.45
CA TYR E 68 45.19 8.75 -14.11
C TYR E 68 44.88 8.88 -15.60
N ASN E 69 43.87 9.68 -15.96
CA ASN E 69 43.52 9.82 -17.36
C ASN E 69 44.65 10.49 -18.15
N GLN E 70 45.25 11.55 -17.60
CA GLN E 70 46.27 12.28 -18.33
C GLN E 70 47.60 11.52 -18.39
N LEU E 71 47.81 10.58 -17.46
CA LEU E 71 49.07 9.86 -17.43
C LEU E 71 49.34 9.16 -18.76
N GLY E 72 48.29 8.80 -19.49
CA GLY E 72 48.48 8.17 -20.79
C GLY E 72 49.04 9.13 -21.82
N GLU E 73 48.90 10.44 -21.60
CA GLU E 73 49.40 11.47 -22.50
C GLU E 73 50.57 12.23 -21.88
N GLY E 74 50.37 12.80 -20.70
CA GLY E 74 51.43 13.54 -20.02
C GLY E 74 50.95 14.25 -18.77
N ILE E 75 51.89 14.57 -17.88
CA ILE E 75 51.54 15.27 -16.65
C ILE E 75 51.23 16.73 -16.97
N LEU E 76 50.12 17.23 -16.43
CA LEU E 76 49.70 18.60 -16.69
C LEU E 76 49.75 19.47 -15.44
N GLU E 77 48.97 19.15 -14.41
CA GLU E 77 49.02 19.95 -13.19
C GLU E 77 48.78 19.18 -11.90
N TYR E 78 48.59 17.87 -11.93
CA TYR E 78 48.11 17.14 -10.78
C TYR E 78 49.14 16.15 -10.26
N VAL E 79 48.91 15.68 -9.04
CA VAL E 79 49.78 14.74 -8.35
C VAL E 79 49.01 13.45 -8.15
N GLY E 80 49.69 12.32 -8.35
CA GLY E 80 49.08 11.04 -8.20
C GLY E 80 48.89 10.68 -6.73
N PRO E 81 48.30 9.50 -6.49
CA PRO E 81 48.10 9.05 -5.12
C PRO E 81 49.31 9.27 -4.22
N LEU E 82 49.11 9.96 -3.10
CA LEU E 82 50.17 10.17 -2.13
C LEU E 82 50.34 9.00 -1.17
N VAL E 83 49.45 7.99 -1.25
CA VAL E 83 49.56 6.78 -0.46
C VAL E 83 49.57 5.60 -1.42
N GLU E 84 50.20 4.50 -1.01
CA GLU E 84 50.28 3.32 -1.83
C GLU E 84 48.88 2.81 -2.15
N PRO E 85 48.39 2.96 -3.38
CA PRO E 85 47.03 2.51 -3.69
C PRO E 85 46.93 0.99 -3.72
N GLY E 86 45.70 0.52 -3.60
CA GLY E 86 45.42 -0.90 -3.67
C GLY E 86 45.48 -1.43 -5.09
N LEU E 87 45.21 -2.73 -5.22
CA LEU E 87 45.29 -3.36 -6.53
C LEU E 87 44.29 -2.75 -7.50
N GLN E 88 43.07 -2.49 -7.03
CA GLN E 88 42.05 -1.86 -7.86
C GLN E 88 41.27 -0.81 -7.07
N GLU E 89 41.91 -0.20 -6.07
CA GLU E 89 41.23 0.77 -5.23
C GLU E 89 40.74 1.95 -6.05
N LYS E 90 39.56 2.45 -5.71
CA LYS E 90 38.92 3.53 -6.45
C LYS E 90 39.38 4.89 -5.92
N PRO E 91 39.23 5.94 -6.74
CA PRO E 91 39.78 7.25 -6.34
C PRO E 91 39.24 7.77 -5.01
N LEU E 92 37.96 7.54 -4.71
CA LEU E 92 37.38 8.09 -3.49
C LEU E 92 38.00 7.47 -2.25
N SER E 93 38.25 6.15 -2.29
CA SER E 93 38.90 5.50 -1.16
C SER E 93 40.31 6.05 -0.94
N ILE E 94 41.05 6.25 -2.03
CA ILE E 94 42.40 6.80 -1.91
C ILE E 94 42.34 8.21 -1.33
N ALA E 95 41.38 9.01 -1.79
CA ALA E 95 41.24 10.37 -1.28
C ALA E 95 40.93 10.37 0.21
N LEU E 96 40.04 9.49 0.65
CA LEU E 96 39.71 9.41 2.07
C LEU E 96 40.90 8.94 2.89
N ARG E 97 41.67 7.99 2.37
CA ARG E 97 42.87 7.55 3.08
C ARG E 97 43.89 8.68 3.20
N GLU E 98 44.06 9.47 2.13
CA GLU E 98 44.99 10.59 2.17
C GLU E 98 44.51 11.65 3.16
N ILE E 99 43.20 11.90 3.22
CA ILE E 99 42.68 12.84 4.20
C ILE E 99 42.91 12.33 5.61
N HIS E 100 42.67 11.04 5.85
CA HIS E 100 42.85 10.48 7.18
C HIS E 100 44.30 10.58 7.63
N ALA E 101 45.23 10.09 6.81
CA ALA E 101 46.66 10.23 7.08
C ALA E 101 47.08 11.61 6.60
N ASP E 102 47.30 12.53 7.54
CA ASP E 102 47.33 13.94 7.19
C ASP E 102 48.34 14.21 6.09
N LEU E 103 47.84 14.50 4.89
CA LEU E 103 48.67 14.72 3.72
C LEU E 103 48.16 15.84 2.84
N LEU E 104 47.00 16.42 3.15
CA LEU E 104 46.35 17.41 2.31
C LEU E 104 46.03 18.64 3.14
N GLU E 105 45.58 19.69 2.46
CA GLU E 105 45.12 20.91 3.11
C GLU E 105 44.04 21.54 2.25
N HIS E 106 43.03 22.11 2.92
CA HIS E 106 41.90 22.69 2.22
C HIS E 106 41.57 24.04 2.83
N THR E 107 40.95 24.89 2.01
CA THR E 107 40.53 26.22 2.42
C THR E 107 39.08 26.41 1.99
N GLU E 108 38.23 26.82 2.93
CA GLU E 108 36.82 27.03 2.63
C GLU E 108 36.61 28.36 1.92
N GLY E 109 35.42 28.51 1.36
CA GLY E 109 35.05 29.72 0.64
C GLY E 109 34.25 30.69 1.49
C11 A1BNV I . -25.94 -6.78 15.85
C12 A1BNV I . -26.67 -7.70 16.79
C13 A1BNV I . -27.12 -8.94 16.02
C14 A1BNV I . -28.01 -8.63 14.81
C15 A1BNV I . -27.48 -8.65 13.54
C16 A1BNV I . -28.25 -8.35 12.46
C17 A1BNV I . -29.55 -8.06 12.64
C18 A1BNV I . -30.10 -8.04 13.87
C19 A1BNV I . -29.33 -8.34 14.96
F11 A1BNV I . -23.59 -6.58 20.94
N11 A1BNV I . -26.38 -5.40 15.59
N12 A1BNV I . -25.90 -8.27 17.84
N13 A1BNV I . -26.44 -2.57 16.15
O11 A1BNV I . -25.04 -7.20 15.33
O12 A1BNV I . -25.94 -6.56 19.31
O13 A1BNV I . -27.06 -0.91 19.47
O14 A1BNV I . -28.71 -2.39 19.46
S11 A1BNV I . -27.63 -1.92 18.72
C110 A1BNV I . -25.59 -7.63 19.10
C111 A1BNV I . -24.82 -8.40 20.18
C112 A1BNV I . -23.90 -7.85 21.03
C113 A1BNV I . -23.24 -8.55 21.98
C114 A1BNV I . -23.53 -9.86 22.10
C115 A1BNV I . -24.47 -10.44 21.29
C116 A1BNV I . -25.10 -9.71 20.34
C117 A1BNV I . -25.74 -4.45 14.68
C118 A1BNV I . -25.81 -3.08 14.93
C119 A1BNV I . -25.24 -2.21 14.09
C120 A1BNV I . -24.62 -2.63 12.96
C121 A1BNV I . -24.56 -3.97 12.67
C122 A1BNV I . -25.12 -4.85 13.53
C123 A1BNV I . -25.64 -2.73 17.34
C124 A1BNV I . -26.43 -3.18 18.54
C125 A1BNV I . -28.16 -1.09 17.25
C126 A1BNV I . -27.25 -1.35 16.03
H12 A1BNV I . -27.54 -7.21 17.19
H13B A1BNV I . -26.25 -9.50 15.69
H13A A1BNV I . -27.67 -9.58 16.70
H15 A1BNV I . -26.43 -8.87 13.40
H16 A1BNV I . -27.82 -8.37 11.47
H17 A1BNV I . -30.17 -7.84 11.78
H18 A1BNV I . -31.15 -7.81 13.99
H19 A1BNV I . -29.77 -8.31 15.95
H11 A1BNV I . -27.18 -5.09 16.08
H12I A1BNV I . -25.60 -9.21 17.72
H113 A1BNV I . -22.51 -8.08 22.62
H114 A1BNV I . -23.03 -10.45 22.85
H115 A1BNV I . -24.69 -11.50 21.38
H116 A1BNV I . -25.83 -10.19 19.71
H119 A1BNV I . -25.26 -1.15 14.29
H120 A1BNV I . -24.17 -1.92 12.28
H121 A1BNV I . -24.08 -4.31 11.77
H122 A1BNV I . -25.08 -5.89 13.27
H12A A1BNV I . -25.17 -1.77 17.58
H12B A1BNV I . -24.86 -3.46 17.16
H12C A1BNV I . -26.87 -4.15 18.36
H12D A1BNV I . -25.78 -3.21 19.42
H12E A1BNV I . -29.16 -1.43 17.04
H12F A1BNV I . -28.18 -0.03 17.45
H12H A1BNV I . -26.59 -0.50 15.94
H12G A1BNV I . -27.87 -1.43 15.13
ZN ZN J . 12.34 22.23 -51.42
ZN ZN K . 19.91 33.49 16.54
MG MG L . 4.40 -4.93 4.58
#